data_8WLZ
#
_entry.id   8WLZ
#
_cell.length_a   1.00
_cell.length_b   1.00
_cell.length_c   1.00
_cell.angle_alpha   90.00
_cell.angle_beta   90.00
_cell.angle_gamma   90.00
#
_symmetry.space_group_name_H-M   'P 1'
#
loop_
_entity.id
_entity.type
_entity.pdbx_description
1 polymer 'Spike glycoprotein,Fibritin'
2 polymer 'Processed angiotensin-converting enzyme 2'
3 branched 2-acetamido-2-deoxy-beta-D-glucopyranose-(1-4)-2-acetamido-2-deoxy-beta-D-glucopyranose
4 branched beta-D-mannopyranose-(1-4)-2-acetamido-2-deoxy-beta-D-glucopyranose-(1-4)-2-acetamido-2-deoxy-beta-D-glucopyranose
5 non-polymer 2-acetamido-2-deoxy-beta-D-glucopyranose
#
loop_
_entity_poly.entity_id
_entity_poly.type
_entity_poly.pdbx_seq_one_letter_code
_entity_poly.pdbx_strand_id
1 'polypeptide(L)'
;MKLLVLVFATLVSSYTIEKCLDFDDRTPPANTQFLSSHRGVYYPDDIFRSNVLHLVQDHFLPFDSNVTRFITFGLNFDNP
IIPFKDGIYFAATEKSNVIRGWVFGSTMNNKSQSVIIMNNSTNLVIRACNFELCDNPFFVVLKSNNTQIPSYIFNNAFNC
TFEYVSKDFNLDLGEKPGNFKDLREFVFRNKDGFLHVYSGYQPISAASGLPTGFNALKPIFKLPLGINITNFRTLLTAFP
PRPDYWGTSAAAYFVGYLKPTTFMLKYDENGTITDAVDCSQNPLAELKCSVKSFEIDKGIYQTSNFRVAPSKEVVRFPNI
TNLCPFGEVFNATTFPSVYAWERKRISNCVADYSVLYNSTSFSTFKCYGVSATKLNDLCFSNVYADSFVVKGDDVRQIAP
GQTGVIADYNYKLPDDFTGCVLAWNTRNIDATQTGNYNYKYRSLRHGKLRPFERDISNVPFSPDGKPCTPPAFNCYWPLN
DYGFYITNGIGYQPYRVVVLSFELLNAPATVCGPKLSTDLIKNQCVNFNFNGLTGTGVLTPSSKRFQPFQQFGRDVSDFT
DSVRDPKTSEILDISPCSFGGVSVITPGTNTSSEVAVLYQDVNCTDVPVAIHADQLTPSWRVHSTGNNVFQTQAGCLIGA
EHVDTSYECDIPIGAGICASYHTVSSLRSTSQKSIVAYTMSLGADSSIAYSNNTIAIPTNFSISITTEVMPVSMAKTSVD
CNMYICGDSTECANLLLQYGSFCTQLNRALSGIAVEQDRNTREVFAQVKQMYKTPTLKDFGGFNFSQILPDPLKPTKRSF
IEDLLFNKVTLADAGFMKQYGECLGDINARDLICAQKFNGLTVLPPLLTDDMIAAYTAALVSGTATAGWTFGAGAALQIP
FAMQMAYRFNGIGVTQNVLYENQKQIANQFNKAISQIQESLTTTSTALGKLQDVVNQNAQALNTLVKQLSSNFGAISSVL
NDILSRLDPPEAEVQIDRLITGRLQSLQTYVTQQLIRAAEIRASANLAATKMSECVLGQSKRVDFCGKGYHLMSFPQAAP
HGVVFLHVTYVPSQERNFTTAPAICHEGKAYFPREGVFVFNGTSWFITQRNFFSPQIITTDNTFVSGSCDVVIGIINNTV
YDPLQPELDSFKEELDKYFKNHTSPDVDLGDISGINASVVNIQKEIDRLNEVAKNLNESLIDLQELGKYEQGSGYIPEAP
RDGQAYVRKDGEWVLLSTFLGRSLEVLFQGPGHHHHHHHHSAWSHPQFEKGGGSGGGGSGGSAWSHPQFEK
;
A,B,C
2 'polypeptide(L)'
;STIEEQAKTFLDKFNHEAEDLFYQSSLASWNYNTNITEENVQNMNNAGDKWSAFLKEQSTLAQMYPLQEIQNLTVKLQLQ
ALQQNGSSVLSEDKSKRLNTILNTMSTIYSTGKVCNPDNPQECLLLEPGLNEIMANSLDYNERLWAWESWRSEVGKQLRP
LYEEYVVLKNEMARANHYEDYGDYWRGDYEVNGVDGYDYSRGQLIEDVEHTFEEIKPLYEHLHAYVRAKLMNAYPSYISP
IGCLPAHLLGDMWGRFWTNLYSLTVPFGQKPNIDVTDAMVDQAWDAQRIFKEAEKFFVSVGLPNMTQGFWENSMLTDPGN
VQKAVCHPTAWDLGKGDFRILMCTKVTMDDFLTAHHEMGHIQYDMAYAAQPFLLRNGANEGFHEAVGEIMSLSAATPKHL
KSIGLLSPDFQEDNETEINFLLKQALTIVGTLPFTYMLEKWRWMVFKGEIPKDQWMKKWWEMKREIVGVVEPVPHDETYC
DPASLFHVSNDYSFIRYYTRTLYQFQFQEALCQAAKHEGPLHKCDISNSTEAGQKLFNMLRLGKSEPWTLALENVVGAKN
MNVRPLLNYFEPLFTWLKDQNKNSFVGWSTDWSPYADHHHHHH
;
D,G
#
# COMPACT_ATOMS: atom_id res chain seq x y z
N LYS A 19 43.35 -0.38 40.34
CA LYS A 19 42.24 0.49 39.98
C LYS A 19 41.01 -0.39 39.76
N CYS A 20 39.92 0.20 39.25
CA CYS A 20 38.62 -0.47 39.20
C CYS A 20 38.25 -0.98 40.58
N LEU A 21 38.31 -0.09 41.56
CA LEU A 21 38.05 -0.46 42.95
C LEU A 21 36.64 -0.96 43.11
N ASP A 22 36.45 -1.93 44.00
CA ASP A 22 35.14 -2.48 44.31
C ASP A 22 34.90 -2.41 45.80
N PHE A 23 33.80 -1.77 46.20
CA PHE A 23 33.47 -1.67 47.61
C PHE A 23 33.04 -3.01 48.20
N ASP A 24 33.26 -3.13 49.50
CA ASP A 24 32.74 -4.21 50.32
C ASP A 24 31.96 -3.58 51.47
N ASP A 25 30.98 -4.32 51.98
CA ASP A 25 30.12 -3.86 53.07
C ASP A 25 29.30 -2.64 52.64
N ARG A 26 28.63 -2.75 51.49
CA ARG A 26 27.67 -1.73 51.09
C ARG A 26 26.29 -2.10 51.61
N THR A 27 25.63 -1.15 52.25
CA THR A 27 24.28 -1.40 52.76
C THR A 27 23.26 -1.23 51.65
N PRO A 28 22.37 -2.20 51.45
CA PRO A 28 21.37 -2.08 50.40
C PRO A 28 20.40 -0.96 50.72
N PRO A 29 19.89 -0.26 49.70
CA PRO A 29 18.92 0.83 49.97
C PRO A 29 17.60 0.35 50.54
N ALA A 30 17.32 -0.95 50.50
CA ALA A 30 16.11 -1.58 51.02
C ALA A 30 14.86 -1.14 50.29
N ASN A 31 14.99 -0.58 49.09
CA ASN A 31 13.85 -0.17 48.26
C ASN A 31 12.93 0.78 49.03
N THR A 32 13.50 1.86 49.54
CA THR A 32 12.68 2.88 50.18
C THR A 32 11.75 3.50 49.14
N GLN A 33 10.46 3.20 49.26
CA GLN A 33 9.46 3.71 48.34
C GLN A 33 8.82 4.96 48.93
N PHE A 34 8.61 5.96 48.10
CA PHE A 34 8.01 7.21 48.53
C PHE A 34 7.04 7.72 47.48
N LEU A 35 6.19 8.65 47.90
CA LEU A 35 5.09 9.10 47.07
C LEU A 35 5.56 10.06 45.99
N SER A 36 5.36 9.67 44.73
CA SER A 36 5.63 10.59 43.63
C SER A 36 4.69 11.80 43.70
N SER A 37 3.42 11.55 44.01
CA SER A 37 2.39 12.60 44.07
C SER A 37 2.38 13.29 42.72
N HIS A 38 2.56 14.61 42.65
CA HIS A 38 2.69 15.32 41.39
C HIS A 38 4.18 15.52 41.13
N ARG A 39 4.70 14.85 40.11
CA ARG A 39 6.12 14.92 39.78
C ARG A 39 6.35 14.19 38.47
N GLY A 40 7.48 14.49 37.84
CA GLY A 40 7.82 13.85 36.59
C GLY A 40 7.32 14.55 35.36
N VAL A 41 7.15 15.87 35.41
CA VAL A 41 6.64 16.62 34.27
C VAL A 41 7.81 17.35 33.61
N TYR A 42 7.86 17.25 32.28
CA TYR A 42 8.93 17.80 31.47
C TYR A 42 8.30 18.47 30.27
N TYR A 43 9.04 19.37 29.64
CA TYR A 43 8.56 19.91 28.39
C TYR A 43 8.50 18.80 27.36
N PRO A 44 7.36 18.61 26.69
CA PRO A 44 7.21 17.47 25.78
C PRO A 44 7.83 17.67 24.41
N ASP A 45 8.24 18.89 24.09
CA ASP A 45 8.74 19.22 22.76
C ASP A 45 9.22 20.66 22.78
N ASP A 46 9.59 21.16 21.60
CA ASP A 46 9.91 22.57 21.41
C ASP A 46 8.76 23.33 20.79
N ILE A 47 7.53 23.02 21.14
CA ILE A 47 6.37 23.56 20.45
C ILE A 47 5.63 24.46 21.43
N PHE A 48 5.62 25.74 21.14
CA PHE A 48 5.09 26.72 22.07
C PHE A 48 3.56 26.71 22.09
N ARG A 49 3.00 26.89 23.27
CA ARG A 49 1.57 27.11 23.46
C ARG A 49 1.42 28.39 24.27
N SER A 50 0.19 28.88 24.39
CA SER A 50 -0.05 30.05 25.21
C SER A 50 -1.49 30.10 25.68
N ASN A 51 -1.67 30.11 27.01
CA ASN A 51 -2.99 30.18 27.60
C ASN A 51 -3.88 29.06 27.09
N VAL A 52 -3.35 27.83 27.16
CA VAL A 52 -3.96 26.70 26.49
C VAL A 52 -4.01 25.48 27.41
N LEU A 53 -5.19 24.88 27.47
CA LEU A 53 -5.34 23.51 27.94
C LEU A 53 -5.12 22.57 26.78
N HIS A 54 -4.27 21.56 26.97
CA HIS A 54 -3.85 20.71 25.87
C HIS A 54 -3.71 19.28 26.35
N LEU A 55 -3.86 18.33 25.43
CA LEU A 55 -3.69 16.91 25.72
C LEU A 55 -2.58 16.34 24.85
N VAL A 56 -1.72 15.52 25.45
CA VAL A 56 -0.65 14.85 24.73
C VAL A 56 -0.57 13.41 25.22
N GLN A 57 0.12 12.57 24.46
CA GLN A 57 0.36 11.18 24.85
C GLN A 57 1.83 10.85 24.64
N ASP A 58 2.50 10.42 25.70
CA ASP A 58 3.89 9.97 25.60
C ASP A 58 4.26 9.30 26.92
N HIS A 59 5.51 8.85 27.01
CA HIS A 59 6.02 8.30 28.25
C HIS A 59 5.98 9.35 29.35
N PHE A 60 5.62 8.92 30.55
CA PHE A 60 5.38 9.83 31.64
C PHE A 60 5.48 9.09 32.97
N LEU A 61 5.87 9.82 34.00
CA LEU A 61 5.83 9.28 35.34
C LEU A 61 4.42 9.43 35.91
N PRO A 62 3.80 8.34 36.32
CA PRO A 62 2.43 8.43 36.86
C PRO A 62 2.40 9.22 38.16
N PHE A 63 1.28 9.89 38.39
CA PHE A 63 1.08 10.55 39.67
C PHE A 63 1.00 9.51 40.78
N ASP A 64 1.40 9.92 41.98
CA ASP A 64 1.25 9.10 43.18
C ASP A 64 2.00 7.78 43.04
N SER A 65 3.07 7.79 42.25
CA SER A 65 3.84 6.58 41.99
C SER A 65 4.71 6.22 43.18
N ASN A 66 4.69 4.95 43.56
CA ASN A 66 5.62 4.49 44.57
C ASN A 66 7.01 4.44 43.98
N VAL A 67 7.74 5.55 44.11
CA VAL A 67 9.05 5.71 43.51
C VAL A 67 10.07 5.14 44.47
N THR A 68 10.88 4.21 43.98
CA THR A 68 12.00 3.72 44.76
C THR A 68 13.05 4.81 44.86
N ARG A 69 13.78 4.81 45.97
CA ARG A 69 14.77 5.83 46.26
C ARG A 69 16.01 5.16 46.83
N PHE A 70 17.04 5.05 46.01
CA PHE A 70 18.31 4.48 46.45
C PHE A 70 19.13 5.62 47.01
N ILE A 71 19.63 5.46 48.24
CA ILE A 71 20.18 6.57 48.98
C ILE A 71 21.65 6.28 49.22
N THR A 72 22.52 7.20 48.79
CA THR A 72 23.93 7.15 49.13
C THR A 72 24.14 8.11 50.30
N PHE A 73 24.16 7.57 51.51
CA PHE A 73 24.05 8.39 52.71
C PHE A 73 24.92 7.80 53.81
N GLY A 74 25.43 8.69 54.66
CA GLY A 74 25.97 8.27 55.95
C GLY A 74 26.96 7.15 55.83
N LEU A 75 26.55 5.96 56.25
CA LEU A 75 27.46 4.82 56.29
C LEU A 75 27.71 4.26 54.90
N ASN A 76 26.69 4.25 54.04
CA ASN A 76 26.70 3.44 52.83
C ASN A 76 26.73 4.30 51.57
N PHE A 77 27.48 3.84 50.58
CA PHE A 77 27.35 4.27 49.20
C PHE A 77 26.80 3.09 48.40
N ASP A 78 25.79 3.36 47.59
CA ASP A 78 25.14 2.33 46.79
C ASP A 78 25.38 2.59 45.31
N ASN A 79 25.87 1.57 44.60
CA ASN A 79 26.10 1.64 43.15
C ASN A 79 25.44 0.42 42.50
N PRO A 80 24.12 0.38 42.42
CA PRO A 80 23.46 -0.77 41.81
C PRO A 80 23.18 -0.56 40.33
N ILE A 81 23.28 -1.64 39.55
CA ILE A 81 22.92 -1.55 38.13
C ILE A 81 21.40 -1.56 38.00
N ILE A 82 20.82 -0.38 37.91
CA ILE A 82 19.37 -0.19 37.88
C ILE A 82 18.93 -0.32 36.43
N PRO A 83 17.97 -1.18 36.11
CA PRO A 83 17.56 -1.32 34.71
C PRO A 83 17.09 0.00 34.13
N PHE A 84 17.59 0.32 32.93
CA PHE A 84 17.18 1.52 32.22
C PHE A 84 15.91 1.17 31.45
N LYS A 85 14.82 1.04 32.20
CA LYS A 85 13.56 0.53 31.67
C LYS A 85 12.77 1.66 31.03
N ASP A 86 12.65 1.60 29.70
CA ASP A 86 11.81 2.52 28.93
C ASP A 86 12.20 3.97 29.17
N GLY A 87 13.48 4.23 29.39
CA GLY A 87 13.90 5.53 29.85
C GLY A 87 13.53 5.76 31.30
N ILE A 88 14.39 6.49 32.00
CA ILE A 88 14.26 6.64 33.43
C ILE A 88 14.07 8.12 33.76
N TYR A 89 13.07 8.40 34.59
CA TYR A 89 13.03 9.65 35.33
C TYR A 89 13.95 9.52 36.52
N PHE A 90 14.55 10.64 36.91
CA PHE A 90 15.58 10.64 37.94
C PHE A 90 15.46 11.92 38.74
N ALA A 91 15.39 11.80 40.06
CA ALA A 91 15.40 12.95 40.94
C ALA A 91 16.57 12.81 41.88
N ALA A 92 17.65 13.55 41.61
CA ALA A 92 18.88 13.46 42.39
C ALA A 92 18.83 14.49 43.51
N THR A 93 18.40 14.06 44.70
CA THR A 93 18.39 14.91 45.88
C THR A 93 19.75 14.77 46.55
N GLU A 94 20.69 15.62 46.13
CA GLU A 94 22.07 15.51 46.61
C GLU A 94 22.66 16.91 46.76
N LYS A 95 23.44 17.09 47.82
CA LYS A 95 24.09 18.36 48.07
C LYS A 95 25.52 18.43 47.52
N SER A 96 26.15 17.28 47.30
CA SER A 96 27.54 17.23 46.91
C SER A 96 27.75 16.98 45.42
N ASN A 97 26.68 17.02 44.62
CA ASN A 97 26.74 16.68 43.21
C ASN A 97 27.34 15.29 43.00
N VAL A 98 27.06 14.41 43.97
CA VAL A 98 27.73 13.11 44.03
C VAL A 98 27.54 12.35 42.73
N ILE A 99 26.35 12.45 42.14
CA ILE A 99 26.08 11.77 40.88
C ILE A 99 26.86 12.43 39.77
N ARG A 100 27.65 11.64 39.05
CA ARG A 100 28.48 12.15 37.97
C ARG A 100 28.05 11.53 36.64
N GLY A 101 27.86 10.22 36.62
CA GLY A 101 27.59 9.56 35.38
C GLY A 101 26.37 8.68 35.40
N TRP A 102 25.98 8.26 34.20
CA TRP A 102 24.83 7.41 33.99
C TRP A 102 25.13 6.47 32.83
N VAL A 103 25.67 5.28 33.15
CA VAL A 103 26.10 4.39 32.09
C VAL A 103 24.90 3.71 31.45
N PHE A 104 24.78 3.88 30.14
CA PHE A 104 23.66 3.42 29.32
C PHE A 104 24.25 2.44 28.30
N GLY A 105 24.30 1.17 28.67
CA GLY A 105 24.87 0.15 27.80
C GLY A 105 23.79 -0.76 27.23
N SER A 106 23.99 -1.16 25.98
CA SER A 106 23.12 -2.16 25.39
C SER A 106 23.25 -3.49 26.13
N THR A 107 24.47 -3.94 26.35
CA THR A 107 24.71 -5.17 27.11
C THR A 107 25.85 -5.11 28.12
N MET A 108 26.72 -4.10 28.08
CA MET A 108 27.76 -3.91 29.08
C MET A 108 28.74 -5.08 29.13
N ASN A 109 29.27 -5.49 27.97
CA ASN A 109 30.06 -6.72 27.90
C ASN A 109 31.33 -6.59 27.07
N ASN A 110 31.81 -5.37 26.82
CA ASN A 110 32.97 -5.05 25.99
C ASN A 110 32.70 -5.37 24.52
N LYS A 111 31.56 -5.95 24.19
CA LYS A 111 31.11 -6.08 22.81
C LYS A 111 30.04 -5.07 22.47
N SER A 112 29.65 -4.21 23.40
CA SER A 112 28.60 -3.23 23.19
C SER A 112 29.06 -1.87 23.69
N GLN A 113 28.60 -0.83 23.00
CA GLN A 113 28.82 0.53 23.43
C GLN A 113 28.01 0.82 24.68
N SER A 114 28.61 1.55 25.63
CA SER A 114 27.94 1.96 26.85
C SER A 114 28.20 3.44 27.05
N VAL A 115 27.15 4.24 26.88
CA VAL A 115 27.24 5.69 26.99
C VAL A 115 27.56 6.06 28.43
N ILE A 116 28.52 6.95 28.64
CA ILE A 116 28.85 7.46 29.97
C ILE A 116 28.86 8.97 29.91
N ILE A 117 27.97 9.60 30.67
CA ILE A 117 28.16 10.99 31.02
C ILE A 117 29.07 11.06 32.24
N MET A 118 29.79 12.17 32.40
CA MET A 118 30.58 12.41 33.60
C MET A 118 30.28 13.80 34.13
N ASN A 119 29.24 13.92 34.94
CA ASN A 119 28.91 15.21 35.55
C ASN A 119 29.71 15.42 36.84
N ASN A 120 31.03 15.46 36.68
CA ASN A 120 31.95 15.80 37.76
C ASN A 120 32.89 16.93 37.36
N SER A 121 32.51 18.15 37.71
CA SER A 121 33.34 19.33 37.44
C SER A 121 33.77 19.34 36.00
N THR A 122 35.05 19.59 35.76
CA THR A 122 35.56 19.75 34.41
C THR A 122 35.33 18.51 33.57
N ASN A 123 35.65 17.33 34.10
CA ASN A 123 35.70 16.12 33.28
C ASN A 123 34.27 15.71 32.93
N LEU A 124 33.67 16.49 32.03
CA LEU A 124 32.34 16.21 31.52
C LEU A 124 32.46 15.83 30.05
N VAL A 125 32.23 14.55 29.76
CA VAL A 125 32.30 14.03 28.40
C VAL A 125 31.17 13.03 28.22
N ILE A 126 30.55 13.06 27.05
CA ILE A 126 29.56 12.06 26.66
C ILE A 126 30.32 11.01 25.87
N ARG A 127 30.73 9.95 26.55
CA ARG A 127 31.62 8.93 26.01
C ARG A 127 30.85 7.64 25.85
N ALA A 128 30.30 7.42 24.65
CA ALA A 128 29.75 6.13 24.28
C ALA A 128 30.87 5.35 23.63
N CYS A 129 31.41 4.39 24.36
CA CYS A 129 32.53 3.58 23.90
C CYS A 129 32.20 2.11 24.12
N ASN A 130 32.79 1.26 23.28
CA ASN A 130 32.68 -0.18 23.48
C ASN A 130 33.79 -0.63 24.41
N PHE A 131 33.42 -0.97 25.64
CA PHE A 131 34.41 -1.25 26.67
C PHE A 131 33.89 -2.29 27.63
N GLU A 132 34.80 -2.99 28.27
CA GLU A 132 34.43 -3.88 29.36
C GLU A 132 34.16 -3.04 30.61
N LEU A 133 33.08 -3.37 31.31
CA LEU A 133 32.61 -2.56 32.41
C LEU A 133 33.37 -2.89 33.69
N CYS A 134 33.88 -1.85 34.35
CA CYS A 134 34.40 -2.03 35.70
C CYS A 134 33.26 -2.44 36.63
N ASP A 135 33.53 -3.41 37.50
CA ASP A 135 32.46 -3.97 38.33
C ASP A 135 31.88 -2.91 39.26
N ASN A 136 32.73 -2.08 39.86
CA ASN A 136 32.30 -0.94 40.66
C ASN A 136 32.99 0.29 40.11
N PRO A 137 32.45 0.87 39.05
CA PRO A 137 33.04 2.10 38.48
C PRO A 137 32.60 3.34 39.24
N PHE A 138 32.64 3.25 40.57
CA PHE A 138 32.21 4.35 41.42
C PHE A 138 33.25 5.45 41.39
N PHE A 139 32.80 6.70 41.37
CA PHE A 139 33.72 7.83 41.36
C PHE A 139 34.32 7.98 42.74
N VAL A 140 35.50 8.60 42.83
CA VAL A 140 36.19 8.70 44.11
C VAL A 140 36.56 10.17 44.33
N VAL A 141 35.70 10.90 45.04
CA VAL A 141 36.00 12.24 45.52
C VAL A 141 36.30 12.13 47.00
N LEU A 142 37.53 12.45 47.37
CA LEU A 142 38.01 12.16 48.72
C LEU A 142 37.24 12.97 49.76
N LYS A 143 36.83 12.28 50.83
CA LYS A 143 36.18 12.95 51.95
C LYS A 143 37.11 14.00 52.55
N SER A 144 36.56 15.21 52.74
CA SER A 144 37.25 16.32 53.38
C SER A 144 38.41 16.82 52.53
N ASN A 145 38.65 16.17 51.39
CA ASN A 145 39.62 16.68 50.42
C ASN A 145 38.92 17.16 49.17
N ASN A 146 37.76 16.58 48.86
CA ASN A 146 36.89 17.05 47.79
C ASN A 146 37.61 17.01 46.44
N THR A 147 38.51 16.05 46.28
CA THR A 147 39.30 15.90 45.07
C THR A 147 38.96 14.58 44.41
N GLN A 148 38.66 14.63 43.12
CA GLN A 148 38.41 13.40 42.38
C GLN A 148 39.67 12.55 42.31
N ILE A 149 39.53 11.29 42.70
CA ILE A 149 40.62 10.31 42.64
C ILE A 149 40.26 9.29 41.58
N PRO A 150 41.13 9.03 40.60
CA PRO A 150 40.72 8.24 39.44
C PRO A 150 40.30 6.81 39.81
N SER A 151 39.21 6.37 39.20
CA SER A 151 38.75 5.00 39.29
C SER A 151 38.25 4.57 37.93
N TYR A 152 38.49 3.31 37.58
CA TYR A 152 38.03 2.77 36.30
C TYR A 152 36.51 2.88 36.23
N ILE A 153 36.03 3.77 35.35
CA ILE A 153 34.62 3.77 35.00
C ILE A 153 34.32 2.61 34.06
N PHE A 154 35.36 2.13 33.38
CA PHE A 154 35.30 0.97 32.50
C PHE A 154 36.55 0.14 32.74
N ASN A 155 36.47 -1.16 32.47
CA ASN A 155 37.66 -1.98 32.60
C ASN A 155 38.74 -1.50 31.63
N ASN A 156 38.37 -1.29 30.37
CA ASN A 156 39.24 -0.68 29.38
C ASN A 156 38.41 -0.38 28.14
N ALA A 157 38.70 0.77 27.52
CA ALA A 157 37.94 1.26 26.38
C ALA A 157 38.56 0.75 25.08
N PHE A 158 37.73 0.25 24.17
CA PHE A 158 38.21 -0.39 22.96
C PHE A 158 37.79 0.42 21.75
N ASN A 159 36.50 0.67 21.52
CA ASN A 159 36.08 1.26 20.26
C ASN A 159 35.94 2.77 20.38
N CYS A 160 35.08 3.23 21.29
CA CYS A 160 34.81 4.65 21.48
C CYS A 160 34.31 5.30 20.20
N THR A 161 33.28 4.68 19.62
CA THR A 161 32.69 5.21 18.39
C THR A 161 32.09 6.60 18.62
N PHE A 162 31.41 6.80 19.75
CA PHE A 162 30.79 8.08 20.04
C PHE A 162 31.59 8.79 21.13
N GLU A 163 32.28 9.86 20.75
CA GLU A 163 33.03 10.66 21.69
C GLU A 163 32.57 12.11 21.55
N TYR A 164 31.95 12.64 22.61
CA TYR A 164 31.46 14.00 22.62
C TYR A 164 32.12 14.74 23.77
N VAL A 165 33.14 15.53 23.47
CA VAL A 165 33.93 16.19 24.51
C VAL A 165 33.13 17.40 25.00
N SER A 166 32.31 17.17 26.01
CA SER A 166 31.54 18.26 26.59
C SER A 166 32.47 19.19 27.38
N LYS A 167 31.93 20.33 27.80
CA LYS A 167 32.74 21.38 28.38
C LYS A 167 33.36 20.94 29.71
N ASP A 168 34.56 21.45 29.97
CA ASP A 168 35.24 21.22 31.24
C ASP A 168 35.06 22.45 32.12
N PHE A 169 34.12 22.38 33.05
CA PHE A 169 33.72 23.51 33.88
C PHE A 169 33.97 23.16 35.34
N ASN A 170 34.57 24.07 36.09
CA ASN A 170 34.82 23.80 37.51
C ASN A 170 33.52 23.79 38.29
N LEU A 171 33.26 22.70 38.98
CA LEU A 171 32.03 22.53 39.74
C LEU A 171 32.37 21.87 41.07
N ASP A 172 31.48 22.05 42.04
CA ASP A 172 31.70 21.47 43.37
C ASP A 172 31.47 19.96 43.35
N LEU A 173 32.47 19.22 43.83
CA LEU A 173 32.38 17.76 43.90
C LEU A 173 32.26 17.23 45.32
N GLY A 174 32.79 17.96 46.30
CA GLY A 174 32.97 17.41 47.64
C GLY A 174 31.77 17.54 48.54
N GLU A 175 31.99 17.13 49.80
CA GLU A 175 30.92 17.07 50.78
C GLU A 175 30.45 18.47 51.15
N LYS A 176 29.14 18.60 51.42
CA LYS A 176 28.49 19.86 51.72
C LYS A 176 27.71 19.75 53.03
N PRO A 177 27.44 20.86 53.69
CA PRO A 177 26.61 20.81 54.90
C PRO A 177 25.12 20.76 54.57
N GLY A 178 24.31 20.75 55.62
CA GLY A 178 22.87 20.78 55.46
C GLY A 178 22.31 19.50 54.88
N ASN A 179 21.10 19.62 54.33
CA ASN A 179 20.46 18.50 53.68
C ASN A 179 20.94 18.37 52.25
N PHE A 180 20.67 17.22 51.64
CA PHE A 180 21.06 16.98 50.26
C PHE A 180 20.14 17.81 49.36
N LYS A 181 20.39 19.11 49.38
CA LYS A 181 19.41 20.08 48.90
C LYS A 181 19.31 20.11 47.38
N ASP A 182 20.44 20.26 46.69
CA ASP A 182 20.40 20.46 45.25
C ASP A 182 19.69 19.30 44.57
N LEU A 183 18.62 19.61 43.84
CA LEU A 183 17.83 18.59 43.17
C LEU A 183 17.98 18.77 41.67
N ARG A 184 18.42 17.72 40.99
CA ARG A 184 18.46 17.71 39.54
C ARG A 184 17.55 16.61 39.06
N GLU A 185 16.54 16.98 38.28
CA GLU A 185 15.55 16.05 37.76
C GLU A 185 15.83 15.84 36.28
N PHE A 186 16.20 14.61 35.95
CA PHE A 186 16.71 14.23 34.65
C PHE A 186 15.86 13.11 34.09
N VAL A 187 15.42 13.27 32.85
CA VAL A 187 14.73 12.20 32.14
C VAL A 187 15.58 11.77 30.96
N PHE A 188 15.88 10.48 30.90
CA PHE A 188 16.62 9.87 29.80
C PHE A 188 15.65 8.94 29.07
N ARG A 189 15.24 9.31 27.87
CA ARG A 189 14.36 8.46 27.06
C ARG A 189 14.86 8.45 25.62
N ASN A 190 14.91 7.29 25.01
CA ASN A 190 15.66 7.12 23.77
C ASN A 190 14.74 6.77 22.61
N LYS A 191 14.81 7.54 21.52
CA LYS A 191 14.30 7.14 20.22
C LYS A 191 15.33 7.45 19.15
N ASP A 192 15.45 6.56 18.17
CA ASP A 192 16.21 6.81 16.94
C ASP A 192 17.68 7.10 17.23
N GLY A 193 18.30 6.27 18.08
CA GLY A 193 19.67 6.51 18.49
C GLY A 193 19.88 7.77 19.29
N PHE A 194 18.86 8.62 19.38
CA PHE A 194 18.90 9.84 20.17
C PHE A 194 18.35 9.54 21.56
N LEU A 195 19.24 9.59 22.55
CA LEU A 195 18.82 9.69 23.93
C LEU A 195 18.45 11.15 24.19
N HIS A 196 17.27 11.34 24.76
CA HIS A 196 16.71 12.64 25.04
C HIS A 196 16.83 12.87 26.53
N VAL A 197 17.51 13.95 26.91
CA VAL A 197 17.79 14.29 28.29
C VAL A 197 17.07 15.59 28.59
N TYR A 198 16.10 15.51 29.49
CA TYR A 198 15.32 16.66 29.95
C TYR A 198 15.72 16.96 31.39
N SER A 199 16.01 18.23 31.68
CA SER A 199 16.59 18.59 32.97
C SER A 199 15.82 19.73 33.62
N GLY A 200 15.68 19.64 34.93
CA GLY A 200 15.16 20.74 35.73
C GLY A 200 15.78 20.72 37.12
N TYR A 201 16.26 21.88 37.56
CA TYR A 201 16.94 21.97 38.85
C TYR A 201 16.04 22.66 39.88
N GLN A 202 16.06 22.13 41.10
CA GLN A 202 15.31 22.63 42.24
C GLN A 202 16.25 22.94 43.40
N PRO A 203 16.12 24.14 43.97
CA PRO A 203 16.97 24.53 45.11
C PRO A 203 16.39 24.12 46.45
N ILE A 204 15.44 23.19 46.47
CA ILE A 204 14.79 22.76 47.70
C ILE A 204 15.31 21.39 48.08
N SER A 205 15.45 21.16 49.38
CA SER A 205 15.92 19.87 49.88
C SER A 205 14.77 18.89 50.04
N ALA A 206 15.11 17.64 50.36
CA ALA A 206 14.14 16.57 50.57
C ALA A 206 14.33 16.02 51.98
N ALA A 207 13.29 16.14 52.82
CA ALA A 207 13.42 15.76 54.21
C ALA A 207 13.41 14.24 54.37
N SER A 208 12.29 13.60 54.02
CA SER A 208 12.20 12.15 54.03
C SER A 208 11.99 11.55 52.65
N GLY A 209 11.71 12.37 51.65
CA GLY A 209 11.51 11.89 50.30
C GLY A 209 11.31 13.06 49.37
N LEU A 210 10.97 12.75 48.13
CA LEU A 210 10.72 13.79 47.15
C LEU A 210 9.56 14.66 47.63
N PRO A 211 9.80 15.94 47.91
CA PRO A 211 8.68 16.81 48.31
C PRO A 211 7.69 16.97 47.17
N THR A 212 6.43 17.11 47.53
CA THR A 212 5.38 17.27 46.54
C THR A 212 5.48 18.65 45.89
N GLY A 213 5.61 18.67 44.56
CA GLY A 213 5.72 19.93 43.85
C GLY A 213 5.73 19.70 42.36
N PHE A 214 5.38 20.75 41.63
CA PHE A 214 5.33 20.72 40.18
C PHE A 214 6.56 21.41 39.62
N ASN A 215 7.16 20.81 38.59
CA ASN A 215 8.26 21.44 37.89
C ASN A 215 8.33 20.88 36.48
N ALA A 216 9.01 21.63 35.62
CA ALA A 216 9.25 21.26 34.24
C ALA A 216 10.72 20.92 34.06
N LEU A 217 11.00 20.07 33.08
CA LEU A 217 12.38 19.81 32.68
C LEU A 217 12.59 20.42 31.30
N LYS A 218 13.38 21.48 31.25
CA LYS A 218 13.77 22.03 29.97
C LYS A 218 14.60 21.00 29.22
N PRO A 219 14.23 20.68 27.98
CA PRO A 219 14.96 19.66 27.22
C PRO A 219 16.36 20.14 26.92
N ILE A 220 17.36 19.51 27.56
CA ILE A 220 18.71 20.04 27.47
C ILE A 220 19.49 19.34 26.36
N PHE A 221 19.24 18.06 26.13
CA PHE A 221 20.12 17.40 25.18
C PHE A 221 19.42 16.37 24.32
N LYS A 222 19.84 16.32 23.06
CA LYS A 222 19.55 15.24 22.12
C LYS A 222 20.90 14.60 21.83
N LEU A 223 21.01 13.28 21.95
CA LEU A 223 22.32 12.68 21.80
C LEU A 223 22.29 11.47 20.87
N PRO A 224 23.09 11.47 19.81
CA PRO A 224 23.16 10.38 18.82
C PRO A 224 23.96 9.17 19.30
N LEU A 225 23.37 8.41 20.23
CA LEU A 225 24.13 7.34 20.87
C LEU A 225 24.05 6.05 20.07
N GLY A 226 22.88 5.72 19.53
CA GLY A 226 22.75 4.63 18.58
C GLY A 226 23.06 3.25 19.12
N ILE A 227 22.53 2.89 20.28
CA ILE A 227 22.69 1.57 20.85
C ILE A 227 21.39 1.15 21.53
N ASN A 228 21.29 -0.15 21.79
CA ASN A 228 20.08 -0.76 22.34
C ASN A 228 20.14 -0.74 23.87
N ILE A 229 20.22 0.47 24.42
CA ILE A 229 20.37 0.62 25.86
C ILE A 229 19.20 -0.01 26.59
N THR A 230 19.49 -0.85 27.58
CA THR A 230 18.48 -1.51 28.38
C THR A 230 18.67 -1.35 29.88
N ASN A 231 19.91 -1.28 30.36
CA ASN A 231 20.20 -1.10 31.77
C ASN A 231 20.94 0.22 31.98
N PHE A 232 21.15 0.55 33.25
CA PHE A 232 21.64 1.87 33.65
C PHE A 232 22.45 1.70 34.92
N ARG A 233 23.75 1.89 34.83
CA ARG A 233 24.58 1.89 36.03
C ARG A 233 24.76 3.33 36.50
N THR A 234 24.22 3.62 37.67
CA THR A 234 24.32 4.96 38.22
C THR A 234 25.73 5.20 38.74
N LEU A 235 26.34 6.30 38.30
CA LEU A 235 27.73 6.58 38.62
C LEU A 235 27.80 7.73 39.61
N LEU A 236 28.32 7.43 40.79
CA LEU A 236 28.36 8.39 41.88
C LEU A 236 29.74 8.34 42.50
N THR A 237 30.03 9.31 43.36
CA THR A 237 31.29 9.35 44.07
C THR A 237 31.07 9.01 45.54
N ALA A 238 31.92 8.15 46.08
CA ALA A 238 31.97 7.95 47.51
C ALA A 238 33.00 8.89 48.13
N PHE A 239 32.91 9.03 49.44
CA PHE A 239 33.80 9.93 50.18
C PHE A 239 34.50 9.16 51.28
N PRO A 240 35.59 8.47 50.98
CA PRO A 240 36.31 7.73 52.02
C PRO A 240 37.22 8.63 52.82
N PRO A 241 36.89 8.88 54.09
CA PRO A 241 37.84 9.65 54.93
C PRO A 241 39.16 8.94 55.08
N ARG A 242 39.14 7.60 55.13
CA ARG A 242 40.30 6.73 55.21
C ARG A 242 40.24 5.71 54.08
N PRO A 243 41.39 5.20 53.63
CA PRO A 243 41.38 4.29 52.48
C PRO A 243 40.68 2.98 52.78
N ASP A 244 39.85 2.54 51.85
CA ASP A 244 39.21 1.22 51.77
C ASP A 244 38.20 0.96 52.88
N TYR A 245 38.02 1.87 53.84
CA TYR A 245 36.93 1.77 54.80
C TYR A 245 35.71 2.54 54.36
N TRP A 246 35.91 3.76 53.86
CA TRP A 246 34.96 4.60 53.14
C TRP A 246 33.73 4.99 53.96
N GLY A 247 33.09 6.08 53.54
CA GLY A 247 31.93 6.64 54.19
C GLY A 247 31.19 7.49 53.18
N THR A 248 30.06 8.04 53.61
CA THR A 248 29.18 8.71 52.66
C THR A 248 28.48 9.87 53.32
N SER A 249 28.26 10.94 52.56
CA SER A 249 27.39 12.01 53.01
C SER A 249 25.95 11.71 52.62
N ALA A 250 25.01 12.25 53.38
CA ALA A 250 23.59 12.01 53.13
C ALA A 250 23.19 12.53 51.75
N ALA A 251 22.79 11.63 50.87
CA ALA A 251 22.33 11.99 49.54
C ALA A 251 21.50 10.85 48.97
N ALA A 252 20.41 11.21 48.30
CA ALA A 252 19.47 10.22 47.79
C ALA A 252 19.22 10.46 46.31
N TYR A 253 18.85 9.42 45.59
CA TYR A 253 18.40 9.54 44.21
C TYR A 253 17.16 8.67 44.02
N PHE A 254 16.12 9.27 43.49
CA PHE A 254 14.81 8.64 43.33
C PHE A 254 14.68 8.24 41.87
N VAL A 255 14.34 6.98 41.62
CA VAL A 255 14.29 6.44 40.28
C VAL A 255 12.83 6.23 39.89
N GLY A 256 12.34 7.07 38.97
CA GLY A 256 11.03 6.88 38.41
C GLY A 256 11.13 6.38 36.99
N TYR A 257 10.00 5.97 36.44
CA TYR A 257 9.97 5.32 35.14
C TYR A 257 8.94 5.98 34.24
N LEU A 258 9.06 5.70 32.94
CA LEU A 258 8.30 6.41 31.91
C LEU A 258 7.35 5.43 31.23
N LYS A 259 6.06 5.60 31.47
CA LYS A 259 5.05 4.75 30.87
C LYS A 259 4.18 5.57 29.92
N PRO A 260 3.80 5.04 28.78
CA PRO A 260 3.04 5.86 27.81
C PRO A 260 1.64 6.15 28.32
N THR A 261 1.43 7.40 28.72
CA THR A 261 0.15 7.88 29.23
C THR A 261 -0.15 9.22 28.58
N THR A 262 -1.38 9.69 28.79
CA THR A 262 -1.82 10.98 28.29
C THR A 262 -1.78 12.01 29.42
N PHE A 263 -1.32 13.21 29.09
CA PHE A 263 -1.18 14.30 30.04
C PHE A 263 -1.96 15.51 29.57
N MET A 264 -2.63 16.16 30.51
CA MET A 264 -3.44 17.34 30.23
C MET A 264 -2.64 18.57 30.70
N LEU A 265 -1.77 19.03 29.82
CA LEU A 265 -0.90 20.16 30.13
C LEU A 265 -1.67 21.46 30.17
N LYS A 266 -1.25 22.35 31.06
CA LYS A 266 -1.83 23.68 31.20
C LYS A 266 -0.76 24.71 30.97
N TYR A 267 -0.79 25.36 29.81
CA TYR A 267 0.11 26.43 29.48
C TYR A 267 -0.52 27.75 29.89
N ASP A 268 0.25 28.61 30.54
CA ASP A 268 -0.22 29.91 30.95
C ASP A 268 -0.20 30.85 29.75
N GLU A 269 -0.35 32.15 30.00
CA GLU A 269 -0.16 33.13 28.94
C GLU A 269 1.20 32.99 28.29
N ASN A 270 2.20 32.52 29.04
CA ASN A 270 3.57 32.47 28.56
C ASN A 270 3.98 31.10 28.08
N GLY A 271 3.08 30.13 28.09
CA GLY A 271 3.45 28.79 27.68
C GLY A 271 4.31 28.04 28.67
N THR A 272 4.63 28.64 29.80
CA THR A 272 5.26 27.87 30.86
C THR A 272 4.27 26.83 31.35
N ILE A 273 4.65 25.57 31.24
CA ILE A 273 3.76 24.49 31.67
C ILE A 273 3.64 24.53 33.18
N THR A 274 2.39 24.54 33.68
CA THR A 274 2.12 24.80 35.07
C THR A 274 1.43 23.68 35.81
N ASP A 275 0.71 22.79 35.13
CA ASP A 275 0.17 21.60 35.76
C ASP A 275 -0.32 20.63 34.70
N ALA A 276 -0.55 19.39 35.12
CA ALA A 276 -0.96 18.33 34.21
C ALA A 276 -1.75 17.29 34.98
N VAL A 277 -2.43 16.42 34.24
CA VAL A 277 -3.31 15.41 34.82
C VAL A 277 -3.01 14.07 34.17
N ASP A 278 -2.92 13.03 34.99
CA ASP A 278 -2.87 11.67 34.47
C ASP A 278 -4.30 11.28 34.15
N CYS A 279 -4.63 11.19 32.86
CA CYS A 279 -6.01 10.89 32.49
C CYS A 279 -6.44 9.52 33.03
N SER A 280 -5.47 8.63 33.26
CA SER A 280 -5.80 7.33 33.83
C SER A 280 -5.73 7.30 35.34
N GLN A 281 -5.39 8.42 35.98
CA GLN A 281 -5.14 8.41 37.43
C GLN A 281 -6.40 8.01 38.20
N ASN A 282 -7.53 8.58 37.83
CA ASN A 282 -8.76 8.40 38.60
C ASN A 282 -9.93 8.49 37.66
N PRO A 283 -11.08 7.94 38.04
CA PRO A 283 -12.30 8.25 37.28
C PRO A 283 -12.57 9.74 37.21
N LEU A 284 -12.28 10.47 38.29
CA LEU A 284 -12.28 11.93 38.21
C LEU A 284 -11.25 12.40 37.21
N ALA A 285 -10.06 11.79 37.20
CA ALA A 285 -9.03 12.21 36.27
C ALA A 285 -9.44 11.94 34.83
N GLU A 286 -10.00 10.75 34.56
CA GLU A 286 -10.54 10.47 33.25
C GLU A 286 -11.56 11.53 32.85
N LEU A 287 -12.46 11.86 33.76
CA LEU A 287 -13.49 12.84 33.46
C LEU A 287 -12.88 14.19 33.17
N LYS A 288 -11.90 14.60 33.97
CA LYS A 288 -11.27 15.90 33.79
C LYS A 288 -10.62 15.99 32.43
N CYS A 289 -9.91 14.94 32.02
CA CYS A 289 -9.34 14.93 30.69
C CYS A 289 -10.42 14.96 29.62
N SER A 290 -11.50 14.20 29.81
CA SER A 290 -12.53 14.11 28.79
C SER A 290 -13.17 15.47 28.53
N VAL A 291 -13.64 16.13 29.59
CA VAL A 291 -14.19 17.46 29.41
C VAL A 291 -13.09 18.42 28.97
N LYS A 292 -11.85 18.17 29.42
CA LYS A 292 -10.70 18.98 29.05
C LYS A 292 -10.92 20.44 29.42
N SER A 293 -11.15 20.70 30.71
CA SER A 293 -11.38 22.06 31.18
C SER A 293 -10.60 22.41 32.43
N PHE A 294 -10.19 21.41 33.23
CA PHE A 294 -9.47 21.62 34.49
C PHE A 294 -10.40 22.21 35.54
N GLU A 295 -11.64 22.49 35.15
CA GLU A 295 -12.71 22.87 36.07
C GLU A 295 -14.02 22.45 35.42
N ILE A 296 -14.75 21.54 36.08
CA ILE A 296 -15.68 20.67 35.36
C ILE A 296 -17.12 20.86 35.78
N ASP A 297 -17.40 21.67 36.79
CA ASP A 297 -18.78 21.88 37.22
C ASP A 297 -19.40 20.61 37.75
N LYS A 298 -20.73 20.54 37.75
CA LYS A 298 -21.48 19.46 38.35
C LYS A 298 -22.33 18.78 37.29
N GLY A 299 -22.48 17.46 37.40
CA GLY A 299 -23.36 16.75 36.49
C GLY A 299 -22.96 15.29 36.32
N ILE A 300 -23.62 14.64 35.38
CA ILE A 300 -23.24 13.32 34.90
C ILE A 300 -22.72 13.47 33.48
N TYR A 301 -21.52 12.96 33.26
CA TYR A 301 -20.89 12.99 31.94
C TYR A 301 -20.43 11.57 31.63
N GLN A 302 -20.70 11.12 30.42
CA GLN A 302 -20.30 9.77 30.03
C GLN A 302 -18.96 9.85 29.33
N THR A 303 -18.10 8.87 29.59
CA THR A 303 -16.76 8.82 29.02
C THR A 303 -16.31 7.38 28.91
N SER A 304 -15.95 6.97 27.70
CA SER A 304 -15.46 5.62 27.41
C SER A 304 -16.54 4.57 27.64
N ASN A 305 -16.22 3.32 27.33
CA ASN A 305 -17.18 2.23 27.45
C ASN A 305 -16.53 1.04 28.13
N PHE A 306 -17.36 0.18 28.72
CA PHE A 306 -16.86 -0.82 29.63
C PHE A 306 -16.29 -2.07 28.96
N ARG A 307 -17.16 -2.85 28.31
CA ARG A 307 -16.79 -4.10 27.64
C ARG A 307 -16.30 -5.13 28.66
N VAL A 308 -16.41 -6.42 28.35
CA VAL A 308 -15.88 -7.50 29.15
C VAL A 308 -15.01 -8.38 28.24
N ALA A 309 -14.53 -9.49 28.79
CA ALA A 309 -13.68 -10.38 28.01
C ALA A 309 -14.21 -11.80 28.06
N PRO A 310 -14.05 -12.57 26.98
CA PRO A 310 -14.46 -13.98 27.01
C PRO A 310 -13.51 -14.79 27.91
N SER A 311 -14.07 -15.33 28.98
CA SER A 311 -13.26 -15.96 30.01
C SER A 311 -12.61 -17.26 29.56
N LYS A 312 -13.34 -18.18 28.96
CA LYS A 312 -12.80 -19.49 28.64
C LYS A 312 -13.02 -19.81 27.17
N GLU A 313 -12.71 -21.06 26.81
CA GLU A 313 -12.61 -21.50 25.44
C GLU A 313 -13.22 -22.89 25.28
N VAL A 314 -13.90 -23.11 24.15
CA VAL A 314 -14.52 -24.39 23.83
C VAL A 314 -14.26 -24.71 22.36
N VAL A 315 -13.89 -25.95 22.08
CA VAL A 315 -14.03 -26.55 20.77
C VAL A 315 -14.62 -27.93 20.97
N ARG A 316 -15.86 -28.14 20.53
CA ARG A 316 -16.53 -29.39 20.86
C ARG A 316 -16.38 -30.41 19.75
N PHE A 317 -16.75 -30.02 18.51
CA PHE A 317 -16.68 -30.86 17.31
C PHE A 317 -17.59 -32.09 17.38
N PRO A 318 -17.96 -32.66 16.24
CA PRO A 318 -18.95 -33.74 16.24
C PRO A 318 -18.48 -34.94 17.05
N ASN A 319 -19.45 -35.64 17.65
CA ASN A 319 -19.16 -36.81 18.48
C ASN A 319 -18.95 -38.02 17.57
N ILE A 320 -17.69 -38.23 17.21
CA ILE A 320 -17.31 -39.31 16.30
C ILE A 320 -16.32 -40.22 17.03
N THR A 321 -16.79 -41.42 17.38
CA THR A 321 -15.96 -42.41 18.08
C THR A 321 -15.89 -43.72 17.32
N ASN A 322 -16.09 -43.67 16.00
CA ASN A 322 -16.12 -44.89 15.22
C ASN A 322 -14.71 -45.27 14.74
N LEU A 323 -14.57 -46.54 14.31
CA LEU A 323 -13.30 -47.24 14.27
C LEU A 323 -12.84 -47.46 12.83
N CYS A 324 -11.52 -47.46 12.65
CA CYS A 324 -10.92 -47.68 11.35
C CYS A 324 -10.92 -49.17 11.01
N PRO A 325 -10.93 -49.52 9.72
CA PRO A 325 -10.75 -50.93 9.32
C PRO A 325 -9.29 -51.36 9.34
N PHE A 326 -8.62 -51.15 10.46
CA PHE A 326 -7.22 -51.53 10.63
C PHE A 326 -7.09 -52.91 11.28
N GLY A 327 -8.09 -53.77 11.12
CA GLY A 327 -8.03 -55.08 11.74
C GLY A 327 -6.86 -55.92 11.26
N GLU A 328 -6.65 -55.95 9.94
CA GLU A 328 -5.57 -56.76 9.39
C GLU A 328 -4.21 -56.33 9.95
N VAL A 329 -4.03 -55.03 10.16
CA VAL A 329 -2.83 -54.56 10.84
C VAL A 329 -2.84 -55.00 12.30
N PHE A 330 -4.02 -54.99 12.93
CA PHE A 330 -4.10 -55.29 14.35
C PHE A 330 -3.73 -56.74 14.65
N ASN A 331 -4.33 -57.68 13.93
CA ASN A 331 -3.97 -59.09 14.03
C ASN A 331 -3.56 -59.58 12.65
N ALA A 332 -2.45 -60.33 12.59
CA ALA A 332 -1.81 -60.71 11.34
C ALA A 332 -2.48 -61.94 10.73
N THR A 333 -3.70 -61.75 10.26
CA THR A 333 -4.43 -62.85 9.62
C THR A 333 -3.84 -63.16 8.25
N THR A 334 -3.90 -62.20 7.33
CA THR A 334 -3.32 -62.36 6.01
C THR A 334 -3.27 -61.00 5.32
N PHE A 335 -2.22 -60.78 4.54
CA PHE A 335 -2.05 -59.58 3.75
C PHE A 335 -1.94 -59.97 2.28
N PRO A 336 -2.33 -59.08 1.37
CA PRO A 336 -2.12 -59.33 -0.05
C PRO A 336 -0.64 -59.44 -0.38
N SER A 337 -0.34 -60.19 -1.42
CA SER A 337 1.05 -60.54 -1.75
C SER A 337 1.90 -59.29 -1.99
N VAL A 338 3.21 -59.46 -1.85
CA VAL A 338 4.13 -58.34 -2.06
C VAL A 338 4.17 -57.96 -3.54
N TYR A 339 4.09 -58.95 -4.43
CA TYR A 339 4.05 -58.66 -5.86
C TYR A 339 2.67 -58.17 -6.29
N ALA A 340 1.63 -58.68 -5.64
CA ALA A 340 0.24 -58.30 -5.93
C ALA A 340 -0.42 -57.91 -4.61
N TRP A 341 -0.26 -56.64 -4.24
CA TRP A 341 -0.78 -56.16 -2.97
C TRP A 341 -2.07 -55.39 -3.17
N GLU A 342 -2.79 -55.15 -2.07
CA GLU A 342 -4.05 -54.42 -2.11
C GLU A 342 -4.06 -53.38 -1.00
N ARG A 343 -4.79 -52.30 -1.25
CA ARG A 343 -5.06 -51.32 -0.21
C ARG A 343 -6.34 -51.66 0.54
N LYS A 344 -6.20 -51.95 1.83
CA LYS A 344 -7.33 -52.07 2.73
C LYS A 344 -7.81 -50.64 2.98
N ARG A 345 -8.86 -50.22 2.27
CA ARG A 345 -9.28 -48.84 2.41
C ARG A 345 -9.84 -48.59 3.80
N ILE A 346 -9.23 -47.63 4.49
CA ILE A 346 -9.68 -47.15 5.78
C ILE A 346 -10.66 -46.02 5.53
N SER A 347 -11.72 -45.95 6.32
CA SER A 347 -12.68 -44.87 6.18
C SER A 347 -13.44 -44.71 7.48
N ASN A 348 -14.06 -43.55 7.62
CA ASN A 348 -15.03 -43.25 8.68
C ASN A 348 -14.48 -43.66 10.06
N CYS A 349 -13.49 -42.91 10.53
CA CYS A 349 -13.01 -43.19 11.87
C CYS A 349 -12.23 -42.01 12.42
N VAL A 350 -12.28 -41.87 13.75
CA VAL A 350 -11.23 -41.13 14.42
C VAL A 350 -9.95 -41.93 14.32
N ALA A 351 -8.87 -41.27 13.94
CA ALA A 351 -7.67 -42.00 13.55
C ALA A 351 -7.01 -42.66 14.77
N ASP A 352 -5.90 -43.36 14.50
CA ASP A 352 -5.41 -44.36 15.46
C ASP A 352 -4.67 -43.73 16.63
N TYR A 353 -4.25 -42.47 16.51
CA TYR A 353 -3.49 -41.74 17.54
C TYR A 353 -2.37 -42.65 18.04
N SER A 354 -2.10 -42.72 19.35
CA SER A 354 -0.91 -43.43 19.83
C SER A 354 -1.00 -44.93 19.58
N VAL A 355 -2.19 -45.43 19.22
CA VAL A 355 -2.33 -46.86 18.94
C VAL A 355 -1.55 -47.20 17.67
N LEU A 356 -0.97 -48.42 17.67
CA LEU A 356 -0.09 -48.95 16.64
C LEU A 356 1.27 -48.28 16.70
N TYR A 357 1.41 -47.22 17.50
CA TYR A 357 2.72 -46.69 17.82
C TYR A 357 3.11 -47.06 19.23
N ASN A 358 2.18 -46.89 20.17
CA ASN A 358 2.31 -47.53 21.48
C ASN A 358 2.21 -49.04 21.36
N SER A 359 1.31 -49.53 20.49
CA SER A 359 1.16 -50.97 20.31
C SER A 359 2.37 -51.55 19.59
N THR A 360 2.81 -50.94 18.50
CA THR A 360 3.94 -51.41 17.72
C THR A 360 4.98 -50.31 17.65
N SER A 361 6.20 -50.61 18.09
CA SER A 361 7.30 -49.65 18.08
C SER A 361 8.50 -50.28 17.39
N PHE A 362 8.91 -49.69 16.27
CA PHE A 362 10.07 -50.15 15.53
C PHE A 362 10.74 -48.97 14.83
N SER A 363 12.00 -49.17 14.45
CA SER A 363 12.72 -48.13 13.73
C SER A 363 12.13 -47.91 12.34
N THR A 364 11.86 -48.99 11.61
CA THR A 364 11.26 -48.85 10.29
C THR A 364 9.83 -48.35 10.39
N PHE A 365 9.16 -48.64 11.50
CA PHE A 365 7.86 -48.03 11.74
C PHE A 365 8.03 -46.51 11.74
N LYS A 366 7.47 -45.86 10.73
CA LYS A 366 7.69 -44.43 10.57
C LYS A 366 6.40 -43.84 10.05
N CYS A 367 6.35 -42.52 9.92
CA CYS A 367 5.08 -41.93 9.58
C CYS A 367 5.32 -40.52 9.04
N TYR A 368 5.19 -40.36 7.71
CA TYR A 368 5.67 -39.17 7.02
C TYR A 368 4.56 -38.48 6.25
N GLY A 369 4.59 -37.16 6.20
CA GLY A 369 3.47 -36.37 5.74
C GLY A 369 2.30 -36.37 6.69
N VAL A 370 2.30 -37.27 7.66
CA VAL A 370 1.26 -37.37 8.68
C VAL A 370 1.87 -38.10 9.85
N SER A 371 1.31 -37.91 11.04
CA SER A 371 1.85 -38.50 12.25
C SER A 371 0.84 -39.45 12.86
N ALA A 372 1.23 -40.72 13.01
CA ALA A 372 0.34 -41.69 13.66
C ALA A 372 0.09 -41.33 15.11
N THR A 373 1.14 -40.93 15.83
CA THR A 373 1.01 -40.69 17.26
C THR A 373 -0.07 -39.67 17.58
N LYS A 374 -0.23 -38.66 16.72
CA LYS A 374 -1.30 -37.68 16.83
C LYS A 374 -2.25 -37.78 15.63
N LEU A 375 -2.47 -38.99 15.13
CA LEU A 375 -3.27 -39.18 13.92
C LEU A 375 -4.72 -38.80 14.16
N ASN A 376 -5.21 -39.01 15.38
CA ASN A 376 -6.64 -38.84 15.67
C ASN A 376 -7.12 -37.44 15.33
N ASP A 377 -6.29 -36.42 15.58
CA ASP A 377 -6.67 -35.06 15.21
C ASP A 377 -6.86 -34.95 13.70
N LEU A 378 -5.88 -35.37 12.92
CA LEU A 378 -5.97 -35.24 11.48
C LEU A 378 -7.02 -36.17 10.91
N CYS A 379 -7.74 -35.68 9.91
CA CYS A 379 -8.86 -36.39 9.32
C CYS A 379 -8.58 -36.68 7.85
N PHE A 380 -8.90 -37.90 7.41
CA PHE A 380 -8.43 -38.43 6.14
C PHE A 380 -9.59 -38.92 5.28
N SER A 381 -9.37 -38.90 3.96
CA SER A 381 -10.30 -39.41 2.98
C SER A 381 -9.58 -40.33 2.01
N ASN A 382 -10.15 -41.51 1.77
CA ASN A 382 -9.55 -42.52 0.90
C ASN A 382 -8.12 -42.85 1.32
N VAL A 383 -7.87 -42.74 2.63
CA VAL A 383 -6.72 -43.38 3.24
C VAL A 383 -6.74 -44.88 2.96
N TYR A 384 -5.57 -45.41 2.58
CA TYR A 384 -5.46 -46.78 2.12
C TYR A 384 -4.34 -47.47 2.87
N ALA A 385 -4.67 -48.52 3.61
CA ALA A 385 -3.66 -49.36 4.25
C ALA A 385 -3.17 -50.39 3.23
N ASP A 386 -2.20 -49.98 2.41
CA ASP A 386 -1.57 -50.91 1.48
C ASP A 386 -0.86 -51.98 2.27
N SER A 387 -1.24 -53.25 2.07
CA SER A 387 -0.76 -54.34 2.91
C SER A 387 0.18 -55.24 2.12
N PHE A 388 1.35 -55.54 2.67
CA PHE A 388 2.22 -56.55 2.12
C PHE A 388 3.18 -57.01 3.20
N VAL A 389 4.07 -57.94 2.84
CA VAL A 389 5.06 -58.48 3.76
C VAL A 389 6.41 -58.50 3.06
N VAL A 390 7.45 -58.03 3.76
CA VAL A 390 8.79 -58.03 3.19
C VAL A 390 9.80 -58.42 4.26
N LYS A 391 10.93 -58.97 3.83
CA LYS A 391 11.99 -59.32 4.78
C LYS A 391 12.65 -58.06 5.31
N GLY A 392 13.36 -58.23 6.43
CA GLY A 392 13.96 -57.07 7.10
C GLY A 392 14.90 -56.29 6.20
N ASP A 393 15.69 -56.99 5.40
CA ASP A 393 16.54 -56.32 4.42
C ASP A 393 15.69 -55.52 3.44
N ASP A 394 14.48 -55.98 3.14
CA ASP A 394 13.55 -55.20 2.33
C ASP A 394 12.69 -54.30 3.20
N VAL A 395 12.51 -54.63 4.48
CA VAL A 395 11.76 -53.78 5.39
C VAL A 395 12.44 -52.42 5.51
N ARG A 396 13.77 -52.42 5.68
CA ARG A 396 14.49 -51.15 5.80
C ARG A 396 14.38 -50.34 4.52
N GLN A 397 14.23 -51.02 3.38
CA GLN A 397 13.97 -50.31 2.12
C GLN A 397 12.59 -49.65 2.14
N ILE A 398 11.60 -50.33 2.70
CA ILE A 398 10.24 -49.79 2.72
C ILE A 398 10.13 -48.74 3.81
N ALA A 399 9.72 -47.53 3.43
CA ALA A 399 9.51 -46.42 4.34
C ALA A 399 8.54 -45.46 3.68
N PRO A 400 7.89 -44.59 4.47
CA PRO A 400 6.84 -43.74 3.88
C PRO A 400 7.37 -42.91 2.72
N GLY A 401 6.87 -43.22 1.52
CA GLY A 401 7.34 -42.56 0.32
C GLY A 401 8.73 -42.99 -0.12
N GLN A 402 9.23 -44.09 0.42
CA GLN A 402 10.58 -44.55 0.13
C GLN A 402 10.53 -45.94 -0.49
N THR A 403 11.61 -46.30 -1.17
CA THR A 403 11.65 -47.51 -1.98
C THR A 403 13.03 -48.17 -1.91
N GLY A 404 13.07 -49.44 -2.33
CA GLY A 404 14.31 -50.17 -2.45
C GLY A 404 14.40 -50.83 -3.80
N VAL A 405 15.54 -51.48 -4.04
CA VAL A 405 15.75 -52.16 -5.32
C VAL A 405 14.73 -53.28 -5.51
N ILE A 406 14.53 -54.09 -4.48
CA ILE A 406 13.48 -55.10 -4.52
C ILE A 406 12.11 -54.45 -4.33
N ALA A 407 12.03 -53.48 -3.42
CA ALA A 407 10.74 -52.91 -3.03
C ALA A 407 10.09 -52.15 -4.18
N ASP A 408 10.90 -51.48 -5.02
CA ASP A 408 10.35 -50.61 -6.05
C ASP A 408 9.42 -51.37 -7.00
N TYR A 409 9.84 -52.56 -7.43
CA TYR A 409 9.07 -53.29 -8.43
C TYR A 409 7.88 -53.98 -7.78
N ASN A 410 8.02 -54.44 -6.54
CA ASN A 410 6.86 -54.94 -5.80
C ASN A 410 5.86 -53.83 -5.54
N TYR A 411 6.35 -52.67 -5.08
CA TYR A 411 5.52 -51.48 -4.91
C TYR A 411 6.42 -50.26 -4.87
N LYS A 412 6.35 -49.44 -5.91
CA LYS A 412 7.01 -48.14 -5.90
C LYS A 412 6.10 -47.19 -5.14
N LEU A 413 6.51 -46.83 -3.93
CA LEU A 413 5.67 -46.00 -3.09
C LEU A 413 5.50 -44.61 -3.70
N PRO A 414 4.33 -43.99 -3.55
CA PRO A 414 4.07 -42.72 -4.22
C PRO A 414 5.06 -41.64 -3.81
N ASP A 415 5.38 -40.77 -4.77
CA ASP A 415 6.06 -39.52 -4.43
C ASP A 415 5.16 -38.62 -3.61
N ASP A 416 3.86 -38.68 -3.85
CA ASP A 416 2.85 -37.97 -3.07
C ASP A 416 2.43 -38.76 -1.84
N PHE A 417 3.29 -39.63 -1.32
CA PHE A 417 2.92 -40.48 -0.21
C PHE A 417 2.77 -39.67 1.06
N THR A 418 1.53 -39.27 1.34
CA THR A 418 1.16 -38.75 2.64
C THR A 418 0.63 -39.94 3.40
N GLY A 419 1.26 -40.29 4.50
CA GLY A 419 0.87 -41.54 5.12
C GLY A 419 1.89 -41.99 6.13
N CYS A 420 1.96 -43.31 6.31
CA CYS A 420 2.51 -43.80 7.56
C CYS A 420 2.75 -45.30 7.45
N VAL A 421 4.00 -45.73 7.66
CA VAL A 421 4.38 -47.12 7.50
C VAL A 421 4.34 -47.82 8.85
N LEU A 422 3.50 -48.86 8.94
CA LEU A 422 3.31 -49.70 10.11
C LEU A 422 4.07 -51.00 9.85
N ALA A 423 5.13 -51.24 10.62
CA ALA A 423 5.98 -52.41 10.43
C ALA A 423 6.11 -53.18 11.74
N TRP A 424 5.85 -54.49 11.69
CA TRP A 424 6.07 -55.36 12.82
C TRP A 424 6.40 -56.77 12.33
N ASN A 425 7.26 -57.44 13.09
CA ASN A 425 7.78 -58.75 12.72
C ASN A 425 6.70 -59.81 12.89
N THR A 426 6.40 -60.53 11.81
CA THR A 426 5.41 -61.61 11.82
C THR A 426 5.99 -62.80 11.05
N ARG A 427 7.22 -63.19 11.40
CA ARG A 427 7.96 -64.16 10.61
C ARG A 427 7.21 -65.48 10.47
N ASN A 428 6.65 -66.00 11.56
CA ASN A 428 6.09 -67.34 11.54
C ASN A 428 4.94 -67.47 10.55
N ILE A 429 4.03 -66.50 10.54
CA ILE A 429 2.93 -66.53 9.58
C ILE A 429 3.44 -66.29 8.17
N ASP A 430 4.44 -65.42 8.03
CA ASP A 430 4.93 -65.00 6.72
C ASP A 430 6.16 -65.79 6.26
N ALA A 431 6.58 -66.81 7.00
CA ALA A 431 7.70 -67.64 6.60
C ALA A 431 7.49 -69.05 7.14
N THR A 432 7.72 -70.05 6.30
CA THR A 432 7.34 -71.42 6.60
C THR A 432 8.49 -72.37 6.33
N GLN A 433 8.30 -73.63 6.74
CA GLN A 433 9.32 -74.65 6.54
C GLN A 433 9.57 -74.91 5.06
N THR A 434 8.51 -74.96 4.25
CA THR A 434 8.69 -75.17 2.82
C THR A 434 9.10 -73.88 2.12
N GLY A 435 9.03 -72.76 2.83
CA GLY A 435 9.31 -71.48 2.24
C GLY A 435 8.05 -70.80 1.75
N ASN A 436 7.76 -69.64 2.32
CA ASN A 436 6.55 -68.88 2.00
C ASN A 436 6.80 -68.13 0.69
N TYR A 437 6.15 -68.59 -0.38
CA TYR A 437 6.19 -67.92 -1.67
C TYR A 437 4.86 -67.27 -2.02
N ASN A 438 3.92 -67.20 -1.06
CA ASN A 438 2.77 -66.33 -1.23
C ASN A 438 3.20 -64.90 -1.47
N TYR A 439 4.32 -64.50 -0.85
CA TYR A 439 4.98 -63.23 -1.13
C TYR A 439 6.26 -63.55 -1.88
N LYS A 440 6.33 -63.14 -3.14
CA LYS A 440 7.51 -63.35 -3.97
C LYS A 440 8.02 -62.00 -4.44
N TYR A 441 9.29 -61.72 -4.19
CA TYR A 441 9.78 -60.36 -4.41
C TYR A 441 10.02 -60.09 -5.89
N ARG A 442 9.66 -58.89 -6.32
CA ARG A 442 9.73 -58.50 -7.72
C ARG A 442 11.16 -58.05 -8.01
N SER A 443 11.91 -58.87 -8.74
CA SER A 443 13.30 -58.53 -9.05
C SER A 443 13.38 -57.34 -9.98
N LEU A 444 12.63 -57.36 -11.08
CA LEU A 444 12.55 -56.24 -12.00
C LEU A 444 11.14 -56.20 -12.59
N ARG A 445 10.63 -54.99 -12.79
CA ARG A 445 9.30 -54.78 -13.31
C ARG A 445 9.38 -53.87 -14.52
N HIS A 446 8.28 -53.82 -15.28
CA HIS A 446 8.26 -53.02 -16.50
C HIS A 446 8.47 -51.54 -16.20
N GLY A 447 7.83 -51.04 -15.15
CA GLY A 447 7.98 -49.65 -14.77
C GLY A 447 7.66 -49.44 -13.31
N LYS A 448 8.11 -48.31 -12.78
CA LYS A 448 7.78 -47.94 -11.41
C LYS A 448 6.29 -47.70 -11.26
N LEU A 449 5.73 -48.18 -10.16
CA LEU A 449 4.29 -48.10 -9.96
C LEU A 449 3.82 -46.66 -9.86
N ARG A 450 2.62 -46.40 -10.38
CA ARG A 450 2.01 -45.09 -10.26
C ARG A 450 1.71 -44.79 -8.79
N PRO A 451 1.74 -43.53 -8.39
CA PRO A 451 1.34 -43.18 -7.03
C PRO A 451 -0.09 -43.63 -6.74
N PHE A 452 -0.26 -44.30 -5.61
CA PHE A 452 -1.58 -44.74 -5.14
C PHE A 452 -2.20 -45.75 -6.11
N GLU A 453 -1.38 -46.70 -6.55
CA GLU A 453 -1.75 -47.60 -7.64
C GLU A 453 -1.19 -48.99 -7.37
N ARG A 454 -1.99 -50.02 -7.68
CA ARG A 454 -1.62 -51.39 -7.39
C ARG A 454 -0.99 -52.07 -8.61
N ASP A 455 -0.30 -53.17 -8.35
CA ASP A 455 0.26 -54.03 -9.39
C ASP A 455 -0.24 -55.46 -9.15
N ILE A 456 -1.56 -55.58 -8.96
CA ILE A 456 -2.15 -56.88 -8.66
C ILE A 456 -1.92 -57.85 -9.81
N SER A 457 -1.72 -57.33 -11.02
CA SER A 457 -1.45 -58.19 -12.16
C SER A 457 -0.01 -58.69 -12.13
N ASN A 458 0.19 -59.93 -12.59
CA ASN A 458 1.50 -60.55 -12.64
C ASN A 458 2.02 -60.48 -14.07
N VAL A 459 2.88 -59.50 -14.33
CA VAL A 459 3.40 -59.22 -15.67
C VAL A 459 4.91 -59.43 -15.66
N PRO A 460 5.43 -60.40 -16.41
CA PRO A 460 6.89 -60.55 -16.49
C PRO A 460 7.53 -59.38 -17.22
N PHE A 461 8.58 -58.82 -16.62
CA PHE A 461 9.31 -57.73 -17.26
C PHE A 461 10.16 -58.28 -18.39
N SER A 462 10.02 -57.69 -19.58
CA SER A 462 10.67 -58.19 -20.78
C SER A 462 11.54 -57.10 -21.41
N PRO A 463 12.87 -57.23 -21.38
CA PRO A 463 13.72 -56.25 -22.08
C PRO A 463 13.43 -56.15 -23.57
N ASP A 464 13.10 -57.28 -24.23
CA ASP A 464 12.87 -57.24 -25.67
C ASP A 464 11.66 -56.39 -26.03
N GLY A 465 10.59 -56.49 -25.22
CA GLY A 465 9.35 -55.82 -25.56
C GLY A 465 8.46 -56.58 -26.51
N LYS A 466 8.83 -57.81 -26.89
CA LYS A 466 8.04 -58.68 -27.73
C LYS A 466 7.53 -59.86 -26.91
N PRO A 467 6.40 -60.45 -27.30
CA PRO A 467 5.85 -61.57 -26.53
C PRO A 467 6.84 -62.73 -26.45
N CYS A 468 6.89 -63.37 -25.28
CA CYS A 468 7.85 -64.43 -25.01
C CYS A 468 7.38 -65.24 -23.80
N THR A 469 7.97 -66.43 -23.66
CA THR A 469 7.58 -67.33 -22.59
C THR A 469 8.32 -66.98 -21.30
N PRO A 470 7.73 -67.30 -20.14
CA PRO A 470 8.41 -67.05 -18.86
C PRO A 470 9.77 -67.75 -18.78
N PRO A 471 9.93 -68.96 -19.33
CA PRO A 471 11.28 -69.54 -19.34
C PRO A 471 12.31 -68.71 -20.08
N ALA A 472 11.90 -67.90 -21.07
CA ALA A 472 12.85 -67.08 -21.80
C ALA A 472 13.50 -66.06 -20.87
N PHE A 473 14.79 -65.80 -21.12
CA PHE A 473 15.57 -64.92 -20.25
C PHE A 473 14.99 -63.53 -20.18
N ASN A 474 14.32 -63.09 -21.25
CA ASN A 474 13.80 -61.73 -21.27
C ASN A 474 12.67 -61.55 -20.27
N CYS A 475 11.55 -62.25 -20.47
CA CYS A 475 10.33 -62.04 -19.70
C CYS A 475 10.21 -63.13 -18.63
N TYR A 476 10.87 -62.90 -17.49
CA TYR A 476 10.69 -63.77 -16.35
C TYR A 476 9.72 -63.13 -15.37
N TRP A 477 9.06 -63.97 -14.59
CA TRP A 477 8.11 -63.48 -13.59
C TRP A 477 8.85 -62.57 -12.62
N PRO A 478 8.43 -61.31 -12.45
CA PRO A 478 9.15 -60.43 -11.53
C PRO A 478 9.17 -60.98 -10.12
N LEU A 479 8.03 -61.43 -9.64
CA LEU A 479 7.96 -62.17 -8.39
C LEU A 479 8.82 -63.42 -8.46
N ASN A 480 9.76 -63.51 -7.52
CA ASN A 480 10.68 -64.64 -7.41
C ASN A 480 10.66 -65.10 -5.96
N ASP A 481 10.92 -66.41 -5.78
CA ASP A 481 10.77 -67.05 -4.49
C ASP A 481 11.50 -66.26 -3.40
N TYR A 482 10.80 -66.00 -2.30
CA TYR A 482 11.28 -65.02 -1.35
C TYR A 482 12.23 -65.68 -0.36
N GLY A 483 12.89 -64.85 0.44
CA GLY A 483 13.65 -65.33 1.57
C GLY A 483 12.80 -65.53 2.81
N PHE A 484 11.65 -66.17 2.66
CA PHE A 484 10.74 -66.48 3.75
C PHE A 484 10.91 -67.93 4.16
N TYR A 485 11.56 -68.15 5.30
CA TYR A 485 11.65 -69.47 5.90
C TYR A 485 11.53 -69.33 7.41
N ILE A 486 10.99 -70.38 8.06
CA ILE A 486 10.84 -70.35 9.50
C ILE A 486 12.19 -70.33 10.21
N THR A 487 13.27 -70.57 9.47
CA THR A 487 14.62 -70.52 10.00
C THR A 487 15.30 -69.19 9.75
N ASN A 488 14.54 -68.19 9.29
CA ASN A 488 15.12 -66.90 8.93
C ASN A 488 15.75 -66.22 10.15
N GLY A 489 16.90 -65.57 9.92
CA GLY A 489 17.51 -64.79 10.97
C GLY A 489 16.74 -63.51 11.23
N ILE A 490 17.01 -62.91 12.39
CA ILE A 490 16.23 -61.77 12.85
C ILE A 490 16.35 -60.61 11.87
N GLY A 491 17.53 -60.43 11.28
CA GLY A 491 17.69 -59.36 10.30
C GLY A 491 16.87 -59.58 9.04
N TYR A 492 16.73 -60.84 8.62
CA TYR A 492 16.02 -61.17 7.41
C TYR A 492 14.58 -61.61 7.67
N GLN A 493 14.11 -61.52 8.91
CA GLN A 493 12.75 -61.96 9.21
C GLN A 493 11.73 -61.00 8.60
N PRO A 494 10.60 -61.52 8.11
CA PRO A 494 9.61 -60.64 7.48
C PRO A 494 8.86 -59.78 8.47
N TYR A 495 8.57 -58.56 8.06
CA TYR A 495 7.62 -57.68 8.72
C TYR A 495 6.39 -57.58 7.83
N ARG A 496 5.22 -57.56 8.48
CA ARG A 496 3.96 -57.25 7.81
C ARG A 496 3.84 -55.74 7.67
N VAL A 497 4.31 -55.20 6.56
CA VAL A 497 4.38 -53.76 6.36
C VAL A 497 3.07 -53.29 5.73
N VAL A 498 2.44 -52.32 6.39
CA VAL A 498 1.27 -51.64 5.87
C VAL A 498 1.63 -50.17 5.70
N VAL A 499 1.65 -49.70 4.46
CA VAL A 499 1.96 -48.31 4.16
C VAL A 499 0.65 -47.58 3.94
N LEU A 500 0.51 -46.40 4.54
CA LEU A 500 -0.72 -45.62 4.42
C LEU A 500 -0.57 -44.66 3.26
N SER A 501 -1.38 -44.87 2.22
CA SER A 501 -1.38 -44.01 1.06
C SER A 501 -2.64 -43.17 1.09
N PHE A 502 -2.48 -41.84 1.14
CA PHE A 502 -3.61 -40.93 1.29
C PHE A 502 -3.97 -40.37 -0.08
N GLU A 503 -5.20 -40.58 -0.53
CA GLU A 503 -5.70 -39.69 -1.57
C GLU A 503 -5.83 -38.29 -0.97
N LEU A 504 -5.19 -37.32 -1.62
CA LEU A 504 -4.94 -36.02 -0.97
C LEU A 504 -6.26 -35.25 -0.87
N LEU A 505 -7.14 -35.79 -0.01
CA LEU A 505 -8.41 -35.16 0.35
C LEU A 505 -9.27 -34.84 -0.85
N ASN A 506 -9.17 -35.66 -1.90
CA ASN A 506 -10.08 -35.53 -3.03
C ASN A 506 -11.51 -35.83 -2.63
N ALA A 507 -11.70 -36.91 -1.87
CA ALA A 507 -13.00 -37.31 -1.38
C ALA A 507 -13.30 -36.61 -0.06
N PRO A 508 -14.56 -36.61 0.37
CA PRO A 508 -14.86 -36.13 1.72
C PRO A 508 -14.16 -36.97 2.78
N ALA A 509 -13.69 -36.31 3.83
CA ALA A 509 -12.87 -36.94 4.86
C ALA A 509 -13.76 -37.84 5.72
N THR A 510 -13.91 -39.08 5.28
CA THR A 510 -14.62 -40.06 6.09
C THR A 510 -13.88 -40.31 7.40
N VAL A 511 -12.59 -40.63 7.32
CA VAL A 511 -11.78 -40.78 8.53
C VAL A 511 -11.68 -39.44 9.22
N CYS A 512 -12.27 -39.33 10.41
CA CYS A 512 -12.19 -38.11 11.19
C CYS A 512 -12.72 -38.38 12.59
N GLY A 513 -12.36 -37.49 13.51
CA GLY A 513 -12.79 -37.60 14.88
C GLY A 513 -12.76 -36.27 15.61
N PRO A 514 -13.03 -36.28 16.91
CA PRO A 514 -13.03 -35.04 17.69
C PRO A 514 -11.64 -34.45 17.80
N LYS A 515 -11.58 -33.14 18.00
CA LYS A 515 -10.34 -32.38 18.07
C LYS A 515 -10.47 -31.29 19.11
N LEU A 516 -9.53 -31.23 20.05
CA LEU A 516 -9.50 -30.22 21.10
C LEU A 516 -10.86 -30.16 21.79
N SER A 517 -11.40 -31.34 22.08
CA SER A 517 -12.79 -31.50 22.52
C SER A 517 -12.93 -31.10 23.98
N THR A 518 -12.89 -29.79 24.22
CA THR A 518 -13.12 -29.27 25.57
C THR A 518 -14.60 -29.11 25.84
N ASP A 519 -14.96 -29.14 27.12
CA ASP A 519 -16.37 -29.12 27.48
C ASP A 519 -16.95 -27.72 27.32
N LEU A 520 -18.28 -27.68 27.24
CA LEU A 520 -19.00 -26.43 27.32
C LEU A 520 -18.69 -25.75 28.65
N ILE A 521 -18.54 -24.44 28.60
CA ILE A 521 -18.32 -23.63 29.79
C ILE A 521 -19.60 -22.85 30.02
N LYS A 522 -20.29 -23.15 31.11
CA LYS A 522 -21.65 -22.68 31.28
C LYS A 522 -21.72 -21.44 32.16
N ASN A 523 -22.43 -20.42 31.66
CA ASN A 523 -22.70 -19.17 32.39
C ASN A 523 -21.47 -18.30 32.53
N GLN A 524 -20.65 -18.19 31.48
CA GLN A 524 -19.56 -17.21 31.45
C GLN A 524 -19.43 -16.66 30.03
N CYS A 525 -18.89 -15.45 29.93
CA CYS A 525 -18.44 -14.96 28.63
C CYS A 525 -17.26 -15.79 28.18
N VAL A 526 -17.42 -16.48 27.05
CA VAL A 526 -16.40 -17.40 26.56
C VAL A 526 -16.39 -17.34 25.04
N ASN A 527 -15.36 -17.94 24.46
CA ASN A 527 -15.34 -18.28 23.05
C ASN A 527 -15.70 -19.76 22.94
N PHE A 528 -16.71 -20.07 22.15
CA PHE A 528 -17.24 -21.42 22.03
C PHE A 528 -17.12 -21.87 20.59
N ASN A 529 -16.92 -23.17 20.38
CA ASN A 529 -16.92 -23.77 19.05
C ASN A 529 -17.59 -25.13 19.14
N PHE A 530 -18.76 -25.24 18.53
CA PHE A 530 -19.50 -26.48 18.44
C PHE A 530 -19.66 -26.83 16.97
N ASN A 531 -19.38 -28.08 16.61
CA ASN A 531 -19.50 -28.52 15.22
C ASN A 531 -18.62 -27.71 14.28
N GLY A 532 -17.55 -27.15 14.82
CA GLY A 532 -16.67 -26.32 14.02
C GLY A 532 -17.10 -24.89 13.85
N LEU A 533 -18.16 -24.46 14.51
CA LEU A 533 -18.66 -23.09 14.42
C LEU A 533 -18.45 -22.41 15.75
N THR A 534 -17.81 -21.24 15.72
CA THR A 534 -17.37 -20.55 16.93
C THR A 534 -18.06 -19.20 17.06
N GLY A 535 -18.33 -18.81 18.29
CA GLY A 535 -18.82 -17.49 18.60
C GLY A 535 -18.33 -17.05 19.95
N THR A 536 -18.68 -15.83 20.33
CA THR A 536 -18.25 -15.24 21.60
C THR A 536 -19.46 -14.74 22.37
N GLY A 537 -19.57 -15.12 23.63
CA GLY A 537 -20.64 -14.62 24.46
C GLY A 537 -20.91 -15.54 25.64
N VAL A 538 -22.09 -15.34 26.23
CA VAL A 538 -22.54 -16.15 27.35
C VAL A 538 -23.39 -17.30 26.85
N LEU A 539 -23.23 -18.46 27.48
CA LEU A 539 -23.98 -19.67 27.17
C LEU A 539 -24.84 -20.02 28.37
N THR A 540 -26.06 -20.45 28.11
CA THR A 540 -26.97 -20.92 29.14
C THR A 540 -27.71 -22.13 28.59
N PRO A 541 -28.24 -23.00 29.46
CA PRO A 541 -29.05 -24.11 28.96
C PRO A 541 -30.27 -23.60 28.21
N SER A 542 -30.62 -24.30 27.15
CA SER A 542 -31.68 -23.88 26.24
C SER A 542 -32.92 -24.72 26.50
N SER A 543 -34.09 -24.08 26.40
CA SER A 543 -35.34 -24.80 26.66
C SER A 543 -36.19 -24.93 25.40
N LYS A 544 -36.29 -23.87 24.61
CA LYS A 544 -37.10 -23.93 23.39
C LYS A 544 -36.52 -24.94 22.43
N ARG A 545 -37.36 -25.91 22.02
CA ARG A 545 -36.87 -27.07 21.30
C ARG A 545 -36.39 -26.71 19.90
N PHE A 546 -35.67 -27.65 19.29
CA PHE A 546 -35.25 -27.55 17.91
C PHE A 546 -35.83 -28.71 17.12
N GLN A 547 -35.83 -28.56 15.81
CA GLN A 547 -36.16 -29.69 14.95
C GLN A 547 -35.07 -30.75 15.08
N PRO A 548 -35.44 -32.03 15.09
CA PRO A 548 -34.45 -33.07 15.37
C PRO A 548 -33.26 -33.03 14.44
N PHE A 549 -33.50 -32.89 13.14
CA PHE A 549 -32.39 -32.81 12.21
C PHE A 549 -31.72 -31.45 12.25
N GLN A 550 -32.49 -30.40 12.53
CA GLN A 550 -31.93 -29.06 12.56
C GLN A 550 -31.02 -28.89 13.77
N GLN A 551 -29.87 -28.24 13.54
CA GLN A 551 -28.87 -28.12 14.59
C GLN A 551 -28.69 -26.68 15.05
N PHE A 552 -28.37 -25.79 14.11
CA PHE A 552 -28.08 -24.42 14.46
C PHE A 552 -29.34 -23.58 14.43
N GLY A 553 -29.45 -22.65 15.38
CA GLY A 553 -30.56 -21.72 15.40
C GLY A 553 -30.08 -20.30 15.35
N ARG A 554 -30.57 -19.54 14.38
CA ARG A 554 -30.25 -18.12 14.24
C ARG A 554 -31.52 -17.30 14.43
N ASP A 555 -31.41 -16.23 15.19
CA ASP A 555 -32.59 -15.52 15.69
C ASP A 555 -33.18 -14.64 14.59
N VAL A 556 -34.07 -13.71 14.94
CA VAL A 556 -34.71 -12.86 13.96
C VAL A 556 -33.68 -12.13 13.11
N SER A 557 -32.68 -11.54 13.76
CA SER A 557 -31.56 -10.92 13.07
C SER A 557 -30.54 -11.95 12.61
N ASP A 558 -30.84 -13.24 12.76
CA ASP A 558 -30.01 -14.38 12.39
C ASP A 558 -28.74 -14.49 13.21
N PHE A 559 -28.67 -13.89 14.39
CA PHE A 559 -27.64 -14.27 15.34
C PHE A 559 -28.03 -15.59 16.00
N THR A 560 -27.01 -16.38 16.36
CA THR A 560 -27.27 -17.71 16.90
C THR A 560 -27.92 -17.61 18.27
N ASP A 561 -29.22 -17.89 18.33
CA ASP A 561 -29.88 -17.98 19.62
C ASP A 561 -29.36 -19.17 20.42
N SER A 562 -29.10 -20.29 19.75
CA SER A 562 -28.66 -21.50 20.41
C SER A 562 -27.79 -22.30 19.44
N VAL A 563 -27.00 -23.19 20.01
CA VAL A 563 -26.21 -24.15 19.23
C VAL A 563 -26.42 -25.54 19.83
N ARG A 564 -26.64 -26.53 18.96
CA ARG A 564 -26.76 -27.90 19.44
C ARG A 564 -25.37 -28.47 19.70
N ASP A 565 -25.16 -28.93 20.92
CA ASP A 565 -23.87 -29.54 21.26
C ASP A 565 -23.63 -30.77 20.41
N PRO A 566 -22.47 -30.90 19.77
CA PRO A 566 -22.22 -32.09 18.94
C PRO A 566 -21.99 -33.36 19.74
N LYS A 567 -21.35 -33.29 20.91
CA LYS A 567 -21.24 -34.49 21.72
C LYS A 567 -22.60 -35.02 22.12
N THR A 568 -23.32 -34.25 22.93
CA THR A 568 -24.70 -34.54 23.28
C THR A 568 -25.58 -33.55 22.54
N SER A 569 -26.47 -34.05 21.69
CA SER A 569 -27.24 -33.18 20.80
C SER A 569 -28.22 -32.39 21.66
N GLU A 570 -27.64 -31.50 22.46
CA GLU A 570 -28.39 -30.62 23.35
C GLU A 570 -28.05 -29.19 22.97
N ILE A 571 -29.07 -28.34 22.91
CA ILE A 571 -28.87 -26.98 22.46
C ILE A 571 -28.61 -26.06 23.65
N LEU A 572 -27.81 -25.03 23.41
CA LEU A 572 -27.43 -24.05 24.42
C LEU A 572 -27.77 -22.67 23.89
N ASP A 573 -28.54 -21.92 24.67
CA ASP A 573 -28.86 -20.54 24.32
C ASP A 573 -27.63 -19.67 24.40
N ILE A 574 -27.44 -18.84 23.38
CA ILE A 574 -26.24 -18.04 23.19
C ILE A 574 -26.64 -16.57 23.17
N SER A 575 -25.94 -15.76 23.95
CA SER A 575 -26.17 -14.33 23.91
C SER A 575 -24.83 -13.62 23.92
N PRO A 576 -24.76 -12.40 23.43
CA PRO A 576 -23.61 -11.54 23.75
C PRO A 576 -23.74 -11.01 25.16
N CYS A 577 -22.63 -10.96 25.88
CA CYS A 577 -22.69 -10.47 27.24
C CYS A 577 -22.30 -8.98 27.29
N SER A 578 -22.36 -8.43 28.50
CA SER A 578 -22.45 -7.00 28.70
C SER A 578 -21.28 -6.24 28.09
N PHE A 579 -21.58 -5.06 27.55
CA PHE A 579 -20.59 -4.10 27.06
C PHE A 579 -21.08 -2.72 27.51
N GLY A 580 -20.62 -2.29 28.68
CA GLY A 580 -21.19 -1.12 29.30
C GLY A 580 -20.62 0.18 28.80
N GLY A 581 -21.37 1.25 29.08
CA GLY A 581 -20.90 2.61 28.82
C GLY A 581 -20.58 3.34 30.10
N VAL A 582 -19.32 3.62 30.33
CA VAL A 582 -18.86 4.24 31.57
C VAL A 582 -19.42 5.65 31.68
N SER A 583 -19.98 5.98 32.84
CA SER A 583 -20.48 7.32 33.10
C SER A 583 -20.07 7.75 34.50
N VAL A 584 -19.85 9.05 34.69
CA VAL A 584 -19.41 9.59 35.97
C VAL A 584 -20.42 10.63 36.44
N ILE A 585 -20.82 10.51 37.70
CA ILE A 585 -21.49 11.56 38.44
C ILE A 585 -20.40 12.28 39.20
N THR A 586 -20.40 13.61 39.13
CA THR A 586 -19.44 14.36 39.90
C THR A 586 -20.04 15.69 40.34
N PRO A 587 -20.04 15.99 41.63
CA PRO A 587 -20.50 17.31 42.07
C PRO A 587 -19.54 18.39 41.60
N GLY A 588 -19.79 19.61 42.04
CA GLY A 588 -18.84 20.68 41.78
C GLY A 588 -17.49 20.37 42.38
N THR A 589 -16.44 20.54 41.57
CA THR A 589 -15.09 20.40 42.08
C THR A 589 -14.85 21.37 43.22
N ASN A 590 -15.55 22.50 43.19
CA ASN A 590 -15.56 23.39 44.35
C ASN A 590 -16.14 22.67 45.56
N THR A 591 -17.18 21.86 45.35
CA THR A 591 -17.85 21.22 46.46
C THR A 591 -17.04 20.05 47.00
N SER A 592 -16.46 19.23 46.13
CA SER A 592 -15.75 18.05 46.56
C SER A 592 -14.89 17.52 45.43
N SER A 593 -14.30 16.35 45.67
CA SER A 593 -13.60 15.59 44.63
C SER A 593 -14.05 14.14 44.61
N GLU A 594 -14.88 13.73 45.57
CA GLU A 594 -15.42 12.38 45.53
C GLU A 594 -16.38 12.26 44.36
N VAL A 595 -16.36 11.09 43.71
CA VAL A 595 -17.09 10.91 42.46
C VAL A 595 -17.81 9.58 42.54
N ALA A 596 -18.81 9.41 41.68
CA ALA A 596 -19.49 8.14 41.55
C ALA A 596 -19.55 7.75 40.09
N VAL A 597 -19.80 6.46 39.82
CA VAL A 597 -19.81 5.96 38.46
C VAL A 597 -21.05 5.12 38.23
N LEU A 598 -21.50 5.08 36.99
CA LEU A 598 -22.57 4.18 36.56
C LEU A 598 -22.17 3.46 35.28
N TYR A 599 -22.52 2.18 35.22
CA TYR A 599 -22.47 1.41 33.99
C TYR A 599 -23.90 0.92 33.77
N GLN A 600 -24.42 1.09 32.57
CA GLN A 600 -25.78 0.65 32.30
C GLN A 600 -25.87 -0.87 32.17
N ASP A 601 -24.86 -1.50 31.58
CA ASP A 601 -24.88 -2.94 31.35
C ASP A 601 -24.46 -3.73 32.57
N VAL A 602 -25.22 -3.70 33.66
CA VAL A 602 -24.75 -4.33 34.88
C VAL A 602 -25.81 -5.22 35.51
N ASN A 603 -25.40 -6.44 35.79
CA ASN A 603 -25.89 -7.18 36.95
C ASN A 603 -24.71 -7.22 37.91
N CYS A 604 -24.85 -6.52 39.04
CA CYS A 604 -23.73 -6.09 39.88
C CYS A 604 -22.60 -7.11 39.97
N THR A 605 -22.97 -8.39 40.03
CA THR A 605 -21.96 -9.44 40.01
C THR A 605 -21.11 -9.34 38.75
N ASP A 606 -21.73 -9.07 37.61
CA ASP A 606 -21.05 -9.11 36.33
C ASP A 606 -20.44 -7.74 36.03
N VAL A 607 -19.68 -7.25 37.01
CA VAL A 607 -18.78 -6.12 36.79
C VAL A 607 -17.64 -6.23 37.80
N PRO A 608 -16.41 -6.31 37.33
CA PRO A 608 -15.28 -6.52 38.25
C PRO A 608 -15.03 -5.32 39.16
N VAL A 609 -14.49 -5.60 40.34
CA VAL A 609 -14.13 -4.57 41.29
C VAL A 609 -12.87 -3.85 40.83
N GLY A 626 -16.88 0.11 46.78
CA GLY A 626 -18.20 -0.07 46.21
C GLY A 626 -19.31 0.25 47.18
N ASN A 627 -18.97 0.27 48.47
CA ASN A 627 -19.92 0.49 49.57
C ASN A 627 -21.07 -0.49 49.37
N ASN A 628 -22.32 -0.07 49.51
CA ASN A 628 -23.47 -0.86 49.10
C ASN A 628 -23.74 -0.51 47.64
N VAL A 629 -23.27 -1.35 46.73
CA VAL A 629 -23.52 -1.09 45.32
C VAL A 629 -25.01 -1.15 45.05
N PHE A 630 -25.59 0.00 44.77
CA PHE A 630 -27.04 0.13 44.68
C PHE A 630 -27.46 -0.20 43.26
N GLN A 631 -28.13 -1.33 43.08
CA GLN A 631 -28.49 -1.83 41.75
C GLN A 631 -29.83 -1.26 41.30
N THR A 632 -29.78 -0.44 40.25
CA THR A 632 -30.97 0.11 39.63
C THR A 632 -31.09 -0.45 38.23
N GLN A 633 -32.27 -0.26 37.63
CA GLN A 633 -32.44 -0.62 36.23
C GLN A 633 -31.46 0.14 35.36
N ALA A 634 -31.02 1.31 35.81
CA ALA A 634 -29.97 2.02 35.10
C ALA A 634 -28.62 1.36 35.33
N GLY A 635 -28.57 0.36 36.20
CA GLY A 635 -27.32 -0.29 36.54
C GLY A 635 -27.09 -0.17 38.03
N CYS A 636 -25.87 -0.50 38.45
CA CYS A 636 -25.50 -0.21 39.82
C CYS A 636 -24.26 0.67 39.91
N LEU A 637 -24.35 1.64 40.82
CA LEU A 637 -23.40 2.71 41.01
C LEU A 637 -22.40 2.32 42.09
N ILE A 638 -21.36 3.13 42.24
CA ILE A 638 -20.29 2.86 43.19
C ILE A 638 -20.13 4.05 44.12
N GLY A 639 -19.91 3.77 45.40
CA GLY A 639 -19.50 4.80 46.33
C GLY A 639 -20.60 5.63 46.93
N ALA A 640 -21.85 5.38 46.58
CA ALA A 640 -22.97 6.07 47.18
C ALA A 640 -23.83 5.05 47.92
N GLU A 641 -24.90 5.54 48.54
CA GLU A 641 -25.80 4.69 49.30
C GLU A 641 -27.24 5.07 49.02
N HIS A 642 -28.11 4.06 48.94
CA HIS A 642 -29.54 4.30 48.79
C HIS A 642 -30.12 4.75 50.12
N VAL A 643 -30.91 5.81 50.08
CA VAL A 643 -31.58 6.32 51.26
C VAL A 643 -33.06 6.46 50.94
N ASP A 644 -33.89 6.11 51.90
CA ASP A 644 -35.32 6.02 51.65
C ASP A 644 -36.02 7.37 51.70
N THR A 645 -35.33 8.42 52.08
CA THR A 645 -35.92 9.75 51.97
C THR A 645 -36.12 10.11 50.51
N SER A 646 -36.78 11.24 50.29
CA SER A 646 -37.03 11.72 48.93
C SER A 646 -36.81 13.22 48.88
N TYR A 647 -36.30 13.69 47.74
CA TYR A 647 -36.11 15.11 47.49
C TYR A 647 -36.73 15.47 46.15
N GLU A 648 -36.64 16.74 45.80
CA GLU A 648 -36.70 17.10 44.39
C GLU A 648 -35.50 16.49 43.70
N CYS A 649 -35.68 16.13 42.44
CA CYS A 649 -34.63 15.40 41.76
C CYS A 649 -33.41 16.29 41.58
N ASP A 650 -32.26 15.63 41.43
CA ASP A 650 -30.98 16.31 41.27
C ASP A 650 -30.40 15.76 39.98
N ILE A 651 -29.09 15.88 39.77
CA ILE A 651 -28.48 15.27 38.59
C ILE A 651 -29.05 13.86 38.42
N PRO A 652 -29.82 13.60 37.38
CA PRO A 652 -30.69 12.42 37.40
C PRO A 652 -30.04 11.17 36.84
N ILE A 653 -30.11 10.08 37.61
CA ILE A 653 -29.72 8.78 37.08
C ILE A 653 -30.71 8.29 36.05
N GLY A 654 -32.00 8.38 36.36
CA GLY A 654 -33.02 7.81 35.49
C GLY A 654 -33.72 6.64 36.14
N ALA A 655 -34.80 6.18 35.51
CA ALA A 655 -35.55 5.03 35.99
C ALA A 655 -35.99 5.20 37.43
N GLY A 656 -36.20 6.45 37.82
CA GLY A 656 -36.63 6.76 39.17
C GLY A 656 -35.53 7.04 40.17
N ILE A 657 -34.31 7.29 39.70
CA ILE A 657 -33.16 7.50 40.58
C ILE A 657 -32.54 8.86 40.30
N CYS A 658 -32.30 9.61 41.36
CA CYS A 658 -31.62 10.89 41.28
C CYS A 658 -30.55 10.94 42.36
N ALA A 659 -29.40 11.52 42.03
CA ALA A 659 -28.24 11.53 42.90
C ALA A 659 -27.83 12.95 43.25
N SER A 660 -27.52 13.18 44.53
CA SER A 660 -27.21 14.50 45.02
C SER A 660 -26.00 14.45 45.94
N TYR A 661 -25.16 15.48 45.82
CA TYR A 661 -24.07 15.73 46.76
C TYR A 661 -24.68 16.33 48.01
N HIS A 662 -25.01 15.48 48.96
CA HIS A 662 -25.76 15.93 50.12
C HIS A 662 -24.90 15.72 51.36
N THR A 663 -25.09 16.62 52.33
CA THR A 663 -24.69 16.29 53.69
C THR A 663 -25.33 14.96 54.04
N VAL A 664 -24.48 13.98 54.40
CA VAL A 664 -24.96 12.61 54.50
C VAL A 664 -26.13 12.52 55.46
N SER A 665 -26.05 13.22 56.59
CA SER A 665 -27.13 13.31 57.57
C SER A 665 -27.43 11.94 58.16
N SER A 666 -26.72 10.92 57.67
CA SER A 666 -26.88 9.57 58.19
C SER A 666 -25.64 9.16 58.97
N LEU A 667 -24.48 9.70 58.59
CA LEU A 667 -23.24 9.45 59.32
C LEU A 667 -23.08 10.47 60.46
N ARG A 668 -24.17 10.60 61.22
CA ARG A 668 -24.22 11.42 62.45
C ARG A 668 -23.78 12.84 62.11
N SER A 669 -22.93 13.47 62.90
CA SER A 669 -22.54 14.85 62.68
C SER A 669 -21.23 15.01 61.90
N THR A 670 -20.63 13.92 61.45
CA THR A 670 -19.43 14.00 60.62
C THR A 670 -19.76 14.72 59.32
N SER A 671 -20.99 14.55 58.84
CA SER A 671 -21.50 15.21 57.64
C SER A 671 -20.54 15.04 56.47
N GLN A 672 -20.34 13.78 56.09
CA GLN A 672 -19.43 13.46 55.01
C GLN A 672 -19.93 14.02 53.68
N LYS A 673 -21.20 14.46 53.64
CA LYS A 673 -21.82 15.02 52.46
C LYS A 673 -21.72 14.08 51.28
N SER A 674 -21.89 12.79 51.54
CA SER A 674 -21.62 11.77 50.55
C SER A 674 -22.67 11.88 49.46
N ILE A 675 -22.24 11.57 48.23
CA ILE A 675 -23.21 11.45 47.15
C ILE A 675 -24.22 10.38 47.54
N VAL A 676 -25.49 10.69 47.40
CA VAL A 676 -26.55 9.75 47.77
C VAL A 676 -27.58 9.70 46.66
N ALA A 677 -28.07 8.50 46.37
CA ALA A 677 -29.11 8.30 45.37
C ALA A 677 -30.42 8.16 46.11
N TYR A 678 -31.53 8.42 45.41
CA TYR A 678 -32.84 8.36 46.02
C TYR A 678 -33.91 8.31 44.93
N THR A 679 -35.13 7.98 45.34
CA THR A 679 -36.25 8.05 44.42
C THR A 679 -36.98 9.37 44.61
N MET A 680 -37.19 10.09 43.50
CA MET A 680 -37.52 11.49 43.59
C MET A 680 -38.89 11.71 44.22
N SER A 681 -39.08 12.91 44.75
CA SER A 681 -40.38 13.40 45.16
C SER A 681 -41.02 14.09 43.97
N LEU A 682 -42.21 13.64 43.61
CA LEU A 682 -42.90 14.26 42.49
C LEU A 682 -43.22 15.72 42.78
N GLY A 683 -43.56 16.01 44.04
CA GLY A 683 -43.75 17.36 44.49
C GLY A 683 -44.06 17.35 45.96
N ALA A 684 -44.13 18.55 46.54
CA ALA A 684 -44.59 18.66 47.92
C ALA A 684 -46.06 18.26 48.00
N ASP A 685 -46.37 17.37 48.94
CA ASP A 685 -47.73 16.92 49.10
C ASP A 685 -48.65 18.09 49.43
N SER A 686 -49.87 18.03 48.92
CA SER A 686 -50.87 19.05 49.20
C SER A 686 -52.18 18.37 49.56
N SER A 687 -52.91 19.00 50.47
CA SER A 687 -54.17 18.47 50.98
C SER A 687 -55.30 19.37 50.51
N ILE A 688 -56.46 18.76 50.24
CA ILE A 688 -57.64 19.52 49.87
C ILE A 688 -58.88 18.67 50.17
N ALA A 689 -59.94 19.33 50.58
CA ALA A 689 -61.22 18.68 50.85
C ALA A 689 -62.28 19.33 49.99
N TYR A 690 -63.09 18.51 49.34
CA TYR A 690 -64.17 19.02 48.51
C TYR A 690 -65.43 19.17 49.35
N SER A 691 -65.75 20.40 49.72
CA SER A 691 -66.96 20.71 50.45
C SER A 691 -67.98 21.34 49.51
N ASN A 692 -69.12 20.69 49.35
CA ASN A 692 -70.06 21.07 48.29
C ASN A 692 -70.52 22.51 48.44
N ASN A 693 -70.39 23.08 49.65
CA ASN A 693 -70.84 24.44 49.88
C ASN A 693 -69.78 25.30 50.54
N THR A 694 -68.50 25.06 50.28
CA THR A 694 -67.43 25.89 50.81
C THR A 694 -66.53 26.34 49.68
N ILE A 695 -66.36 27.65 49.55
CA ILE A 695 -65.48 28.21 48.53
C ILE A 695 -64.26 28.78 49.20
N ALA A 696 -63.19 28.90 48.43
CA ALA A 696 -61.94 29.49 48.89
C ALA A 696 -61.68 30.75 48.06
N ILE A 697 -61.36 31.85 48.72
CA ILE A 697 -61.14 33.13 48.07
C ILE A 697 -59.81 33.69 48.52
N PRO A 698 -58.98 34.19 47.63
CA PRO A 698 -57.77 34.90 48.07
C PRO A 698 -58.10 36.34 48.43
N THR A 699 -57.26 36.92 49.29
CA THR A 699 -57.48 38.28 49.75
C THR A 699 -56.35 39.23 49.40
N ASN A 700 -55.15 38.74 49.14
CA ASN A 700 -53.99 39.60 49.00
C ASN A 700 -53.33 39.39 47.65
N PHE A 701 -53.17 40.47 46.89
CA PHE A 701 -52.61 40.40 45.56
C PHE A 701 -51.11 40.66 45.62
N SER A 702 -50.37 39.99 44.74
CA SER A 702 -48.92 40.13 44.69
C SER A 702 -48.48 40.19 43.23
N ILE A 703 -47.32 40.80 42.99
CA ILE A 703 -46.74 40.88 41.65
C ILE A 703 -45.31 40.39 41.70
N SER A 704 -45.06 39.28 41.02
CA SER A 704 -43.71 38.75 40.85
C SER A 704 -43.40 38.68 39.37
N ILE A 705 -42.29 39.28 38.97
CA ILE A 705 -41.88 39.32 37.58
C ILE A 705 -40.77 38.32 37.36
N THR A 706 -40.90 37.53 36.30
CA THR A 706 -40.02 36.41 36.05
C THR A 706 -39.40 36.55 34.66
N THR A 707 -38.16 36.10 34.55
CA THR A 707 -37.41 36.22 33.32
C THR A 707 -37.72 35.04 32.41
N GLU A 708 -37.94 35.33 31.13
CA GLU A 708 -38.05 34.31 30.11
C GLU A 708 -36.96 34.59 29.09
N VAL A 709 -36.34 33.54 28.58
CA VAL A 709 -35.17 33.67 27.73
C VAL A 709 -35.43 32.89 26.45
N MET A 710 -35.28 33.55 25.30
CA MET A 710 -35.65 32.95 24.03
C MET A 710 -34.62 33.27 22.94
N PRO A 711 -34.05 32.24 22.31
CA PRO A 711 -33.05 32.48 21.26
C PRO A 711 -33.74 32.84 19.97
N VAL A 712 -33.09 33.68 19.17
CA VAL A 712 -33.71 34.15 17.93
C VAL A 712 -32.76 34.13 16.74
N SER A 713 -31.45 34.05 16.92
CA SER A 713 -30.60 34.19 15.75
C SER A 713 -29.67 33.01 15.63
N MET A 714 -28.76 33.11 14.67
CA MET A 714 -27.69 32.16 14.46
C MET A 714 -26.45 32.93 14.04
N ALA A 715 -25.28 32.46 14.48
CA ALA A 715 -24.04 33.08 14.05
C ALA A 715 -23.87 32.88 12.55
N LYS A 716 -23.80 33.99 11.82
CA LYS A 716 -23.86 33.94 10.36
C LYS A 716 -22.48 33.57 9.82
N THR A 717 -22.33 32.33 9.37
CA THR A 717 -21.05 31.79 8.93
C THR A 717 -21.12 31.39 7.47
N SER A 718 -19.96 31.44 6.81
CA SER A 718 -19.84 31.06 5.41
C SER A 718 -18.49 30.42 5.16
N VAL A 719 -18.41 29.64 4.09
CA VAL A 719 -17.24 28.84 3.77
C VAL A 719 -17.06 28.77 2.27
N ASP A 720 -15.81 28.74 1.83
CA ASP A 720 -15.47 28.42 0.44
C ASP A 720 -15.19 26.94 0.34
N CYS A 721 -15.77 26.30 -0.68
CA CYS A 721 -15.54 24.88 -0.87
C CYS A 721 -14.09 24.59 -1.24
N ASN A 722 -13.56 25.35 -2.20
CA ASN A 722 -12.25 25.05 -2.74
C ASN A 722 -11.18 25.10 -1.65
N MET A 723 -11.19 26.15 -0.83
CA MET A 723 -10.13 26.29 0.16
C MET A 723 -10.24 25.23 1.25
N TYR A 724 -11.46 24.91 1.67
CA TYR A 724 -11.60 23.87 2.69
C TYR A 724 -11.12 22.53 2.16
N ILE A 725 -11.64 22.10 1.02
CA ILE A 725 -11.32 20.75 0.56
C ILE A 725 -9.88 20.68 0.07
N CYS A 726 -9.53 21.52 -0.88
CA CYS A 726 -8.16 21.44 -1.37
C CYS A 726 -7.22 22.30 -0.56
N GLY A 727 -7.46 23.61 -0.53
CA GLY A 727 -6.48 24.49 0.07
C GLY A 727 -5.28 24.73 -0.82
N ASP A 728 -5.51 25.31 -2.00
CA ASP A 728 -4.44 25.91 -2.81
C ASP A 728 -3.49 24.88 -3.40
N SER A 729 -4.03 23.84 -4.03
CA SER A 729 -3.24 22.96 -4.87
C SER A 729 -3.88 22.90 -6.24
N THR A 730 -3.13 23.33 -7.26
CA THR A 730 -3.68 23.43 -8.60
C THR A 730 -4.16 22.07 -9.10
N GLU A 731 -3.56 21.00 -8.58
CA GLU A 731 -4.01 19.66 -8.96
C GLU A 731 -5.47 19.46 -8.63
N CYS A 732 -5.95 20.13 -7.59
CA CYS A 732 -7.36 20.08 -7.26
C CYS A 732 -8.16 20.86 -8.29
N ALA A 733 -9.47 20.93 -8.06
CA ALA A 733 -10.46 21.61 -8.88
C ALA A 733 -10.56 20.96 -10.24
N ASN A 734 -9.71 19.98 -10.53
CA ASN A 734 -9.84 19.08 -11.66
C ASN A 734 -10.41 17.74 -11.23
N LEU A 735 -9.75 17.10 -10.27
CA LEU A 735 -10.38 15.99 -9.58
C LEU A 735 -11.66 16.44 -8.90
N LEU A 736 -11.62 17.59 -8.23
CA LEU A 736 -12.82 18.13 -7.62
C LEU A 736 -13.90 18.45 -8.65
N LEU A 737 -13.52 19.04 -9.79
CA LEU A 737 -14.52 19.34 -10.81
C LEU A 737 -15.25 18.09 -11.27
N GLN A 738 -14.54 16.95 -11.31
CA GLN A 738 -15.21 15.70 -11.61
C GLN A 738 -16.39 15.47 -10.68
N TYR A 739 -16.26 15.88 -9.43
CA TYR A 739 -17.34 15.73 -8.45
C TYR A 739 -18.47 16.73 -8.67
N GLY A 740 -18.56 17.34 -9.85
CA GLY A 740 -19.70 18.16 -10.18
C GLY A 740 -19.92 19.39 -9.35
N SER A 741 -21.20 19.70 -9.13
CA SER A 741 -21.65 20.98 -8.60
C SER A 741 -21.83 20.98 -7.08
N PHE A 742 -21.20 20.03 -6.37
CA PHE A 742 -21.51 19.79 -4.98
C PHE A 742 -21.42 21.06 -4.15
N CYS A 743 -20.24 21.65 -4.11
CA CYS A 743 -19.98 22.77 -3.25
C CYS A 743 -20.72 24.02 -3.72
N THR A 744 -21.23 24.00 -4.93
CA THR A 744 -22.12 25.07 -5.33
C THR A 744 -23.37 25.11 -4.47
N GLN A 745 -24.11 24.00 -4.38
CA GLN A 745 -25.26 24.03 -3.49
C GLN A 745 -24.81 24.05 -2.04
N LEU A 746 -23.65 23.47 -1.74
CA LEU A 746 -23.11 23.54 -0.39
C LEU A 746 -22.77 24.95 0.05
N ASN A 747 -22.63 25.86 -0.89
CA ASN A 747 -22.51 27.28 -0.61
C ASN A 747 -23.86 27.98 -0.62
N ARG A 748 -24.70 27.64 -1.59
CA ARG A 748 -25.99 28.31 -1.71
C ARG A 748 -26.86 28.06 -0.49
N ALA A 749 -26.84 26.83 0.04
CA ALA A 749 -27.66 26.50 1.19
C ALA A 749 -27.29 27.37 2.38
N LEU A 750 -26.00 27.48 2.69
CA LEU A 750 -25.59 28.31 3.82
C LEU A 750 -25.94 29.76 3.58
N SER A 751 -25.78 30.24 2.35
CA SER A 751 -26.12 31.63 2.07
C SER A 751 -27.60 31.89 2.34
N GLY A 752 -28.46 30.99 1.87
CA GLY A 752 -29.88 31.13 2.13
C GLY A 752 -30.18 31.07 3.62
N ILE A 753 -29.48 30.19 4.34
CA ILE A 753 -29.64 30.16 5.79
C ILE A 753 -29.32 31.51 6.39
N ALA A 754 -28.21 32.10 5.97
CA ALA A 754 -27.78 33.38 6.55
C ALA A 754 -28.84 34.45 6.35
N VAL A 755 -29.30 34.61 5.11
CA VAL A 755 -30.29 35.64 4.86
C VAL A 755 -31.58 35.32 5.59
N GLU A 756 -31.83 34.03 5.82
CA GLU A 756 -33.04 33.64 6.54
C GLU A 756 -32.98 34.10 7.99
N GLN A 757 -31.83 33.92 8.65
CA GLN A 757 -31.74 34.45 10.01
C GLN A 757 -31.83 35.96 10.02
N ASP A 758 -31.29 36.61 8.99
CA ASP A 758 -31.38 38.06 8.98
C ASP A 758 -32.85 38.49 8.95
N ARG A 759 -33.62 37.88 8.05
CA ARG A 759 -35.06 38.13 8.02
C ARG A 759 -35.71 37.80 9.35
N ASN A 760 -35.24 36.74 10.01
CA ASN A 760 -35.83 36.37 11.30
C ASN A 760 -35.61 37.45 12.34
N THR A 761 -34.39 38.00 12.40
CA THR A 761 -34.09 39.06 13.35
C THR A 761 -35.01 40.26 13.11
N ARG A 762 -35.10 40.68 11.85
CA ARG A 762 -36.01 41.79 11.55
C ARG A 762 -37.43 41.44 11.99
N GLU A 763 -37.85 40.19 11.75
CA GLU A 763 -39.18 39.76 12.12
C GLU A 763 -39.40 39.92 13.62
N VAL A 764 -38.46 39.44 14.43
CA VAL A 764 -38.72 39.38 15.86
C VAL A 764 -38.72 40.77 16.47
N PHE A 765 -37.80 41.64 16.03
CA PHE A 765 -37.69 42.91 16.75
C PHE A 765 -38.47 44.01 16.06
N ALA A 766 -38.45 44.04 14.73
CA ALA A 766 -38.99 45.21 14.01
C ALA A 766 -40.49 45.03 13.77
N GLN A 767 -41.20 44.74 14.85
CA GLN A 767 -42.65 44.82 14.85
C GLN A 767 -43.11 46.24 15.11
N VAL A 768 -42.17 47.15 15.29
CA VAL A 768 -42.48 48.53 15.67
C VAL A 768 -43.25 49.21 14.55
N LYS A 769 -44.05 50.20 14.93
CA LYS A 769 -44.56 51.15 13.94
C LYS A 769 -43.49 52.18 13.58
N GLN A 770 -43.06 52.97 14.56
CA GLN A 770 -42.02 53.97 14.34
C GLN A 770 -41.19 54.13 15.60
N MET A 771 -40.00 54.70 15.42
CA MET A 771 -39.08 54.98 16.54
C MET A 771 -39.73 56.06 17.40
N TYR A 772 -40.47 55.66 18.43
CA TYR A 772 -41.01 56.64 19.35
C TYR A 772 -39.89 57.22 20.21
N LYS A 773 -40.02 58.50 20.54
CA LYS A 773 -39.01 59.17 21.33
C LYS A 773 -39.03 58.65 22.77
N THR A 774 -37.85 58.41 23.31
CA THR A 774 -37.74 57.96 24.68
C THR A 774 -38.09 59.09 25.64
N PRO A 775 -38.96 58.86 26.61
CA PRO A 775 -39.39 59.96 27.50
C PRO A 775 -38.23 60.50 28.33
N THR A 776 -38.30 61.80 28.62
CA THR A 776 -37.27 62.42 29.44
C THR A 776 -37.33 61.94 30.87
N LEU A 777 -38.44 62.20 31.55
CA LEU A 777 -38.64 61.75 32.92
C LEU A 777 -38.71 60.23 32.93
N LYS A 778 -38.06 59.60 33.91
CA LYS A 778 -38.06 58.14 33.99
C LYS A 778 -39.13 57.60 34.92
N ASP A 779 -39.92 58.47 35.53
CA ASP A 779 -41.00 58.06 36.42
C ASP A 779 -42.31 58.13 35.67
N PHE A 780 -43.31 57.39 36.15
CA PHE A 780 -44.66 57.45 35.61
C PHE A 780 -45.64 57.22 36.74
N GLY A 781 -46.34 58.28 37.15
CA GLY A 781 -47.36 58.15 38.16
C GLY A 781 -46.92 57.41 39.40
N GLY A 782 -45.63 57.48 39.74
CA GLY A 782 -45.09 56.75 40.86
C GLY A 782 -44.29 55.52 40.49
N PHE A 783 -44.67 54.81 39.44
CA PHE A 783 -43.92 53.62 39.04
C PHE A 783 -42.52 54.02 38.60
N ASN A 784 -41.60 53.07 38.74
CA ASN A 784 -40.21 53.28 38.36
C ASN A 784 -39.87 52.39 37.18
N PHE A 785 -39.31 52.98 36.13
CA PHE A 785 -38.86 52.27 34.95
C PHE A 785 -37.37 52.41 34.70
N SER A 786 -36.65 53.00 35.66
CA SER A 786 -35.34 53.58 35.37
C SER A 786 -34.39 52.60 34.73
N GLN A 787 -34.55 51.31 35.03
CA GLN A 787 -33.57 50.35 34.55
C GLN A 787 -33.82 49.97 33.10
N ILE A 788 -35.07 49.69 32.73
CA ILE A 788 -35.37 49.13 31.42
C ILE A 788 -35.20 50.18 30.33
N LEU A 789 -35.53 51.43 30.62
CA LEU A 789 -35.31 52.47 29.61
C LEU A 789 -33.82 52.72 29.44
N PRO A 790 -33.42 53.28 28.30
CA PRO A 790 -32.04 53.71 28.15
C PRO A 790 -31.84 55.06 28.82
N ASP A 791 -30.88 55.12 29.74
CA ASP A 791 -30.55 56.39 30.38
C ASP A 791 -29.93 57.34 29.36
N PRO A 792 -30.48 58.55 29.21
CA PRO A 792 -29.85 59.51 28.30
C PRO A 792 -28.42 59.84 28.68
N LEU A 793 -28.10 59.76 29.97
CA LEU A 793 -26.76 60.11 30.42
C LEU A 793 -25.73 59.10 29.94
N LYS A 794 -26.05 57.81 30.03
CA LYS A 794 -25.07 56.79 29.69
C LYS A 794 -24.84 56.75 28.19
N PRO A 795 -23.58 56.71 27.75
CA PRO A 795 -23.32 56.64 26.30
C PRO A 795 -23.77 55.34 25.67
N THR A 796 -24.07 54.31 26.48
CA THR A 796 -24.46 53.03 25.92
C THR A 796 -25.80 53.14 25.19
N LYS A 797 -26.65 54.07 25.62
CA LYS A 797 -27.97 54.28 25.03
C LYS A 797 -28.78 52.98 25.03
N ARG A 798 -28.56 52.18 26.06
CA ARG A 798 -29.30 50.94 26.25
C ARG A 798 -29.64 50.80 27.73
N SER A 799 -30.42 49.77 28.03
CA SER A 799 -30.86 49.58 29.40
C SER A 799 -29.71 49.16 30.31
N PHE A 800 -29.77 49.64 31.55
CA PHE A 800 -28.89 49.12 32.59
C PHE A 800 -28.98 47.60 32.63
N ILE A 801 -30.18 47.08 32.50
CA ILE A 801 -30.37 45.63 32.46
C ILE A 801 -29.61 45.04 31.28
N GLU A 802 -29.72 45.64 30.10
CA GLU A 802 -29.01 45.10 28.95
C GLU A 802 -27.51 45.30 29.08
N ASP A 803 -27.10 46.37 29.74
CA ASP A 803 -25.67 46.57 29.99
C ASP A 803 -25.11 45.44 30.84
N LEU A 804 -25.86 45.04 31.85
CA LEU A 804 -25.50 43.86 32.64
C LEU A 804 -25.53 42.60 31.78
N LEU A 805 -26.57 42.47 30.94
CA LEU A 805 -26.80 41.24 30.20
C LEU A 805 -25.69 40.95 29.21
N PHE A 806 -25.22 41.98 28.50
CA PHE A 806 -24.13 41.77 27.57
C PHE A 806 -22.92 41.17 28.26
N ASN A 807 -22.73 41.48 29.54
CA ASN A 807 -21.55 40.99 30.24
C ASN A 807 -21.77 39.60 30.83
N LYS A 808 -22.99 39.32 31.29
CA LYS A 808 -23.23 38.05 31.98
C LYS A 808 -23.01 36.86 31.08
N VAL A 809 -23.45 36.93 29.83
CA VAL A 809 -23.14 35.88 28.88
C VAL A 809 -21.64 35.84 28.66
N THR A 810 -21.08 34.63 28.66
CA THR A 810 -19.64 34.47 28.55
C THR A 810 -19.25 34.04 27.14
N LEU A 811 -18.15 34.59 26.66
CA LEU A 811 -17.71 34.35 25.29
C LEU A 811 -16.27 33.87 25.26
N LYS A 837 -8.58 33.66 10.93
CA LYS A 837 -9.18 33.70 9.60
C LYS A 837 -9.39 32.29 9.06
N PHE A 838 -8.59 31.35 9.55
CA PHE A 838 -8.73 29.94 9.24
C PHE A 838 -8.51 29.70 7.75
N ASN A 839 -9.06 28.62 7.21
CA ASN A 839 -8.93 28.30 5.80
C ASN A 839 -10.31 28.26 5.18
N GLY A 840 -10.64 29.26 4.37
CA GLY A 840 -11.91 29.26 3.68
C GLY A 840 -13.10 29.57 4.54
N LEU A 841 -12.91 30.01 5.77
CA LEU A 841 -13.99 30.19 6.73
C LEU A 841 -14.12 31.66 7.09
N THR A 842 -15.35 32.14 7.21
CA THR A 842 -15.59 33.50 7.61
C THR A 842 -16.91 33.61 8.35
N VAL A 843 -17.06 34.68 9.10
CA VAL A 843 -18.30 35.03 9.77
C VAL A 843 -18.80 36.34 9.18
N LEU A 844 -20.00 36.32 8.66
CA LEU A 844 -20.51 37.56 8.11
C LEU A 844 -21.12 38.40 9.23
N PRO A 845 -20.76 39.67 9.30
CA PRO A 845 -21.36 40.56 10.28
C PRO A 845 -22.85 40.68 10.04
N PRO A 846 -23.65 40.74 11.10
CA PRO A 846 -25.11 40.78 10.94
C PRO A 846 -25.58 42.11 10.39
N LEU A 847 -26.76 42.11 9.78
CA LEU A 847 -27.34 43.36 9.31
C LEU A 847 -27.62 44.30 10.47
N LEU A 848 -28.53 43.93 11.36
CA LEU A 848 -29.05 44.82 12.38
C LEU A 848 -28.09 44.81 13.57
N THR A 849 -27.50 45.97 13.85
CA THR A 849 -26.53 46.02 14.93
C THR A 849 -27.23 45.95 16.28
N ASP A 850 -26.42 45.69 17.31
CA ASP A 850 -26.88 45.68 18.68
C ASP A 850 -27.62 46.96 19.05
N ASP A 851 -27.02 48.11 18.78
CA ASP A 851 -27.58 49.40 19.15
C ASP A 851 -28.92 49.64 18.49
N MET A 852 -29.05 49.34 17.21
CA MET A 852 -30.33 49.51 16.55
C MET A 852 -31.38 48.60 17.17
N ILE A 853 -31.00 47.36 17.49
CA ILE A 853 -31.92 46.50 18.23
C ILE A 853 -32.29 47.14 19.56
N ALA A 854 -31.30 47.72 20.22
CA ALA A 854 -31.59 48.48 21.44
C ALA A 854 -32.56 49.62 21.16
N ALA A 855 -32.44 50.23 19.98
CA ALA A 855 -33.36 51.30 19.63
C ALA A 855 -34.79 50.78 19.53
N TYR A 856 -34.98 49.63 18.89
CA TYR A 856 -36.31 49.03 18.86
C TYR A 856 -36.82 48.72 20.27
N THR A 857 -35.95 48.17 21.11
CA THR A 857 -36.37 47.89 22.48
C THR A 857 -36.84 49.15 23.18
N ALA A 858 -36.05 50.22 23.09
CA ALA A 858 -36.42 51.46 23.73
C ALA A 858 -37.74 51.99 23.18
N ALA A 859 -37.91 51.91 21.87
CA ALA A 859 -39.15 52.40 21.28
C ALA A 859 -40.35 51.64 21.82
N LEU A 860 -40.25 50.30 21.86
CA LEU A 860 -41.37 49.50 22.35
C LEU A 860 -41.66 49.81 23.81
N VAL A 861 -40.62 49.91 24.63
CA VAL A 861 -40.85 50.18 26.04
C VAL A 861 -41.51 51.54 26.22
N SER A 862 -40.98 52.56 25.57
CA SER A 862 -41.57 53.89 25.70
C SER A 862 -43.01 53.88 25.22
N GLY A 863 -43.28 53.18 24.13
CA GLY A 863 -44.64 53.15 23.61
C GLY A 863 -45.61 52.49 24.56
N THR A 864 -45.24 51.32 25.07
CA THR A 864 -46.15 50.66 26.01
C THR A 864 -46.22 51.44 27.32
N ALA A 865 -45.26 52.32 27.55
CA ALA A 865 -45.35 53.21 28.70
C ALA A 865 -46.38 54.31 28.47
N THR A 866 -46.38 54.88 27.27
CA THR A 866 -47.10 56.12 27.06
C THR A 866 -48.42 55.97 26.33
N ALA A 867 -48.47 55.20 25.25
CA ALA A 867 -49.69 55.06 24.49
C ALA A 867 -50.38 53.73 24.69
N GLY A 868 -49.81 52.82 25.45
CA GLY A 868 -50.52 51.60 25.79
C GLY A 868 -50.64 50.62 24.64
N TRP A 869 -51.66 49.77 24.75
CA TRP A 869 -51.82 48.66 23.82
C TRP A 869 -52.39 49.11 22.48
N THR A 870 -52.64 50.41 22.31
CA THR A 870 -53.23 50.87 21.07
C THR A 870 -52.25 50.79 19.91
N PHE A 871 -51.02 51.27 20.09
CA PHE A 871 -50.15 51.47 18.94
C PHE A 871 -49.79 50.16 18.26
N GLY A 872 -49.92 49.05 18.98
CA GLY A 872 -49.80 47.76 18.32
C GLY A 872 -50.83 47.56 17.24
N ALA A 873 -52.05 48.05 17.47
CA ALA A 873 -53.14 47.99 16.50
C ALA A 873 -53.38 49.40 15.97
N GLY A 874 -52.75 49.73 14.86
CA GLY A 874 -52.92 51.04 14.28
C GLY A 874 -52.13 52.10 15.03
N ALA A 875 -52.63 53.33 14.95
CA ALA A 875 -51.93 54.48 15.50
C ALA A 875 -51.92 54.44 17.02
N ALA A 876 -50.99 55.20 17.59
CA ALA A 876 -50.82 55.26 19.04
C ALA A 876 -51.81 56.24 19.64
N LEU A 877 -52.07 56.08 20.93
CA LEU A 877 -52.94 56.99 21.68
C LEU A 877 -52.40 57.13 23.09
N GLN A 878 -51.90 58.31 23.42
CA GLN A 878 -51.28 58.51 24.73
C GLN A 878 -52.32 58.45 25.84
N ILE A 879 -51.89 57.98 27.01
CA ILE A 879 -52.79 57.66 28.11
C ILE A 879 -52.02 57.66 29.41
N PRO A 880 -52.61 58.23 30.46
CA PRO A 880 -51.96 58.19 31.76
C PRO A 880 -51.74 56.76 32.20
N PHE A 881 -50.62 56.54 32.87
CA PHE A 881 -50.20 55.18 33.19
C PHE A 881 -51.19 54.49 34.13
N ALA A 882 -51.71 55.22 35.12
CA ALA A 882 -52.67 54.64 36.04
C ALA A 882 -53.91 54.15 35.31
N MET A 883 -54.41 54.95 34.36
CA MET A 883 -55.51 54.51 33.52
C MET A 883 -55.22 53.15 32.91
N GLN A 884 -54.04 53.02 32.31
CA GLN A 884 -53.70 51.79 31.60
C GLN A 884 -53.66 50.62 32.56
N MET A 885 -53.06 50.82 33.73
CA MET A 885 -53.02 49.73 34.69
C MET A 885 -54.42 49.35 35.12
N ALA A 886 -55.29 50.34 35.32
CA ALA A 886 -56.64 50.04 35.79
C ALA A 886 -57.42 49.25 34.75
N TYR A 887 -57.33 49.65 33.49
CA TYR A 887 -57.99 48.89 32.45
C TYR A 887 -57.42 47.48 32.37
N ARG A 888 -56.11 47.34 32.58
CA ARG A 888 -55.51 46.01 32.52
C ARG A 888 -56.04 45.13 33.65
N PHE A 889 -56.21 45.70 34.84
CA PHE A 889 -56.88 44.96 35.90
C PHE A 889 -58.29 44.57 35.49
N ASN A 890 -59.02 45.50 34.87
CA ASN A 890 -60.33 45.15 34.33
C ASN A 890 -60.22 44.00 33.35
N GLY A 891 -59.04 43.83 32.75
CA GLY A 891 -58.83 42.69 31.88
C GLY A 891 -58.54 41.41 32.64
N ILE A 892 -58.51 41.49 33.97
CA ILE A 892 -58.19 40.31 34.76
C ILE A 892 -59.33 39.88 35.67
N GLY A 893 -60.38 40.67 35.80
CA GLY A 893 -61.46 40.36 36.70
C GLY A 893 -61.46 41.16 37.98
N VAL A 894 -60.43 41.95 38.22
CA VAL A 894 -60.44 42.84 39.36
C VAL A 894 -60.87 44.24 38.89
N THR A 895 -61.64 44.91 39.74
CA THR A 895 -62.25 46.17 39.37
C THR A 895 -61.32 47.34 39.65
N GLN A 896 -61.58 48.44 38.92
CA GLN A 896 -60.68 49.60 38.95
C GLN A 896 -60.41 50.09 40.37
N ASN A 897 -61.42 50.02 41.23
CA ASN A 897 -61.28 50.58 42.57
C ASN A 897 -60.06 50.03 43.28
N VAL A 898 -59.75 48.74 43.06
CA VAL A 898 -58.58 48.16 43.70
C VAL A 898 -57.33 48.92 43.33
N LEU A 899 -57.11 49.16 42.04
CA LEU A 899 -55.91 49.87 41.64
C LEU A 899 -55.94 51.31 42.14
N TYR A 900 -57.03 52.02 41.89
CA TYR A 900 -57.06 53.43 42.27
C TYR A 900 -57.00 53.63 43.79
N GLU A 901 -57.19 52.56 44.56
CA GLU A 901 -57.11 52.66 46.01
C GLU A 901 -55.85 52.02 46.58
N ASN A 902 -55.09 51.29 45.78
CA ASN A 902 -53.88 50.65 46.30
C ASN A 902 -52.68 50.92 45.42
N GLN A 903 -52.78 51.96 44.58
CA GLN A 903 -51.69 52.32 43.68
C GLN A 903 -50.38 52.49 44.44
N LYS A 904 -50.45 53.06 45.64
CA LYS A 904 -49.23 53.29 46.40
C LYS A 904 -48.45 52.00 46.61
N GLN A 905 -49.06 51.05 47.33
CA GLN A 905 -48.36 49.82 47.64
C GLN A 905 -48.05 49.02 46.37
N ILE A 906 -48.93 49.06 45.37
CA ILE A 906 -48.71 48.19 44.22
C ILE A 906 -47.54 48.70 43.41
N ALA A 907 -47.41 50.02 43.26
CA ALA A 907 -46.23 50.56 42.60
C ALA A 907 -44.99 50.30 43.43
N ASN A 908 -45.11 50.38 44.76
CA ASN A 908 -43.99 50.03 45.61
C ASN A 908 -43.49 48.63 45.29
N GLN A 909 -44.41 47.66 45.28
CA GLN A 909 -44.03 46.28 45.00
C GLN A 909 -43.48 46.13 43.60
N PHE A 910 -44.00 46.91 42.65
CA PHE A 910 -43.46 46.86 41.30
C PHE A 910 -42.00 47.27 41.28
N ASN A 911 -41.69 48.39 41.95
CA ASN A 911 -40.31 48.85 42.00
C ASN A 911 -39.44 47.81 42.67
N LYS A 912 -39.93 47.23 43.75
CA LYS A 912 -39.20 46.14 44.39
C LYS A 912 -38.89 45.05 43.37
N ALA A 913 -39.92 44.56 42.68
CA ALA A 913 -39.74 43.42 41.79
C ALA A 913 -38.71 43.71 40.71
N ILE A 914 -38.77 44.91 40.13
CA ILE A 914 -37.74 45.29 39.18
C ILE A 914 -36.37 45.21 39.84
N SER A 915 -36.27 45.64 41.10
CA SER A 915 -34.99 45.58 41.78
C SER A 915 -34.51 44.14 41.96
N GLN A 916 -35.42 43.22 42.30
CA GLN A 916 -34.97 41.85 42.50
C GLN A 916 -34.54 41.22 41.18
N ILE A 917 -35.19 41.60 40.07
CA ILE A 917 -34.67 41.12 38.79
C ILE A 917 -33.27 41.68 38.55
N GLN A 918 -33.08 42.97 38.84
CA GLN A 918 -31.77 43.56 38.68
C GLN A 918 -30.72 42.78 39.43
N GLU A 919 -30.98 42.49 40.71
CA GLU A 919 -29.98 41.77 41.50
C GLU A 919 -29.84 40.33 41.03
N SER A 920 -30.94 39.70 40.62
CA SER A 920 -30.91 38.29 40.24
C SER A 920 -30.03 38.09 39.02
N LEU A 921 -30.16 38.97 38.03
CA LEU A 921 -29.28 38.88 36.88
C LEU A 921 -27.90 39.44 37.22
N THR A 922 -27.84 40.33 38.21
CA THR A 922 -26.58 40.96 38.59
C THR A 922 -25.57 39.92 39.05
N THR A 923 -26.00 39.02 39.93
CA THR A 923 -25.10 37.98 40.39
C THR A 923 -24.71 37.08 39.24
N THR A 924 -23.75 36.21 39.49
CA THR A 924 -23.19 35.33 38.46
C THR A 924 -24.15 34.22 38.07
N SER A 925 -25.41 34.30 38.48
CA SER A 925 -26.43 33.34 38.05
C SER A 925 -26.47 33.29 36.53
N THR A 926 -26.46 32.08 36.00
CA THR A 926 -26.42 31.86 34.57
C THR A 926 -27.75 31.41 33.99
N ALA A 927 -28.86 32.00 34.43
CA ALA A 927 -30.18 31.65 33.91
C ALA A 927 -30.39 32.36 32.56
N LEU A 928 -29.40 32.18 31.69
CA LEU A 928 -29.46 32.63 30.30
C LEU A 928 -28.80 31.60 29.40
N GLY A 929 -28.69 30.35 29.88
CA GLY A 929 -28.04 29.33 29.09
C GLY A 929 -28.73 29.09 27.76
N LYS A 930 -30.05 29.26 27.72
CA LYS A 930 -30.76 29.18 26.46
C LYS A 930 -30.19 30.13 25.41
N LEU A 931 -29.72 31.31 25.83
CA LEU A 931 -28.98 32.17 24.92
C LEU A 931 -27.50 31.82 24.86
N GLN A 932 -26.94 31.30 25.94
CA GLN A 932 -25.56 30.85 25.92
C GLN A 932 -25.36 29.59 25.10
N ASP A 933 -26.09 28.52 25.43
CA ASP A 933 -25.85 27.21 24.83
C ASP A 933 -25.64 27.31 23.32
N VAL A 934 -26.51 28.05 22.63
CA VAL A 934 -26.50 28.04 21.16
C VAL A 934 -25.11 28.38 20.64
N VAL A 935 -24.49 29.44 21.17
CA VAL A 935 -23.22 29.85 20.58
C VAL A 935 -22.17 28.76 20.78
N ASN A 936 -22.21 28.09 21.93
CA ASN A 936 -21.23 27.06 22.25
C ASN A 936 -21.08 26.08 21.11
N GLN A 937 -22.15 25.37 20.76
CA GLN A 937 -22.03 24.36 19.71
C GLN A 937 -21.52 24.98 18.43
N ASN A 938 -21.96 26.21 18.11
CA ASN A 938 -21.39 26.90 16.95
C ASN A 938 -19.89 26.78 16.96
N ALA A 939 -19.25 27.33 17.98
CA ALA A 939 -17.81 27.20 18.07
C ALA A 939 -17.41 25.73 17.99
N GLN A 940 -18.02 24.90 18.83
CA GLN A 940 -17.73 23.48 18.80
C GLN A 940 -17.85 22.92 17.39
N ALA A 941 -18.97 23.22 16.72
CA ALA A 941 -19.14 22.73 15.37
C ALA A 941 -17.97 23.17 14.50
N LEU A 942 -17.69 24.47 14.49
CA LEU A 942 -16.55 24.95 13.73
C LEU A 942 -15.30 24.22 14.13
N ASN A 943 -15.06 24.07 15.45
CA ASN A 943 -13.86 23.37 15.88
C ASN A 943 -13.76 22.01 15.22
N THR A 944 -14.83 21.22 15.28
CA THR A 944 -14.78 19.90 14.67
C THR A 944 -14.33 20.00 13.24
N LEU A 945 -14.99 20.86 12.47
CA LEU A 945 -14.63 21.02 11.07
C LEU A 945 -13.15 21.31 10.94
N VAL A 946 -12.68 22.31 11.67
CA VAL A 946 -11.27 22.68 11.60
C VAL A 946 -10.40 21.49 11.95
N LYS A 947 -10.70 20.83 13.07
CA LYS A 947 -9.86 19.70 13.46
C LYS A 947 -9.94 18.60 12.42
N GLN A 948 -11.13 18.41 11.84
CA GLN A 948 -11.27 17.37 10.84
C GLN A 948 -10.33 17.62 9.68
N LEU A 949 -10.05 18.89 9.38
CA LEU A 949 -9.12 19.20 8.31
C LEU A 949 -7.74 18.63 8.61
N SER A 950 -7.29 18.79 9.85
CA SER A 950 -6.00 18.23 10.23
C SER A 950 -6.00 16.73 10.07
N SER A 951 -7.14 16.10 10.34
CA SER A 951 -7.27 14.67 10.17
C SER A 951 -7.12 14.29 8.70
N ASN A 952 -6.44 13.16 8.45
CA ASN A 952 -6.30 12.60 7.12
C ASN A 952 -7.15 11.33 7.01
N PHE A 953 -7.91 11.22 5.93
CA PHE A 953 -8.86 10.14 5.77
C PHE A 953 -8.33 9.16 4.75
N GLY A 954 -7.87 8.00 5.23
CA GLY A 954 -7.22 7.06 4.32
C GLY A 954 -6.03 7.66 3.63
N ALA A 955 -5.44 8.69 4.22
CA ALA A 955 -4.38 9.47 3.60
C ALA A 955 -3.12 9.36 4.45
N ILE A 956 -2.00 9.07 3.80
CA ILE A 956 -0.73 9.06 4.51
C ILE A 956 -0.38 10.45 5.01
N SER A 957 -0.54 11.46 4.16
CA SER A 957 -0.24 12.84 4.52
C SER A 957 -1.53 13.62 4.68
N SER A 958 -1.72 14.22 5.85
CA SER A 958 -2.87 15.09 6.03
C SER A 958 -2.78 16.31 5.13
N VAL A 959 -1.62 16.95 5.08
CA VAL A 959 -1.44 18.09 4.20
C VAL A 959 -1.29 17.58 2.77
N LEU A 960 -1.93 18.28 1.83
CA LEU A 960 -1.96 17.81 0.45
C LEU A 960 -0.61 17.97 -0.22
N ASN A 961 0.13 19.02 0.12
CA ASN A 961 1.35 19.34 -0.61
C ASN A 961 2.38 18.22 -0.47
N ASP A 962 2.42 17.55 0.68
CA ASP A 962 3.29 16.38 0.80
C ASP A 962 2.84 15.27 -0.12
N ILE A 963 1.52 15.07 -0.25
CA ILE A 963 1.03 14.07 -1.18
C ILE A 963 1.47 14.41 -2.60
N LEU A 964 1.39 15.69 -2.96
CA LEU A 964 1.87 16.13 -4.26
C LEU A 964 3.36 15.85 -4.42
N SER A 965 4.13 16.08 -3.36
CA SER A 965 5.57 16.03 -3.47
C SER A 965 6.10 14.60 -3.46
N ARG A 966 5.33 13.68 -2.89
CA ARG A 966 5.94 12.41 -2.47
C ARG A 966 5.83 11.33 -3.54
N LEU A 967 4.74 11.30 -4.30
CA LEU A 967 4.45 10.13 -5.13
C LEU A 967 4.21 10.52 -6.57
N ASP A 968 4.15 9.50 -7.41
CA ASP A 968 3.86 9.70 -8.83
C ASP A 968 2.44 10.21 -8.99
N PRO A 969 2.16 11.03 -10.00
CA PRO A 969 0.83 11.62 -10.14
C PRO A 969 -0.28 10.58 -10.17
N PRO A 970 -0.09 9.41 -10.80
CA PRO A 970 -1.19 8.42 -10.74
C PRO A 970 -1.60 8.02 -9.34
N GLU A 971 -0.66 7.53 -8.54
CA GLU A 971 -0.98 7.05 -7.20
C GLU A 971 -1.25 8.21 -6.26
N ALA A 972 -0.52 9.31 -6.42
CA ALA A 972 -0.83 10.51 -5.67
C ALA A 972 -2.26 10.95 -5.95
N GLU A 973 -2.75 10.70 -7.16
CA GLU A 973 -4.14 11.00 -7.48
C GLU A 973 -5.09 10.17 -6.62
N VAL A 974 -4.78 8.89 -6.44
CA VAL A 974 -5.61 8.05 -5.57
C VAL A 974 -5.63 8.61 -4.16
N GLN A 975 -4.46 8.98 -3.66
CA GLN A 975 -4.38 9.57 -2.32
C GLN A 975 -5.21 10.84 -2.24
N ILE A 976 -5.05 11.73 -3.22
CA ILE A 976 -5.79 12.98 -3.24
C ILE A 976 -7.28 12.70 -3.31
N ASP A 977 -7.67 11.70 -4.08
CA ASP A 977 -9.08 11.36 -4.21
C ASP A 977 -9.65 10.91 -2.87
N ARG A 978 -8.91 10.06 -2.16
CA ARG A 978 -9.36 9.67 -0.84
C ARG A 978 -9.51 10.88 0.07
N LEU A 979 -8.52 11.76 0.08
CA LEU A 979 -8.61 12.93 0.93
C LEU A 979 -9.79 13.82 0.55
N ILE A 980 -9.99 14.02 -0.75
CA ILE A 980 -11.09 14.87 -1.19
C ILE A 980 -12.42 14.27 -0.76
N THR A 981 -12.58 12.96 -0.97
CA THR A 981 -13.81 12.31 -0.57
C THR A 981 -14.07 12.51 0.91
N GLY A 982 -13.06 12.27 1.74
CA GLY A 982 -13.27 12.40 3.16
C GLY A 982 -13.58 13.82 3.58
N ARG A 983 -12.83 14.78 3.05
CA ARG A 983 -13.06 16.17 3.43
C ARG A 983 -14.43 16.62 2.98
N LEU A 984 -14.84 16.21 1.79
CA LEU A 984 -16.17 16.52 1.31
C LEU A 984 -17.22 15.93 2.24
N GLN A 985 -16.98 14.69 2.70
CA GLN A 985 -17.88 14.07 3.66
C GLN A 985 -18.02 14.92 4.91
N SER A 986 -16.90 15.38 5.45
CA SER A 986 -16.95 16.27 6.60
C SER A 986 -17.80 17.49 6.30
N LEU A 987 -17.63 18.04 5.10
CA LEU A 987 -18.38 19.24 4.74
C LEU A 987 -19.87 18.95 4.73
N GLN A 988 -20.26 17.79 4.20
CA GLN A 988 -21.68 17.42 4.27
C GLN A 988 -22.15 17.29 5.71
N THR A 989 -21.35 16.67 6.57
CA THR A 989 -21.74 16.59 7.97
C THR A 989 -22.05 17.97 8.50
N TYR A 990 -21.13 18.90 8.27
CA TYR A 990 -21.31 20.25 8.79
C TYR A 990 -22.58 20.88 8.23
N VAL A 991 -22.78 20.78 6.92
CA VAL A 991 -23.89 21.48 6.30
C VAL A 991 -25.22 20.90 6.77
N THR A 992 -25.32 19.58 6.85
CA THR A 992 -26.57 18.98 7.29
C THR A 992 -26.90 19.39 8.71
N GLN A 993 -25.94 19.26 9.63
CA GLN A 993 -26.23 19.58 11.00
C GLN A 993 -26.56 21.06 11.15
N GLN A 994 -25.93 21.90 10.32
CA GLN A 994 -26.22 23.33 10.35
C GLN A 994 -27.64 23.62 9.88
N LEU A 995 -28.09 22.94 8.82
CA LEU A 995 -29.49 23.09 8.43
C LEU A 995 -30.41 22.70 9.57
N ILE A 996 -30.09 21.62 10.26
CA ILE A 996 -30.97 21.18 11.35
C ILE A 996 -31.08 22.26 12.41
N ARG A 997 -29.93 22.79 12.82
CA ARG A 997 -29.94 23.85 13.83
C ARG A 997 -30.67 25.08 13.33
N ALA A 998 -30.55 25.37 12.05
CA ALA A 998 -31.31 26.46 11.48
C ALA A 998 -32.80 26.24 11.67
N ALA A 999 -33.24 25.00 11.48
CA ALA A 999 -34.65 24.71 11.67
C ALA A 999 -35.07 24.93 13.12
N GLU A 1000 -34.25 24.46 14.07
CA GLU A 1000 -34.59 24.66 15.46
C GLU A 1000 -34.66 26.14 15.80
N ILE A 1001 -33.67 26.92 15.35
CA ILE A 1001 -33.66 28.34 15.61
C ILE A 1001 -34.88 29.00 14.97
N ARG A 1002 -35.28 28.52 13.80
CA ARG A 1002 -36.49 29.02 13.16
C ARG A 1002 -37.69 28.86 14.08
N ALA A 1003 -37.90 27.65 14.60
CA ALA A 1003 -39.06 27.43 15.46
C ALA A 1003 -39.00 28.34 16.68
N SER A 1004 -37.84 28.40 17.33
CA SER A 1004 -37.71 29.23 18.52
C SER A 1004 -38.01 30.68 18.20
N ALA A 1005 -37.52 31.18 17.07
CA ALA A 1005 -37.64 32.59 16.77
C ALA A 1005 -39.05 32.96 16.34
N ASN A 1006 -39.73 32.07 15.63
CA ASN A 1006 -41.14 32.33 15.34
C ASN A 1006 -41.93 32.38 16.64
N LEU A 1007 -41.62 31.48 17.58
CA LEU A 1007 -42.19 31.62 18.91
C LEU A 1007 -41.86 32.98 19.50
N ALA A 1008 -40.64 33.47 19.25
CA ALA A 1008 -40.23 34.75 19.79
C ALA A 1008 -41.10 35.88 19.25
N ALA A 1009 -41.33 35.88 17.95
CA ALA A 1009 -42.18 36.91 17.36
C ALA A 1009 -43.60 36.82 17.92
N THR A 1010 -44.10 35.60 18.08
CA THR A 1010 -45.45 35.45 18.61
C THR A 1010 -45.54 36.00 20.02
N LYS A 1011 -44.53 35.70 20.85
CA LYS A 1011 -44.50 36.23 22.21
C LYS A 1011 -44.41 37.75 22.19
N MET A 1012 -43.65 38.30 21.25
CA MET A 1012 -43.55 39.75 21.12
C MET A 1012 -44.91 40.37 20.86
N SER A 1013 -45.64 39.80 19.92
CA SER A 1013 -46.90 40.42 19.51
C SER A 1013 -48.01 40.19 20.53
N GLU A 1014 -48.01 39.02 21.17
CA GLU A 1014 -49.16 38.66 22.01
C GLU A 1014 -49.00 39.18 23.43
N CYS A 1015 -47.78 39.29 23.92
CA CYS A 1015 -47.56 39.71 25.30
C CYS A 1015 -47.30 41.20 25.43
N VAL A 1016 -46.25 41.71 24.78
CA VAL A 1016 -45.86 43.10 24.97
C VAL A 1016 -46.94 44.04 24.46
N LEU A 1017 -47.42 43.81 23.23
CA LEU A 1017 -48.36 44.73 22.64
C LEU A 1017 -49.70 44.72 23.35
N GLY A 1018 -50.18 43.56 23.75
CA GLY A 1018 -51.53 43.44 24.29
C GLY A 1018 -51.58 42.55 25.50
N GLN A 1019 -52.51 42.87 26.40
CA GLN A 1019 -52.81 41.99 27.52
C GLN A 1019 -53.49 40.74 27.01
N SER A 1020 -52.94 39.58 27.33
CA SER A 1020 -53.45 38.31 26.81
C SER A 1020 -54.23 37.58 27.88
N LYS A 1021 -55.44 37.17 27.53
CA LYS A 1021 -56.20 36.30 28.43
C LYS A 1021 -55.70 34.87 28.39
N ARG A 1022 -54.86 34.54 27.42
CA ARG A 1022 -54.32 33.19 27.35
C ARG A 1022 -53.38 32.95 28.52
N VAL A 1023 -53.58 31.84 29.20
CA VAL A 1023 -52.89 31.56 30.45
C VAL A 1023 -51.60 30.81 30.16
N ASP A 1024 -50.53 31.23 30.82
CA ASP A 1024 -49.21 30.60 30.89
C ASP A 1024 -48.40 30.94 29.64
N PHE A 1025 -49.01 31.53 28.62
CA PHE A 1025 -48.24 31.88 27.43
C PHE A 1025 -47.24 32.98 27.71
N CYS A 1026 -47.66 34.02 28.42
CA CYS A 1026 -46.74 35.11 28.76
C CYS A 1026 -46.05 34.86 30.09
N GLY A 1027 -46.81 34.72 31.16
CA GLY A 1027 -46.25 34.43 32.45
C GLY A 1027 -47.21 33.61 33.26
N LYS A 1028 -46.69 33.03 34.33
CA LYS A 1028 -47.54 32.23 35.20
C LYS A 1028 -48.63 33.12 35.77
N GLY A 1029 -49.81 32.54 35.96
CA GLY A 1029 -50.94 33.29 36.47
C GLY A 1029 -51.44 34.31 35.46
N TYR A 1030 -52.40 35.12 35.92
CA TYR A 1030 -53.00 36.12 35.07
C TYR A 1030 -51.94 37.13 34.63
N HIS A 1031 -52.10 37.66 33.41
CA HIS A 1031 -51.07 38.49 32.78
C HIS A 1031 -51.43 39.97 32.87
N LEU A 1032 -50.51 40.77 33.41
CA LEU A 1032 -50.67 42.21 33.35
C LEU A 1032 -50.01 42.81 32.11
N MET A 1033 -48.69 42.64 31.98
CA MET A 1033 -48.03 43.17 30.80
C MET A 1033 -46.66 42.56 30.67
N SER A 1034 -45.89 43.08 29.72
CA SER A 1034 -44.61 42.48 29.34
C SER A 1034 -43.63 43.58 28.99
N PHE A 1035 -42.35 43.22 28.97
CA PHE A 1035 -41.30 44.12 28.55
C PHE A 1035 -40.17 43.34 27.89
N PRO A 1036 -39.68 43.82 26.78
CA PRO A 1036 -38.55 43.15 26.13
C PRO A 1036 -37.21 43.72 26.53
N GLN A 1037 -36.17 42.90 26.43
CA GLN A 1037 -34.79 43.36 26.54
C GLN A 1037 -33.95 42.59 25.56
N ALA A 1038 -33.32 43.31 24.63
CA ALA A 1038 -32.43 42.67 23.69
C ALA A 1038 -31.20 42.12 24.41
N ALA A 1039 -30.78 40.94 24.00
CA ALA A 1039 -29.56 40.32 24.50
C ALA A 1039 -28.82 39.76 23.30
N PRO A 1040 -27.53 39.56 23.40
CA PRO A 1040 -26.78 39.00 22.28
C PRO A 1040 -27.46 37.75 21.71
N HIS A 1041 -27.84 37.83 20.44
CA HIS A 1041 -28.41 36.72 19.67
C HIS A 1041 -29.84 36.39 20.06
N GLY A 1042 -30.41 37.07 21.04
CA GLY A 1042 -31.73 36.62 21.49
C GLY A 1042 -32.46 37.70 22.27
N VAL A 1043 -33.60 37.30 22.82
CA VAL A 1043 -34.47 38.22 23.52
C VAL A 1043 -34.68 37.70 24.93
N VAL A 1044 -34.80 38.61 25.88
CA VAL A 1044 -35.14 38.28 27.26
C VAL A 1044 -36.39 39.05 27.63
N PHE A 1045 -37.46 38.32 27.90
CA PHE A 1045 -38.72 38.91 28.30
C PHE A 1045 -38.75 39.05 29.81
N LEU A 1046 -39.36 40.12 30.27
CA LEU A 1046 -39.81 40.24 31.65
C LEU A 1046 -41.34 40.30 31.62
N HIS A 1047 -41.97 39.55 32.51
CA HIS A 1047 -43.41 39.49 32.57
C HIS A 1047 -43.89 40.07 33.89
N VAL A 1048 -44.78 41.05 33.83
CA VAL A 1048 -45.44 41.55 35.02
C VAL A 1048 -46.78 40.83 35.11
N THR A 1049 -46.92 40.01 36.16
CA THR A 1049 -48.03 39.09 36.30
C THR A 1049 -48.67 39.28 37.67
N TYR A 1050 -49.92 38.84 37.78
CA TYR A 1050 -50.71 39.01 38.99
C TYR A 1050 -50.86 37.65 39.66
N VAL A 1051 -50.68 37.58 40.97
CA VAL A 1051 -50.77 36.32 41.69
C VAL A 1051 -51.57 36.55 42.99
N PRO A 1052 -52.70 35.90 43.17
CA PRO A 1052 -53.45 36.04 44.42
C PRO A 1052 -52.81 35.22 45.52
N SER A 1053 -53.25 35.48 46.75
CA SER A 1053 -52.72 34.78 47.93
C SER A 1053 -53.59 35.14 49.12
N GLN A 1054 -53.15 34.65 50.29
CA GLN A 1054 -53.86 34.83 51.56
C GLN A 1054 -55.27 34.25 51.48
N GLU A 1055 -55.32 32.92 51.35
CA GLU A 1055 -56.58 32.23 51.19
C GLU A 1055 -57.47 32.40 52.41
N ARG A 1056 -58.78 32.34 52.18
CA ARG A 1056 -59.76 32.32 53.25
C ARG A 1056 -60.94 31.45 52.82
N ASN A 1057 -61.36 30.55 53.71
CA ASN A 1057 -62.58 29.79 53.48
C ASN A 1057 -63.78 30.72 53.60
N PHE A 1058 -64.86 30.34 52.93
CA PHE A 1058 -66.13 31.01 53.13
C PHE A 1058 -67.25 30.03 52.79
N THR A 1059 -68.39 30.22 53.43
CA THR A 1059 -69.56 29.43 53.15
C THR A 1059 -70.35 30.06 52.01
N THR A 1060 -70.63 29.25 50.99
CA THR A 1060 -71.26 29.73 49.77
C THR A 1060 -72.41 28.82 49.37
N ALA A 1061 -73.32 29.39 48.58
CA ALA A 1061 -74.43 28.67 48.00
C ALA A 1061 -74.59 29.10 46.55
N PRO A 1062 -75.07 28.21 45.68
CA PRO A 1062 -75.17 28.58 44.26
C PRO A 1062 -76.06 29.77 44.01
N ALA A 1063 -77.17 29.90 44.74
CA ALA A 1063 -78.12 30.97 44.47
C ALA A 1063 -78.91 31.27 45.72
N ILE A 1064 -79.75 32.30 45.62
CA ILE A 1064 -80.50 32.82 46.75
C ILE A 1064 -81.98 32.82 46.40
N CYS A 1065 -82.78 32.24 47.29
CA CYS A 1065 -84.23 32.30 47.19
C CYS A 1065 -84.72 33.52 47.94
N HIS A 1066 -85.26 34.50 47.22
CA HIS A 1066 -85.57 35.78 47.85
C HIS A 1066 -86.97 35.82 48.45
N GLU A 1067 -87.99 35.69 47.61
CA GLU A 1067 -89.38 35.72 48.05
C GLU A 1067 -90.14 34.57 47.38
N GLY A 1068 -89.54 33.39 47.44
CA GLY A 1068 -90.02 32.28 46.65
C GLY A 1068 -89.57 32.31 45.21
N LYS A 1069 -88.73 33.28 44.84
CA LYS A 1069 -88.24 33.44 43.49
C LYS A 1069 -86.72 33.45 43.51
N ALA A 1070 -86.12 32.56 42.74
CA ALA A 1070 -84.67 32.41 42.75
C ALA A 1070 -84.00 33.60 42.09
N TYR A 1071 -82.77 33.87 42.50
CA TYR A 1071 -81.97 34.94 41.91
C TYR A 1071 -80.59 34.40 41.59
N PHE A 1072 -80.01 34.85 40.50
CA PHE A 1072 -78.67 34.42 40.25
C PHE A 1072 -77.72 35.60 40.22
N PRO A 1073 -76.60 35.50 40.93
CA PRO A 1073 -75.62 36.58 40.92
C PRO A 1073 -74.90 36.64 39.59
N ARG A 1074 -74.57 37.85 39.18
CA ARG A 1074 -73.90 38.11 37.92
C ARG A 1074 -72.47 38.56 38.19
N GLU A 1075 -71.54 38.07 37.37
CA GLU A 1075 -70.10 38.35 37.47
C GLU A 1075 -69.59 38.29 38.91
N GLY A 1076 -70.16 37.39 39.71
CA GLY A 1076 -69.77 37.30 41.10
C GLY A 1076 -70.24 36.02 41.73
N VAL A 1077 -69.71 35.75 42.92
CA VAL A 1077 -70.07 34.57 43.70
C VAL A 1077 -70.64 35.02 45.02
N PHE A 1078 -71.70 34.34 45.46
CA PHE A 1078 -72.25 34.56 46.79
C PHE A 1078 -71.31 34.01 47.85
N VAL A 1079 -71.25 34.69 48.99
CA VAL A 1079 -70.41 34.32 50.11
C VAL A 1079 -71.16 34.59 51.40
N PHE A 1080 -70.72 33.96 52.48
CA PHE A 1080 -71.29 34.18 53.81
C PHE A 1080 -70.15 34.32 54.79
N ASN A 1081 -70.03 35.50 55.42
CA ASN A 1081 -68.90 35.72 56.29
C ASN A 1081 -69.12 35.17 57.69
N GLY A 1082 -70.34 34.73 58.00
CA GLY A 1082 -70.72 34.34 59.33
C GLY A 1082 -71.93 35.06 59.87
N THR A 1083 -72.18 36.29 59.43
CA THR A 1083 -73.34 37.05 59.87
C THR A 1083 -74.41 37.17 58.81
N SER A 1084 -74.04 37.55 57.60
CA SER A 1084 -75.00 37.70 56.51
C SER A 1084 -74.26 37.46 55.20
N TRP A 1085 -75.04 37.27 54.15
CA TRP A 1085 -74.46 36.92 52.86
C TRP A 1085 -74.09 38.16 52.07
N PHE A 1086 -73.24 37.96 51.06
CA PHE A 1086 -72.63 39.04 50.30
C PHE A 1086 -72.26 38.53 48.92
N ILE A 1087 -71.89 39.47 48.06
CA ILE A 1087 -71.46 39.17 46.71
C ILE A 1087 -70.02 39.64 46.54
N THR A 1088 -69.19 38.83 45.91
CA THR A 1088 -67.82 39.26 45.68
C THR A 1088 -67.25 38.59 44.44
N GLN A 1089 -66.20 39.22 43.90
CA GLN A 1089 -65.48 38.70 42.75
C GLN A 1089 -64.50 37.62 43.17
N ARG A 1090 -63.82 37.06 42.19
CA ARG A 1090 -63.02 35.86 42.44
C ARG A 1090 -61.71 36.20 43.16
N ASN A 1091 -61.06 37.29 42.79
CA ASN A 1091 -59.66 37.46 43.16
C ASN A 1091 -59.40 38.61 44.12
N PHE A 1092 -60.43 39.14 44.78
CA PHE A 1092 -60.24 40.11 45.84
C PHE A 1092 -61.49 40.16 46.69
N PHE A 1093 -61.37 39.71 47.94
CA PHE A 1093 -62.52 39.55 48.81
C PHE A 1093 -63.08 40.92 49.17
N SER A 1094 -64.20 41.28 48.56
CA SER A 1094 -64.85 42.54 48.83
C SER A 1094 -66.36 42.31 48.88
N PRO A 1095 -66.98 42.41 50.04
CA PRO A 1095 -68.42 42.15 50.14
C PRO A 1095 -69.27 43.34 49.71
N GLN A 1096 -70.30 43.09 48.92
CA GLN A 1096 -71.26 44.10 48.54
C GLN A 1096 -72.66 43.60 48.85
N ILE A 1097 -73.55 44.55 49.15
CA ILE A 1097 -74.93 44.19 49.43
C ILE A 1097 -75.57 43.63 48.16
N ILE A 1098 -76.26 42.50 48.30
CA ILE A 1098 -76.89 41.88 47.16
C ILE A 1098 -78.03 42.76 46.68
N THR A 1099 -77.99 43.16 45.41
CA THR A 1099 -78.93 44.13 44.89
C THR A 1099 -79.54 43.59 43.61
N THR A 1100 -80.63 44.23 43.20
CA THR A 1100 -81.34 43.79 42.01
C THR A 1100 -80.45 43.85 40.78
N ASP A 1101 -79.68 44.92 40.63
CA ASP A 1101 -78.74 44.99 39.51
C ASP A 1101 -77.68 43.89 39.62
N ASN A 1102 -77.26 43.57 40.83
CA ASN A 1102 -76.21 42.58 41.02
C ASN A 1102 -76.65 41.17 40.68
N THR A 1103 -77.94 40.94 40.48
CA THR A 1103 -78.45 39.63 40.14
C THR A 1103 -79.44 39.74 39.01
N PHE A 1104 -79.98 38.60 38.60
CA PHE A 1104 -81.16 38.57 37.73
C PHE A 1104 -82.02 37.37 38.10
N VAL A 1105 -83.34 37.54 37.98
CA VAL A 1105 -84.30 36.52 38.37
C VAL A 1105 -84.45 35.53 37.23
N SER A 1106 -84.50 34.24 37.56
CA SER A 1106 -84.62 33.20 36.55
C SER A 1106 -85.08 31.91 37.20
N GLY A 1107 -86.30 31.49 36.85
CA GLY A 1107 -86.83 30.23 37.34
C GLY A 1107 -87.32 30.31 38.78
N SER A 1108 -88.08 29.30 39.16
CA SER A 1108 -88.59 29.20 40.51
C SER A 1108 -87.48 28.73 41.46
N CYS A 1109 -87.73 28.90 42.76
CA CYS A 1109 -86.74 28.56 43.76
C CYS A 1109 -86.48 27.05 43.81
N ASP A 1110 -87.54 26.25 43.65
CA ASP A 1110 -87.45 24.83 43.95
C ASP A 1110 -86.41 24.13 43.08
N VAL A 1111 -86.34 24.47 41.80
CA VAL A 1111 -85.50 23.72 40.87
C VAL A 1111 -84.04 23.81 41.26
N VAL A 1112 -83.66 24.88 41.97
CA VAL A 1112 -82.25 25.10 42.27
C VAL A 1112 -81.80 24.17 43.38
N ILE A 1113 -80.66 23.54 43.17
CA ILE A 1113 -80.07 22.64 44.16
C ILE A 1113 -79.23 23.47 45.13
N GLY A 1114 -79.48 23.27 46.42
CA GLY A 1114 -78.71 23.94 47.44
C GLY A 1114 -79.01 25.42 47.60
N ILE A 1115 -80.04 25.93 46.93
CA ILE A 1115 -80.38 27.33 47.10
C ILE A 1115 -80.79 27.56 48.54
N ILE A 1116 -80.55 28.77 49.03
CA ILE A 1116 -80.75 29.12 50.43
C ILE A 1116 -81.68 30.31 50.52
N ASN A 1117 -82.20 30.56 51.71
CA ASN A 1117 -83.06 31.71 51.91
C ASN A 1117 -82.25 32.93 52.30
N ASN A 1118 -82.69 34.08 51.81
CA ASN A 1118 -82.05 35.36 52.10
C ASN A 1118 -82.96 36.46 51.60
N THR A 1119 -82.46 37.69 51.67
CA THR A 1119 -83.16 38.84 51.13
C THR A 1119 -82.22 39.66 50.25
N VAL A 1120 -82.75 40.19 49.16
CA VAL A 1120 -82.01 41.09 48.29
C VAL A 1120 -82.46 42.51 48.58
N TYR A 1121 -81.50 43.37 48.93
CA TYR A 1121 -81.83 44.76 49.17
C TYR A 1121 -82.11 45.46 47.85
N ASP A 1122 -83.17 46.26 47.84
CA ASP A 1122 -83.54 47.03 46.65
C ASP A 1122 -83.26 48.51 46.93
N PRO A 1123 -82.29 49.12 46.26
CA PRO A 1123 -81.92 50.51 46.61
C PRO A 1123 -83.05 51.51 46.50
N LEU A 1124 -83.92 51.38 45.49
CA LEU A 1124 -84.96 52.39 45.32
C LEU A 1124 -86.15 52.14 46.24
N GLN A 1125 -86.23 50.95 46.85
CA GLN A 1125 -87.37 50.63 47.69
C GLN A 1125 -87.55 51.57 48.88
N PRO A 1126 -86.51 51.90 49.66
CA PRO A 1126 -86.75 52.79 50.82
C PRO A 1126 -87.37 54.12 50.44
N GLU A 1127 -87.02 54.67 49.29
CA GLU A 1127 -87.61 55.91 48.83
C GLU A 1127 -88.76 55.62 47.86
N LYS B 19 -29.52 -61.33 -19.79
CA LYS B 19 -30.90 -61.11 -19.37
C LYS B 19 -31.56 -60.01 -20.18
N CYS B 20 -31.46 -58.78 -19.68
CA CYS B 20 -32.08 -57.59 -20.28
C CYS B 20 -33.58 -57.84 -20.49
N LEU B 21 -34.25 -58.10 -19.37
CA LEU B 21 -35.69 -58.32 -19.43
C LEU B 21 -36.40 -57.04 -19.85
N ASP B 22 -37.23 -57.16 -20.89
CA ASP B 22 -37.94 -56.03 -21.47
C ASP B 22 -39.39 -56.42 -21.69
N PHE B 23 -40.27 -55.43 -21.65
CA PHE B 23 -41.70 -55.64 -21.79
C PHE B 23 -42.18 -55.14 -23.15
N ASP B 24 -42.99 -55.96 -23.81
CA ASP B 24 -43.56 -55.59 -25.10
C ASP B 24 -44.64 -54.52 -24.88
N ASP B 25 -44.28 -53.27 -25.15
CA ASP B 25 -45.19 -52.14 -25.01
C ASP B 25 -45.73 -52.02 -23.58
N ARG B 26 -44.84 -51.69 -22.65
CA ARG B 26 -45.30 -51.23 -21.35
C ARG B 26 -46.17 -49.99 -21.55
N THR B 27 -47.28 -49.94 -20.84
CA THR B 27 -48.28 -48.91 -21.11
C THR B 27 -47.73 -47.52 -20.77
N PRO B 28 -48.17 -46.48 -21.49
CA PRO B 28 -47.67 -45.15 -21.18
C PRO B 28 -48.27 -44.62 -19.89
N PRO B 29 -47.57 -43.72 -19.19
CA PRO B 29 -48.17 -43.07 -18.02
C PRO B 29 -49.38 -42.18 -18.36
N ALA B 30 -49.48 -41.73 -19.60
CA ALA B 30 -50.60 -40.98 -20.21
C ALA B 30 -50.68 -39.52 -19.79
N ASN B 31 -49.83 -39.05 -18.88
CA ASN B 31 -49.59 -37.62 -18.68
C ASN B 31 -50.87 -36.83 -18.34
N THR B 32 -51.52 -37.19 -17.23
CA THR B 32 -52.61 -36.36 -16.74
C THR B 32 -52.03 -35.14 -16.04
N GLN B 33 -52.79 -34.05 -16.03
CA GLN B 33 -52.34 -32.81 -15.41
C GLN B 33 -53.22 -32.46 -14.23
N PHE B 34 -52.59 -32.14 -13.10
CA PHE B 34 -53.31 -31.65 -11.93
C PHE B 34 -52.60 -30.43 -11.37
N LEU B 35 -53.37 -29.49 -10.82
CA LEU B 35 -52.75 -28.30 -10.27
C LEU B 35 -52.12 -28.61 -8.92
N SER B 36 -50.87 -28.16 -8.75
CA SER B 36 -50.12 -28.49 -7.54
C SER B 36 -50.74 -27.87 -6.29
N SER B 37 -51.01 -26.58 -6.34
CA SER B 37 -51.40 -25.78 -5.17
C SER B 37 -50.29 -25.90 -4.13
N HIS B 38 -50.59 -26.21 -2.87
CA HIS B 38 -49.64 -25.96 -1.80
C HIS B 38 -48.61 -27.09 -1.65
N ARG B 39 -48.85 -28.22 -2.30
CA ARG B 39 -47.83 -29.26 -2.26
C ARG B 39 -46.60 -28.83 -3.05
N GLY B 40 -45.44 -29.28 -2.60
CA GLY B 40 -44.17 -28.90 -3.19
C GLY B 40 -43.28 -28.00 -2.36
N VAL B 41 -43.20 -28.21 -1.04
CA VAL B 41 -42.37 -27.39 -0.16
C VAL B 41 -41.45 -28.31 0.63
N TYR B 42 -40.17 -27.97 0.67
CA TYR B 42 -39.18 -28.65 1.50
C TYR B 42 -38.42 -27.62 2.31
N TYR B 43 -37.87 -28.07 3.44
CA TYR B 43 -37.12 -27.17 4.30
C TYR B 43 -35.89 -26.63 3.56
N PRO B 44 -35.57 -25.35 3.71
CA PRO B 44 -34.48 -24.78 2.91
C PRO B 44 -33.10 -25.13 3.42
N ASP B 45 -32.93 -25.17 4.74
CA ASP B 45 -31.61 -25.37 5.33
C ASP B 45 -31.81 -25.87 6.75
N ASP B 46 -30.74 -25.84 7.55
CA ASP B 46 -30.76 -26.44 8.87
C ASP B 46 -30.98 -25.42 9.99
N ILE B 47 -31.38 -24.20 9.64
CA ILE B 47 -31.48 -23.13 10.61
C ILE B 47 -32.88 -23.11 11.20
N PHE B 48 -32.98 -23.27 12.51
CA PHE B 48 -34.26 -23.26 13.20
C PHE B 48 -34.70 -21.83 13.46
N ARG B 49 -35.98 -21.56 13.26
CA ARG B 49 -36.57 -20.26 13.55
C ARG B 49 -37.91 -20.46 14.23
N SER B 50 -38.25 -19.53 15.13
CA SER B 50 -39.46 -19.67 15.93
C SER B 50 -40.38 -18.48 15.71
N ASN B 51 -41.60 -18.76 15.26
CA ASN B 51 -42.67 -17.77 15.12
C ASN B 51 -42.16 -16.52 14.43
N VAL B 52 -41.38 -16.71 13.37
CA VAL B 52 -40.90 -15.62 12.55
C VAL B 52 -41.18 -15.96 11.10
N LEU B 53 -41.18 -14.93 10.27
CA LEU B 53 -41.56 -15.04 8.88
C LEU B 53 -40.33 -14.77 8.02
N HIS B 54 -40.22 -15.48 6.90
CA HIS B 54 -38.96 -15.53 6.16
C HIS B 54 -39.18 -15.65 4.65
N LEU B 55 -38.37 -14.89 3.91
CA LEU B 55 -38.26 -14.99 2.46
C LEU B 55 -37.06 -15.87 2.10
N VAL B 56 -37.29 -16.88 1.25
CA VAL B 56 -36.20 -17.69 0.74
C VAL B 56 -36.50 -18.06 -0.71
N GLN B 57 -35.46 -18.02 -1.53
CA GLN B 57 -35.60 -18.25 -2.97
C GLN B 57 -34.88 -19.54 -3.34
N ASP B 58 -35.57 -20.41 -4.07
CA ASP B 58 -34.99 -21.68 -4.48
C ASP B 58 -35.88 -22.33 -5.52
N HIS B 59 -35.43 -23.47 -6.03
CA HIS B 59 -36.22 -24.26 -6.96
C HIS B 59 -37.36 -24.94 -6.22
N PHE B 60 -38.50 -24.26 -6.17
CA PHE B 60 -39.66 -24.78 -5.48
C PHE B 60 -40.70 -25.16 -6.53
N LEU B 61 -41.69 -25.89 -6.10
CA LEU B 61 -42.74 -26.27 -7.01
C LEU B 61 -43.73 -25.12 -7.11
N PRO B 62 -43.83 -24.45 -8.25
CA PRO B 62 -44.73 -23.31 -8.36
C PRO B 62 -46.16 -23.75 -8.11
N PHE B 63 -46.90 -22.89 -7.40
CA PHE B 63 -48.26 -23.24 -6.99
C PHE B 63 -49.14 -23.50 -8.19
N ASP B 64 -49.95 -24.55 -8.09
CA ASP B 64 -51.03 -24.83 -9.02
C ASP B 64 -50.52 -24.98 -10.45
N SER B 65 -49.27 -25.43 -10.58
CA SER B 65 -48.75 -25.75 -11.89
C SER B 65 -49.28 -27.10 -12.34
N ASN B 66 -49.28 -27.33 -13.66
CA ASN B 66 -49.62 -28.64 -14.16
C ASN B 66 -48.64 -29.66 -13.62
N VAL B 67 -49.18 -30.76 -13.10
CA VAL B 67 -48.42 -31.83 -12.48
C VAL B 67 -48.75 -33.10 -13.24
N THR B 68 -47.71 -33.80 -13.69
CA THR B 68 -47.91 -34.97 -14.51
C THR B 68 -48.15 -36.20 -13.64
N ARG B 69 -49.33 -36.77 -13.78
CA ARG B 69 -49.73 -37.99 -13.11
C ARG B 69 -49.33 -39.17 -13.97
N PHE B 70 -48.32 -39.91 -13.53
CA PHE B 70 -47.84 -41.06 -14.26
C PHE B 70 -48.55 -42.27 -13.67
N ILE B 71 -49.45 -42.85 -14.45
CA ILE B 71 -50.38 -43.87 -13.98
C ILE B 71 -49.86 -45.24 -14.39
N THR B 72 -49.75 -46.13 -13.41
CA THR B 72 -49.75 -47.56 -13.64
C THR B 72 -50.91 -48.13 -12.84
N PHE B 73 -51.86 -48.73 -13.53
CA PHE B 73 -53.10 -49.17 -12.91
C PHE B 73 -53.60 -50.43 -13.60
N GLY B 74 -53.66 -51.53 -12.85
CA GLY B 74 -54.17 -52.77 -13.41
C GLY B 74 -53.33 -53.20 -14.60
N LEU B 75 -53.93 -53.12 -15.79
CA LEU B 75 -53.20 -53.44 -17.01
C LEU B 75 -52.14 -52.38 -17.31
N ASN B 76 -52.37 -51.16 -16.83
CA ASN B 76 -51.41 -50.09 -17.06
C ASN B 76 -50.14 -50.33 -16.28
N PHE B 77 -49.01 -50.44 -17.00
CA PHE B 77 -47.70 -50.50 -16.39
C PHE B 77 -46.75 -49.63 -17.19
N ASP B 78 -46.17 -48.62 -16.55
CA ASP B 78 -45.26 -47.70 -17.19
C ASP B 78 -43.90 -47.76 -16.51
N ASN B 79 -42.85 -47.99 -17.28
CA ASN B 79 -41.46 -47.87 -16.83
C ASN B 79 -40.74 -46.97 -17.82
N PRO B 80 -41.13 -45.70 -17.89
CA PRO B 80 -40.71 -44.86 -19.01
C PRO B 80 -39.37 -44.19 -18.74
N ILE B 81 -38.73 -43.79 -19.83
CA ILE B 81 -37.56 -42.93 -19.75
C ILE B 81 -38.02 -41.57 -19.26
N ILE B 82 -37.49 -41.13 -18.12
CA ILE B 82 -37.93 -39.92 -17.45
C ILE B 82 -36.74 -38.98 -17.37
N PRO B 83 -36.71 -37.90 -18.15
CA PRO B 83 -35.59 -36.96 -18.06
C PRO B 83 -35.56 -36.25 -16.72
N PHE B 84 -34.43 -36.36 -16.03
CA PHE B 84 -34.25 -35.79 -14.70
C PHE B 84 -33.77 -34.35 -14.84
N LYS B 85 -34.68 -33.40 -14.63
CA LYS B 85 -34.38 -31.99 -14.80
C LYS B 85 -34.59 -31.24 -13.49
N ASP B 86 -33.49 -30.82 -12.87
CA ASP B 86 -33.51 -29.79 -11.84
C ASP B 86 -34.36 -30.19 -10.64
N GLY B 87 -34.26 -31.45 -10.24
CA GLY B 87 -35.02 -31.94 -9.11
C GLY B 87 -36.50 -32.03 -9.40
N ILE B 88 -37.17 -32.89 -8.64
CA ILE B 88 -38.57 -33.21 -8.87
C ILE B 88 -39.31 -33.22 -7.54
N TYR B 89 -40.52 -32.67 -7.54
CA TYR B 89 -41.47 -32.91 -6.46
C TYR B 89 -42.14 -34.23 -6.78
N PHE B 90 -41.45 -35.33 -6.55
CA PHE B 90 -41.95 -36.65 -6.86
C PHE B 90 -42.95 -37.07 -5.80
N ALA B 91 -44.22 -37.01 -6.14
CA ALA B 91 -45.28 -37.54 -5.30
C ALA B 91 -45.57 -38.96 -5.76
N ALA B 92 -46.01 -39.80 -4.84
CA ALA B 92 -46.45 -41.15 -5.17
C ALA B 92 -47.69 -41.46 -4.37
N THR B 93 -48.72 -41.99 -5.05
CA THR B 93 -49.94 -42.48 -4.41
C THR B 93 -50.20 -43.88 -4.95
N GLU B 94 -49.54 -44.87 -4.35
CA GLU B 94 -49.52 -46.23 -4.86
C GLU B 94 -49.72 -47.20 -3.72
N LYS B 95 -50.80 -47.97 -3.79
CA LYS B 95 -51.11 -48.92 -2.73
C LYS B 95 -50.02 -49.97 -2.58
N SER B 96 -49.49 -50.46 -3.70
CA SER B 96 -48.41 -51.44 -3.62
C SER B 96 -47.06 -50.79 -3.34
N ASN B 97 -46.99 -49.46 -3.35
CA ASN B 97 -45.71 -48.74 -3.36
C ASN B 97 -44.79 -49.33 -4.43
N VAL B 98 -45.31 -49.39 -5.65
CA VAL B 98 -44.73 -50.21 -6.69
C VAL B 98 -43.28 -49.81 -6.97
N ILE B 99 -43.00 -48.52 -6.91
CA ILE B 99 -41.64 -48.05 -7.23
C ILE B 99 -40.75 -48.32 -6.05
N ARG B 100 -40.10 -49.48 -6.05
CA ARG B 100 -39.13 -49.77 -5.00
C ARG B 100 -37.84 -49.01 -5.23
N GLY B 101 -37.47 -48.80 -6.49
CA GLY B 101 -36.18 -48.23 -6.81
C GLY B 101 -36.23 -46.93 -7.59
N TRP B 102 -35.13 -46.19 -7.58
CA TRP B 102 -35.03 -44.91 -8.25
C TRP B 102 -33.62 -44.79 -8.79
N VAL B 103 -33.50 -44.73 -10.12
CA VAL B 103 -32.21 -44.79 -10.81
C VAL B 103 -31.96 -43.43 -11.44
N PHE B 104 -31.06 -42.66 -10.85
CA PHE B 104 -30.67 -41.37 -11.40
C PHE B 104 -29.72 -41.62 -12.58
N GLY B 105 -30.26 -42.29 -13.58
CA GLY B 105 -29.50 -42.74 -14.72
C GLY B 105 -29.65 -41.86 -15.93
N SER B 106 -28.55 -41.21 -16.33
CA SER B 106 -28.58 -40.32 -17.49
C SER B 106 -28.85 -41.10 -18.77
N THR B 107 -28.22 -42.26 -18.92
CA THR B 107 -28.25 -42.98 -20.19
C THR B 107 -28.58 -44.45 -20.06
N MET B 108 -28.56 -45.03 -18.86
CA MET B 108 -28.93 -46.42 -18.62
C MET B 108 -28.07 -47.38 -19.44
N ASN B 109 -26.79 -47.06 -19.59
CA ASN B 109 -25.90 -47.89 -20.37
C ASN B 109 -24.54 -48.09 -19.73
N ASN B 110 -24.40 -47.83 -18.44
CA ASN B 110 -23.20 -47.91 -17.61
C ASN B 110 -22.13 -46.92 -18.07
N LYS B 111 -22.40 -46.11 -19.10
CA LYS B 111 -21.43 -45.11 -19.52
C LYS B 111 -21.34 -43.98 -18.51
N SER B 112 -22.48 -43.52 -18.01
CA SER B 112 -22.55 -42.40 -17.09
C SER B 112 -22.83 -42.91 -15.69
N GLN B 113 -22.17 -42.28 -14.71
CA GLN B 113 -22.31 -42.73 -13.33
C GLN B 113 -23.70 -42.44 -12.80
N SER B 114 -24.38 -43.49 -12.34
CA SER B 114 -25.75 -43.39 -11.88
C SER B 114 -25.85 -43.93 -10.46
N VAL B 115 -27.06 -43.89 -9.90
CA VAL B 115 -27.31 -44.42 -8.56
C VAL B 115 -28.71 -45.01 -8.53
N ILE B 116 -28.85 -46.16 -7.89
CA ILE B 116 -30.14 -46.77 -7.62
C ILE B 116 -30.36 -46.72 -6.12
N ILE B 117 -31.29 -45.89 -5.68
CA ILE B 117 -31.82 -46.00 -4.33
C ILE B 117 -33.07 -46.88 -4.42
N MET B 118 -32.93 -48.14 -4.07
CA MET B 118 -34.05 -49.04 -4.19
C MET B 118 -34.53 -49.46 -2.81
N ASN B 119 -35.84 -49.61 -2.67
CA ASN B 119 -36.43 -50.23 -1.49
C ASN B 119 -36.46 -51.73 -1.75
N ASN B 120 -35.27 -52.25 -2.08
CA ASN B 120 -35.02 -53.68 -2.20
C ASN B 120 -35.72 -54.43 -1.06
N SER B 121 -36.42 -55.50 -1.44
CA SER B 121 -37.32 -56.17 -0.50
C SER B 121 -36.57 -56.67 0.73
N THR B 122 -35.41 -57.29 0.53
CA THR B 122 -34.65 -57.79 1.66
C THR B 122 -34.25 -56.65 2.58
N ASN B 123 -33.81 -55.53 1.99
CA ASN B 123 -33.38 -54.35 2.73
C ASN B 123 -33.22 -53.20 1.75
N LEU B 124 -33.71 -52.03 2.14
CA LEU B 124 -33.51 -50.84 1.32
C LEU B 124 -32.02 -50.56 1.19
N VAL B 125 -31.58 -50.35 -0.04
CA VAL B 125 -30.17 -50.26 -0.36
C VAL B 125 -29.93 -49.08 -1.29
N ILE B 126 -28.85 -48.35 -1.03
CA ILE B 126 -28.40 -47.26 -1.90
C ILE B 126 -27.15 -47.77 -2.59
N ARG B 127 -27.20 -47.89 -3.92
CA ARG B 127 -26.09 -48.41 -4.70
C ARG B 127 -25.80 -47.47 -5.85
N ALA B 128 -24.70 -46.72 -5.75
CA ALA B 128 -24.29 -45.81 -6.81
C ALA B 128 -23.25 -46.50 -7.68
N CYS B 129 -23.59 -46.77 -8.93
CA CYS B 129 -22.67 -47.45 -9.83
C CYS B 129 -23.05 -47.11 -11.26
N ASN B 130 -22.39 -47.80 -12.19
CA ASN B 130 -22.67 -47.62 -13.61
C ASN B 130 -23.55 -48.75 -14.12
N PHE B 131 -24.85 -48.50 -14.21
CA PHE B 131 -25.82 -49.55 -14.54
C PHE B 131 -26.17 -49.51 -16.03
N GLU B 132 -25.59 -50.43 -16.79
CA GLU B 132 -26.06 -50.67 -18.14
C GLU B 132 -27.46 -51.25 -18.08
N LEU B 133 -28.44 -50.48 -18.56
CA LEU B 133 -29.83 -50.85 -18.37
C LEU B 133 -30.55 -50.91 -19.70
N CYS B 134 -31.70 -51.57 -19.68
CA CYS B 134 -32.49 -51.75 -20.88
C CYS B 134 -33.71 -50.82 -20.84
N ASP B 135 -34.62 -51.01 -21.79
CA ASP B 135 -35.81 -50.17 -21.83
C ASP B 135 -36.66 -50.35 -20.58
N ASN B 136 -36.63 -51.54 -19.98
CA ASN B 136 -37.48 -51.84 -18.82
C ASN B 136 -36.90 -52.98 -17.99
N PRO B 137 -35.77 -52.76 -17.33
CA PRO B 137 -35.33 -53.71 -16.30
C PRO B 137 -36.14 -53.46 -15.02
N PHE B 138 -36.95 -54.44 -14.64
CA PHE B 138 -37.94 -54.27 -13.59
C PHE B 138 -37.64 -55.20 -12.43
N PHE B 139 -38.08 -54.80 -11.25
CA PHE B 139 -38.11 -55.75 -10.13
C PHE B 139 -39.10 -56.85 -10.46
N VAL B 140 -38.63 -58.09 -10.43
CA VAL B 140 -39.54 -59.19 -10.68
C VAL B 140 -40.23 -59.55 -9.38
N VAL B 141 -41.34 -58.88 -9.09
CA VAL B 141 -42.15 -59.19 -7.92
C VAL B 141 -43.46 -59.80 -8.40
N LEU B 142 -43.68 -61.07 -8.03
CA LEU B 142 -44.75 -61.85 -8.62
C LEU B 142 -46.12 -61.26 -8.29
N LYS B 143 -47.06 -61.49 -9.20
CA LYS B 143 -48.43 -61.02 -9.00
C LYS B 143 -49.16 -61.91 -8.01
N SER B 144 -49.73 -61.29 -6.97
CA SER B 144 -50.56 -61.95 -5.96
C SER B 144 -49.72 -62.81 -5.03
N ASN B 145 -48.43 -62.95 -5.33
CA ASN B 145 -47.51 -63.58 -4.38
C ASN B 145 -46.53 -62.55 -3.84
N ASN B 146 -46.16 -61.59 -4.67
CA ASN B 146 -45.43 -60.39 -4.23
C ASN B 146 -44.07 -60.73 -3.64
N THR B 147 -43.43 -61.77 -4.18
CA THR B 147 -42.09 -62.15 -3.78
C THR B 147 -41.11 -61.63 -4.83
N GLN B 148 -40.14 -60.82 -4.38
CA GLN B 148 -39.16 -60.28 -5.31
C GLN B 148 -38.27 -61.39 -5.87
N ILE B 149 -38.43 -61.67 -7.14
CA ILE B 149 -37.57 -62.59 -7.88
C ILE B 149 -36.37 -61.78 -8.37
N PRO B 150 -35.14 -62.21 -8.10
CA PRO B 150 -33.99 -61.37 -8.39
C PRO B 150 -33.83 -61.13 -9.88
N SER B 151 -34.04 -59.88 -10.29
CA SER B 151 -33.73 -59.42 -11.63
C SER B 151 -32.41 -58.66 -11.57
N TYR B 152 -31.76 -58.52 -12.71
CA TYR B 152 -30.56 -57.69 -12.78
C TYR B 152 -30.99 -56.24 -12.67
N ILE B 153 -30.98 -55.73 -11.44
CA ILE B 153 -31.25 -54.31 -11.23
C ILE B 153 -30.26 -53.49 -12.03
N PHE B 154 -29.00 -53.91 -12.04
CA PHE B 154 -28.05 -53.52 -13.06
C PHE B 154 -27.78 -54.74 -13.92
N ASN B 155 -27.81 -54.56 -15.24
CA ASN B 155 -27.33 -55.63 -16.11
C ASN B 155 -25.81 -55.70 -16.06
N ASN B 156 -25.17 -54.58 -15.75
CA ASN B 156 -23.72 -54.51 -15.56
C ASN B 156 -23.43 -53.27 -14.73
N ALA B 157 -22.39 -53.34 -13.90
CA ALA B 157 -22.03 -52.24 -13.00
C ALA B 157 -20.61 -52.42 -12.50
N PHE B 158 -19.76 -51.41 -12.71
CA PHE B 158 -18.34 -51.57 -12.42
C PHE B 158 -17.81 -50.59 -11.38
N ASN B 159 -18.02 -49.28 -11.51
CA ASN B 159 -17.44 -48.35 -10.53
C ASN B 159 -17.97 -48.63 -9.13
N CYS B 160 -19.28 -48.50 -8.94
CA CYS B 160 -19.94 -48.87 -7.69
C CYS B 160 -19.33 -48.14 -6.49
N THR B 161 -19.45 -46.81 -6.52
CA THR B 161 -18.75 -45.97 -5.55
C THR B 161 -19.34 -46.09 -4.16
N PHE B 162 -20.66 -45.97 -4.03
CA PHE B 162 -21.30 -45.75 -2.74
C PHE B 162 -22.34 -46.81 -2.46
N GLU B 163 -22.22 -47.47 -1.31
CA GLU B 163 -23.19 -48.45 -0.85
C GLU B 163 -23.67 -48.08 0.55
N TYR B 164 -24.97 -47.90 0.69
CA TYR B 164 -25.60 -47.57 1.95
C TYR B 164 -26.65 -48.61 2.30
N VAL B 165 -26.65 -49.03 3.56
CA VAL B 165 -27.63 -49.96 4.10
C VAL B 165 -28.41 -49.23 5.19
N SER B 166 -29.71 -49.06 4.96
CA SER B 166 -30.60 -48.46 5.95
C SER B 166 -31.06 -49.54 6.92
N LYS B 167 -32.06 -49.23 7.73
CA LYS B 167 -32.72 -50.28 8.49
C LYS B 167 -33.33 -51.28 7.53
N ASP B 168 -33.32 -52.55 7.92
CA ASP B 168 -33.84 -53.60 7.04
C ASP B 168 -35.29 -53.29 6.69
N PHE B 169 -35.50 -52.88 5.43
CA PHE B 169 -36.76 -52.28 5.03
C PHE B 169 -37.44 -53.16 4.01
N ASN B 170 -38.49 -53.84 4.44
CA ASN B 170 -39.35 -54.61 3.55
C ASN B 170 -40.54 -53.74 3.18
N LEU B 171 -40.53 -53.22 1.95
CA LEU B 171 -41.67 -52.44 1.49
C LEU B 171 -42.91 -53.33 1.41
N ASP B 172 -44.08 -52.70 1.36
CA ASP B 172 -45.32 -53.43 1.21
C ASP B 172 -45.42 -53.92 -0.24
N LEU B 173 -44.64 -54.95 -0.55
CA LEU B 173 -44.68 -55.54 -1.88
C LEU B 173 -46.08 -56.05 -2.19
N GLY B 174 -46.73 -56.70 -1.23
CA GLY B 174 -48.15 -56.98 -1.35
C GLY B 174 -48.94 -55.68 -1.31
N GLU B 175 -50.10 -55.71 -1.95
CA GLU B 175 -50.91 -54.50 -2.06
C GLU B 175 -51.33 -54.01 -0.68
N LYS B 176 -50.91 -52.79 -0.33
CA LYS B 176 -51.28 -52.16 0.92
C LYS B 176 -52.46 -51.23 0.68
N PRO B 177 -53.63 -51.53 1.23
CA PRO B 177 -54.86 -50.83 0.78
C PRO B 177 -54.93 -49.40 1.32
N GLY B 178 -55.14 -48.47 0.41
CA GLY B 178 -55.45 -47.10 0.77
C GLY B 178 -55.67 -46.30 -0.49
N ASN B 179 -56.79 -45.56 -0.52
CA ASN B 179 -57.24 -44.93 -1.77
C ASN B 179 -56.08 -44.27 -2.51
N PHE B 180 -55.49 -43.25 -1.91
CA PHE B 180 -54.16 -42.79 -2.30
C PHE B 180 -53.24 -42.78 -1.09
N LYS B 181 -53.51 -43.63 -0.10
CA LYS B 181 -52.96 -43.45 1.25
C LYS B 181 -51.44 -43.38 1.24
N ASP B 182 -50.79 -44.27 0.48
CA ASP B 182 -49.34 -44.31 0.49
C ASP B 182 -48.82 -43.07 -0.25
N LEU B 183 -49.01 -41.92 0.40
CA LEU B 183 -48.66 -40.64 -0.19
C LEU B 183 -47.21 -40.33 0.18
N ARG B 184 -46.28 -40.74 -0.66
CA ARG B 184 -44.86 -40.52 -0.43
C ARG B 184 -44.41 -39.33 -1.26
N GLU B 185 -44.09 -38.23 -0.59
CA GLU B 185 -43.56 -37.05 -1.25
C GLU B 185 -42.07 -37.00 -1.05
N PHE B 186 -41.32 -36.88 -2.14
CA PHE B 186 -39.88 -36.68 -2.08
C PHE B 186 -39.52 -35.50 -2.98
N VAL B 187 -38.83 -34.51 -2.40
CA VAL B 187 -38.05 -33.58 -3.17
C VAL B 187 -36.79 -34.35 -3.55
N PHE B 188 -36.75 -34.85 -4.78
CA PHE B 188 -35.62 -35.63 -5.29
C PHE B 188 -34.66 -34.69 -6.01
N ARG B 189 -34.25 -33.65 -5.30
CA ARG B 189 -33.42 -32.61 -5.88
C ARG B 189 -32.00 -32.81 -5.37
N ASN B 190 -31.18 -33.51 -6.14
CA ASN B 190 -29.75 -33.52 -5.87
C ASN B 190 -29.23 -32.09 -5.95
N LYS B 191 -28.53 -31.65 -4.92
CA LYS B 191 -28.09 -30.27 -4.81
C LYS B 191 -26.57 -30.25 -4.68
N ASP B 192 -25.91 -29.51 -5.58
CA ASP B 192 -24.46 -29.35 -5.55
C ASP B 192 -23.74 -30.70 -5.57
N GLY B 193 -24.19 -31.58 -6.45
CA GLY B 193 -23.61 -32.90 -6.54
C GLY B 193 -23.93 -33.81 -5.38
N PHE B 194 -24.78 -33.38 -4.46
CA PHE B 194 -25.20 -34.20 -3.34
C PHE B 194 -26.67 -34.52 -3.52
N LEU B 195 -27.01 -35.80 -3.49
CA LEU B 195 -28.40 -36.20 -3.63
C LEU B 195 -29.17 -35.78 -2.40
N HIS B 196 -29.85 -34.64 -2.51
CA HIS B 196 -30.64 -34.09 -1.42
C HIS B 196 -32.09 -34.53 -1.59
N VAL B 197 -32.45 -35.62 -0.92
CA VAL B 197 -33.82 -36.12 -0.91
C VAL B 197 -34.46 -35.65 0.38
N TYR B 198 -35.48 -34.81 0.25
CA TYR B 198 -36.19 -34.27 1.39
C TYR B 198 -37.61 -34.81 1.31
N SER B 199 -37.99 -35.67 2.26
CA SER B 199 -39.23 -36.40 2.06
C SER B 199 -40.18 -36.25 3.23
N GLY B 200 -41.46 -36.41 2.92
CA GLY B 200 -42.51 -36.59 3.92
C GLY B 200 -43.49 -37.63 3.43
N TYR B 201 -44.02 -38.46 4.33
CA TYR B 201 -44.97 -39.48 3.96
C TYR B 201 -46.27 -39.27 4.71
N GLN B 202 -47.37 -39.14 3.96
CA GLN B 202 -48.67 -38.89 4.54
C GLN B 202 -49.69 -39.84 3.96
N PRO B 203 -50.62 -40.33 4.78
CA PRO B 203 -51.84 -40.94 4.24
C PRO B 203 -52.72 -39.87 3.61
N ILE B 204 -53.33 -40.21 2.47
CA ILE B 204 -54.22 -39.30 1.78
C ILE B 204 -55.30 -40.10 1.06
N SER B 205 -56.41 -39.44 0.77
CA SER B 205 -57.50 -40.03 0.03
C SER B 205 -57.99 -39.01 -0.99
N ALA B 206 -58.02 -39.42 -2.26
CA ALA B 206 -58.48 -38.56 -3.34
C ALA B 206 -58.88 -39.44 -4.51
N ALA B 207 -59.83 -38.97 -5.31
CA ALA B 207 -60.36 -39.77 -6.42
C ALA B 207 -59.28 -40.08 -7.43
N SER B 208 -58.72 -39.06 -8.09
CA SER B 208 -57.79 -39.30 -9.18
C SER B 208 -56.65 -38.30 -9.18
N GLY B 209 -56.82 -37.18 -8.52
CA GLY B 209 -55.82 -36.13 -8.51
C GLY B 209 -55.27 -35.89 -7.13
N LEU B 210 -54.03 -35.43 -7.09
CA LEU B 210 -53.41 -35.10 -5.81
C LEU B 210 -54.10 -33.89 -5.21
N PRO B 211 -54.73 -34.02 -4.05
CA PRO B 211 -55.48 -32.91 -3.48
C PRO B 211 -54.55 -31.86 -2.89
N THR B 212 -55.12 -30.68 -2.67
CA THR B 212 -54.35 -29.60 -2.06
C THR B 212 -54.06 -29.90 -0.60
N GLY B 213 -52.81 -29.72 -0.22
CA GLY B 213 -52.39 -29.93 1.16
C GLY B 213 -51.02 -29.34 1.37
N PHE B 214 -50.61 -29.28 2.62
CA PHE B 214 -49.31 -28.74 2.99
C PHE B 214 -48.52 -29.82 3.71
N ASN B 215 -47.30 -30.08 3.23
CA ASN B 215 -46.35 -30.95 3.88
C ASN B 215 -44.96 -30.48 3.53
N ALA B 216 -44.33 -29.76 4.45
CA ALA B 216 -42.96 -29.30 4.26
C ALA B 216 -42.04 -30.51 4.34
N LEU B 217 -41.55 -30.94 3.19
CA LEU B 217 -40.74 -32.15 3.15
C LEU B 217 -39.44 -31.96 3.93
N LYS B 218 -39.12 -32.97 4.73
CA LYS B 218 -37.96 -32.92 5.61
C LYS B 218 -36.80 -33.66 4.98
N PRO B 219 -35.59 -33.12 5.08
CA PRO B 219 -34.42 -33.80 4.49
C PRO B 219 -34.24 -35.18 5.10
N ILE B 220 -34.45 -36.21 4.29
CA ILE B 220 -34.32 -37.57 4.75
C ILE B 220 -32.95 -38.15 4.41
N PHE B 221 -32.41 -37.79 3.25
CA PHE B 221 -31.16 -38.41 2.81
C PHE B 221 -30.38 -37.46 1.93
N LYS B 222 -29.25 -36.98 2.43
CA LYS B 222 -28.28 -36.28 1.61
C LYS B 222 -27.13 -37.23 1.35
N LEU B 223 -26.84 -37.47 0.08
CA LEU B 223 -25.86 -38.47 -0.31
C LEU B 223 -24.72 -37.79 -1.07
N PRO B 224 -23.52 -37.76 -0.55
CA PRO B 224 -22.40 -37.10 -1.25
C PRO B 224 -21.96 -37.87 -2.48
N LEU B 225 -22.87 -37.99 -3.46
CA LEU B 225 -22.60 -38.81 -4.61
C LEU B 225 -21.64 -38.14 -5.58
N GLY B 226 -21.91 -36.88 -5.92
CA GLY B 226 -21.08 -36.20 -6.91
C GLY B 226 -21.08 -36.88 -8.26
N ILE B 227 -22.24 -37.34 -8.71
CA ILE B 227 -22.36 -38.08 -9.96
C ILE B 227 -23.18 -37.27 -10.94
N ASN B 228 -22.94 -37.49 -12.23
CA ASN B 228 -23.61 -36.77 -13.29
C ASN B 228 -24.93 -37.45 -13.62
N ILE B 229 -26.03 -36.75 -13.42
CA ILE B 229 -27.37 -37.28 -13.68
C ILE B 229 -28.08 -36.35 -14.65
N THR B 230 -28.53 -36.88 -15.78
CA THR B 230 -29.39 -36.15 -16.68
C THR B 230 -30.78 -36.76 -16.80
N ASN B 231 -30.91 -38.08 -16.81
CA ASN B 231 -32.19 -38.74 -16.84
C ASN B 231 -32.38 -39.54 -15.57
N PHE B 232 -33.52 -40.20 -15.47
CA PHE B 232 -33.90 -40.89 -14.25
C PHE B 232 -35.01 -41.88 -14.58
N ARG B 233 -35.05 -42.97 -13.83
CA ARG B 233 -36.09 -43.98 -14.01
C ARG B 233 -36.61 -44.42 -12.65
N THR B 234 -37.91 -44.27 -12.46
CA THR B 234 -38.55 -44.84 -11.28
C THR B 234 -38.73 -46.34 -11.46
N LEU B 235 -37.77 -47.12 -10.98
CA LEU B 235 -37.85 -48.56 -11.08
C LEU B 235 -39.01 -49.02 -10.22
N LEU B 236 -40.04 -49.52 -10.87
CA LEU B 236 -41.21 -50.07 -10.21
C LEU B 236 -41.38 -51.49 -10.70
N THR B 237 -41.72 -52.39 -9.78
CA THR B 237 -41.88 -53.78 -10.16
C THR B 237 -43.12 -53.97 -11.00
N ALA B 238 -43.07 -54.96 -11.88
CA ALA B 238 -44.27 -55.42 -12.56
C ALA B 238 -44.87 -56.57 -11.76
N PHE B 239 -46.19 -56.60 -11.68
CA PHE B 239 -46.84 -57.75 -11.07
C PHE B 239 -47.45 -58.57 -12.19
N PRO B 240 -46.67 -59.43 -12.84
CA PRO B 240 -47.17 -60.11 -14.02
C PRO B 240 -48.16 -61.20 -13.63
N PRO B 241 -49.43 -61.06 -14.03
CA PRO B 241 -50.41 -62.10 -13.69
C PRO B 241 -49.98 -63.46 -14.19
N ARG B 242 -49.34 -63.50 -15.35
CA ARG B 242 -48.46 -64.57 -15.79
C ARG B 242 -47.13 -63.91 -16.14
N PRO B 243 -46.02 -64.62 -15.97
CA PRO B 243 -44.70 -63.95 -16.07
C PRO B 243 -44.53 -63.22 -17.41
N ASP B 244 -43.94 -62.03 -17.33
CA ASP B 244 -43.55 -61.14 -18.43
C ASP B 244 -44.73 -60.35 -19.01
N TYR B 245 -45.92 -60.40 -18.42
CA TYR B 245 -47.06 -59.71 -18.99
C TYR B 245 -47.35 -58.36 -18.34
N TRP B 246 -46.47 -57.91 -17.44
CA TRP B 246 -46.55 -56.58 -16.81
C TRP B 246 -47.95 -56.18 -16.36
N GLY B 247 -48.53 -56.93 -15.43
CA GLY B 247 -49.75 -56.50 -14.78
C GLY B 247 -49.41 -55.68 -13.55
N THR B 248 -50.36 -54.87 -13.11
CA THR B 248 -50.14 -53.98 -11.99
C THR B 248 -51.46 -53.78 -11.23
N SER B 249 -51.44 -52.83 -10.32
CA SER B 249 -52.61 -52.33 -9.63
C SER B 249 -52.62 -50.82 -9.69
N ALA B 250 -53.62 -50.20 -9.05
CA ALA B 250 -53.78 -48.76 -9.11
C ALA B 250 -52.61 -48.04 -8.46
N ALA B 251 -52.07 -47.05 -9.16
CA ALA B 251 -50.90 -46.31 -8.71
C ALA B 251 -50.71 -45.09 -9.61
N ALA B 252 -50.44 -43.95 -9.00
CA ALA B 252 -50.24 -42.71 -9.72
C ALA B 252 -49.12 -41.94 -9.03
N TYR B 253 -48.02 -41.73 -9.73
CA TYR B 253 -46.92 -40.95 -9.19
C TYR B 253 -46.79 -39.64 -9.96
N PHE B 254 -46.79 -38.54 -9.22
CA PHE B 254 -46.88 -37.21 -9.79
C PHE B 254 -45.49 -36.59 -9.90
N VAL B 255 -45.28 -35.87 -10.99
CA VAL B 255 -44.03 -35.16 -11.25
C VAL B 255 -44.34 -33.69 -11.47
N GLY B 256 -43.68 -32.84 -10.68
CA GLY B 256 -43.68 -31.42 -10.92
C GLY B 256 -42.26 -30.91 -10.84
N TYR B 257 -41.92 -30.03 -11.78
CA TYR B 257 -40.55 -29.59 -11.98
C TYR B 257 -40.29 -28.33 -11.16
N LEU B 258 -39.19 -28.35 -10.42
CA LEU B 258 -38.94 -27.32 -9.41
C LEU B 258 -38.22 -26.14 -10.03
N LYS B 259 -38.86 -24.97 -10.00
CA LYS B 259 -38.32 -23.80 -10.65
C LYS B 259 -37.90 -22.78 -9.59
N PRO B 260 -36.84 -22.02 -9.85
CA PRO B 260 -36.33 -21.11 -8.82
C PRO B 260 -37.18 -19.85 -8.74
N THR B 261 -37.66 -19.57 -7.53
CA THR B 261 -38.51 -18.40 -7.27
C THR B 261 -38.50 -18.18 -5.76
N THR B 262 -39.09 -17.06 -5.33
CA THR B 262 -39.09 -16.66 -3.93
C THR B 262 -40.37 -17.12 -3.24
N PHE B 263 -40.22 -17.71 -2.06
CA PHE B 263 -41.33 -18.15 -1.21
C PHE B 263 -41.27 -17.42 0.12
N MET B 264 -42.43 -17.01 0.60
CA MET B 264 -42.60 -16.42 1.93
C MET B 264 -43.25 -17.46 2.82
N LEU B 265 -42.53 -17.93 3.85
CA LEU B 265 -42.97 -19.06 4.64
C LEU B 265 -42.93 -18.75 6.13
N LYS B 266 -43.72 -19.48 6.90
CA LYS B 266 -43.84 -19.26 8.33
C LYS B 266 -43.01 -20.26 9.11
N TYR B 267 -42.47 -19.83 10.24
CA TYR B 267 -41.83 -20.71 11.21
C TYR B 267 -42.45 -20.47 12.57
N ASP B 268 -42.98 -21.52 13.17
CA ASP B 268 -43.44 -21.45 14.54
C ASP B 268 -42.31 -21.88 15.46
N GLU B 269 -42.56 -21.91 16.76
CA GLU B 269 -41.66 -22.64 17.64
C GLU B 269 -41.74 -24.12 17.29
N ASN B 270 -40.66 -24.83 17.54
CA ASN B 270 -40.26 -26.09 16.89
C ASN B 270 -39.91 -25.88 15.43
N GLY B 271 -40.00 -24.66 14.91
CA GLY B 271 -39.58 -24.41 13.54
C GLY B 271 -40.35 -25.14 12.47
N THR B 272 -41.50 -25.72 12.81
CA THR B 272 -42.26 -26.47 11.81
C THR B 272 -42.94 -25.50 10.85
N ILE B 273 -42.77 -25.76 9.55
CA ILE B 273 -43.34 -24.91 8.52
C ILE B 273 -44.84 -25.21 8.50
N THR B 274 -45.65 -24.17 8.42
CA THR B 274 -47.10 -24.36 8.43
C THR B 274 -47.71 -23.99 7.09
N ASP B 275 -47.36 -22.83 6.55
CA ASP B 275 -47.90 -22.38 5.28
C ASP B 275 -46.92 -21.40 4.66
N ALA B 276 -47.14 -21.13 3.38
CA ALA B 276 -46.29 -20.22 2.64
C ALA B 276 -47.06 -19.67 1.45
N VAL B 277 -46.43 -18.74 0.75
CA VAL B 277 -47.00 -18.17 -0.46
C VAL B 277 -45.87 -17.69 -1.38
N ASP B 278 -46.05 -17.91 -2.66
CA ASP B 278 -45.07 -17.50 -3.67
C ASP B 278 -45.38 -16.08 -4.10
N CYS B 279 -44.33 -15.25 -4.22
CA CYS B 279 -44.53 -13.87 -4.67
C CYS B 279 -45.12 -13.82 -6.07
N SER B 280 -44.61 -14.65 -6.97
CA SER B 280 -44.84 -14.44 -8.40
C SER B 280 -46.15 -15.07 -8.86
N GLN B 281 -46.80 -15.85 -8.01
CA GLN B 281 -48.04 -16.51 -8.44
C GLN B 281 -49.13 -15.50 -8.77
N ASN B 282 -49.30 -14.47 -7.95
CA ASN B 282 -50.34 -13.49 -8.16
C ASN B 282 -49.87 -12.16 -7.57
N PRO B 283 -50.34 -11.04 -8.12
CA PRO B 283 -49.92 -9.74 -7.59
C PRO B 283 -50.27 -9.56 -6.12
N LEU B 284 -51.38 -10.12 -5.67
CA LEU B 284 -51.70 -10.09 -4.25
C LEU B 284 -50.56 -10.71 -3.43
N ALA B 285 -50.03 -11.82 -3.89
CA ALA B 285 -48.93 -12.46 -3.18
C ALA B 285 -47.68 -11.60 -3.23
N GLU B 286 -47.46 -10.90 -4.35
CA GLU B 286 -46.37 -9.95 -4.39
C GLU B 286 -46.52 -8.88 -3.32
N LEU B 287 -47.74 -8.36 -3.15
CA LEU B 287 -48.00 -7.42 -2.07
C LEU B 287 -47.66 -8.04 -0.72
N LYS B 288 -48.13 -9.26 -0.51
CA LYS B 288 -47.93 -9.91 0.78
C LYS B 288 -46.44 -10.03 1.10
N CYS B 289 -45.65 -10.51 0.15
CA CYS B 289 -44.24 -10.73 0.44
C CYS B 289 -43.44 -9.43 0.39
N SER B 290 -44.02 -8.37 -0.21
CA SER B 290 -43.40 -7.06 -0.12
C SER B 290 -43.56 -6.49 1.29
N VAL B 291 -44.74 -6.66 1.89
CA VAL B 291 -45.01 -6.10 3.21
C VAL B 291 -44.54 -7.03 4.33
N LYS B 292 -44.09 -8.24 4.00
CA LYS B 292 -43.45 -9.13 4.96
C LYS B 292 -44.49 -9.61 5.99
N SER B 293 -45.66 -10.01 5.48
CA SER B 293 -46.73 -10.55 6.30
C SER B 293 -47.77 -11.21 5.40
N PHE B 294 -48.41 -12.25 5.91
CA PHE B 294 -49.42 -12.98 5.16
C PHE B 294 -50.75 -12.27 5.09
N GLU B 295 -50.96 -11.24 5.90
CA GLU B 295 -52.21 -10.52 5.93
C GLU B 295 -51.93 -9.03 5.80
N ILE B 296 -52.77 -8.35 5.03
CA ILE B 296 -52.60 -6.95 4.72
C ILE B 296 -53.90 -6.22 5.01
N ASP B 297 -53.80 -5.10 5.70
CA ASP B 297 -54.97 -4.29 5.96
C ASP B 297 -55.27 -3.41 4.75
N LYS B 298 -56.43 -2.75 4.79
CA LYS B 298 -56.86 -1.96 3.66
C LYS B 298 -55.91 -0.82 3.38
N GLY B 299 -55.74 -0.49 2.10
CA GLY B 299 -54.93 0.64 1.72
C GLY B 299 -54.33 0.44 0.34
N ILE B 300 -53.65 1.49 -0.12
CA ILE B 300 -52.89 1.49 -1.36
C ILE B 300 -51.42 1.26 -1.04
N TYR B 301 -50.74 0.47 -1.85
CA TYR B 301 -49.36 0.10 -1.59
C TYR B 301 -48.59 0.04 -2.90
N GLN B 302 -47.50 0.80 -2.99
CA GLN B 302 -46.59 0.76 -4.11
C GLN B 302 -45.60 -0.37 -3.87
N THR B 303 -45.47 -1.26 -4.85
CA THR B 303 -44.62 -2.42 -4.69
C THR B 303 -43.59 -2.63 -5.78
N SER B 304 -43.91 -2.35 -7.04
CA SER B 304 -43.02 -2.75 -8.12
C SER B 304 -42.75 -1.58 -9.07
N ASN B 305 -41.86 -1.82 -10.02
CA ASN B 305 -41.51 -0.85 -11.05
C ASN B 305 -41.76 -1.47 -12.41
N PHE B 306 -42.73 -0.91 -13.15
CA PHE B 306 -43.06 -1.45 -14.45
C PHE B 306 -41.92 -1.22 -15.43
N ARG B 307 -41.80 -2.13 -16.40
CA ARG B 307 -40.71 -2.09 -17.36
C ARG B 307 -41.24 -2.49 -18.73
N VAL B 308 -40.78 -1.77 -19.75
CA VAL B 308 -41.03 -2.11 -21.14
C VAL B 308 -39.71 -2.54 -21.77
N ALA B 309 -39.70 -3.74 -22.34
CA ALA B 309 -38.44 -4.23 -22.90
C ALA B 309 -38.32 -3.86 -24.37
N PRO B 310 -37.11 -3.65 -24.87
CA PRO B 310 -36.94 -3.34 -26.30
C PRO B 310 -37.34 -4.53 -27.16
N SER B 311 -38.04 -4.23 -28.26
CA SER B 311 -38.44 -5.30 -29.17
C SER B 311 -37.26 -5.79 -30.00
N LYS B 312 -36.43 -4.88 -30.50
CA LYS B 312 -35.36 -5.21 -31.43
C LYS B 312 -34.41 -4.02 -31.55
N GLU B 313 -33.56 -4.08 -32.56
CA GLU B 313 -32.45 -3.13 -32.74
C GLU B 313 -32.50 -2.51 -34.14
N VAL B 314 -32.15 -1.23 -34.23
CA VAL B 314 -32.21 -0.53 -35.51
C VAL B 314 -30.89 -0.67 -36.26
N VAL B 315 -29.78 -0.39 -35.59
CA VAL B 315 -28.44 -0.67 -36.11
C VAL B 315 -28.18 0.12 -37.40
N ARG B 316 -27.77 1.38 -37.26
CA ARG B 316 -27.47 2.21 -38.42
C ARG B 316 -26.07 2.80 -38.34
N PHE B 317 -25.22 2.42 -39.28
CA PHE B 317 -23.87 2.94 -39.46
C PHE B 317 -23.71 3.50 -40.86
N PRO B 318 -22.62 4.23 -41.11
CA PRO B 318 -22.37 4.74 -42.48
C PRO B 318 -22.06 3.61 -43.44
N ASN B 319 -21.77 3.99 -44.69
CA ASN B 319 -21.75 3.03 -45.78
C ASN B 319 -20.35 2.60 -46.16
N ILE B 320 -19.33 3.13 -45.47
CA ILE B 320 -17.94 2.86 -45.84
C ILE B 320 -17.71 1.36 -45.91
N THR B 321 -17.19 0.90 -47.04
CA THR B 321 -16.94 -0.52 -47.28
C THR B 321 -15.48 -0.79 -47.61
N ASN B 322 -14.71 0.26 -47.89
CA ASN B 322 -13.29 0.11 -48.17
C ASN B 322 -12.60 -0.64 -47.03
N LEU B 323 -11.61 -1.45 -47.39
CA LEU B 323 -10.90 -2.25 -46.41
C LEU B 323 -9.70 -1.50 -45.87
N CYS B 324 -9.53 -1.58 -44.56
CA CYS B 324 -8.53 -0.77 -43.88
C CYS B 324 -7.12 -1.29 -44.15
N PRO B 325 -6.12 -0.40 -44.15
CA PRO B 325 -4.75 -0.83 -44.41
C PRO B 325 -4.01 -1.28 -43.17
N PHE B 326 -4.73 -1.57 -42.08
CA PHE B 326 -4.07 -2.09 -40.88
C PHE B 326 -3.24 -3.33 -41.20
N GLY B 327 -3.73 -4.18 -42.11
CA GLY B 327 -2.90 -5.29 -42.56
C GLY B 327 -1.61 -4.80 -43.17
N GLU B 328 -1.70 -3.76 -44.01
CA GLU B 328 -0.50 -3.20 -44.62
C GLU B 328 0.44 -2.63 -43.58
N VAL B 329 -0.11 -1.91 -42.60
CA VAL B 329 0.72 -1.33 -41.54
C VAL B 329 1.41 -2.43 -40.74
N PHE B 330 0.65 -3.46 -40.37
CA PHE B 330 1.20 -4.57 -39.60
C PHE B 330 2.23 -5.31 -40.44
N ASN B 331 1.87 -5.64 -41.67
CA ASN B 331 2.73 -6.34 -42.60
C ASN B 331 3.64 -5.38 -43.36
N ALA B 332 3.86 -4.17 -42.85
CA ALA B 332 4.81 -3.27 -43.47
C ALA B 332 6.16 -3.95 -43.56
N THR B 333 6.74 -3.96 -44.77
CA THR B 333 7.96 -4.71 -44.99
C THR B 333 9.09 -4.23 -44.10
N THR B 334 9.23 -2.91 -43.97
CA THR B 334 10.23 -2.32 -43.08
C THR B 334 9.51 -1.53 -42.01
N PHE B 335 10.01 -1.64 -40.78
CA PHE B 335 9.46 -0.88 -39.67
C PHE B 335 10.49 0.13 -39.22
N PRO B 336 10.14 1.41 -39.15
CA PRO B 336 11.12 2.43 -38.77
C PRO B 336 11.67 2.17 -37.39
N SER B 337 12.71 2.93 -37.05
CA SER B 337 13.29 2.82 -35.73
C SER B 337 12.35 3.43 -34.71
N VAL B 338 12.65 3.17 -33.43
CA VAL B 338 11.85 3.76 -32.37
C VAL B 338 12.03 5.27 -32.33
N TYR B 339 13.24 5.75 -32.62
CA TYR B 339 13.45 7.18 -32.72
C TYR B 339 12.66 7.76 -33.90
N ALA B 340 12.63 7.05 -35.02
CA ALA B 340 11.88 7.47 -36.19
C ALA B 340 10.49 6.83 -36.22
N TRP B 341 9.93 6.54 -35.06
CA TRP B 341 8.59 5.98 -35.00
C TRP B 341 7.61 6.94 -35.66
N GLU B 342 6.70 6.40 -36.46
CA GLU B 342 5.85 7.21 -37.31
C GLU B 342 4.39 7.01 -36.94
N ARG B 343 3.69 8.12 -36.71
CA ARG B 343 2.25 8.09 -36.49
C ARG B 343 1.56 8.35 -37.82
N LYS B 344 0.74 7.40 -38.25
CA LYS B 344 0.06 7.43 -39.54
C LYS B 344 -1.43 7.44 -39.32
N ARG B 345 -2.12 8.34 -40.01
CA ARG B 345 -3.57 8.41 -39.96
C ARG B 345 -4.20 7.32 -40.82
N ILE B 346 -5.27 6.72 -40.31
CA ILE B 346 -6.08 5.77 -41.07
C ILE B 346 -7.51 6.27 -41.06
N SER B 347 -8.15 6.27 -42.23
CA SER B 347 -9.47 6.86 -42.33
C SER B 347 -10.28 6.17 -43.44
N ASN B 348 -11.60 6.29 -43.32
CA ASN B 348 -12.55 5.91 -44.37
C ASN B 348 -12.32 4.49 -44.86
N CYS B 349 -12.49 3.51 -43.97
CA CYS B 349 -12.35 2.11 -44.34
C CYS B 349 -12.99 1.23 -43.28
N VAL B 350 -12.90 -0.07 -43.51
CA VAL B 350 -13.48 -1.08 -42.62
C VAL B 350 -12.34 -1.87 -42.00
N ALA B 351 -12.33 -1.97 -40.68
CA ALA B 351 -11.25 -2.61 -39.95
C ALA B 351 -11.78 -3.83 -39.21
N ASP B 352 -11.47 -5.01 -39.73
CA ASP B 352 -11.83 -6.27 -39.08
C ASP B 352 -10.84 -6.51 -37.94
N TYR B 353 -11.34 -6.47 -36.71
CA TYR B 353 -10.48 -6.81 -35.58
C TYR B 353 -9.98 -8.24 -35.64
N SER B 354 -10.85 -9.20 -35.97
CA SER B 354 -10.47 -10.60 -35.84
C SER B 354 -9.24 -10.92 -36.69
N VAL B 355 -9.22 -10.44 -37.94
CA VAL B 355 -8.11 -10.76 -38.84
C VAL B 355 -6.82 -10.13 -38.34
N LEU B 356 -6.91 -8.93 -37.76
CA LEU B 356 -5.72 -8.30 -37.20
C LEU B 356 -5.26 -9.01 -35.94
N TYR B 357 -6.21 -9.60 -35.22
CA TYR B 357 -5.91 -10.21 -33.92
C TYR B 357 -5.37 -11.62 -34.09
N ASN B 358 -5.84 -12.34 -35.11
CA ASN B 358 -5.49 -13.74 -35.31
C ASN B 358 -4.41 -13.95 -36.36
N SER B 359 -3.75 -12.88 -36.83
CA SER B 359 -2.74 -13.04 -37.85
C SER B 359 -1.58 -13.90 -37.36
N THR B 360 -0.94 -13.49 -36.25
CA THR B 360 0.05 -14.31 -35.56
C THR B 360 -0.14 -14.10 -34.07
N SER B 361 0.68 -14.78 -33.29
CA SER B 361 0.69 -14.63 -31.84
C SER B 361 1.57 -13.43 -31.51
N PHE B 362 0.95 -12.26 -31.38
CA PHE B 362 1.69 -11.05 -31.06
C PHE B 362 2.30 -11.18 -29.68
N SER B 363 3.60 -10.87 -29.59
CA SER B 363 4.33 -11.14 -28.35
C SER B 363 3.84 -10.25 -27.21
N THR B 364 3.72 -8.95 -27.47
CA THR B 364 3.27 -7.99 -26.47
C THR B 364 2.03 -7.30 -27.02
N PHE B 365 0.87 -7.87 -26.76
CA PHE B 365 -0.37 -7.37 -27.33
C PHE B 365 -1.32 -7.01 -26.19
N LYS B 366 -1.68 -5.73 -26.11
CA LYS B 366 -2.65 -5.33 -25.09
C LYS B 366 -3.34 -4.04 -25.51
N CYS B 367 -4.67 -4.02 -25.41
CA CYS B 367 -5.49 -2.86 -25.73
C CYS B 367 -5.96 -2.25 -24.41
N TYR B 368 -5.78 -0.93 -24.28
CA TYR B 368 -5.79 -0.32 -22.95
C TYR B 368 -7.14 0.28 -22.60
N GLY B 369 -7.58 1.27 -23.35
CA GLY B 369 -8.81 1.95 -23.01
C GLY B 369 -10.07 1.20 -23.34
N VAL B 370 -9.95 0.06 -24.02
CA VAL B 370 -11.11 -0.70 -24.48
C VAL B 370 -10.81 -2.18 -24.33
N SER B 371 -11.87 -2.97 -24.13
CA SER B 371 -11.75 -4.40 -24.28
C SER B 371 -11.45 -4.73 -25.73
N ALA B 372 -10.48 -5.62 -25.95
CA ALA B 372 -9.90 -5.77 -27.28
C ALA B 372 -10.88 -6.38 -28.27
N THR B 373 -11.81 -7.20 -27.79
CA THR B 373 -12.61 -8.03 -28.68
C THR B 373 -13.53 -7.20 -29.57
N LYS B 374 -14.29 -6.28 -28.98
CA LYS B 374 -15.44 -5.71 -29.67
C LYS B 374 -15.07 -4.62 -30.68
N LEU B 375 -13.82 -4.56 -31.13
CA LEU B 375 -13.47 -3.61 -32.18
C LEU B 375 -14.27 -3.85 -33.45
N ASN B 376 -14.63 -5.12 -33.70
CA ASN B 376 -15.35 -5.45 -34.92
C ASN B 376 -16.69 -4.74 -35.00
N ASP B 377 -17.30 -4.44 -33.85
CA ASP B 377 -18.59 -3.76 -33.87
C ASP B 377 -18.43 -2.25 -33.81
N LEU B 378 -17.30 -1.78 -33.33
CA LEU B 378 -17.11 -0.35 -33.07
C LEU B 378 -16.83 0.44 -34.35
N CYS B 379 -17.05 1.75 -34.25
CA CYS B 379 -16.62 2.73 -35.24
C CYS B 379 -15.57 3.62 -34.61
N PHE B 380 -14.58 4.00 -35.41
CA PHE B 380 -13.44 4.77 -34.93
C PHE B 380 -13.27 5.99 -35.83
N SER B 381 -12.94 7.12 -35.21
CA SER B 381 -12.70 8.36 -35.95
C SER B 381 -11.21 8.70 -35.88
N ASN B 382 -10.54 8.63 -37.03
CA ASN B 382 -9.14 9.06 -37.13
C ASN B 382 -8.22 8.27 -36.22
N VAL B 383 -8.15 6.95 -36.42
CA VAL B 383 -7.19 6.14 -35.69
C VAL B 383 -5.78 6.42 -36.19
N TYR B 384 -4.81 6.32 -35.29
CA TYR B 384 -3.41 6.47 -35.64
C TYR B 384 -2.66 5.16 -35.41
N ALA B 385 -1.62 4.95 -36.20
CA ALA B 385 -0.73 3.81 -36.04
C ALA B 385 0.69 4.31 -35.86
N ASP B 386 1.32 3.89 -34.76
CA ASP B 386 2.67 4.32 -34.40
C ASP B 386 3.62 3.16 -34.66
N SER B 387 4.36 3.24 -35.76
CA SER B 387 5.23 2.16 -36.20
C SER B 387 6.65 2.42 -35.73
N PHE B 388 7.28 1.38 -35.19
CA PHE B 388 8.70 1.43 -34.84
C PHE B 388 9.21 0.04 -34.51
N VAL B 389 10.47 -0.02 -34.06
CA VAL B 389 11.12 -1.24 -33.62
C VAL B 389 11.76 -0.98 -32.26
N VAL B 390 11.54 -1.88 -31.31
CA VAL B 390 12.19 -1.78 -30.01
C VAL B 390 12.73 -3.15 -29.62
N LYS B 391 13.63 -3.14 -28.64
CA LYS B 391 14.07 -4.40 -28.05
C LYS B 391 13.06 -4.89 -27.03
N GLY B 392 13.18 -6.16 -26.65
CA GLY B 392 12.30 -6.71 -25.64
C GLY B 392 12.41 -5.98 -24.32
N ASP B 393 13.63 -5.53 -23.97
CA ASP B 393 13.80 -4.74 -22.75
C ASP B 393 12.96 -3.48 -22.81
N ASP B 394 12.58 -3.04 -24.01
CA ASP B 394 11.76 -1.86 -24.15
C ASP B 394 10.26 -2.17 -24.25
N VAL B 395 9.86 -3.43 -24.39
CA VAL B 395 8.42 -3.72 -24.51
C VAL B 395 7.72 -3.44 -23.18
N ARG B 396 8.43 -3.57 -22.07
CA ARG B 396 7.91 -3.12 -20.79
C ARG B 396 7.90 -1.60 -20.72
N GLN B 397 8.88 -0.95 -21.36
CA GLN B 397 8.93 0.51 -21.34
C GLN B 397 7.80 1.10 -22.16
N ILE B 398 7.30 0.37 -23.15
CA ILE B 398 6.18 0.85 -23.95
C ILE B 398 4.90 0.57 -23.17
N ALA B 399 4.53 1.49 -22.30
CA ALA B 399 3.33 1.39 -21.50
C ALA B 399 3.03 2.75 -20.89
N PRO B 400 1.77 3.19 -20.91
CA PRO B 400 1.39 4.40 -20.18
C PRO B 400 1.61 4.22 -18.68
N GLY B 401 1.93 5.33 -18.01
CA GLY B 401 2.18 5.30 -16.58
C GLY B 401 3.37 4.44 -16.21
N GLN B 402 4.39 4.41 -17.07
CA GLN B 402 5.53 3.53 -16.90
C GLN B 402 6.81 4.33 -17.07
N THR B 403 7.85 3.96 -16.32
CA THR B 403 9.15 4.61 -16.41
C THR B 403 10.07 3.79 -17.30
N GLY B 404 10.58 4.42 -18.35
CA GLY B 404 11.49 3.75 -19.26
C GLY B 404 12.30 4.76 -20.03
N VAL B 405 13.56 4.41 -20.26
CA VAL B 405 14.47 5.33 -20.96
C VAL B 405 13.97 5.59 -22.38
N ILE B 406 13.41 4.57 -23.02
CA ILE B 406 12.80 4.77 -24.34
C ILE B 406 11.53 5.57 -24.22
N ALA B 407 10.68 5.23 -23.24
CA ALA B 407 9.39 5.89 -23.09
C ALA B 407 9.57 7.36 -22.76
N ASP B 408 10.53 7.68 -21.90
CA ASP B 408 10.72 9.07 -21.47
C ASP B 408 11.27 9.92 -22.61
N TYR B 409 12.04 9.34 -23.51
CA TYR B 409 12.75 10.11 -24.52
C TYR B 409 12.32 9.78 -25.94
N ASN B 410 12.26 8.50 -26.31
CA ASN B 410 11.98 8.14 -27.70
C ASN B 410 10.49 8.23 -28.02
N TYR B 411 9.63 7.77 -27.10
CA TYR B 411 8.19 7.68 -27.38
C TYR B 411 7.44 7.71 -26.06
N LYS B 412 6.86 8.88 -25.75
CA LYS B 412 6.07 9.01 -24.53
C LYS B 412 4.63 8.57 -24.77
N LEU B 413 4.01 8.00 -23.74
CA LEU B 413 2.66 7.47 -23.82
C LEU B 413 1.77 8.12 -22.77
N PRO B 414 0.66 8.73 -23.18
CA PRO B 414 -0.27 9.28 -22.19
C PRO B 414 -0.89 8.18 -21.34
N ASP B 415 -1.10 8.49 -20.06
CA ASP B 415 -1.74 7.51 -19.18
C ASP B 415 -3.17 7.22 -19.60
N ASP B 416 -3.91 8.27 -19.96
CA ASP B 416 -5.30 8.13 -20.41
C ASP B 416 -5.42 7.58 -21.82
N PHE B 417 -4.29 7.34 -22.48
CA PHE B 417 -4.30 6.89 -23.87
C PHE B 417 -5.12 5.63 -24.05
N THR B 418 -6.24 5.76 -24.74
CA THR B 418 -7.07 4.63 -25.13
C THR B 418 -6.53 4.08 -26.44
N GLY B 419 -5.99 2.88 -26.37
CA GLY B 419 -5.35 2.28 -27.53
C GLY B 419 -4.68 0.97 -27.16
N CYS B 420 -3.91 0.46 -28.12
CA CYS B 420 -3.42 -0.90 -28.08
C CYS B 420 -1.98 -0.96 -28.59
N VAL B 421 -1.12 -1.60 -27.81
CA VAL B 421 0.27 -1.82 -28.21
C VAL B 421 0.40 -3.26 -28.70
N LEU B 422 1.04 -3.43 -29.86
CA LEU B 422 1.20 -4.71 -30.52
C LEU B 422 2.64 -4.86 -30.93
N ALA B 423 3.38 -5.70 -30.22
CA ALA B 423 4.78 -5.98 -30.50
C ALA B 423 4.91 -7.44 -30.88
N TRP B 424 5.60 -7.71 -31.97
CA TRP B 424 5.95 -9.07 -32.32
C TRP B 424 7.44 -9.16 -32.56
N ASN B 425 8.06 -10.18 -31.96
CA ASN B 425 9.49 -10.37 -32.10
C ASN B 425 9.86 -10.55 -33.57
N THR B 426 10.88 -9.81 -34.00
CA THR B 426 11.41 -9.94 -35.34
C THR B 426 12.87 -10.40 -35.31
N ARG B 427 13.19 -11.25 -34.34
CA ARG B 427 14.49 -11.90 -34.30
C ARG B 427 14.74 -12.68 -35.58
N ASN B 428 13.71 -13.39 -36.07
CA ASN B 428 13.88 -14.30 -37.19
C ASN B 428 14.32 -13.55 -38.45
N ILE B 429 14.08 -12.24 -38.50
CA ILE B 429 14.44 -11.44 -39.66
C ILE B 429 15.31 -10.24 -39.27
N ASP B 430 14.85 -9.43 -38.31
CA ASP B 430 15.57 -8.20 -38.00
C ASP B 430 16.83 -8.46 -37.19
N ALA B 431 16.98 -9.68 -36.66
CA ALA B 431 18.21 -10.04 -35.97
C ALA B 431 19.04 -10.96 -36.83
N THR B 432 20.33 -10.63 -36.96
CA THR B 432 21.29 -11.43 -37.70
C THR B 432 22.61 -11.45 -36.94
N GLN B 433 23.43 -12.46 -37.23
CA GLN B 433 24.72 -12.56 -36.55
C GLN B 433 25.60 -11.34 -36.81
N THR B 434 25.30 -10.58 -37.87
CA THR B 434 25.98 -9.32 -38.08
C THR B 434 25.52 -8.27 -37.07
N GLY B 435 24.23 -8.21 -36.79
CA GLY B 435 23.67 -7.20 -35.92
C GLY B 435 23.25 -5.97 -36.68
N ASN B 436 22.05 -5.47 -36.35
CA ASN B 436 21.45 -4.34 -37.06
C ASN B 436 21.36 -3.15 -36.11
N TYR B 437 22.29 -2.22 -36.24
CA TYR B 437 22.27 -0.98 -35.48
C TYR B 437 21.49 0.13 -36.18
N ASN B 438 20.95 -0.12 -37.37
CA ASN B 438 20.19 0.90 -38.06
C ASN B 438 18.95 1.31 -37.27
N TYR B 439 18.27 0.34 -36.67
CA TYR B 439 17.15 0.66 -35.79
C TYR B 439 17.68 1.24 -34.49
N LYS B 440 17.52 2.55 -34.32
CA LYS B 440 18.23 3.31 -33.31
C LYS B 440 17.25 3.95 -32.34
N TYR B 441 17.78 4.37 -31.19
CA TYR B 441 17.00 4.99 -30.13
C TYR B 441 17.80 6.13 -29.53
N ARG B 442 17.12 7.01 -28.82
CA ARG B 442 17.76 8.11 -28.13
C ARG B 442 17.63 7.89 -26.63
N SER B 443 18.64 7.27 -26.03
CA SER B 443 18.58 6.99 -24.60
C SER B 443 18.56 8.27 -23.78
N LEU B 444 19.45 9.21 -24.08
CA LEU B 444 19.61 10.41 -23.28
C LEU B 444 19.39 11.63 -24.16
N ARG B 445 18.43 12.47 -23.78
CA ARG B 445 18.10 13.66 -24.53
C ARG B 445 17.89 14.82 -23.57
N HIS B 446 18.35 16.01 -23.99
CA HIS B 446 18.05 17.21 -23.23
C HIS B 446 16.56 17.46 -23.25
N GLY B 447 15.93 17.37 -22.07
CA GLY B 447 14.48 17.40 -21.99
C GLY B 447 13.90 16.07 -22.40
N LYS B 448 12.57 16.01 -22.43
CA LYS B 448 11.86 14.79 -22.76
C LYS B 448 10.74 15.10 -23.75
N LEU B 449 10.47 14.14 -24.63
CA LEU B 449 9.40 14.31 -25.60
C LEU B 449 8.04 14.28 -24.93
N ARG B 450 7.14 15.13 -25.41
CA ARG B 450 5.74 15.08 -25.00
C ARG B 450 5.09 13.86 -25.62
N PRO B 451 3.95 13.42 -25.09
CA PRO B 451 3.32 12.20 -25.62
C PRO B 451 3.03 12.30 -27.11
N PHE B 452 3.26 11.19 -27.81
CA PHE B 452 3.08 11.11 -29.27
C PHE B 452 3.97 12.11 -29.99
N GLU B 453 5.26 12.04 -29.72
CA GLU B 453 6.23 12.90 -30.39
C GLU B 453 7.38 12.04 -30.92
N ARG B 454 7.92 12.48 -32.06
CA ARG B 454 9.03 11.80 -32.71
C ARG B 454 10.27 12.67 -32.60
N ASP B 455 11.37 12.08 -32.15
CA ASP B 455 12.61 12.81 -31.91
C ASP B 455 13.54 12.68 -33.11
N ILE B 456 14.13 13.81 -33.52
CA ILE B 456 14.94 13.86 -34.72
C ILE B 456 16.26 14.59 -34.52
N SER B 457 16.45 15.29 -33.41
CA SER B 457 17.69 16.02 -33.18
C SER B 457 18.84 15.06 -32.86
N ASN B 458 20.06 15.57 -32.98
CA ASN B 458 21.26 14.86 -32.55
C ASN B 458 22.14 15.85 -31.78
N VAL B 459 21.92 15.92 -30.48
CA VAL B 459 22.62 16.85 -29.60
C VAL B 459 23.19 16.07 -28.43
N PRO B 460 24.51 16.09 -28.22
CA PRO B 460 25.10 15.30 -27.14
C PRO B 460 24.53 15.69 -25.79
N PHE B 461 24.24 14.68 -24.96
CA PHE B 461 23.67 14.92 -23.65
C PHE B 461 24.78 15.07 -22.61
N SER B 462 24.60 16.01 -21.70
CA SER B 462 25.55 16.29 -20.64
C SER B 462 24.83 16.36 -19.30
N PRO B 463 25.43 15.80 -18.24
CA PRO B 463 24.80 15.90 -16.91
C PRO B 463 24.61 17.33 -16.45
N ASP B 464 25.55 18.22 -16.76
CA ASP B 464 25.38 19.62 -16.41
C ASP B 464 24.47 20.33 -17.40
N GLY B 465 24.26 19.74 -18.57
CA GLY B 465 23.44 20.33 -19.60
C GLY B 465 24.17 21.25 -20.54
N LYS B 466 25.41 21.59 -20.26
CA LYS B 466 26.15 22.49 -21.13
C LYS B 466 26.55 21.76 -22.41
N PRO B 467 26.48 22.42 -23.56
CA PRO B 467 27.06 21.84 -24.78
C PRO B 467 28.55 21.66 -24.63
N CYS B 468 29.06 20.56 -25.17
CA CYS B 468 30.49 20.27 -25.08
C CYS B 468 30.90 19.27 -26.15
N THR B 469 32.21 19.09 -26.28
CA THR B 469 32.79 18.24 -27.30
C THR B 469 32.86 16.79 -26.82
N PRO B 470 32.97 15.85 -27.74
CA PRO B 470 33.19 14.44 -27.36
C PRO B 470 34.47 14.28 -26.54
N PRO B 471 35.52 15.08 -26.79
CA PRO B 471 36.64 15.07 -25.82
C PRO B 471 36.20 15.41 -24.40
N ALA B 472 35.26 16.32 -24.22
CA ALA B 472 34.71 16.57 -22.89
C ALA B 472 33.93 15.34 -22.43
N PHE B 473 34.16 14.94 -21.17
CA PHE B 473 33.64 13.66 -20.71
C PHE B 473 32.12 13.69 -20.56
N ASN B 474 31.54 14.86 -20.29
CA ASN B 474 30.12 14.94 -20.03
C ASN B 474 29.29 14.61 -21.27
N CYS B 475 29.68 15.16 -22.42
CA CYS B 475 28.86 15.04 -23.62
C CYS B 475 28.93 13.63 -24.19
N TYR B 476 27.76 13.09 -24.54
CA TYR B 476 27.67 11.76 -25.13
C TYR B 476 26.48 11.75 -26.08
N TRP B 477 26.65 11.07 -27.21
CA TRP B 477 25.70 11.21 -28.32
C TRP B 477 24.32 10.71 -27.93
N PRO B 478 23.26 11.43 -28.25
CA PRO B 478 21.91 10.97 -27.88
C PRO B 478 21.46 9.77 -28.67
N LEU B 479 21.66 9.80 -29.99
CA LEU B 479 21.25 8.69 -30.84
C LEU B 479 22.07 7.45 -30.49
N ASN B 480 21.38 6.34 -30.28
CA ASN B 480 22.03 5.13 -29.78
C ASN B 480 21.39 3.92 -30.46
N ASP B 481 22.14 2.83 -30.46
CA ASP B 481 21.72 1.62 -31.16
C ASP B 481 21.91 0.43 -30.23
N TYR B 482 21.42 -0.72 -30.68
CA TYR B 482 21.48 -1.96 -29.93
C TYR B 482 21.43 -3.14 -30.89
N GLY B 483 22.35 -4.08 -30.69
CA GLY B 483 22.60 -5.10 -31.70
C GLY B 483 21.40 -6.02 -31.89
N PHE B 484 21.36 -6.65 -33.06
CA PHE B 484 20.28 -7.55 -33.44
C PHE B 484 20.89 -8.88 -33.91
N TYR B 485 21.12 -9.79 -32.98
CA TYR B 485 21.72 -11.08 -33.28
C TYR B 485 20.72 -12.20 -33.01
N ILE B 486 20.93 -13.33 -33.70
CA ILE B 486 20.09 -14.51 -33.47
C ILE B 486 20.21 -14.99 -32.04
N THR B 487 21.44 -15.02 -31.51
CA THR B 487 21.72 -15.66 -30.24
C THR B 487 21.48 -14.75 -29.04
N ASN B 488 21.07 -13.51 -29.23
CA ASN B 488 20.88 -12.61 -28.11
C ASN B 488 19.72 -13.07 -27.23
N GLY B 489 19.61 -12.45 -26.05
CA GLY B 489 18.42 -12.63 -25.25
C GLY B 489 17.20 -12.03 -25.93
N ILE B 490 16.04 -12.63 -25.67
CA ILE B 490 14.80 -12.19 -26.33
C ILE B 490 14.54 -10.72 -26.05
N GLY B 491 14.95 -10.24 -24.89
CA GLY B 491 14.86 -8.81 -24.61
C GLY B 491 15.73 -7.98 -25.53
N TYR B 492 16.94 -8.45 -25.80
CA TYR B 492 17.88 -7.66 -26.60
C TYR B 492 17.59 -7.83 -28.09
N GLN B 493 16.71 -8.75 -28.46
CA GLN B 493 16.42 -9.03 -29.86
C GLN B 493 15.30 -8.12 -30.37
N PRO B 494 15.21 -7.92 -31.68
CA PRO B 494 14.29 -6.93 -32.23
C PRO B 494 12.83 -7.32 -32.10
N TYR B 495 11.98 -6.31 -32.06
CA TYR B 495 10.53 -6.46 -32.01
C TYR B 495 9.94 -5.34 -32.86
N ARG B 496 9.14 -5.72 -33.85
CA ARG B 496 8.39 -4.73 -34.62
C ARG B 496 7.11 -4.40 -33.86
N VAL B 497 6.89 -3.10 -33.63
CA VAL B 497 5.87 -2.64 -32.71
C VAL B 497 4.99 -1.61 -33.41
N VAL B 498 3.69 -1.78 -33.28
CA VAL B 498 2.70 -0.80 -33.71
C VAL B 498 1.84 -0.42 -32.50
N VAL B 499 1.68 0.88 -32.30
CA VAL B 499 0.81 1.41 -31.27
C VAL B 499 -0.39 2.02 -31.95
N LEU B 500 -1.52 1.32 -31.91
CA LEU B 500 -2.77 1.86 -32.42
C LEU B 500 -3.35 2.81 -31.39
N SER B 501 -3.24 4.10 -31.69
CA SER B 501 -3.93 5.16 -30.96
C SER B 501 -5.37 5.15 -31.45
N PHE B 502 -6.25 4.52 -30.69
CA PHE B 502 -7.67 4.49 -31.03
C PHE B 502 -8.30 5.80 -30.61
N GLU B 503 -8.74 6.57 -31.60
CA GLU B 503 -9.52 7.77 -31.37
C GLU B 503 -10.96 7.44 -31.71
N LEU B 504 -11.80 7.36 -30.70
CA LEU B 504 -13.16 6.86 -30.83
C LEU B 504 -14.13 8.02 -30.98
N LEU B 505 -14.90 7.99 -32.06
CA LEU B 505 -16.01 8.91 -32.27
C LEU B 505 -15.57 10.36 -32.16
N ASN B 506 -14.34 10.65 -32.59
CA ASN B 506 -13.88 12.03 -32.65
C ASN B 506 -14.66 12.81 -33.69
N ALA B 507 -15.33 12.10 -34.60
CA ALA B 507 -16.19 12.67 -35.63
C ALA B 507 -17.06 11.53 -36.16
N PRO B 508 -17.99 11.79 -37.08
CA PRO B 508 -18.57 10.67 -37.85
C PRO B 508 -17.46 9.75 -38.35
N ALA B 509 -17.49 8.52 -37.82
CA ALA B 509 -16.29 7.71 -37.74
C ALA B 509 -15.64 7.47 -39.10
N THR B 510 -14.34 7.72 -39.17
CA THR B 510 -13.57 7.35 -40.34
C THR B 510 -13.53 5.84 -40.50
N VAL B 511 -13.35 5.11 -39.40
CA VAL B 511 -13.15 3.67 -39.43
C VAL B 511 -14.26 2.99 -38.64
N CYS B 512 -14.89 1.99 -39.24
CA CYS B 512 -15.84 1.12 -38.56
C CYS B 512 -15.45 -0.34 -38.79
N GLY B 513 -15.53 -1.15 -37.75
CA GLY B 513 -15.37 -2.57 -37.88
C GLY B 513 -16.54 -3.18 -38.63
N PRO B 514 -16.33 -4.36 -39.21
CA PRO B 514 -17.38 -5.00 -40.00
C PRO B 514 -18.63 -5.22 -39.17
N LYS B 515 -19.78 -4.87 -39.76
CA LYS B 515 -21.06 -5.08 -39.11
C LYS B 515 -22.16 -4.83 -40.14
N LEU B 516 -23.26 -5.55 -39.99
CA LEU B 516 -24.40 -5.45 -40.88
C LEU B 516 -25.42 -4.47 -40.29
N SER B 517 -25.68 -3.39 -41.02
CA SER B 517 -26.71 -2.45 -40.60
C SER B 517 -28.09 -3.02 -40.90
N THR B 518 -29.04 -2.73 -40.03
CA THR B 518 -30.41 -3.18 -40.19
C THR B 518 -31.30 -1.97 -40.44
N ASP B 519 -32.54 -2.25 -40.87
CA ASP B 519 -33.45 -1.19 -41.26
C ASP B 519 -33.82 -0.30 -40.08
N LEU B 520 -34.54 0.77 -40.39
CA LEU B 520 -35.02 1.67 -39.36
C LEU B 520 -36.37 1.18 -38.82
N ILE B 521 -36.61 1.45 -37.54
CA ILE B 521 -37.83 1.04 -36.87
C ILE B 521 -38.44 2.27 -36.20
N LYS B 522 -39.77 2.36 -36.21
CA LYS B 522 -40.46 3.52 -35.68
C LYS B 522 -41.55 3.09 -34.70
N ASN B 523 -41.86 3.99 -33.77
CA ASN B 523 -42.98 3.84 -32.85
C ASN B 523 -42.85 2.59 -31.98
N GLN B 524 -41.63 2.13 -31.79
CA GLN B 524 -41.37 0.94 -30.99
C GLN B 524 -40.17 1.18 -30.11
N CYS B 525 -40.25 0.66 -28.88
CA CYS B 525 -39.10 0.69 -27.98
C CYS B 525 -38.07 -0.31 -28.49
N VAL B 526 -36.95 0.21 -29.00
CA VAL B 526 -35.96 -0.60 -29.69
C VAL B 526 -34.57 -0.19 -29.23
N ASN B 527 -33.61 -1.07 -29.52
CA ASN B 527 -32.20 -0.82 -29.24
C ASN B 527 -31.52 -0.27 -30.50
N PHE B 528 -31.80 0.99 -30.77
CA PHE B 528 -31.19 1.65 -31.92
C PHE B 528 -29.70 1.82 -31.70
N ASN B 529 -28.94 1.66 -32.79
CA ASN B 529 -27.49 1.84 -32.78
C ASN B 529 -27.14 2.75 -33.96
N PHE B 530 -27.11 4.05 -33.69
CA PHE B 530 -26.85 5.04 -34.73
C PHE B 530 -25.43 5.57 -34.61
N ASN B 531 -24.61 5.25 -35.60
CA ASN B 531 -23.25 5.78 -35.72
C ASN B 531 -22.47 5.59 -34.43
N GLY B 532 -22.54 4.38 -33.88
CA GLY B 532 -21.82 4.03 -32.69
C GLY B 532 -22.53 4.32 -31.39
N LEU B 533 -23.58 5.13 -31.41
CA LEU B 533 -24.32 5.47 -30.19
C LEU B 533 -25.47 4.49 -30.07
N THR B 534 -25.48 3.73 -28.99
CA THR B 534 -26.55 2.79 -28.68
C THR B 534 -27.57 3.49 -27.80
N GLY B 535 -28.82 3.07 -27.91
CA GLY B 535 -29.86 3.59 -27.05
C GLY B 535 -31.11 2.76 -27.15
N THR B 536 -31.80 2.63 -26.02
CA THR B 536 -33.10 2.00 -25.96
C THR B 536 -34.14 3.12 -25.91
N GLY B 537 -34.98 3.18 -26.94
CA GLY B 537 -35.95 4.25 -27.02
C GLY B 537 -36.92 4.04 -28.16
N VAL B 538 -37.88 4.96 -28.25
CA VAL B 538 -38.80 4.97 -29.38
C VAL B 538 -38.35 6.03 -30.37
N LEU B 539 -38.46 5.72 -31.66
CA LEU B 539 -38.01 6.62 -32.70
C LEU B 539 -39.20 7.08 -33.55
N THR B 540 -39.33 8.39 -33.70
CA THR B 540 -40.26 9.00 -34.63
C THR B 540 -39.45 9.95 -35.49
N PRO B 541 -40.05 10.51 -36.53
CA PRO B 541 -39.35 11.60 -37.24
C PRO B 541 -39.17 12.81 -36.34
N SER B 542 -38.07 13.52 -36.55
CA SER B 542 -37.81 14.77 -35.83
C SER B 542 -38.15 15.95 -36.71
N SER B 543 -38.86 16.92 -36.15
CA SER B 543 -39.34 18.06 -36.91
C SER B 543 -38.61 19.35 -36.60
N LYS B 544 -37.69 19.34 -35.63
CA LYS B 544 -36.91 20.54 -35.37
C LYS B 544 -35.99 20.83 -36.55
N ARG B 545 -35.85 22.11 -36.86
CA ARG B 545 -34.95 22.53 -37.93
C ARG B 545 -33.53 22.15 -37.57
N PHE B 546 -32.76 21.72 -38.57
CA PHE B 546 -31.44 21.18 -38.33
C PHE B 546 -30.46 21.67 -39.38
N GLN B 547 -29.36 22.25 -38.91
CA GLN B 547 -28.32 22.70 -39.82
C GLN B 547 -27.58 21.49 -40.37
N PRO B 548 -27.15 21.53 -41.64
CA PRO B 548 -26.50 20.34 -42.22
C PRO B 548 -25.31 19.84 -41.44
N PHE B 549 -24.48 20.72 -40.88
CA PHE B 549 -23.35 20.22 -40.09
C PHE B 549 -23.84 19.65 -38.77
N GLN B 550 -24.99 20.11 -38.31
CA GLN B 550 -25.54 19.57 -37.08
C GLN B 550 -26.03 18.16 -37.31
N GLN B 551 -25.47 17.22 -36.56
CA GLN B 551 -25.72 15.80 -36.78
C GLN B 551 -26.54 15.16 -35.67
N PHE B 552 -26.18 15.44 -34.41
CA PHE B 552 -26.93 14.96 -33.26
C PHE B 552 -27.72 16.11 -32.66
N GLY B 553 -29.02 15.89 -32.44
CA GLY B 553 -29.87 16.85 -31.76
C GLY B 553 -30.06 16.45 -30.30
N ARG B 554 -29.80 17.40 -29.41
CA ARG B 554 -29.78 17.11 -27.99
C ARG B 554 -30.59 18.12 -27.21
N ASP B 555 -31.13 17.66 -26.09
CA ASP B 555 -32.12 18.40 -25.31
C ASP B 555 -31.41 19.22 -24.22
N VAL B 556 -32.18 19.72 -23.26
CA VAL B 556 -31.63 20.53 -22.17
C VAL B 556 -30.51 19.77 -21.45
N SER B 557 -30.75 18.51 -21.11
CA SER B 557 -29.79 17.70 -20.39
C SER B 557 -28.69 17.15 -21.29
N ASP B 558 -28.60 17.65 -22.52
CA ASP B 558 -27.64 17.15 -23.50
C ASP B 558 -27.84 15.65 -23.71
N PHE B 559 -29.10 15.25 -23.79
CA PHE B 559 -29.47 13.90 -24.19
C PHE B 559 -29.98 13.95 -25.62
N THR B 560 -29.54 13.01 -26.44
CA THR B 560 -29.98 13.03 -27.83
C THR B 560 -31.46 12.69 -27.93
N ASP B 561 -32.26 13.73 -28.12
CA ASP B 561 -33.67 13.57 -28.45
C ASP B 561 -33.87 13.49 -29.94
N SER B 562 -32.81 13.64 -30.73
CA SER B 562 -32.88 13.62 -32.17
C SER B 562 -31.54 13.19 -32.73
N VAL B 563 -31.59 12.29 -33.69
CA VAL B 563 -30.39 11.70 -34.28
C VAL B 563 -30.53 11.69 -35.80
N ARG B 564 -29.43 11.91 -36.49
CA ARG B 564 -29.40 11.88 -37.94
C ARG B 564 -28.94 10.50 -38.39
N ASP B 565 -29.79 9.79 -39.11
CA ASP B 565 -29.41 8.49 -39.64
C ASP B 565 -28.24 8.63 -40.60
N PRO B 566 -27.25 7.74 -40.53
CA PRO B 566 -26.11 7.84 -41.47
C PRO B 566 -26.53 7.66 -42.92
N LYS B 567 -27.29 6.61 -43.21
CA LYS B 567 -27.62 6.30 -44.60
C LYS B 567 -28.72 7.20 -45.13
N THR B 568 -29.65 7.63 -44.26
CA THR B 568 -30.69 8.57 -44.65
C THR B 568 -30.68 9.73 -43.67
N SER B 569 -30.17 10.88 -44.08
CA SER B 569 -29.93 11.98 -43.15
C SER B 569 -31.27 12.58 -42.74
N GLU B 570 -32.03 11.76 -42.03
CA GLU B 570 -33.33 12.14 -41.50
C GLU B 570 -33.21 12.28 -39.99
N ILE B 571 -33.48 13.48 -39.49
CA ILE B 571 -33.44 13.69 -38.05
C ILE B 571 -34.61 12.97 -37.41
N LEU B 572 -34.32 12.26 -36.33
CA LEU B 572 -35.28 11.36 -35.70
C LEU B 572 -35.45 11.76 -34.24
N ASP B 573 -36.69 12.02 -33.87
CA ASP B 573 -37.04 12.24 -32.47
C ASP B 573 -36.86 10.96 -31.68
N ILE B 574 -36.19 11.08 -30.54
CA ILE B 574 -35.89 9.96 -29.66
C ILE B 574 -36.70 10.15 -28.38
N SER B 575 -37.45 9.12 -28.00
CA SER B 575 -38.41 9.22 -26.91
C SER B 575 -38.16 8.12 -25.88
N PRO B 576 -38.43 8.41 -24.62
CA PRO B 576 -38.22 7.42 -23.56
C PRO B 576 -39.24 6.30 -23.63
N CYS B 577 -38.89 5.18 -23.00
CA CYS B 577 -39.70 3.96 -23.04
C CYS B 577 -40.50 3.75 -21.75
N SER B 578 -41.65 4.43 -21.67
CA SER B 578 -42.82 3.97 -20.92
C SER B 578 -42.47 3.37 -19.56
N PHE B 579 -41.99 4.21 -18.67
CA PHE B 579 -41.69 3.80 -17.31
C PHE B 579 -42.77 4.27 -16.34
N GLY B 580 -42.91 3.54 -15.24
CA GLY B 580 -43.91 3.88 -14.25
C GLY B 580 -43.81 2.93 -13.07
N GLY B 581 -44.62 3.21 -12.06
CA GLY B 581 -44.64 2.45 -10.82
C GLY B 581 -45.88 1.58 -10.76
N VAL B 582 -45.68 0.35 -10.28
CA VAL B 582 -46.76 -0.62 -10.12
C VAL B 582 -47.23 -0.59 -8.67
N SER B 583 -48.49 -0.22 -8.47
CA SER B 583 -49.09 -0.10 -7.15
C SER B 583 -50.30 -1.01 -7.08
N VAL B 584 -50.66 -1.43 -5.87
CA VAL B 584 -51.76 -2.36 -5.66
C VAL B 584 -52.79 -1.73 -4.74
N ILE B 585 -54.01 -1.56 -5.26
CA ILE B 585 -55.18 -1.24 -4.45
C ILE B 585 -55.72 -2.53 -3.89
N THR B 586 -56.05 -2.54 -2.60
CA THR B 586 -56.68 -3.71 -2.02
C THR B 586 -57.55 -3.32 -0.83
N PRO B 587 -58.72 -3.93 -0.67
CA PRO B 587 -59.33 -4.02 0.65
C PRO B 587 -58.54 -4.97 1.52
N GLY B 588 -59.00 -5.14 2.75
CA GLY B 588 -58.33 -6.06 3.65
C GLY B 588 -58.41 -7.49 3.13
N THR B 589 -57.24 -8.11 2.99
CA THR B 589 -57.20 -9.51 2.57
C THR B 589 -57.98 -10.37 3.54
N ASN B 590 -58.01 -9.95 4.81
CA ASN B 590 -59.04 -10.37 5.74
C ASN B 590 -60.40 -10.47 5.07
N THR B 591 -60.90 -9.38 4.52
CA THR B 591 -62.29 -9.36 4.09
C THR B 591 -62.47 -10.00 2.72
N SER B 592 -61.49 -9.84 1.84
CA SER B 592 -61.61 -10.40 0.50
C SER B 592 -60.22 -10.56 -0.09
N SER B 593 -60.14 -11.35 -1.16
CA SER B 593 -58.92 -11.51 -1.92
C SER B 593 -58.97 -10.80 -3.27
N GLU B 594 -59.83 -9.80 -3.42
CA GLU B 594 -59.91 -9.09 -4.68
C GLU B 594 -58.98 -7.89 -4.66
N VAL B 595 -58.13 -7.81 -5.68
CA VAL B 595 -57.11 -6.78 -5.76
C VAL B 595 -57.37 -5.93 -6.99
N ALA B 596 -56.66 -4.81 -7.09
CA ALA B 596 -56.62 -4.00 -8.28
C ALA B 596 -55.19 -3.51 -8.46
N VAL B 597 -54.79 -3.30 -9.70
CA VAL B 597 -53.43 -2.88 -10.01
C VAL B 597 -53.50 -1.51 -10.68
N LEU B 598 -52.49 -0.69 -10.44
CA LEU B 598 -52.43 0.63 -11.02
C LEU B 598 -51.02 0.94 -11.49
N TYR B 599 -50.93 1.60 -12.63
CA TYR B 599 -49.68 2.05 -13.22
C TYR B 599 -49.73 3.57 -13.29
N GLN B 600 -48.90 4.23 -12.48
CA GLN B 600 -49.03 5.68 -12.34
C GLN B 600 -48.79 6.39 -13.66
N ASP B 601 -47.83 5.91 -14.44
CA ASP B 601 -47.40 6.63 -15.62
C ASP B 601 -47.34 5.75 -16.86
N VAL B 602 -48.34 4.90 -17.07
CA VAL B 602 -48.43 4.08 -18.26
C VAL B 602 -49.79 4.27 -18.88
N ASN B 603 -49.82 4.54 -20.18
CA ASN B 603 -51.08 4.57 -20.91
C ASN B 603 -51.70 3.18 -20.94
N CYS B 604 -53.00 3.12 -20.68
CA CYS B 604 -53.70 1.83 -20.57
C CYS B 604 -53.51 1.00 -21.83
N THR B 605 -53.38 1.66 -22.98
CA THR B 605 -53.19 0.94 -24.23
C THR B 605 -51.85 0.21 -24.26
N ASP B 606 -50.94 0.56 -23.36
CA ASP B 606 -49.57 0.07 -23.47
C ASP B 606 -49.31 -1.11 -22.56
N VAL B 607 -50.01 -1.19 -21.43
CA VAL B 607 -49.76 -2.27 -20.47
C VAL B 607 -50.05 -3.66 -21.03
N PRO B 608 -51.14 -3.91 -21.78
CA PRO B 608 -51.36 -5.32 -22.06
C PRO B 608 -50.45 -5.85 -23.15
N GLY B 626 -57.07 -8.00 -19.08
CA GLY B 626 -57.66 -6.86 -19.77
C GLY B 626 -59.12 -6.69 -19.46
N ASN B 627 -59.49 -6.84 -18.19
CA ASN B 627 -60.88 -6.77 -17.76
C ASN B 627 -61.14 -5.43 -17.10
N ASN B 628 -62.18 -4.74 -17.55
CA ASN B 628 -62.66 -3.51 -16.91
C ASN B 628 -61.55 -2.48 -16.79
N VAL B 629 -60.68 -2.42 -17.78
CA VAL B 629 -59.57 -1.48 -17.73
C VAL B 629 -60.13 -0.07 -17.78
N PHE B 630 -59.62 0.79 -16.90
CA PHE B 630 -60.12 2.15 -16.74
C PHE B 630 -58.93 3.08 -16.67
N GLN B 631 -58.97 4.15 -17.46
CA GLN B 631 -57.84 5.05 -17.60
C GLN B 631 -58.12 6.36 -16.89
N THR B 632 -57.18 6.80 -16.06
CA THR B 632 -57.34 8.02 -15.29
C THR B 632 -56.06 8.83 -15.31
N GLN B 633 -56.19 10.10 -14.95
CA GLN B 633 -55.02 10.98 -14.93
C GLN B 633 -53.92 10.42 -14.04
N ALA B 634 -54.32 9.79 -12.93
CA ALA B 634 -53.33 9.17 -12.05
C ALA B 634 -52.66 8.00 -12.74
N GLY B 635 -53.28 7.46 -13.77
CA GLY B 635 -52.63 6.40 -14.54
C GLY B 635 -53.64 5.39 -15.03
N CYS B 636 -53.15 4.18 -15.24
CA CYS B 636 -53.97 3.08 -15.73
C CYS B 636 -54.40 2.22 -14.56
N LEU B 637 -55.69 1.88 -14.51
CA LEU B 637 -56.26 1.10 -13.43
C LEU B 637 -56.87 -0.17 -14.01
N ILE B 638 -56.49 -1.32 -13.47
CA ILE B 638 -56.96 -2.62 -13.95
C ILE B 638 -57.52 -3.40 -12.77
N GLY B 639 -58.66 -4.04 -12.99
CA GLY B 639 -59.29 -4.82 -11.96
C GLY B 639 -60.42 -4.15 -11.24
N ALA B 640 -60.96 -3.05 -11.78
CA ALA B 640 -62.07 -2.35 -11.17
C ALA B 640 -62.88 -1.66 -12.25
N GLU B 641 -64.15 -1.43 -11.96
CA GLU B 641 -65.08 -0.82 -12.91
C GLU B 641 -65.55 0.52 -12.37
N HIS B 642 -65.54 1.54 -13.23
CA HIS B 642 -65.92 2.87 -12.80
C HIS B 642 -67.43 2.96 -12.54
N VAL B 643 -67.80 3.85 -11.62
CA VAL B 643 -69.20 4.07 -11.28
C VAL B 643 -69.48 5.56 -11.34
N ASP B 644 -70.75 5.92 -11.16
CA ASP B 644 -71.15 7.31 -11.30
C ASP B 644 -71.49 7.96 -9.97
N THR B 645 -72.11 7.20 -9.05
CA THR B 645 -72.46 7.77 -7.76
C THR B 645 -71.21 8.15 -6.99
N SER B 646 -71.23 9.34 -6.41
CA SER B 646 -70.08 9.87 -5.69
C SER B 646 -70.21 9.58 -4.20
N TYR B 647 -69.11 9.15 -3.60
CA TYR B 647 -69.07 8.89 -2.17
C TYR B 647 -67.92 9.67 -1.57
N GLU B 648 -67.74 9.50 -0.27
CA GLU B 648 -66.55 9.99 0.39
C GLU B 648 -65.35 9.15 -0.06
N CYS B 649 -64.15 9.72 0.07
CA CYS B 649 -62.97 8.94 -0.23
C CYS B 649 -62.75 7.88 0.83
N ASP B 650 -62.45 6.67 0.40
CA ASP B 650 -62.08 5.59 1.30
C ASP B 650 -60.63 5.17 1.13
N ILE B 651 -60.20 4.94 -0.11
CA ILE B 651 -58.79 4.76 -0.43
C ILE B 651 -58.45 5.76 -1.52
N PRO B 652 -57.53 6.67 -1.29
CA PRO B 652 -57.25 7.69 -2.30
C PRO B 652 -56.40 7.19 -3.44
N ILE B 653 -56.99 7.01 -4.62
CA ILE B 653 -56.19 6.70 -5.80
C ILE B 653 -55.36 7.91 -6.21
N GLY B 654 -56.01 9.06 -6.33
CA GLY B 654 -55.38 10.26 -6.84
C GLY B 654 -56.22 10.90 -7.94
N ALA B 655 -55.87 12.14 -8.24
CA ALA B 655 -56.56 12.93 -9.26
C ALA B 655 -58.06 12.97 -8.99
N GLY B 656 -58.43 13.12 -7.72
CA GLY B 656 -59.83 13.17 -7.35
C GLY B 656 -60.55 11.85 -7.42
N ILE B 657 -59.83 10.75 -7.57
CA ILE B 657 -60.42 9.43 -7.72
C ILE B 657 -60.06 8.61 -6.50
N CYS B 658 -61.07 7.97 -5.92
CA CYS B 658 -60.88 7.12 -4.75
C CYS B 658 -61.55 5.78 -4.99
N ALA B 659 -60.92 4.73 -4.48
CA ALA B 659 -61.34 3.35 -4.70
C ALA B 659 -61.97 2.80 -3.43
N SER B 660 -63.12 2.18 -3.58
CA SER B 660 -63.80 1.51 -2.49
C SER B 660 -64.12 0.08 -2.89
N TYR B 661 -63.97 -0.81 -1.91
CA TYR B 661 -64.37 -2.21 -2.03
C TYR B 661 -65.90 -2.25 -1.84
N HIS B 662 -66.57 -1.47 -2.68
CA HIS B 662 -67.91 -1.02 -2.36
C HIS B 662 -68.88 -2.18 -2.47
N THR B 663 -69.99 -2.09 -1.72
CA THR B 663 -70.78 -3.26 -1.41
C THR B 663 -71.98 -3.47 -2.31
N VAL B 664 -72.60 -2.40 -2.84
CA VAL B 664 -73.81 -2.60 -3.64
C VAL B 664 -73.50 -3.45 -4.86
N SER B 665 -72.26 -3.35 -5.35
CA SER B 665 -71.85 -4.01 -6.59
C SER B 665 -72.93 -3.80 -7.65
N SER B 666 -73.17 -2.51 -7.93
CA SER B 666 -74.39 -2.10 -8.63
C SER B 666 -74.51 -2.79 -9.98
N LEU B 667 -73.39 -3.22 -10.55
CA LEU B 667 -73.42 -4.02 -11.77
C LEU B 667 -74.17 -5.32 -11.53
N ARG B 668 -75.15 -5.60 -12.38
CA ARG B 668 -75.92 -6.86 -12.37
C ARG B 668 -76.48 -7.07 -10.97
N SER B 669 -76.53 -8.30 -10.46
CA SER B 669 -76.94 -8.59 -9.09
C SER B 669 -75.81 -9.29 -8.34
N THR B 670 -74.56 -8.92 -8.65
CA THR B 670 -73.42 -9.54 -7.99
C THR B 670 -73.46 -9.32 -6.49
N SER B 671 -73.69 -8.08 -6.06
CA SER B 671 -73.78 -7.71 -4.64
C SER B 671 -72.56 -8.21 -3.88
N GLN B 672 -71.45 -8.35 -4.59
CA GLN B 672 -70.25 -8.98 -4.06
C GLN B 672 -69.18 -7.95 -3.69
N LYS B 673 -69.57 -6.69 -3.49
CA LYS B 673 -68.66 -5.66 -3.03
C LYS B 673 -67.46 -5.56 -3.96
N SER B 674 -67.68 -5.07 -5.18
CA SER B 674 -66.62 -4.98 -6.15
C SER B 674 -65.70 -3.82 -5.79
N ILE B 675 -64.45 -3.92 -6.25
CA ILE B 675 -63.58 -2.75 -6.24
C ILE B 675 -64.04 -1.78 -7.30
N VAL B 676 -64.40 -0.58 -6.89
CA VAL B 676 -64.86 0.44 -7.83
C VAL B 676 -64.25 1.78 -7.45
N ALA B 677 -63.85 2.52 -8.46
CA ALA B 677 -63.26 3.84 -8.27
C ALA B 677 -64.30 4.89 -8.66
N TYR B 678 -64.20 6.06 -8.05
CA TYR B 678 -65.13 7.13 -8.39
C TYR B 678 -64.50 8.48 -8.10
N THR B 679 -65.08 9.51 -8.72
CA THR B 679 -64.64 10.88 -8.49
C THR B 679 -65.05 11.30 -7.09
N MET B 680 -64.06 11.65 -6.28
CA MET B 680 -64.28 11.82 -4.85
C MET B 680 -65.20 13.00 -4.57
N SER B 681 -66.10 12.79 -3.62
CA SER B 681 -67.00 13.83 -3.14
C SER B 681 -66.53 14.32 -1.78
N LEU B 682 -66.33 15.63 -1.65
CA LEU B 682 -65.76 16.18 -0.41
C LEU B 682 -66.66 15.93 0.78
N GLY B 683 -67.97 16.07 0.59
CA GLY B 683 -68.87 15.95 1.72
C GLY B 683 -70.32 16.04 1.29
N ALA B 684 -71.18 16.09 2.30
CA ALA B 684 -72.62 16.18 2.05
C ALA B 684 -73.00 17.63 1.76
N ASP B 685 -73.73 17.82 0.67
CA ASP B 685 -74.23 19.14 0.32
C ASP B 685 -75.28 19.59 1.33
N SER B 686 -75.39 20.89 1.52
CA SER B 686 -76.31 21.46 2.49
C SER B 686 -76.81 22.80 1.99
N SER B 687 -78.09 23.06 2.23
CA SER B 687 -78.74 24.28 1.77
C SER B 687 -79.14 25.11 2.97
N ILE B 688 -78.66 26.36 3.00
CA ILE B 688 -79.00 27.31 4.04
C ILE B 688 -79.59 28.53 3.38
N ALA B 689 -80.92 28.64 3.40
CA ALA B 689 -81.58 29.82 2.85
C ALA B 689 -81.17 31.05 3.62
N TYR B 690 -81.04 32.16 2.91
CA TYR B 690 -80.65 33.43 3.52
C TYR B 690 -81.89 34.29 3.70
N SER B 691 -82.08 34.80 4.92
CA SER B 691 -83.22 35.64 5.23
C SER B 691 -82.75 36.87 5.97
N ASN B 692 -83.10 38.04 5.44
CA ASN B 692 -82.57 39.28 6.00
C ASN B 692 -83.26 39.64 7.30
N ASN B 693 -84.25 38.86 7.70
CA ASN B 693 -85.03 39.16 8.90
C ASN B 693 -85.33 37.91 9.73
N THR B 694 -84.60 36.82 9.54
CA THR B 694 -84.87 35.58 10.26
C THR B 694 -83.57 34.99 10.79
N ILE B 695 -83.59 34.58 12.05
CA ILE B 695 -82.41 34.17 12.80
C ILE B 695 -82.64 32.77 13.35
N ALA B 696 -81.55 32.00 13.43
CA ALA B 696 -81.56 30.65 13.96
C ALA B 696 -80.99 30.66 15.38
N ILE B 697 -81.69 30.00 16.31
CA ILE B 697 -81.26 29.88 17.69
C ILE B 697 -81.43 28.43 18.10
N PRO B 698 -80.45 27.82 18.74
CA PRO B 698 -80.66 26.48 19.29
C PRO B 698 -81.61 26.53 20.47
N THR B 699 -82.38 25.46 20.65
CA THR B 699 -83.23 25.31 21.81
C THR B 699 -82.77 24.19 22.73
N ASN B 700 -81.59 23.63 22.46
CA ASN B 700 -81.09 22.52 23.25
C ASN B 700 -79.58 22.42 23.08
N PHE B 701 -78.95 21.64 23.95
CA PHE B 701 -77.52 21.47 23.90
C PHE B 701 -77.15 20.03 24.20
N SER B 702 -75.99 19.62 23.70
CA SER B 702 -75.41 18.33 24.00
C SER B 702 -73.98 18.50 24.44
N ILE B 703 -73.64 17.91 25.57
CA ILE B 703 -72.25 17.80 26.00
C ILE B 703 -71.69 16.54 25.37
N SER B 704 -70.54 16.66 24.73
CA SER B 704 -69.88 15.50 24.17
C SER B 704 -68.39 15.61 24.42
N ILE B 705 -67.77 14.46 24.68
CA ILE B 705 -66.34 14.42 24.93
C ILE B 705 -65.67 13.81 23.72
N THR B 706 -64.55 14.41 23.32
CA THR B 706 -63.79 13.96 22.17
C THR B 706 -62.35 13.77 22.56
N THR B 707 -61.74 12.69 22.08
CA THR B 707 -60.35 12.38 22.36
C THR B 707 -59.48 13.08 21.33
N GLU B 708 -58.28 13.43 21.75
CA GLU B 708 -57.20 13.81 20.87
C GLU B 708 -55.98 13.05 21.35
N VAL B 709 -55.09 12.69 20.43
CA VAL B 709 -53.98 11.80 20.76
C VAL B 709 -52.69 12.50 20.38
N MET B 710 -51.71 12.53 21.28
CA MET B 710 -50.50 13.27 20.94
C MET B 710 -49.24 12.59 21.46
N PRO B 711 -48.23 12.41 20.63
CA PRO B 711 -46.97 11.82 21.08
C PRO B 711 -46.25 12.80 22.00
N VAL B 712 -45.45 12.29 22.92
CA VAL B 712 -44.58 13.15 23.72
C VAL B 712 -43.12 12.74 23.60
N SER B 713 -42.84 11.47 23.34
CA SER B 713 -41.46 11.01 23.32
C SER B 713 -41.33 9.71 22.55
N MET B 714 -40.12 9.47 22.06
CA MET B 714 -39.74 8.23 21.42
C MET B 714 -38.50 7.69 22.12
N ALA B 715 -38.32 6.38 22.04
CA ALA B 715 -37.35 5.70 22.89
C ALA B 715 -35.95 6.24 22.70
N LYS B 716 -35.33 6.65 23.80
CA LYS B 716 -33.98 7.19 23.79
C LYS B 716 -32.99 6.06 23.52
N THR B 717 -32.18 6.21 22.49
CA THR B 717 -31.27 5.16 22.07
C THR B 717 -29.87 5.73 21.91
N SER B 718 -28.87 4.87 22.09
CA SER B 718 -27.47 5.24 21.92
C SER B 718 -26.73 4.12 21.21
N VAL B 719 -25.84 4.50 20.31
CA VAL B 719 -24.99 3.56 19.60
C VAL B 719 -23.54 3.98 19.82
N ASP B 720 -22.78 3.14 20.49
CA ASP B 720 -21.37 3.39 20.67
C ASP B 720 -20.68 3.25 19.32
N CYS B 721 -19.90 4.24 18.95
CA CYS B 721 -19.09 4.11 17.75
C CYS B 721 -18.05 3.03 18.02
N ASN B 722 -17.79 2.21 17.00
CA ASN B 722 -17.06 0.95 17.15
C ASN B 722 -17.92 -0.03 17.93
N MET B 723 -17.56 -1.31 17.89
CA MET B 723 -18.39 -2.44 18.30
C MET B 723 -19.57 -2.61 17.35
N TYR B 724 -19.76 -1.66 16.46
CA TYR B 724 -20.65 -1.76 15.32
C TYR B 724 -19.80 -1.72 14.07
N ILE B 725 -18.73 -0.95 14.12
CA ILE B 725 -17.88 -0.79 12.96
C ILE B 725 -16.86 -1.92 12.87
N CYS B 726 -16.01 -2.03 13.87
CA CYS B 726 -14.94 -3.01 13.86
C CYS B 726 -15.36 -4.34 14.46
N GLY B 727 -16.49 -4.39 15.16
CA GLY B 727 -16.85 -5.61 15.86
C GLY B 727 -15.80 -6.02 16.87
N ASP B 728 -15.18 -5.04 17.53
CA ASP B 728 -14.11 -5.29 18.49
C ASP B 728 -12.98 -6.11 17.87
N SER B 729 -12.62 -5.77 16.63
CA SER B 729 -11.51 -6.40 15.94
C SER B 729 -10.28 -5.50 16.01
N THR B 730 -9.18 -6.06 16.49
CA THR B 730 -8.01 -5.25 16.83
C THR B 730 -7.45 -4.53 15.61
N GLU B 731 -7.38 -5.23 14.47
CA GLU B 731 -6.86 -4.60 13.26
C GLU B 731 -7.73 -3.42 12.86
N CYS B 732 -9.04 -3.57 12.95
CA CYS B 732 -9.89 -2.42 12.72
C CYS B 732 -9.73 -1.41 13.85
N ALA B 733 -10.36 -0.24 13.66
CA ALA B 733 -10.37 0.89 14.59
C ALA B 733 -9.03 1.61 14.60
N ASN B 734 -8.03 1.03 13.92
CA ASN B 734 -6.86 1.84 13.57
C ASN B 734 -7.20 2.75 12.40
N LEU B 735 -7.95 2.23 11.43
CA LEU B 735 -8.49 3.09 10.39
C LEU B 735 -9.48 4.10 10.95
N LEU B 736 -10.35 3.66 11.87
CA LEU B 736 -11.20 4.63 12.55
C LEU B 736 -10.37 5.70 13.24
N LEU B 737 -9.28 5.29 13.88
CA LEU B 737 -8.39 6.27 14.49
C LEU B 737 -7.85 7.24 13.45
N GLN B 738 -7.54 6.73 12.26
CA GLN B 738 -7.15 7.61 11.17
C GLN B 738 -8.30 8.55 10.81
N TYR B 739 -9.52 8.05 10.81
CA TYR B 739 -10.67 8.92 10.64
C TYR B 739 -10.80 9.86 11.82
N GLY B 740 -11.52 10.95 11.63
CA GLY B 740 -11.58 11.98 12.65
C GLY B 740 -12.91 12.13 13.35
N SER B 741 -12.97 11.67 14.59
CA SER B 741 -13.95 12.08 15.60
C SER B 741 -15.39 11.86 15.18
N PHE B 742 -15.65 11.18 14.06
CA PHE B 742 -17.02 10.90 13.66
C PHE B 742 -17.78 10.26 14.80
N CYS B 743 -17.12 9.35 15.50
CA CYS B 743 -17.69 8.70 16.67
C CYS B 743 -18.26 9.74 17.63
N THR B 744 -17.45 10.74 17.93
CA THR B 744 -17.82 11.76 18.90
C THR B 744 -19.07 12.50 18.47
N GLN B 745 -19.12 12.93 17.21
CA GLN B 745 -20.27 13.68 16.75
C GLN B 745 -21.54 12.83 16.83
N LEU B 746 -21.45 11.57 16.41
CA LEU B 746 -22.62 10.71 16.48
C LEU B 746 -23.12 10.58 17.91
N ASN B 747 -22.21 10.24 18.84
CA ASN B 747 -22.65 10.04 20.21
C ASN B 747 -23.22 11.31 20.80
N ARG B 748 -22.58 12.45 20.53
CA ARG B 748 -23.10 13.71 21.05
C ARG B 748 -24.50 13.98 20.55
N ALA B 749 -24.72 13.83 19.25
CA ALA B 749 -26.03 14.11 18.70
C ALA B 749 -27.09 13.23 19.34
N LEU B 750 -26.83 11.93 19.42
CA LEU B 750 -27.86 11.03 19.93
C LEU B 750 -28.12 11.26 21.41
N SER B 751 -27.06 11.52 22.18
CA SER B 751 -27.24 11.82 23.60
C SER B 751 -28.07 13.08 23.79
N GLY B 752 -27.80 14.11 22.98
CA GLY B 752 -28.62 15.30 23.03
C GLY B 752 -30.06 15.00 22.70
N ILE B 753 -30.29 14.09 21.77
CA ILE B 753 -31.65 13.65 21.46
C ILE B 753 -32.32 13.09 22.70
N ALA B 754 -31.61 12.21 23.41
CA ALA B 754 -32.21 11.55 24.58
C ALA B 754 -32.55 12.57 25.66
N VAL B 755 -31.60 13.46 25.98
CA VAL B 755 -31.87 14.43 27.03
C VAL B 755 -32.99 15.36 26.60
N GLU B 756 -33.05 15.68 25.31
CA GLU B 756 -34.16 16.45 24.77
C GLU B 756 -35.48 15.74 25.03
N GLN B 757 -35.51 14.42 24.84
CA GLN B 757 -36.74 13.69 25.04
C GLN B 757 -37.21 13.77 26.49
N ASP B 758 -36.32 13.48 27.43
CA ASP B 758 -36.71 13.58 28.83
C ASP B 758 -37.18 14.98 29.17
N ARG B 759 -36.51 15.99 28.60
CA ARG B 759 -36.87 17.38 28.83
C ARG B 759 -38.27 17.69 28.34
N ASN B 760 -38.62 17.20 27.16
CA ASN B 760 -39.98 17.38 26.66
C ASN B 760 -40.98 16.72 27.58
N THR B 761 -40.70 15.49 28.00
CA THR B 761 -41.62 14.79 28.89
C THR B 761 -41.89 15.61 30.13
N ARG B 762 -40.83 16.10 30.77
CA ARG B 762 -41.01 16.87 32.00
C ARG B 762 -41.85 18.11 31.74
N GLU B 763 -41.56 18.85 30.68
CA GLU B 763 -42.36 20.03 30.40
C GLU B 763 -43.83 19.67 30.24
N VAL B 764 -44.11 18.59 29.52
CA VAL B 764 -45.50 18.28 29.22
C VAL B 764 -46.24 17.86 30.49
N PHE B 765 -45.57 17.13 31.39
CA PHE B 765 -46.32 16.57 32.50
C PHE B 765 -46.10 17.33 33.81
N ALA B 766 -44.96 18.01 33.97
CA ALA B 766 -44.67 18.69 35.23
C ALA B 766 -45.07 20.17 35.17
N GLN B 767 -46.38 20.39 35.12
CA GLN B 767 -46.93 21.75 35.17
C GLN B 767 -47.72 22.00 36.44
N VAL B 768 -47.48 21.23 37.50
CA VAL B 768 -48.19 21.38 38.77
C VAL B 768 -47.17 21.47 39.88
N LYS B 769 -47.42 22.37 40.83
CA LYS B 769 -46.44 22.65 41.87
C LYS B 769 -46.57 21.70 43.04
N GLN B 770 -47.78 21.21 43.33
CA GLN B 770 -47.99 20.33 44.47
C GLN B 770 -48.84 19.14 44.06
N MET B 771 -48.37 17.95 44.42
CA MET B 771 -49.19 16.76 44.23
C MET B 771 -50.44 16.87 45.08
N TYR B 772 -51.59 16.57 44.48
CA TYR B 772 -52.85 16.60 45.20
C TYR B 772 -53.33 15.18 45.45
N LYS B 773 -53.65 14.90 46.71
CA LYS B 773 -54.18 13.59 47.07
C LYS B 773 -55.51 13.36 46.36
N THR B 774 -55.68 12.17 45.81
CA THR B 774 -56.90 11.88 45.08
C THR B 774 -58.08 11.83 46.04
N PRO B 775 -59.14 12.59 45.78
CA PRO B 775 -60.29 12.61 46.69
C PRO B 775 -60.88 11.21 46.84
N THR B 776 -61.29 10.89 48.07
CA THR B 776 -61.78 9.55 48.36
C THR B 776 -63.09 9.28 47.63
N LEU B 777 -63.99 10.26 47.59
CA LEU B 777 -65.26 10.11 46.91
C LEU B 777 -65.07 10.49 45.44
N LYS B 778 -65.34 9.54 44.55
CA LYS B 778 -65.12 9.79 43.13
C LYS B 778 -66.19 10.70 42.56
N ASP B 779 -67.36 10.75 43.19
CA ASP B 779 -68.50 11.48 42.64
C ASP B 779 -68.57 12.87 43.26
N PHE B 780 -68.92 13.87 42.44
CA PHE B 780 -69.17 15.22 42.91
C PHE B 780 -70.50 15.71 42.38
N GLY B 781 -71.35 16.23 43.26
CA GLY B 781 -72.54 16.96 42.88
C GLY B 781 -73.37 16.31 41.78
N GLY B 782 -73.33 14.99 41.69
CA GLY B 782 -73.97 14.31 40.61
C GLY B 782 -73.08 14.01 39.42
N PHE B 783 -71.87 14.56 39.39
CA PHE B 783 -70.92 14.27 38.33
C PHE B 783 -69.96 13.19 38.82
N ASN B 784 -69.60 12.28 37.92
CA ASN B 784 -68.84 11.10 38.28
C ASN B 784 -67.48 11.13 37.57
N PHE B 785 -66.41 10.91 38.34
CA PHE B 785 -65.05 10.86 37.80
C PHE B 785 -64.43 9.48 37.93
N SER B 786 -65.20 8.47 38.32
CA SER B 786 -64.61 7.21 38.76
C SER B 786 -63.66 6.63 37.73
N GLN B 787 -63.98 6.76 36.45
CA GLN B 787 -63.18 6.13 35.43
C GLN B 787 -61.78 6.75 35.34
N ILE B 788 -61.72 8.08 35.24
CA ILE B 788 -60.43 8.70 34.96
C ILE B 788 -59.64 8.90 36.25
N LEU B 789 -60.30 8.89 37.38
CA LEU B 789 -59.48 8.92 38.58
C LEU B 789 -59.02 7.53 38.93
N PRO B 790 -57.73 7.31 39.15
CA PRO B 790 -57.26 5.98 39.52
C PRO B 790 -57.89 5.54 40.83
N ASP B 791 -58.21 4.25 40.91
CA ASP B 791 -58.85 3.73 42.11
C ASP B 791 -57.80 3.30 43.12
N PRO B 792 -58.01 3.60 44.40
CA PRO B 792 -57.13 3.04 45.43
C PRO B 792 -57.19 1.52 45.46
N LEU B 793 -58.35 0.95 45.19
CA LEU B 793 -58.51 -0.50 45.23
C LEU B 793 -57.65 -1.17 44.17
N LYS B 794 -57.61 -0.60 42.97
CA LYS B 794 -56.91 -1.26 41.88
C LYS B 794 -55.41 -1.26 42.13
N PRO B 795 -54.70 -2.31 41.73
CA PRO B 795 -53.26 -2.37 42.02
C PRO B 795 -52.43 -1.50 41.09
N THR B 796 -52.88 -1.29 39.86
CA THR B 796 -52.07 -0.53 38.90
C THR B 796 -51.89 0.91 39.34
N LYS B 797 -52.81 1.42 40.17
CA LYS B 797 -52.80 2.81 40.62
C LYS B 797 -52.75 3.77 39.43
N ARG B 798 -53.32 3.34 38.31
CA ARG B 798 -53.53 4.19 37.15
C ARG B 798 -55.03 4.24 36.88
N SER B 799 -55.41 5.01 35.88
CA SER B 799 -56.84 5.13 35.58
C SER B 799 -57.29 4.06 34.59
N PHE B 800 -58.53 3.62 34.76
CA PHE B 800 -59.09 2.55 33.93
C PHE B 800 -58.96 2.88 32.46
N ILE B 801 -59.36 4.09 32.07
CA ILE B 801 -59.19 4.51 30.68
C ILE B 801 -57.72 4.43 30.30
N GLU B 802 -56.83 4.92 31.16
CA GLU B 802 -55.40 4.78 30.90
C GLU B 802 -55.00 3.32 30.84
N ASP B 803 -55.67 2.47 31.61
CA ASP B 803 -55.35 1.04 31.57
C ASP B 803 -55.60 0.49 30.17
N LEU B 804 -56.77 0.76 29.60
CA LEU B 804 -57.03 0.35 28.23
C LEU B 804 -56.05 1.00 27.27
N LEU B 805 -55.73 2.27 27.51
CA LEU B 805 -54.80 2.98 26.63
C LEU B 805 -53.45 2.28 26.56
N PHE B 806 -52.92 1.90 27.72
CA PHE B 806 -51.66 1.17 27.75
C PHE B 806 -51.83 -0.18 27.10
N ASN B 807 -52.97 -0.85 27.34
CA ASN B 807 -53.15 -2.20 26.82
C ASN B 807 -53.12 -2.22 25.29
N LYS B 808 -53.78 -1.25 24.66
CA LYS B 808 -53.80 -1.24 23.20
C LYS B 808 -52.40 -1.11 22.61
N VAL B 809 -51.60 -0.18 23.13
CA VAL B 809 -50.24 0.03 22.61
C VAL B 809 -49.44 -1.19 23.03
N THR B 810 -49.10 -2.01 22.04
CA THR B 810 -48.33 -3.22 22.28
C THR B 810 -47.01 -3.13 21.53
N LEU B 811 -45.91 -3.32 22.26
CA LEU B 811 -44.60 -3.28 21.62
C LEU B 811 -44.45 -4.45 20.66
N ALA B 812 -44.00 -4.16 19.44
CA ALA B 812 -43.86 -5.19 18.42
C ALA B 812 -42.40 -5.35 18.00
N LYS B 837 -28.76 -4.33 23.02
CA LYS B 837 -27.55 -5.08 23.36
C LYS B 837 -26.99 -5.79 22.13
N PHE B 838 -27.32 -5.27 20.95
CA PHE B 838 -26.95 -5.90 19.68
C PHE B 838 -25.81 -5.11 19.06
N ASN B 839 -24.58 -5.62 19.23
CA ASN B 839 -23.43 -5.11 18.50
C ASN B 839 -23.24 -3.61 18.70
N GLY B 840 -23.59 -3.14 19.89
CA GLY B 840 -23.40 -1.74 20.19
C GLY B 840 -24.66 -0.94 20.39
N LEU B 841 -25.82 -1.57 20.39
CA LEU B 841 -27.08 -0.87 20.58
C LEU B 841 -27.40 -0.78 22.06
N THR B 842 -28.02 0.33 22.47
CA THR B 842 -28.55 0.44 23.82
C THR B 842 -29.76 1.35 23.83
N VAL B 843 -30.76 0.97 24.61
CA VAL B 843 -31.92 1.82 24.86
C VAL B 843 -31.83 2.28 26.31
N LEU B 844 -32.07 3.55 26.52
CA LEU B 844 -32.02 4.07 27.87
C LEU B 844 -33.44 4.24 28.40
N PRO B 845 -33.76 3.66 29.55
CA PRO B 845 -35.10 3.82 30.11
C PRO B 845 -35.38 5.28 30.41
N PRO B 846 -36.64 5.69 30.37
CA PRO B 846 -36.96 7.10 30.60
C PRO B 846 -36.61 7.55 32.00
N LEU B 847 -36.31 8.84 32.13
CA LEU B 847 -36.07 9.40 33.46
C LEU B 847 -37.29 9.24 34.36
N LEU B 848 -38.46 9.63 33.89
CA LEU B 848 -39.72 9.38 34.57
C LEU B 848 -40.23 8.01 34.15
N THR B 849 -40.67 7.20 35.11
CA THR B 849 -41.31 5.95 34.72
C THR B 849 -42.80 6.19 34.56
N ASP B 850 -43.48 5.21 33.99
CA ASP B 850 -44.91 5.34 33.75
C ASP B 850 -45.67 5.60 35.02
N ASP B 851 -45.21 5.07 36.16
CA ASP B 851 -45.95 5.23 37.40
C ASP B 851 -45.98 6.68 37.84
N MET B 852 -44.85 7.39 37.78
CA MET B 852 -44.91 8.78 38.21
C MET B 852 -45.71 9.61 37.22
N ILE B 853 -45.68 9.23 35.95
CA ILE B 853 -46.53 9.89 34.98
C ILE B 853 -47.98 9.74 35.38
N ALA B 854 -48.39 8.53 35.73
CA ALA B 854 -49.75 8.30 36.16
C ALA B 854 -50.08 9.11 37.39
N ALA B 855 -49.13 9.20 38.33
CA ALA B 855 -49.38 9.99 39.53
C ALA B 855 -49.60 11.46 39.19
N TYR B 856 -48.80 12.00 38.26
CA TYR B 856 -49.00 13.37 37.81
C TYR B 856 -50.38 13.55 37.21
N THR B 857 -50.78 12.62 36.34
CA THR B 857 -52.10 12.72 35.73
C THR B 857 -53.20 12.70 36.79
N ALA B 858 -53.05 11.82 37.78
CA ALA B 858 -54.03 11.77 38.84
C ALA B 858 -54.12 13.10 39.57
N ALA B 859 -52.97 13.68 39.87
CA ALA B 859 -52.98 14.96 40.56
C ALA B 859 -53.65 16.03 39.71
N LEU B 860 -53.35 16.05 38.41
CA LEU B 860 -53.98 17.02 37.52
C LEU B 860 -55.48 16.89 37.57
N VAL B 861 -55.99 15.67 37.40
CA VAL B 861 -57.43 15.49 37.36
C VAL B 861 -58.04 15.88 38.68
N SER B 862 -57.41 15.49 39.79
CA SER B 862 -57.95 15.83 41.10
C SER B 862 -58.00 17.34 41.28
N GLY B 863 -56.96 18.04 40.84
CA GLY B 863 -56.96 19.48 40.94
C GLY B 863 -58.07 20.10 40.12
N THR B 864 -58.25 19.64 38.89
CA THR B 864 -59.33 20.16 38.06
C THR B 864 -60.67 19.86 38.69
N ALA B 865 -60.75 18.78 39.46
CA ALA B 865 -61.99 18.46 40.17
C ALA B 865 -62.23 19.44 41.30
N THR B 866 -61.20 19.74 42.09
CA THR B 866 -61.45 20.43 43.34
C THR B 866 -61.18 21.93 43.22
N ALA B 867 -59.98 22.32 42.84
CA ALA B 867 -59.57 23.71 42.88
C ALA B 867 -59.92 24.49 41.61
N GLY B 868 -60.35 23.81 40.56
CA GLY B 868 -60.80 24.53 39.37
C GLY B 868 -59.67 25.18 38.60
N TRP B 869 -60.03 26.13 37.75
CA TRP B 869 -59.06 26.72 36.82
C TRP B 869 -58.07 27.64 37.50
N THR B 870 -58.26 27.94 38.79
CA THR B 870 -57.40 28.92 39.44
C THR B 870 -56.02 28.37 39.71
N PHE B 871 -55.92 27.09 40.11
CA PHE B 871 -54.64 26.59 40.61
C PHE B 871 -53.56 26.63 39.54
N GLY B 872 -53.95 26.73 38.27
CA GLY B 872 -52.97 27.05 37.24
C GLY B 872 -52.38 28.42 37.47
N ALA B 873 -53.17 29.36 37.98
CA ALA B 873 -52.70 30.67 38.37
C ALA B 873 -52.28 30.61 39.82
N GLY B 874 -50.99 30.42 40.05
CA GLY B 874 -50.47 30.43 41.41
C GLY B 874 -51.05 29.32 42.25
N ALA B 875 -51.46 29.65 43.46
CA ALA B 875 -51.92 28.65 44.42
C ALA B 875 -53.31 28.13 44.05
N ALA B 876 -53.74 27.12 44.78
CA ALA B 876 -55.03 26.48 44.56
C ALA B 876 -56.05 27.04 45.54
N LEU B 877 -57.30 27.08 45.12
CA LEU B 877 -58.40 27.45 45.99
C LEU B 877 -59.60 26.57 45.68
N GLN B 878 -60.27 26.10 46.72
CA GLN B 878 -61.27 25.06 46.56
C GLN B 878 -62.62 25.62 46.16
N ILE B 879 -63.26 24.97 45.20
CA ILE B 879 -64.55 25.42 44.66
C ILE B 879 -65.47 24.22 44.51
N PRO B 880 -66.75 24.35 44.84
CA PRO B 880 -67.70 23.28 44.52
C PRO B 880 -67.81 23.09 43.02
N PHE B 881 -68.02 21.84 42.61
CA PHE B 881 -67.94 21.54 41.18
C PHE B 881 -69.09 22.17 40.42
N ALA B 882 -70.28 22.23 41.02
CA ALA B 882 -71.38 22.93 40.38
C ALA B 882 -71.03 24.39 40.16
N MET B 883 -70.39 25.03 41.15
CA MET B 883 -69.94 26.40 40.96
C MET B 883 -69.05 26.52 39.74
N GLN B 884 -68.07 25.62 39.61
CA GLN B 884 -67.11 25.76 38.53
C GLN B 884 -67.78 25.52 37.18
N MET B 885 -68.70 24.55 37.11
CA MET B 885 -69.42 24.33 35.87
C MET B 885 -70.22 25.56 35.47
N ALA B 886 -70.93 26.15 36.43
CA ALA B 886 -71.72 27.34 36.12
C ALA B 886 -70.83 28.50 35.68
N TYR B 887 -69.70 28.67 36.36
CA TYR B 887 -68.75 29.70 35.95
C TYR B 887 -68.26 29.45 34.54
N ARG B 888 -68.00 28.20 34.19
CA ARG B 888 -67.51 27.90 32.86
C ARG B 888 -68.56 28.23 31.81
N PHE B 889 -69.83 27.90 32.07
CA PHE B 889 -70.87 28.32 31.13
C PHE B 889 -70.95 29.83 31.00
N ASN B 890 -70.90 30.55 32.12
CA ASN B 890 -70.91 32.00 32.03
C ASN B 890 -69.71 32.50 31.23
N GLY B 891 -68.63 31.73 31.22
CA GLY B 891 -67.54 32.03 30.31
C GLY B 891 -67.90 31.80 28.86
N ILE B 892 -68.64 30.72 28.58
CA ILE B 892 -68.95 30.38 27.19
C ILE B 892 -70.03 31.24 26.57
N GLY B 893 -71.03 31.66 27.34
CA GLY B 893 -72.07 32.49 26.76
C GLY B 893 -73.48 32.24 27.21
N VAL B 894 -73.70 31.37 28.19
CA VAL B 894 -75.01 31.22 28.81
C VAL B 894 -74.88 31.47 30.30
N THR B 895 -75.93 32.02 30.90
CA THR B 895 -75.88 32.33 32.32
C THR B 895 -76.00 31.08 33.17
N GLN B 896 -75.50 31.19 34.40
CA GLN B 896 -75.40 30.05 35.30
C GLN B 896 -76.76 29.43 35.58
N ASN B 897 -77.83 30.22 35.41
CA ASN B 897 -79.16 29.72 35.70
C ASN B 897 -79.47 28.48 34.89
N VAL B 898 -79.10 28.46 33.62
CA VAL B 898 -79.41 27.33 32.77
C VAL B 898 -78.76 26.06 33.33
N LEU B 899 -77.48 26.16 33.69
CA LEU B 899 -76.79 24.99 34.21
C LEU B 899 -77.43 24.49 35.50
N TYR B 900 -77.67 25.41 36.44
CA TYR B 900 -78.25 24.97 37.71
C TYR B 900 -79.64 24.38 37.51
N GLU B 901 -80.44 24.97 36.62
CA GLU B 901 -81.79 24.47 36.39
C GLU B 901 -81.77 23.09 35.76
N ASN B 902 -80.74 22.79 34.97
CA ASN B 902 -80.65 21.52 34.26
C ASN B 902 -79.44 20.71 34.68
N GLN B 903 -79.07 20.78 35.96
CA GLN B 903 -77.86 20.09 36.42
C GLN B 903 -77.97 18.59 36.19
N LYS B 904 -79.13 18.01 36.49
CA LYS B 904 -79.27 16.56 36.42
C LYS B 904 -78.97 16.05 35.02
N GLN B 905 -79.54 16.69 34.00
CA GLN B 905 -79.42 16.19 32.64
C GLN B 905 -77.98 16.29 32.16
N ILE B 906 -77.32 17.41 32.44
CA ILE B 906 -75.93 17.55 32.01
C ILE B 906 -75.06 16.52 32.70
N ALA B 907 -75.31 16.28 33.99
CA ALA B 907 -74.57 15.24 34.69
C ALA B 907 -74.78 13.88 34.04
N ASN B 908 -76.02 13.56 33.72
CA ASN B 908 -76.31 12.27 33.10
C ASN B 908 -75.61 12.14 31.76
N GLN B 909 -75.68 13.17 30.94
CA GLN B 909 -75.07 13.11 29.62
C GLN B 909 -73.56 13.03 29.73
N PHE B 910 -72.99 13.73 30.70
CA PHE B 910 -71.55 13.67 30.91
C PHE B 910 -71.14 12.26 31.30
N ASN B 911 -71.92 11.62 32.17
CA ASN B 911 -71.63 10.24 32.55
C ASN B 911 -71.76 9.31 31.35
N LYS B 912 -72.80 9.51 30.55
CA LYS B 912 -72.98 8.69 29.36
C LYS B 912 -71.82 8.89 28.39
N ALA B 913 -71.30 10.11 28.31
CA ALA B 913 -70.20 10.39 27.42
C ALA B 913 -68.94 9.67 27.87
N ILE B 914 -68.61 9.77 29.15
CA ILE B 914 -67.45 9.05 29.65
C ILE B 914 -67.67 7.55 29.44
N SER B 915 -68.92 7.10 29.55
CA SER B 915 -69.22 5.69 29.31
C SER B 915 -68.92 5.31 27.87
N GLN B 916 -69.42 6.08 26.91
CA GLN B 916 -69.26 5.69 25.52
C GLN B 916 -67.81 5.78 25.09
N ILE B 917 -67.06 6.75 25.62
CA ILE B 917 -65.65 6.79 25.28
C ILE B 917 -64.93 5.60 25.90
N GLN B 918 -65.36 5.19 27.09
CA GLN B 918 -64.82 3.98 27.69
C GLN B 918 -65.06 2.79 26.76
N GLU B 919 -66.26 2.68 26.21
CA GLU B 919 -66.55 1.59 25.29
C GLU B 919 -65.73 1.70 24.02
N SER B 920 -65.59 2.91 23.49
CA SER B 920 -64.88 3.09 22.23
C SER B 920 -63.42 2.69 22.37
N LEU B 921 -62.76 3.14 23.43
CA LEU B 921 -61.37 2.74 23.63
C LEU B 921 -61.29 1.30 24.10
N THR B 922 -62.38 0.78 24.68
CA THR B 922 -62.46 -0.64 24.97
C THR B 922 -62.40 -1.45 23.69
N THR B 923 -63.14 -1.04 22.68
CA THR B 923 -63.02 -1.65 21.36
C THR B 923 -61.64 -1.37 20.77
N THR B 924 -61.13 -2.34 20.02
CA THR B 924 -59.93 -2.10 19.24
C THR B 924 -60.18 -0.94 18.30
N SER B 925 -59.29 0.04 18.33
CA SER B 925 -59.50 1.29 17.60
C SER B 925 -58.20 1.76 17.00
N THR B 926 -58.30 2.63 16.00
CA THR B 926 -57.15 3.24 15.37
C THR B 926 -56.76 4.56 16.04
N ALA B 927 -57.45 4.93 17.12
CA ALA B 927 -57.14 6.17 17.82
C ALA B 927 -55.69 6.19 18.28
N LEU B 928 -55.17 5.03 18.68
CA LEU B 928 -53.80 4.93 19.15
C LEU B 928 -52.81 4.82 18.00
N GLY B 929 -53.29 4.63 16.77
CA GLY B 929 -52.40 4.34 15.67
C GLY B 929 -51.23 5.29 15.60
N LYS B 930 -51.49 6.58 15.78
CA LYS B 930 -50.43 7.57 15.79
C LYS B 930 -49.24 7.12 16.63
N LEU B 931 -49.45 6.94 17.94
CA LEU B 931 -48.36 6.53 18.81
C LEU B 931 -47.66 5.31 18.25
N GLN B 932 -48.46 4.30 17.86
CA GLN B 932 -47.86 3.05 17.40
C GLN B 932 -46.88 3.31 16.28
N ASP B 933 -47.29 4.12 15.30
CA ASP B 933 -46.41 4.38 14.16
C ASP B 933 -45.04 4.79 14.63
N VAL B 934 -44.98 5.72 15.58
CA VAL B 934 -43.71 6.20 16.08
C VAL B 934 -42.82 5.03 16.45
N VAL B 935 -43.27 4.19 17.38
CA VAL B 935 -42.41 3.10 17.81
C VAL B 935 -42.10 2.19 16.63
N ASN B 936 -43.12 1.88 15.82
CA ASN B 936 -42.86 1.13 14.60
C ASN B 936 -41.70 1.73 13.85
N GLN B 937 -41.82 3.01 13.49
CA GLN B 937 -40.73 3.69 12.81
C GLN B 937 -39.41 3.39 13.49
N ASN B 938 -39.32 3.72 14.78
CA ASN B 938 -38.06 3.53 15.48
C ASN B 938 -37.55 2.12 15.31
N ALA B 939 -38.41 1.14 15.63
CA ALA B 939 -37.97 -0.25 15.56
C ALA B 939 -37.41 -0.55 14.19
N GLN B 940 -38.15 -0.18 13.15
CA GLN B 940 -37.75 -0.54 11.80
C GLN B 940 -36.35 -0.01 11.51
N ALA B 941 -36.10 1.24 11.90
CA ALA B 941 -34.80 1.83 11.61
C ALA B 941 -33.69 0.98 12.20
N LEU B 942 -33.85 0.57 13.46
CA LEU B 942 -32.82 -0.24 14.09
C LEU B 942 -32.52 -1.47 13.25
N ASN B 943 -33.57 -2.17 12.80
CA ASN B 943 -33.35 -3.39 12.04
C ASN B 943 -32.51 -3.10 10.80
N THR B 944 -32.81 -2.00 10.12
CA THR B 944 -32.04 -1.66 8.94
C THR B 944 -30.56 -1.62 9.25
N LEU B 945 -30.20 -0.93 10.34
CA LEU B 945 -28.80 -0.88 10.74
C LEU B 945 -28.23 -2.28 10.85
N VAL B 946 -28.92 -3.16 11.57
CA VAL B 946 -28.44 -4.52 11.74
C VAL B 946 -28.28 -5.19 10.40
N LYS B 947 -29.27 -5.04 9.52
CA LYS B 947 -29.15 -5.62 8.20
C LYS B 947 -28.01 -4.96 7.44
N GLN B 948 -27.90 -3.63 7.53
CA GLN B 948 -26.75 -2.96 6.95
C GLN B 948 -25.47 -3.49 7.54
N LEU B 949 -25.51 -3.88 8.82
CA LEU B 949 -24.36 -4.52 9.43
C LEU B 949 -23.94 -5.77 8.67
N SER B 950 -24.90 -6.63 8.33
CA SER B 950 -24.53 -7.93 7.78
C SER B 950 -24.15 -7.84 6.31
N SER B 951 -24.54 -6.75 5.65
CA SER B 951 -24.36 -6.66 4.21
C SER B 951 -22.95 -6.21 3.84
N ASN B 952 -22.39 -6.86 2.82
CA ASN B 952 -21.05 -6.57 2.31
C ASN B 952 -21.08 -5.29 1.48
N PHE B 953 -19.98 -4.54 1.54
CA PHE B 953 -19.84 -3.23 0.88
C PHE B 953 -18.64 -3.30 -0.06
N GLY B 954 -18.84 -3.77 -1.27
CA GLY B 954 -17.76 -3.80 -2.24
C GLY B 954 -16.54 -4.55 -1.78
N ALA B 955 -16.71 -5.51 -0.89
CA ALA B 955 -15.60 -6.29 -0.36
C ALA B 955 -15.86 -7.76 -0.61
N ILE B 956 -14.81 -8.57 -0.43
CA ILE B 956 -14.94 -10.00 -0.70
C ILE B 956 -15.91 -10.65 0.27
N SER B 957 -15.95 -10.17 1.51
CA SER B 957 -16.79 -10.74 2.54
C SER B 957 -17.39 -9.64 3.41
N SER B 958 -18.54 -9.92 4.01
CA SER B 958 -19.13 -8.98 4.94
C SER B 958 -18.36 -8.93 6.25
N VAL B 959 -18.01 -10.10 6.78
CA VAL B 959 -17.41 -10.18 8.11
C VAL B 959 -15.94 -9.78 8.04
N LEU B 960 -15.52 -8.91 8.95
CA LEU B 960 -14.16 -8.38 8.91
C LEU B 960 -13.15 -9.44 9.34
N ASN B 961 -13.54 -10.32 10.25
CA ASN B 961 -12.64 -11.39 10.67
C ASN B 961 -12.31 -12.31 9.51
N ASP B 962 -13.31 -12.64 8.69
CA ASP B 962 -13.05 -13.41 7.48
C ASP B 962 -12.07 -12.68 6.58
N ILE B 963 -12.26 -11.38 6.44
CA ILE B 963 -11.39 -10.56 5.61
C ILE B 963 -9.95 -10.65 6.08
N LEU B 964 -9.75 -10.51 7.40
CA LEU B 964 -8.40 -10.64 7.93
C LEU B 964 -7.85 -12.03 7.70
N SER B 965 -8.69 -13.05 7.91
CA SER B 965 -8.24 -14.43 7.86
C SER B 965 -7.76 -14.82 6.47
N ARG B 966 -8.46 -14.36 5.44
CA ARG B 966 -8.26 -14.94 4.12
C ARG B 966 -7.41 -14.10 3.18
N LEU B 967 -6.85 -12.96 3.62
CA LEU B 967 -6.09 -12.13 2.69
C LEU B 967 -4.83 -11.57 3.33
N ASP B 968 -3.93 -11.14 2.45
CA ASP B 968 -2.65 -10.56 2.86
C ASP B 968 -2.90 -9.25 3.62
N PRO B 969 -2.17 -9.00 4.70
CA PRO B 969 -2.48 -7.85 5.56
C PRO B 969 -2.40 -6.53 4.81
N PRO B 970 -1.38 -6.28 3.99
CA PRO B 970 -1.38 -5.03 3.21
C PRO B 970 -2.62 -4.87 2.34
N GLU B 971 -3.07 -5.93 1.68
CA GLU B 971 -4.22 -5.82 0.81
C GLU B 971 -5.54 -5.93 1.57
N ALA B 972 -5.52 -6.38 2.82
CA ALA B 972 -6.75 -6.43 3.59
C ALA B 972 -7.31 -5.04 3.83
N GLU B 973 -6.42 -4.09 4.11
CA GLU B 973 -6.85 -2.79 4.61
C GLU B 973 -7.75 -2.07 3.61
N VAL B 974 -7.65 -2.39 2.32
CA VAL B 974 -8.46 -1.67 1.35
C VAL B 974 -9.93 -2.05 1.45
N GLN B 975 -10.23 -3.35 1.47
CA GLN B 975 -11.63 -3.71 1.63
C GLN B 975 -12.09 -3.46 3.05
N ILE B 976 -11.18 -3.53 4.02
CA ILE B 976 -11.53 -3.06 5.34
C ILE B 976 -12.02 -1.62 5.26
N ASP B 977 -11.23 -0.76 4.60
CA ASP B 977 -11.59 0.63 4.39
C ASP B 977 -12.95 0.76 3.74
N ARG B 978 -13.25 -0.15 2.81
CA ARG B 978 -14.59 -0.16 2.25
C ARG B 978 -15.63 -0.37 3.33
N LEU B 979 -15.40 -1.33 4.22
CA LEU B 979 -16.33 -1.56 5.32
C LEU B 979 -16.49 -0.32 6.18
N ILE B 980 -15.38 0.29 6.59
CA ILE B 980 -15.48 1.52 7.39
C ILE B 980 -16.27 2.59 6.65
N THR B 981 -15.92 2.85 5.39
CA THR B 981 -16.62 3.90 4.65
C THR B 981 -18.12 3.66 4.65
N GLY B 982 -18.54 2.46 4.28
CA GLY B 982 -19.96 2.19 4.17
C GLY B 982 -20.67 2.22 5.50
N ARG B 983 -20.14 1.53 6.50
CA ARG B 983 -20.87 1.51 7.77
C ARG B 983 -20.89 2.89 8.42
N LEU B 984 -19.84 3.67 8.24
CA LEU B 984 -19.85 5.02 8.80
C LEU B 984 -20.91 5.87 8.15
N GLN B 985 -20.97 5.89 6.82
CA GLN B 985 -22.05 6.65 6.19
C GLN B 985 -23.42 6.09 6.58
N SER B 986 -23.49 4.78 6.84
CA SER B 986 -24.78 4.20 7.23
C SER B 986 -25.24 4.72 8.58
N LEU B 987 -24.36 4.66 9.58
CA LEU B 987 -24.69 5.24 10.87
C LEU B 987 -25.00 6.71 10.74
N GLN B 988 -24.27 7.40 9.86
CA GLN B 988 -24.51 8.82 9.67
C GLN B 988 -25.93 9.05 9.19
N THR B 989 -26.37 8.24 8.22
CA THR B 989 -27.72 8.34 7.71
C THR B 989 -28.73 8.06 8.82
N TYR B 990 -28.48 7.03 9.62
CA TYR B 990 -29.35 6.75 10.75
C TYR B 990 -29.47 7.95 11.67
N VAL B 991 -28.35 8.57 12.01
CA VAL B 991 -28.35 9.70 12.92
C VAL B 991 -29.15 10.85 12.33
N THR B 992 -28.94 11.12 11.04
CA THR B 992 -29.70 12.17 10.39
C THR B 992 -31.20 11.92 10.49
N GLN B 993 -31.62 10.70 10.15
CA GLN B 993 -33.05 10.42 10.18
C GLN B 993 -33.57 10.56 11.59
N GLN B 994 -32.84 10.04 12.58
CA GLN B 994 -33.28 10.15 13.95
C GLN B 994 -33.44 11.60 14.36
N LEU B 995 -32.47 12.45 13.99
CA LEU B 995 -32.63 13.87 14.22
C LEU B 995 -33.90 14.37 13.59
N ILE B 996 -34.24 13.86 12.41
CA ILE B 996 -35.48 14.21 11.76
C ILE B 996 -36.61 13.29 12.20
N ALA B 998 -36.78 13.77 15.12
CA ALA B 998 -36.81 14.24 16.49
C ALA B 998 -37.48 15.61 16.58
N ALA B 999 -37.24 16.44 15.56
CA ALA B 999 -37.74 17.81 15.61
C ALA B 999 -39.26 17.85 15.62
N GLU B 1000 -39.90 17.03 14.78
CA GLU B 1000 -41.35 17.00 14.79
C GLU B 1000 -41.88 16.51 16.13
N ILE B 1001 -41.20 15.54 16.73
CA ILE B 1001 -41.61 15.08 18.05
C ILE B 1001 -41.53 16.23 19.04
N ARG B 1002 -40.44 17.00 18.98
CA ARG B 1002 -40.29 18.11 19.90
C ARG B 1002 -41.39 19.14 19.70
N ALA B 1003 -41.70 19.46 18.45
CA ALA B 1003 -42.76 20.43 18.19
C ALA B 1003 -44.09 19.92 18.71
N SER B 1004 -44.37 18.64 18.49
CA SER B 1004 -45.57 18.04 19.06
C SER B 1004 -45.56 18.16 20.56
N ALA B 1005 -44.40 17.97 21.18
CA ALA B 1005 -44.31 18.08 22.63
C ALA B 1005 -44.64 19.49 23.08
N ASN B 1006 -44.10 20.49 22.39
CA ASN B 1006 -44.37 21.86 22.78
C ASN B 1006 -45.85 22.18 22.64
N LEU B 1007 -46.48 21.71 21.56
CA LEU B 1007 -47.91 21.95 21.42
C LEU B 1007 -48.67 21.22 22.52
N ALA B 1008 -48.16 20.06 22.93
CA ALA B 1008 -48.76 19.35 24.04
C ALA B 1008 -48.66 20.17 25.31
N ALA B 1009 -47.52 20.80 25.53
CA ALA B 1009 -47.35 21.62 26.73
C ALA B 1009 -48.32 22.79 26.72
N THR B 1010 -48.48 23.45 25.57
CA THR B 1010 -49.44 24.54 25.49
C THR B 1010 -50.86 24.02 25.69
N LYS B 1011 -51.15 22.85 25.16
CA LYS B 1011 -52.47 22.26 25.32
C LYS B 1011 -52.76 21.99 26.78
N MET B 1012 -51.76 21.46 27.49
CA MET B 1012 -51.82 21.33 28.93
C MET B 1012 -52.14 22.67 29.59
N SER B 1013 -51.29 23.66 29.36
CA SER B 1013 -51.36 24.88 30.14
C SER B 1013 -52.65 25.64 29.86
N GLU B 1014 -53.11 25.62 28.61
CA GLU B 1014 -54.11 26.60 28.21
C GLU B 1014 -55.52 26.03 28.32
N CYS B 1015 -55.68 24.73 28.12
CA CYS B 1015 -56.99 24.10 28.22
C CYS B 1015 -57.16 23.25 29.46
N VAL B 1016 -56.15 22.45 29.82
CA VAL B 1016 -56.26 21.65 31.03
C VAL B 1016 -56.32 22.54 32.26
N LEU B 1017 -55.62 23.66 32.22
CA LEU B 1017 -55.56 24.53 33.38
C LEU B 1017 -56.56 25.68 33.32
N GLY B 1018 -57.42 25.72 32.31
CA GLY B 1018 -58.42 26.77 32.29
C GLY B 1018 -59.18 26.80 31.00
N GLN B 1019 -60.20 27.64 30.97
CA GLN B 1019 -61.08 27.77 29.83
C GLN B 1019 -60.34 28.41 28.68
N SER B 1020 -60.72 28.06 27.46
CA SER B 1020 -60.05 28.53 26.25
C SER B 1020 -61.05 29.18 25.31
N LYS B 1021 -61.02 30.49 25.22
CA LYS B 1021 -61.91 31.17 24.29
C LYS B 1021 -61.47 30.99 22.85
N ARG B 1022 -60.23 30.58 22.60
CA ARG B 1022 -59.83 30.26 21.26
C ARG B 1022 -60.63 29.06 20.77
N VAL B 1023 -61.10 29.13 19.53
CA VAL B 1023 -61.99 28.11 18.99
C VAL B 1023 -61.16 27.05 18.28
N ASP B 1024 -61.56 25.80 18.39
CA ASP B 1024 -61.02 24.66 17.64
C ASP B 1024 -59.66 24.21 18.14
N PHE B 1025 -59.07 24.92 19.10
CA PHE B 1025 -57.81 24.47 19.64
C PHE B 1025 -58.00 23.23 20.50
N CYS B 1026 -59.13 23.13 21.20
CA CYS B 1026 -59.41 22.05 22.11
C CYS B 1026 -60.79 21.49 21.82
N GLY B 1027 -60.85 20.37 21.15
CA GLY B 1027 -62.12 19.77 20.85
C GLY B 1027 -62.87 20.52 19.76
N LYS B 1028 -64.09 20.06 19.53
CA LYS B 1028 -64.97 20.63 18.52
C LYS B 1028 -66.08 21.37 19.23
N GLY B 1029 -66.27 22.63 18.88
CA GLY B 1029 -67.24 23.46 19.55
C GLY B 1029 -66.58 24.20 20.68
N TYR B 1030 -67.39 24.89 21.47
CA TYR B 1030 -66.89 25.68 22.57
C TYR B 1030 -66.23 24.76 23.59
N HIS B 1031 -65.05 25.13 24.05
CA HIS B 1031 -64.32 24.29 24.99
C HIS B 1031 -64.77 24.56 26.42
N LEU B 1032 -65.10 23.49 27.15
CA LEU B 1032 -65.42 23.62 28.56
C LEU B 1032 -64.24 23.25 29.44
N MET B 1033 -63.69 22.05 29.28
CA MET B 1033 -62.48 21.72 30.04
C MET B 1033 -61.78 20.57 29.36
N SER B 1034 -60.65 20.21 29.93
CA SER B 1034 -59.78 19.20 29.38
C SER B 1034 -59.30 18.27 30.48
N PHE B 1035 -59.35 16.98 30.22
CA PHE B 1035 -58.77 16.01 31.12
C PHE B 1035 -57.63 15.29 30.43
N PRO B 1036 -56.43 15.40 30.93
CA PRO B 1036 -55.33 14.63 30.34
C PRO B 1036 -55.33 13.21 30.86
N GLN B 1037 -54.80 12.28 30.08
CA GLN B 1037 -54.61 10.91 30.53
C GLN B 1037 -53.29 10.39 29.98
N ALA B 1038 -52.52 9.73 30.83
CA ALA B 1038 -51.23 9.20 30.41
C ALA B 1038 -51.41 8.03 29.46
N ALA B 1039 -50.43 7.82 28.59
CA ALA B 1039 -50.44 6.71 27.66
C ALA B 1039 -49.00 6.40 27.27
N PRO B 1040 -48.73 5.18 26.81
CA PRO B 1040 -47.36 4.83 26.42
C PRO B 1040 -46.78 5.83 25.45
N HIS B 1041 -45.66 6.45 25.84
CA HIS B 1041 -44.93 7.40 25.03
C HIS B 1041 -45.73 8.65 24.70
N GLY B 1042 -46.86 8.88 25.35
CA GLY B 1042 -47.68 9.99 24.93
C GLY B 1042 -48.82 10.33 25.86
N VAL B 1043 -49.65 11.25 25.39
CA VAL B 1043 -50.75 11.76 26.18
C VAL B 1043 -52.03 11.64 25.36
N VAL B 1044 -53.16 11.49 26.06
CA VAL B 1044 -54.47 11.42 25.45
C VAL B 1044 -55.35 12.46 26.10
N PHE B 1045 -55.84 13.40 25.30
CA PHE B 1045 -56.59 14.54 25.80
C PHE B 1045 -58.07 14.26 25.66
N LEU B 1046 -58.84 14.63 26.68
CA LEU B 1046 -60.29 14.54 26.63
C LEU B 1046 -60.83 15.97 26.66
N HIS B 1047 -61.49 16.38 25.59
CA HIS B 1047 -62.15 17.68 25.56
C HIS B 1047 -63.62 17.47 25.87
N VAL B 1048 -64.12 18.22 26.84
CA VAL B 1048 -65.54 18.23 27.14
C VAL B 1048 -66.14 19.46 26.46
N THR B 1049 -66.97 19.24 25.45
CA THR B 1049 -67.41 20.32 24.57
C THR B 1049 -68.92 20.47 24.61
N TYR B 1050 -69.34 21.72 24.45
CA TYR B 1050 -70.73 22.12 24.39
C TYR B 1050 -71.13 22.23 22.93
N VAL B 1051 -72.28 21.68 22.58
CA VAL B 1051 -72.73 21.59 21.20
C VAL B 1051 -74.17 22.11 21.12
N PRO B 1052 -74.45 23.08 20.28
CA PRO B 1052 -75.84 23.52 20.11
C PRO B 1052 -76.67 22.46 19.40
N SER B 1053 -77.99 22.53 19.56
CA SER B 1053 -78.87 21.53 18.99
C SER B 1053 -80.32 22.02 19.07
N GLN B 1054 -81.19 21.33 18.33
CA GLN B 1054 -82.62 21.64 18.27
C GLN B 1054 -82.85 23.10 17.87
N GLU B 1055 -82.44 23.42 16.65
CA GLU B 1055 -82.46 24.81 16.19
C GLU B 1055 -83.85 25.20 15.69
N ARG B 1056 -84.20 26.46 15.91
CA ARG B 1056 -85.45 27.03 15.44
C ARG B 1056 -85.19 28.42 14.89
N ASN B 1057 -85.95 28.81 13.88
CA ASN B 1057 -85.78 30.11 13.25
C ASN B 1057 -86.93 31.03 13.64
N PHE B 1058 -86.62 32.31 13.78
CA PHE B 1058 -87.60 33.30 14.21
C PHE B 1058 -87.36 34.61 13.47
N THR B 1059 -88.44 35.35 13.26
CA THR B 1059 -88.31 36.70 12.73
C THR B 1059 -87.53 37.56 13.72
N THR B 1060 -86.60 38.35 13.20
CA THR B 1060 -85.77 39.19 14.04
C THR B 1060 -85.82 40.63 13.56
N ALA B 1061 -85.51 41.55 14.47
CA ALA B 1061 -85.37 42.95 14.14
C ALA B 1061 -84.17 43.52 14.89
N PRO B 1062 -83.31 44.28 14.23
CA PRO B 1062 -82.08 44.73 14.88
C PRO B 1062 -82.30 45.54 16.15
N ALA B 1063 -83.29 46.43 16.16
CA ALA B 1063 -83.48 47.34 17.28
C ALA B 1063 -84.96 47.68 17.38
N ILE B 1064 -85.31 48.44 18.41
CA ILE B 1064 -86.71 48.74 18.69
C ILE B 1064 -86.89 50.23 18.84
N CYS B 1065 -87.89 50.79 18.16
CA CYS B 1065 -88.26 52.18 18.33
C CYS B 1065 -89.51 52.24 19.20
N HIS B 1066 -89.39 52.86 20.37
CA HIS B 1066 -90.50 52.93 21.31
C HIS B 1066 -91.17 54.29 21.31
N GLU B 1067 -90.41 55.36 21.55
CA GLU B 1067 -90.93 56.72 21.46
C GLU B 1067 -89.82 57.62 20.92
N GLY B 1068 -89.74 57.72 19.59
CA GLY B 1068 -88.73 58.53 18.96
C GLY B 1068 -87.30 58.17 19.29
N LYS B 1069 -87.09 57.07 20.01
CA LYS B 1069 -85.77 56.68 20.50
C LYS B 1069 -85.47 55.27 20.04
N ALA B 1070 -84.21 55.06 19.65
CA ALA B 1070 -83.75 53.74 19.23
C ALA B 1070 -83.20 53.01 20.44
N TYR B 1071 -83.68 51.80 20.68
CA TYR B 1071 -83.19 50.92 21.72
C TYR B 1071 -82.45 49.78 21.06
N PHE B 1072 -81.24 49.52 21.54
CA PHE B 1072 -80.38 48.47 21.06
C PHE B 1072 -80.19 47.44 22.15
N PRO B 1073 -80.40 46.16 21.86
CA PRO B 1073 -80.31 45.15 22.91
C PRO B 1073 -78.89 45.07 23.45
N ARG B 1074 -78.78 44.80 24.75
CA ARG B 1074 -77.49 44.67 25.39
C ARG B 1074 -77.17 43.19 25.54
N GLU B 1075 -76.08 42.76 24.91
CA GLU B 1075 -75.58 41.39 25.07
C GLU B 1075 -76.65 40.36 24.80
N GLY B 1076 -77.44 40.59 23.77
CA GLY B 1076 -78.55 39.70 23.43
C GLY B 1076 -79.04 40.00 22.05
N VAL B 1077 -80.09 39.29 21.67
CA VAL B 1077 -80.71 39.44 20.35
C VAL B 1077 -82.22 39.53 20.55
N PHE B 1078 -82.85 40.44 19.83
CA PHE B 1078 -84.30 40.50 19.80
C PHE B 1078 -84.84 39.38 18.94
N VAL B 1079 -85.89 38.73 19.43
CA VAL B 1079 -86.50 37.61 18.73
C VAL B 1079 -88.01 37.81 18.76
N PHE B 1080 -88.69 37.19 17.81
CA PHE B 1080 -90.12 37.32 17.66
C PHE B 1080 -90.71 35.96 17.32
N ASN B 1081 -91.22 35.27 18.35
CA ASN B 1081 -91.80 33.96 18.14
C ASN B 1081 -93.09 34.00 17.34
N GLY B 1082 -93.76 35.16 17.29
CA GLY B 1082 -94.98 35.29 16.54
C GLY B 1082 -96.04 36.17 17.18
N THR B 1083 -96.00 36.35 18.49
CA THR B 1083 -97.01 37.17 19.18
C THR B 1083 -96.43 38.45 19.75
N SER B 1084 -95.41 38.34 20.59
CA SER B 1084 -94.75 39.50 21.16
C SER B 1084 -93.25 39.32 21.01
N TRP B 1085 -92.52 40.41 21.22
CA TRP B 1085 -91.08 40.40 21.04
C TRP B 1085 -90.39 40.11 22.36
N PHE B 1086 -89.24 39.46 22.30
CA PHE B 1086 -88.49 39.09 23.49
C PHE B 1086 -87.01 39.30 23.24
N ILE B 1087 -86.24 39.31 24.32
CA ILE B 1087 -84.79 39.40 24.27
C ILE B 1087 -84.22 38.08 24.75
N THR B 1088 -83.17 37.60 24.08
CA THR B 1088 -82.63 36.30 24.46
C THR B 1088 -81.17 36.18 24.06
N GLN B 1089 -80.52 35.16 24.61
CA GLN B 1089 -79.11 34.90 24.36
C GLN B 1089 -78.92 34.19 23.04
N ARG B 1090 -77.79 34.43 22.38
CA ARG B 1090 -77.57 33.85 21.07
C ARG B 1090 -77.49 32.33 21.13
N ASN B 1091 -76.61 31.80 21.97
CA ASN B 1091 -76.32 30.37 21.89
C ASN B 1091 -77.45 29.52 22.47
N PHE B 1092 -78.01 29.94 23.60
CA PHE B 1092 -79.11 29.22 24.23
C PHE B 1092 -80.34 30.11 24.24
N PHE B 1093 -81.49 29.51 23.99
CA PHE B 1093 -82.74 30.23 23.87
C PHE B 1093 -83.39 30.40 25.24
N SER B 1094 -83.70 31.64 25.59
CA SER B 1094 -84.46 31.94 26.80
C SER B 1094 -85.18 33.27 26.61
N PRO B 1095 -86.49 33.28 26.42
CA PRO B 1095 -87.22 34.55 26.24
C PRO B 1095 -87.17 35.36 27.52
N GLN B 1096 -87.17 36.69 27.36
CA GLN B 1096 -87.21 37.62 28.47
C GLN B 1096 -88.04 38.84 28.06
N ILE B 1097 -88.86 39.33 28.98
CA ILE B 1097 -89.62 40.54 28.71
C ILE B 1097 -88.65 41.71 28.61
N ILE B 1098 -88.78 42.48 27.53
CA ILE B 1098 -87.84 43.54 27.25
C ILE B 1098 -88.07 44.70 28.19
N THR B 1099 -87.03 45.10 28.92
CA THR B 1099 -87.13 46.16 29.91
C THR B 1099 -86.14 47.25 29.57
N THR B 1100 -86.27 48.37 30.28
CA THR B 1100 -85.24 49.39 30.22
C THR B 1100 -83.89 48.81 30.56
N ASP B 1101 -83.86 47.81 31.43
CA ASP B 1101 -82.61 47.18 31.81
C ASP B 1101 -82.08 46.30 30.69
N ASN B 1102 -82.97 45.72 29.89
CA ASN B 1102 -82.55 44.70 28.94
C ASN B 1102 -81.81 45.31 27.75
N THR B 1103 -81.97 46.61 27.54
CA THR B 1103 -81.43 47.29 26.37
C THR B 1103 -80.77 48.58 26.82
N PHE B 1104 -80.12 49.26 25.88
CA PHE B 1104 -79.75 50.66 26.11
C PHE B 1104 -80.14 51.52 24.93
N VAL B 1105 -80.43 52.78 25.21
CA VAL B 1105 -80.95 53.71 24.22
C VAL B 1105 -79.80 54.59 23.74
N SER B 1106 -79.76 54.82 22.43
CA SER B 1106 -78.75 55.66 21.81
C SER B 1106 -79.21 56.05 20.43
N GLY B 1107 -79.14 57.34 20.13
CA GLY B 1107 -79.60 57.81 18.85
C GLY B 1107 -81.11 57.77 18.71
N SER B 1108 -81.56 57.90 17.47
CA SER B 1108 -82.98 57.98 17.15
C SER B 1108 -83.38 56.82 16.26
N CYS B 1109 -84.69 56.73 16.01
CA CYS B 1109 -85.23 55.58 15.29
C CYS B 1109 -84.89 55.62 13.81
N ASP B 1110 -84.72 56.81 13.26
CA ASP B 1110 -84.69 56.95 11.80
C ASP B 1110 -83.51 56.24 11.17
N VAL B 1111 -82.35 56.24 11.84
CA VAL B 1111 -81.13 55.78 11.20
C VAL B 1111 -81.15 54.27 10.97
N VAL B 1112 -81.74 53.51 11.90
CA VAL B 1112 -81.64 52.06 11.84
C VAL B 1112 -82.53 51.52 10.72
N ILE B 1113 -81.98 50.62 9.92
CA ILE B 1113 -82.72 50.10 8.78
C ILE B 1113 -83.87 49.20 9.24
N GLY B 1114 -83.55 48.15 9.99
CA GLY B 1114 -84.53 47.14 10.33
C GLY B 1114 -85.32 47.40 11.58
N ILE B 1115 -85.18 48.58 12.19
CA ILE B 1115 -85.88 48.85 13.45
C ILE B 1115 -87.38 48.79 13.22
N ILE B 1116 -88.11 48.47 14.28
CA ILE B 1116 -89.56 48.34 14.22
C ILE B 1116 -90.18 49.04 15.41
N ASN B 1117 -91.51 49.05 15.43
CA ASN B 1117 -92.27 49.64 16.51
C ASN B 1117 -92.61 48.56 17.52
N ASN B 1118 -92.27 48.79 18.80
CA ASN B 1118 -92.70 47.90 19.86
C ASN B 1118 -92.55 48.63 21.19
N THR B 1119 -93.51 48.39 22.08
CA THR B 1119 -93.46 49.02 23.40
C THR B 1119 -92.36 48.39 24.24
N VAL B 1120 -91.92 49.14 25.25
CA VAL B 1120 -90.87 48.69 26.17
C VAL B 1120 -91.43 48.78 27.58
N TYR B 1121 -91.28 47.71 28.35
CA TYR B 1121 -91.67 47.74 29.74
C TYR B 1121 -90.61 48.46 30.55
N ASP B 1122 -91.07 49.21 31.56
CA ASP B 1122 -90.20 49.87 32.50
C ASP B 1122 -90.61 49.49 33.92
N PRO B 1123 -89.70 48.90 34.71
CA PRO B 1123 -90.06 48.55 36.09
C PRO B 1123 -90.42 49.76 36.93
N LEU B 1124 -90.00 50.96 36.51
CA LEU B 1124 -90.27 52.16 37.27
C LEU B 1124 -91.69 52.67 37.06
N GLN B 1125 -92.39 52.15 36.05
CA GLN B 1125 -93.75 52.62 35.77
C GLN B 1125 -94.73 52.40 36.92
N PRO B 1126 -94.80 51.23 37.57
CA PRO B 1126 -95.86 51.03 38.58
C PRO B 1126 -95.84 52.05 39.70
N GLU B 1127 -94.69 52.63 39.99
CA GLU B 1127 -94.60 53.66 41.02
C GLU B 1127 -95.47 54.87 40.66
N LYS C 19 8.72 37.14 -62.53
CA LYS C 19 8.10 36.23 -61.57
C LYS C 19 8.63 36.47 -60.16
N CYS C 20 7.83 36.10 -59.16
CA CYS C 20 8.22 36.21 -57.75
C CYS C 20 8.64 37.64 -57.40
N LEU C 21 7.89 38.61 -57.92
CA LEU C 21 8.25 40.01 -57.75
C LEU C 21 8.15 40.43 -56.29
N ASP C 22 9.07 41.31 -55.89
CA ASP C 22 9.02 41.96 -54.59
C ASP C 22 8.80 43.46 -54.82
N PHE C 23 7.82 44.01 -54.12
CA PHE C 23 7.42 45.39 -54.38
C PHE C 23 8.03 46.35 -53.37
N ASP C 24 8.60 47.43 -53.89
CA ASP C 24 9.42 48.35 -53.12
C ASP C 24 8.55 49.37 -52.39
N ASP C 25 9.22 50.13 -51.51
CA ASP C 25 8.69 51.32 -50.83
C ASP C 25 7.20 51.21 -50.49
N ARG C 26 6.80 50.04 -50.01
CA ARG C 26 5.43 49.88 -49.54
C ARG C 26 5.23 50.69 -48.27
N THR C 27 4.10 51.40 -48.21
CA THR C 27 3.82 52.23 -47.05
C THR C 27 3.60 51.34 -45.83
N PRO C 28 4.25 51.63 -44.71
CA PRO C 28 4.08 50.82 -43.50
C PRO C 28 2.64 50.80 -43.02
N PRO C 29 2.17 49.68 -42.49
CA PRO C 29 0.78 49.60 -42.02
C PRO C 29 0.49 50.49 -40.81
N ALA C 30 1.51 50.80 -40.02
CA ALA C 30 1.45 51.60 -38.79
C ALA C 30 0.72 50.88 -37.66
N ASN C 31 0.27 49.65 -37.89
CA ASN C 31 -0.36 48.83 -36.85
C ASN C 31 -1.53 49.55 -36.19
N THR C 32 -2.44 50.05 -37.02
CA THR C 32 -3.64 50.69 -36.48
C THR C 32 -4.52 49.64 -35.80
N GLN C 33 -5.07 50.03 -34.65
CA GLN C 33 -5.85 49.12 -33.81
C GLN C 33 -7.28 49.63 -33.74
N PHE C 34 -8.22 48.71 -33.54
CA PHE C 34 -9.61 49.07 -33.39
C PHE C 34 -10.28 48.17 -32.37
N LEU C 35 -11.43 48.61 -31.88
CA LEU C 35 -12.17 47.80 -30.92
C LEU C 35 -12.77 46.59 -31.60
N SER C 36 -12.77 45.47 -30.89
CA SER C 36 -13.53 44.32 -31.34
C SER C 36 -14.99 44.47 -30.94
N SER C 37 -15.82 43.57 -31.42
CA SER C 37 -17.22 43.59 -31.05
C SER C 37 -17.75 42.19 -30.78
N HIS C 38 -19.07 42.07 -30.70
CA HIS C 38 -19.69 40.78 -30.45
C HIS C 38 -19.46 39.79 -31.59
N ARG C 39 -18.86 40.22 -32.69
CA ARG C 39 -18.49 39.29 -33.75
C ARG C 39 -17.25 38.51 -33.33
N GLY C 40 -17.02 37.40 -34.03
CA GLY C 40 -15.98 36.45 -33.66
C GLY C 40 -16.50 35.21 -32.98
N VAL C 41 -17.81 35.01 -32.92
CA VAL C 41 -18.38 33.83 -32.27
C VAL C 41 -18.67 32.76 -33.31
N TYR C 42 -18.34 31.51 -32.98
CA TYR C 42 -18.59 30.39 -33.87
C TYR C 42 -19.23 29.26 -33.08
N TYR C 43 -19.86 28.34 -33.80
CA TYR C 43 -20.50 27.20 -33.15
C TYR C 43 -19.46 26.26 -32.57
N PRO C 44 -19.53 25.92 -31.29
CA PRO C 44 -18.50 25.05 -30.71
C PRO C 44 -18.48 23.66 -31.30
N ASP C 45 -19.64 23.13 -31.67
CA ASP C 45 -19.74 21.72 -32.05
C ASP C 45 -20.97 21.49 -32.91
N ASP C 46 -21.00 20.33 -33.56
CA ASP C 46 -22.13 19.97 -34.41
C ASP C 46 -23.36 19.64 -33.58
N ILE C 47 -23.20 19.44 -32.27
CA ILE C 47 -24.36 19.10 -31.45
C ILE C 47 -25.40 20.19 -31.55
N PHE C 48 -26.64 19.77 -31.79
CA PHE C 48 -27.77 20.68 -31.93
C PHE C 48 -28.42 20.89 -30.57
N ARG C 49 -28.44 22.15 -30.13
CA ARG C 49 -29.15 22.55 -28.93
C ARG C 49 -30.04 23.72 -29.30
N SER C 50 -31.30 23.69 -28.87
CA SER C 50 -32.27 24.68 -29.30
C SER C 50 -32.95 25.30 -28.09
N ASN C 51 -33.13 26.63 -28.14
CA ASN C 51 -33.87 27.37 -27.12
C ASN C 51 -33.25 27.20 -25.74
N VAL C 52 -31.94 27.04 -25.68
CA VAL C 52 -31.27 26.68 -24.44
C VAL C 52 -30.13 27.64 -24.17
N LEU C 53 -29.86 27.87 -22.90
CA LEU C 53 -28.77 28.72 -22.44
C LEU C 53 -27.61 27.80 -22.06
N HIS C 54 -26.45 27.98 -22.69
CA HIS C 54 -25.33 27.09 -22.45
C HIS C 54 -24.06 27.88 -22.18
N LEU C 55 -23.32 27.46 -21.17
CA LEU C 55 -22.02 28.03 -20.84
C LEU C 55 -20.94 27.05 -21.29
N VAL C 56 -19.91 27.55 -21.96
CA VAL C 56 -18.86 26.67 -22.48
C VAL C 56 -17.51 27.38 -22.45
N GLN C 57 -16.47 26.65 -22.10
CA GLN C 57 -15.09 27.12 -22.21
C GLN C 57 -14.52 26.73 -23.56
N ASP C 58 -13.90 27.70 -24.23
CA ASP C 58 -13.26 27.47 -25.52
C ASP C 58 -12.53 28.76 -25.88
N HIS C 59 -11.84 28.73 -27.01
CA HIS C 59 -11.17 29.92 -27.51
C HIS C 59 -12.17 30.79 -28.26
N PHE C 60 -12.20 32.08 -27.92
CA PHE C 60 -13.05 33.02 -28.64
C PHE C 60 -12.37 34.36 -28.76
N LEU C 61 -12.97 35.22 -29.56
CA LEU C 61 -12.54 36.60 -29.62
C LEU C 61 -13.16 37.38 -28.48
N PRO C 62 -12.36 37.93 -27.57
CA PRO C 62 -12.93 38.72 -26.47
C PRO C 62 -13.63 39.96 -26.98
N PHE C 63 -14.70 40.35 -26.29
CA PHE C 63 -15.42 41.55 -26.66
C PHE C 63 -14.53 42.78 -26.53
N ASP C 64 -14.72 43.73 -27.46
CA ASP C 64 -14.07 45.03 -27.39
C ASP C 64 -12.55 44.94 -27.37
N SER C 65 -12.02 43.77 -27.73
CA SER C 65 -10.57 43.63 -27.77
C SER C 65 -9.99 44.42 -28.94
N ASN C 66 -8.68 44.56 -28.93
CA ASN C 66 -8.02 45.26 -30.02
C ASN C 66 -7.80 44.32 -31.20
N VAL C 67 -8.21 44.78 -32.37
CA VAL C 67 -8.02 44.06 -33.61
C VAL C 67 -7.11 44.91 -34.49
N THR C 68 -6.11 44.28 -35.08
CA THR C 68 -5.18 45.02 -35.93
C THR C 68 -5.74 45.12 -37.34
N ARG C 69 -5.91 46.35 -37.81
CA ARG C 69 -6.35 46.58 -39.18
C ARG C 69 -5.12 46.66 -40.07
N PHE C 70 -5.03 45.74 -41.02
CA PHE C 70 -4.01 45.80 -42.08
C PHE C 70 -4.70 46.21 -43.36
N ILE C 71 -4.14 47.22 -44.03
CA ILE C 71 -4.79 47.90 -45.13
C ILE C 71 -3.98 47.66 -46.40
N THR C 72 -4.66 47.20 -47.44
CA THR C 72 -4.10 47.15 -48.79
C THR C 72 -4.90 48.05 -49.73
N PHE C 73 -5.28 49.23 -49.24
CA PHE C 73 -6.11 50.15 -50.02
C PHE C 73 -5.41 50.61 -51.29
N GLY C 74 -4.09 50.73 -51.26
CA GLY C 74 -3.34 51.24 -52.39
C GLY C 74 -2.32 52.26 -51.94
N LEU C 75 -2.67 53.03 -50.91
CA LEU C 75 -1.67 53.86 -50.25
C LEU C 75 -0.60 52.99 -49.62
N ASN C 76 -1.01 51.91 -48.97
CA ASN C 76 -0.10 50.95 -48.38
C ASN C 76 -0.43 49.56 -48.90
N PHE C 77 0.62 48.77 -49.11
CA PHE C 77 0.48 47.34 -49.32
C PHE C 77 1.27 46.60 -48.26
N ASP C 78 0.63 45.69 -47.56
CA ASP C 78 1.26 44.93 -46.50
C ASP C 78 0.95 43.45 -46.64
N ASN C 79 2.00 42.65 -46.78
CA ASN C 79 1.88 41.20 -46.71
C ASN C 79 2.79 40.70 -45.60
N PRO C 80 2.66 41.21 -44.38
CA PRO C 80 3.62 40.84 -43.33
C PRO C 80 3.33 39.45 -42.81
N ILE C 81 4.40 38.77 -42.39
CA ILE C 81 4.22 37.48 -41.76
C ILE C 81 3.59 37.69 -40.40
N ILE C 82 2.37 37.23 -40.23
CA ILE C 82 1.58 37.48 -39.03
C ILE C 82 1.63 36.23 -38.16
N PRO C 83 2.03 36.34 -36.91
CA PRO C 83 2.16 35.14 -36.06
C PRO C 83 0.82 34.48 -35.81
N PHE C 84 0.75 33.20 -36.15
CA PHE C 84 -0.44 32.39 -35.89
C PHE C 84 -0.40 31.95 -34.44
N LYS C 85 -1.19 32.61 -33.60
CA LYS C 85 -1.29 32.24 -32.20
C LYS C 85 -2.69 31.68 -31.95
N ASP C 86 -2.75 30.45 -31.43
CA ASP C 86 -3.92 29.73 -30.98
C ASP C 86 -5.17 30.01 -31.81
N GLY C 87 -5.03 29.98 -33.12
CA GLY C 87 -6.19 30.28 -33.95
C GLY C 87 -6.44 31.76 -34.05
N ILE C 88 -6.82 32.18 -35.26
CA ILE C 88 -7.00 33.59 -35.57
C ILE C 88 -8.40 33.83 -36.08
N TYR C 89 -8.96 34.98 -35.74
CA TYR C 89 -10.17 35.48 -36.35
C TYR C 89 -9.80 36.49 -37.41
N PHE C 90 -10.13 36.16 -38.65
CA PHE C 90 -9.88 37.03 -39.79
C PHE C 90 -11.20 37.64 -40.23
N ALA C 91 -11.18 38.93 -40.54
CA ALA C 91 -12.30 39.58 -41.20
C ALA C 91 -11.75 40.31 -42.41
N ALA C 92 -12.41 40.17 -43.54
CA ALA C 92 -12.08 40.91 -44.75
C ALA C 92 -13.28 41.76 -45.12
N THR C 93 -13.10 43.07 -45.11
CA THR C 93 -14.16 43.98 -45.56
C THR C 93 -13.79 44.44 -46.96
N GLU C 94 -14.50 43.92 -47.95
CA GLU C 94 -14.14 44.19 -49.33
C GLU C 94 -15.36 44.09 -50.21
N LYS C 95 -15.25 44.72 -51.37
CA LYS C 95 -16.29 44.73 -52.38
C LYS C 95 -15.87 44.10 -53.71
N SER C 96 -14.57 44.06 -53.99
CA SER C 96 -14.05 43.50 -55.24
C SER C 96 -13.45 42.11 -55.05
N ASN C 97 -13.66 41.49 -53.89
CA ASN C 97 -13.12 40.16 -53.58
C ASN C 97 -11.60 40.14 -53.70
N VAL C 98 -10.97 41.26 -53.36
CA VAL C 98 -9.53 41.40 -53.53
C VAL C 98 -8.78 40.34 -52.73
N ILE C 99 -9.25 40.06 -51.51
CA ILE C 99 -8.65 38.98 -50.74
C ILE C 99 -8.87 37.66 -51.46
N ARG C 100 -7.83 36.85 -51.54
CA ARG C 100 -7.85 35.60 -52.30
C ARG C 100 -7.70 34.37 -51.43
N GLY C 101 -6.84 34.41 -50.41
CA GLY C 101 -6.61 33.25 -49.57
C GLY C 101 -5.61 33.57 -48.49
N TRP C 102 -4.98 32.52 -47.98
CA TRP C 102 -4.01 32.64 -46.89
C TRP C 102 -2.95 31.56 -47.04
N VAL C 103 -1.81 31.80 -46.39
CA VAL C 103 -0.74 30.81 -46.27
C VAL C 103 -0.46 30.63 -44.79
N PHE C 104 -0.49 29.39 -44.32
CA PHE C 104 -0.26 29.06 -42.92
C PHE C 104 0.94 28.13 -42.82
N GLY C 105 1.96 28.54 -42.08
CA GLY C 105 3.13 27.71 -41.93
C GLY C 105 3.90 28.10 -40.70
N SER C 106 4.72 27.16 -40.23
CA SER C 106 5.53 27.40 -39.05
C SER C 106 6.62 28.42 -39.34
N THR C 107 7.46 28.13 -40.34
CA THR C 107 8.55 29.06 -40.67
C THR C 107 8.42 29.60 -42.08
N MET C 108 7.89 28.80 -43.01
CA MET C 108 7.70 29.17 -44.41
C MET C 108 9.00 29.51 -45.11
N ASN C 109 10.12 28.94 -44.67
CA ASN C 109 11.44 29.14 -45.25
C ASN C 109 11.87 28.01 -46.17
N ASN C 110 10.91 27.28 -46.75
CA ASN C 110 11.09 26.15 -47.66
C ASN C 110 11.59 24.92 -46.91
N LYS C 111 11.89 25.07 -45.62
CA LYS C 111 12.36 23.92 -44.86
C LYS C 111 11.20 23.22 -44.17
N SER C 112 10.23 23.98 -43.69
CA SER C 112 9.13 23.47 -42.89
C SER C 112 7.87 23.35 -43.73
N GLN C 113 6.91 22.60 -43.19
CA GLN C 113 5.66 22.36 -43.88
C GLN C 113 4.76 23.60 -43.81
N SER C 114 4.10 23.89 -44.93
CA SER C 114 3.18 25.02 -45.01
C SER C 114 2.02 24.64 -45.93
N VAL C 115 0.90 25.32 -45.73
CA VAL C 115 -0.34 25.03 -46.43
C VAL C 115 -0.89 26.32 -47.01
N ILE C 116 -1.50 26.21 -48.20
CA ILE C 116 -2.01 27.38 -48.90
C ILE C 116 -3.49 27.19 -49.20
N ILE C 117 -4.33 28.03 -48.58
CA ILE C 117 -5.77 27.90 -48.80
C ILE C 117 -6.28 29.16 -49.46
N MET C 118 -6.62 29.06 -50.74
CA MET C 118 -7.04 30.25 -51.45
C MET C 118 -8.17 29.91 -52.41
N ASN C 119 -8.78 30.95 -52.95
CA ASN C 119 -9.56 30.90 -54.18
C ASN C 119 -8.72 31.57 -55.25
N ASN C 120 -7.90 30.79 -55.95
CA ASN C 120 -6.86 31.39 -56.80
C ASN C 120 -7.46 31.95 -58.09
N SER C 121 -8.06 31.10 -58.91
CA SER C 121 -8.65 31.57 -60.16
C SER C 121 -10.15 31.31 -60.19
N THR C 122 -10.55 30.06 -59.99
CA THR C 122 -11.95 29.67 -59.98
C THR C 122 -12.29 28.63 -58.94
N ASN C 123 -11.32 28.14 -58.18
CA ASN C 123 -11.55 27.00 -57.30
C ASN C 123 -10.85 27.22 -55.97
N LEU C 124 -11.35 26.50 -54.96
CA LEU C 124 -10.75 26.49 -53.64
C LEU C 124 -9.69 25.41 -53.58
N VAL C 125 -8.44 25.82 -53.37
CA VAL C 125 -7.29 24.93 -53.44
C VAL C 125 -6.57 24.98 -52.10
N ILE C 126 -6.25 23.82 -51.56
CA ILE C 126 -5.57 23.70 -50.28
C ILE C 126 -4.41 22.73 -50.44
N ARG C 127 -3.20 23.25 -50.56
CA ARG C 127 -2.03 22.42 -50.78
C ARG C 127 -1.11 22.52 -49.57
N ALA C 128 -0.94 21.40 -48.87
CA ALA C 128 0.02 21.28 -47.79
C ALA C 128 1.31 20.71 -48.38
N CYS C 129 2.21 21.59 -48.78
CA CYS C 129 3.44 21.19 -49.44
C CYS C 129 4.54 22.18 -49.05
N ASN C 130 5.77 21.70 -49.06
CA ASN C 130 6.91 22.57 -48.81
C ASN C 130 7.03 23.56 -49.96
N PHE C 131 7.03 24.85 -49.62
CA PHE C 131 6.81 25.90 -50.58
C PHE C 131 7.93 26.94 -50.55
N GLU C 132 8.48 27.21 -51.73
CA GLU C 132 9.42 28.31 -51.89
C GLU C 132 8.60 29.59 -51.87
N LEU C 133 8.22 29.99 -50.66
CA LEU C 133 7.37 31.14 -50.48
C LEU C 133 8.03 32.38 -51.05
N CYS C 134 7.48 32.90 -52.15
CA CYS C 134 7.86 34.21 -52.60
C CYS C 134 7.66 35.19 -51.46
N ASP C 135 8.72 35.93 -51.13
CA ASP C 135 8.64 36.81 -49.96
C ASP C 135 7.61 37.91 -50.19
N ASN C 136 7.20 38.10 -51.43
CA ASN C 136 6.05 38.94 -51.74
C ASN C 136 5.10 38.17 -52.63
N PRO C 137 4.24 37.32 -52.09
CA PRO C 137 3.28 36.58 -52.92
C PRO C 137 2.04 37.40 -53.21
N PHE C 138 1.77 37.65 -54.49
CA PHE C 138 0.65 38.48 -54.91
C PHE C 138 0.06 37.91 -56.20
N PHE C 139 -1.26 37.85 -56.26
CA PHE C 139 -1.91 37.55 -57.53
C PHE C 139 -1.84 38.76 -58.43
N VAL C 140 -1.92 38.52 -59.74
CA VAL C 140 -1.84 39.57 -60.73
C VAL C 140 -3.14 39.57 -61.52
N VAL C 141 -4.00 40.55 -61.25
CA VAL C 141 -5.29 40.67 -61.90
C VAL C 141 -5.27 41.86 -62.84
N LEU C 142 -5.68 41.63 -64.09
CA LEU C 142 -5.70 42.65 -65.13
C LEU C 142 -6.91 43.54 -64.94
N LYS C 143 -6.70 44.85 -65.03
CA LYS C 143 -7.80 45.81 -65.01
C LYS C 143 -8.38 45.96 -66.42
N SER C 144 -9.71 46.00 -66.48
CA SER C 144 -10.47 46.14 -67.73
C SER C 144 -10.33 44.91 -68.61
N ASN C 145 -9.53 43.93 -68.16
CA ASN C 145 -9.49 42.62 -68.81
C ASN C 145 -10.02 41.53 -67.89
N ASN C 146 -10.02 41.77 -66.57
CA ASN C 146 -10.53 40.82 -65.59
C ASN C 146 -9.86 39.47 -65.72
N THR C 147 -8.56 39.49 -66.01
CA THR C 147 -7.77 38.28 -66.20
C THR C 147 -6.66 38.22 -65.17
N GLN C 148 -6.56 37.08 -64.48
CA GLN C 148 -5.48 36.85 -63.55
C GLN C 148 -4.24 36.43 -64.33
N ILE C 149 -3.25 37.31 -64.42
CA ILE C 149 -1.95 36.93 -64.97
C ILE C 149 -1.34 35.91 -64.02
N PRO C 150 -0.68 34.87 -64.52
CA PRO C 150 -0.12 33.84 -63.63
C PRO C 150 0.72 34.45 -62.53
N SER C 151 0.41 34.04 -61.30
CA SER C 151 1.11 34.51 -60.11
C SER C 151 1.84 33.33 -59.49
N TYR C 152 3.08 33.57 -59.06
CA TYR C 152 3.88 32.54 -58.42
C TYR C 152 3.69 32.64 -56.93
N ILE C 153 2.62 32.02 -56.44
CA ILE C 153 2.42 31.91 -54.99
C ILE C 153 3.57 31.10 -54.40
N PHE C 154 3.92 30.00 -55.04
CA PHE C 154 5.14 29.26 -54.74
C PHE C 154 5.95 29.17 -56.02
N ASN C 155 7.24 29.52 -55.94
CA ASN C 155 8.09 29.40 -57.12
C ASN C 155 8.21 27.95 -57.56
N ASN C 156 8.33 27.03 -56.59
CA ASN C 156 8.32 25.61 -56.86
C ASN C 156 7.66 24.88 -55.69
N ALA C 157 7.38 23.60 -55.90
CA ALA C 157 6.81 22.74 -54.86
C ALA C 157 7.59 21.43 -54.82
N PHE C 158 7.73 20.88 -53.61
CA PHE C 158 8.45 19.63 -53.39
C PHE C 158 8.01 19.05 -52.06
N ASN C 159 8.01 17.72 -51.97
CA ASN C 159 7.44 17.02 -50.82
C ASN C 159 6.05 17.57 -50.51
N CYS C 160 5.11 17.36 -51.42
CA CYS C 160 3.74 17.79 -51.15
C CYS C 160 2.95 16.68 -50.48
N THR C 161 2.46 16.98 -49.28
CA THR C 161 1.82 15.99 -48.43
C THR C 161 0.33 15.95 -48.67
N PHE C 162 -0.35 17.07 -48.46
CA PHE C 162 -1.80 17.11 -48.58
C PHE C 162 -2.22 18.16 -49.59
N GLU C 163 -3.07 17.76 -50.54
CA GLU C 163 -3.63 18.68 -51.51
C GLU C 163 -5.10 18.32 -51.74
N TYR C 164 -5.94 19.34 -51.72
CA TYR C 164 -7.37 19.18 -51.97
C TYR C 164 -7.85 20.31 -52.86
N VAL C 165 -8.44 19.95 -53.99
CA VAL C 165 -9.05 20.91 -54.89
C VAL C 165 -10.56 20.81 -54.73
N SER C 166 -11.20 21.94 -54.44
CA SER C 166 -12.64 21.97 -54.27
C SER C 166 -13.31 22.23 -55.61
N LYS C 167 -14.64 22.39 -55.56
CA LYS C 167 -15.42 22.66 -56.76
C LYS C 167 -15.08 24.02 -57.35
N ASP C 168 -15.05 24.06 -58.68
CA ASP C 168 -14.82 25.31 -59.39
C ASP C 168 -15.98 26.27 -59.17
N PHE C 169 -15.68 27.56 -59.19
CA PHE C 169 -16.68 28.59 -58.99
C PHE C 169 -16.28 29.82 -59.78
N ASN C 170 -17.28 30.65 -60.07
CA ASN C 170 -17.00 31.92 -60.72
C ASN C 170 -16.47 32.91 -59.70
N LEU C 171 -15.21 33.29 -59.85
CA LEU C 171 -14.52 34.13 -58.89
C LEU C 171 -14.42 35.55 -59.44
N ASP C 172 -15.09 36.49 -58.78
CA ASP C 172 -15.20 37.86 -59.25
C ASP C 172 -13.89 38.59 -58.95
N LEU C 173 -13.26 39.11 -60.00
CA LEU C 173 -11.99 39.82 -59.88
C LEU C 173 -12.03 41.22 -60.47
N GLY C 174 -13.19 41.68 -60.93
CA GLY C 174 -13.28 43.03 -61.45
C GLY C 174 -13.30 44.06 -60.32
N GLU C 175 -13.04 45.31 -60.68
CA GLU C 175 -12.96 46.38 -59.69
C GLU C 175 -14.28 47.13 -59.59
N LYS C 176 -14.75 47.34 -58.36
CA LYS C 176 -15.98 48.06 -58.07
C LYS C 176 -15.68 49.21 -57.10
N PRO C 177 -16.08 50.44 -57.43
CA PRO C 177 -15.85 51.57 -56.52
C PRO C 177 -16.97 51.74 -55.51
N GLY C 178 -16.63 51.94 -54.24
CA GLY C 178 -17.64 52.18 -53.22
C GLY C 178 -17.12 51.88 -51.85
N ASN C 179 -18.05 51.66 -50.92
CA ASN C 179 -17.69 51.10 -49.62
C ASN C 179 -17.53 49.59 -49.74
N PHE C 180 -16.77 49.03 -48.81
CA PHE C 180 -16.58 47.59 -48.80
C PHE C 180 -17.91 46.90 -48.48
N LYS C 181 -18.54 46.38 -49.53
CA LYS C 181 -19.90 45.88 -49.46
C LYS C 181 -20.01 44.54 -48.74
N ASP C 182 -18.90 43.86 -48.53
CA ASP C 182 -18.90 42.47 -48.10
C ASP C 182 -17.99 42.30 -46.90
N LEU C 183 -18.39 41.37 -46.02
CA LEU C 183 -17.57 41.01 -44.88
C LEU C 183 -17.45 39.50 -44.82
N ARG C 184 -16.27 38.98 -45.15
CA ARG C 184 -15.97 37.56 -45.01
C ARG C 184 -15.23 37.36 -43.70
N GLU C 185 -15.78 36.53 -42.81
CA GLU C 185 -15.17 36.31 -41.51
C GLU C 185 -14.90 34.83 -41.30
N PHE C 186 -13.70 34.53 -40.81
CA PHE C 186 -13.20 33.17 -40.67
C PHE C 186 -12.53 33.00 -39.32
N VAL C 187 -12.59 31.78 -38.79
CA VAL C 187 -11.88 31.39 -37.58
C VAL C 187 -11.04 30.18 -37.91
N PHE C 188 -9.73 30.29 -37.64
CA PHE C 188 -8.79 29.21 -37.89
C PHE C 188 -8.23 28.73 -36.56
N ARG C 189 -8.63 27.54 -36.15
CA ARG C 189 -8.19 26.94 -34.90
C ARG C 189 -7.31 25.74 -35.21
N ASN C 190 -6.05 25.79 -34.78
CA ASN C 190 -5.12 24.68 -35.01
C ASN C 190 -5.24 23.74 -33.82
N LYS C 191 -6.35 23.03 -33.75
CA LYS C 191 -6.64 22.11 -32.65
C LYS C 191 -6.07 20.75 -33.00
N ASP C 192 -5.17 20.25 -32.16
CA ASP C 192 -4.40 19.03 -32.41
C ASP C 192 -3.66 19.29 -33.72
N GLY C 193 -3.78 18.42 -34.73
CA GLY C 193 -3.21 18.68 -36.02
C GLY C 193 -4.28 19.00 -37.04
N PHE C 194 -5.27 19.80 -36.63
CA PHE C 194 -6.41 20.09 -37.48
C PHE C 194 -6.66 21.58 -37.50
N LEU C 195 -6.66 22.15 -38.69
CA LEU C 195 -7.16 23.50 -38.88
C LEU C 195 -8.67 23.45 -39.02
N HIS C 196 -9.36 23.88 -37.97
CA HIS C 196 -10.80 23.97 -37.95
C HIS C 196 -11.16 25.37 -38.39
N VAL C 197 -11.81 25.49 -39.54
CA VAL C 197 -12.20 26.78 -40.08
C VAL C 197 -13.71 26.95 -39.95
N TYR C 198 -14.11 27.99 -39.24
CA TYR C 198 -15.51 28.34 -39.08
C TYR C 198 -15.78 29.65 -39.77
N SER C 199 -16.76 29.65 -40.67
CA SER C 199 -16.86 30.76 -41.59
C SER C 199 -18.21 31.43 -41.46
N GLY C 200 -18.28 32.63 -42.00
CA GLY C 200 -19.53 33.36 -42.11
C GLY C 200 -19.32 34.56 -43.01
N TYR C 201 -20.44 35.16 -43.41
CA TYR C 201 -20.39 36.32 -44.25
C TYR C 201 -21.47 37.30 -43.79
N GLN C 202 -21.19 38.58 -44.00
CA GLN C 202 -22.15 39.62 -43.71
C GLN C 202 -22.22 40.60 -44.88
N PRO C 203 -23.42 40.82 -45.42
CA PRO C 203 -23.59 41.67 -46.60
C PRO C 203 -23.61 43.16 -46.34
N ILE C 204 -23.57 43.59 -45.08
CA ILE C 204 -23.59 45.01 -44.76
C ILE C 204 -22.32 45.67 -45.25
N SER C 205 -22.46 46.88 -45.78
CA SER C 205 -21.33 47.67 -46.24
C SER C 205 -21.04 48.76 -45.21
N ALA C 206 -19.80 48.83 -44.74
CA ALA C 206 -19.37 49.83 -43.79
C ALA C 206 -18.37 50.77 -44.45
N ALA C 207 -18.42 52.04 -44.07
CA ALA C 207 -17.54 53.03 -44.69
C ALA C 207 -16.08 52.72 -44.40
N SER C 208 -15.66 52.83 -43.13
CA SER C 208 -14.26 52.57 -42.80
C SER C 208 -14.06 51.84 -41.48
N GLY C 209 -15.11 51.33 -40.85
CA GLY C 209 -14.99 50.70 -39.55
C GLY C 209 -15.54 49.29 -39.55
N LEU C 210 -14.93 48.46 -38.70
CA LEU C 210 -15.44 47.12 -38.48
C LEU C 210 -16.71 47.25 -37.65
N PRO C 211 -17.89 47.06 -38.25
CA PRO C 211 -19.13 47.45 -37.57
C PRO C 211 -19.38 46.61 -36.34
N THR C 212 -20.06 47.21 -35.37
CA THR C 212 -20.45 46.49 -34.17
C THR C 212 -21.54 45.48 -34.51
N GLY C 213 -21.42 44.28 -33.95
CA GLY C 213 -22.42 43.26 -34.16
C GLY C 213 -21.88 41.89 -33.81
N PHE C 214 -22.81 40.93 -33.77
CA PHE C 214 -22.49 39.54 -33.47
C PHE C 214 -22.66 38.73 -34.74
N ASN C 215 -21.84 37.70 -34.89
CA ASN C 215 -22.02 36.75 -35.98
C ASN C 215 -21.78 35.35 -35.44
N ALA C 216 -22.47 34.39 -36.03
CA ALA C 216 -22.30 32.99 -35.68
C ALA C 216 -21.64 32.29 -36.85
N LEU C 217 -20.47 31.72 -36.63
CA LEU C 217 -19.66 31.17 -37.71
C LEU C 217 -19.87 29.67 -37.77
N LYS C 218 -20.46 29.22 -38.86
CA LYS C 218 -20.61 27.81 -39.11
C LYS C 218 -19.28 27.21 -39.56
N PRO C 219 -18.99 25.98 -39.15
CA PRO C 219 -17.78 25.31 -39.60
C PRO C 219 -17.84 25.00 -41.08
N ILE C 220 -16.67 24.91 -41.70
CA ILE C 220 -16.59 24.49 -43.09
C ILE C 220 -15.68 23.28 -43.19
N PHE C 221 -14.41 23.43 -42.82
CA PHE C 221 -13.41 22.40 -43.02
C PHE C 221 -12.71 22.06 -41.70
N LYS C 222 -12.68 20.77 -41.39
CA LYS C 222 -11.80 20.23 -40.36
C LYS C 222 -10.58 19.62 -41.03
N LEU C 223 -9.68 20.49 -41.46
CA LEU C 223 -8.55 20.06 -42.26
C LEU C 223 -7.54 19.33 -41.37
N PRO C 224 -7.15 18.11 -41.72
CA PRO C 224 -6.12 17.40 -40.94
C PRO C 224 -4.71 17.63 -41.49
N LEU C 225 -4.16 18.81 -41.20
CA LEU C 225 -2.81 19.12 -41.67
C LEU C 225 -1.75 18.45 -40.83
N GLY C 226 -1.97 18.38 -39.51
CA GLY C 226 -1.02 17.71 -38.64
C GLY C 226 0.31 18.38 -38.45
N ILE C 227 0.40 19.69 -38.69
CA ILE C 227 1.66 20.42 -38.56
C ILE C 227 1.45 21.60 -37.63
N ASN C 228 2.56 22.09 -37.09
CA ASN C 228 2.54 23.30 -36.27
C ASN C 228 2.47 24.54 -37.16
N ILE C 229 1.56 25.45 -36.82
CA ILE C 229 1.43 26.72 -37.53
C ILE C 229 1.75 27.83 -36.56
N THR C 230 2.87 28.53 -36.81
CA THR C 230 3.29 29.65 -36.00
C THR C 230 3.19 30.97 -36.74
N ASN C 231 2.93 30.92 -38.04
CA ASN C 231 2.97 32.11 -38.87
C ASN C 231 1.93 31.97 -39.97
N PHE C 232 1.47 33.11 -40.47
CA PHE C 232 0.56 33.10 -41.59
C PHE C 232 0.59 34.45 -42.28
N ARG C 233 0.31 34.43 -43.58
CA ARG C 233 0.26 35.64 -44.38
C ARG C 233 -0.94 35.54 -45.32
N THR C 234 -1.80 36.54 -45.28
CA THR C 234 -2.90 36.57 -46.23
C THR C 234 -2.36 36.78 -47.64
N LEU C 235 -3.23 36.55 -48.62
CA LEU C 235 -2.85 36.57 -50.02
C LEU C 235 -3.67 37.62 -50.75
N LEU C 236 -2.99 38.65 -51.22
CA LEU C 236 -3.63 39.74 -51.95
C LEU C 236 -3.33 39.60 -53.43
N THR C 237 -3.91 40.50 -54.21
CA THR C 237 -3.79 40.47 -55.64
C THR C 237 -3.42 41.85 -56.16
N ALA C 238 -2.79 41.86 -57.34
CA ALA C 238 -2.44 43.11 -57.99
C ALA C 238 -3.59 43.60 -58.87
N PHE C 239 -3.77 44.92 -58.90
CA PHE C 239 -4.60 45.58 -59.91
C PHE C 239 -3.77 46.68 -60.57
N PRO C 240 -2.68 46.33 -61.23
CA PRO C 240 -1.84 47.35 -61.84
C PRO C 240 -2.35 47.72 -63.21
N PRO C 241 -2.79 48.96 -63.39
CA PRO C 241 -3.26 49.37 -64.73
C PRO C 241 -2.13 49.34 -65.76
N ARG C 242 -0.89 49.39 -65.30
CA ARG C 242 0.29 49.36 -66.16
C ARG C 242 1.26 48.31 -65.65
N PRO C 243 1.98 47.63 -66.55
CA PRO C 243 2.98 46.65 -66.11
C PRO C 243 4.05 47.31 -65.25
N ASP C 244 4.47 46.59 -64.20
CA ASP C 244 5.47 46.98 -63.22
C ASP C 244 5.01 48.14 -62.35
N TYR C 245 3.83 48.72 -62.58
CA TYR C 245 3.37 49.81 -61.74
C TYR C 245 2.90 49.33 -60.39
N TRP C 246 2.36 48.11 -60.33
CA TRP C 246 1.94 47.50 -59.08
C TRP C 246 0.88 48.35 -58.38
N GLY C 247 -0.29 48.44 -58.99
CA GLY C 247 -1.42 49.12 -58.37
C GLY C 247 -2.32 48.14 -57.65
N THR C 248 -3.05 48.65 -56.68
CA THR C 248 -4.03 47.87 -55.93
C THR C 248 -5.29 48.68 -55.75
N SER C 249 -6.42 47.99 -55.60
CA SER C 249 -7.68 48.66 -55.36
C SER C 249 -7.91 48.82 -53.86
N ALA C 250 -9.05 49.42 -53.52
CA ALA C 250 -9.41 49.60 -52.11
C ALA C 250 -9.65 48.26 -51.45
N ALA C 251 -8.97 48.04 -50.33
CA ALA C 251 -9.11 46.79 -49.59
C ALA C 251 -8.74 47.02 -48.14
N ALA C 252 -9.43 46.32 -47.25
CA ALA C 252 -9.17 46.43 -45.82
C ALA C 252 -9.58 45.14 -45.12
N TYR C 253 -8.88 44.85 -44.04
CA TYR C 253 -9.20 43.65 -43.28
C TYR C 253 -8.67 43.80 -41.86
N PHE C 254 -9.14 42.91 -41.00
CA PHE C 254 -8.92 42.96 -39.57
C PHE C 254 -8.43 41.60 -39.10
N VAL C 255 -7.45 41.60 -38.21
CA VAL C 255 -6.86 40.39 -37.65
C VAL C 255 -7.01 40.45 -36.14
N GLY C 256 -7.62 39.42 -35.57
CA GLY C 256 -7.77 39.34 -34.14
C GLY C 256 -7.32 38.01 -33.59
N TYR C 257 -6.64 38.03 -32.44
CA TYR C 257 -6.22 36.79 -31.83
C TYR C 257 -7.34 36.26 -30.91
N LEU C 258 -7.25 34.98 -30.58
CA LEU C 258 -8.27 34.33 -29.78
C LEU C 258 -7.72 34.02 -28.40
N LYS C 259 -8.61 34.01 -27.42
CA LYS C 259 -8.28 33.85 -26.02
C LYS C 259 -9.10 32.72 -25.42
N PRO C 260 -8.52 31.93 -24.53
CA PRO C 260 -9.27 30.86 -23.87
C PRO C 260 -10.12 31.40 -22.74
N THR C 261 -11.27 31.97 -23.08
CA THR C 261 -12.21 32.45 -22.10
C THR C 261 -13.55 31.77 -22.31
N THR C 262 -14.25 31.51 -21.22
CA THR C 262 -15.57 30.91 -21.32
C THR C 262 -16.58 31.91 -21.86
N PHE C 263 -17.63 31.40 -22.49
CA PHE C 263 -18.66 32.21 -23.09
C PHE C 263 -20.04 31.62 -22.76
N MET C 264 -21.03 32.49 -22.88
CA MET C 264 -22.41 32.17 -22.55
C MET C 264 -23.26 32.39 -23.79
N LEU C 265 -23.83 31.32 -24.32
CA LEU C 265 -24.48 31.33 -25.62
C LEU C 265 -25.96 31.02 -25.47
N LYS C 266 -26.78 31.78 -26.19
CA LYS C 266 -28.21 31.55 -26.24
C LYS C 266 -28.59 30.92 -27.59
N TYR C 267 -29.29 29.79 -27.54
CA TYR C 267 -29.71 29.10 -28.75
C TYR C 267 -31.22 29.20 -28.88
N ASP C 268 -31.67 29.71 -30.04
CA ASP C 268 -33.08 29.87 -30.32
C ASP C 268 -33.72 28.50 -30.54
N GLU C 269 -35.02 28.50 -30.85
CA GLU C 269 -35.68 27.26 -31.24
C GLU C 269 -35.07 26.68 -32.50
N ASN C 270 -34.44 27.51 -33.33
CA ASN C 270 -33.85 27.05 -34.56
C ASN C 270 -32.43 26.51 -34.38
N GLY C 271 -31.97 26.39 -33.14
CA GLY C 271 -30.64 25.89 -32.89
C GLY C 271 -29.56 26.75 -33.50
N THR C 272 -29.77 28.06 -33.57
CA THR C 272 -28.81 28.97 -34.14
C THR C 272 -28.34 29.95 -33.08
N ILE C 273 -27.03 30.21 -33.05
CA ILE C 273 -26.49 31.14 -32.07
C ILE C 273 -27.09 32.52 -32.31
N THR C 274 -27.75 33.05 -31.28
CA THR C 274 -28.38 34.36 -31.38
C THR C 274 -27.67 35.44 -30.58
N ASP C 275 -27.09 35.11 -29.45
CA ASP C 275 -26.34 36.08 -28.66
C ASP C 275 -25.44 35.34 -27.68
N ALA C 276 -24.46 36.07 -27.16
CA ALA C 276 -23.49 35.51 -26.22
C ALA C 276 -23.00 36.59 -25.28
N VAL C 277 -22.34 36.14 -24.22
CA VAL C 277 -21.83 37.00 -23.17
C VAL C 277 -20.46 36.47 -22.77
N ASP C 278 -19.48 37.36 -22.66
CA ASP C 278 -18.16 37.00 -22.16
C ASP C 278 -18.16 37.17 -20.65
N CYS C 279 -17.93 36.08 -19.93
CA CYS C 279 -17.96 36.14 -18.47
C CYS C 279 -16.90 37.09 -17.94
N SER C 280 -15.69 37.02 -18.50
CA SER C 280 -14.57 37.74 -17.91
C SER C 280 -14.65 39.24 -18.17
N GLN C 281 -15.45 39.65 -19.17
CA GLN C 281 -15.43 41.05 -19.57
C GLN C 281 -15.87 41.97 -18.44
N ASN C 282 -17.03 41.71 -17.85
CA ASN C 282 -17.58 42.67 -16.93
C ASN C 282 -18.15 41.95 -15.71
N PRO C 283 -18.08 42.59 -14.54
CA PRO C 283 -18.62 41.95 -13.35
C PRO C 283 -20.08 41.61 -13.50
N LEU C 284 -20.85 42.47 -14.15
CA LEU C 284 -22.24 42.13 -14.43
C LEU C 284 -22.32 40.95 -15.37
N ALA C 285 -21.42 40.88 -16.35
CA ALA C 285 -21.36 39.71 -17.21
C ALA C 285 -20.99 38.47 -16.41
N GLU C 286 -20.06 38.61 -15.47
CA GLU C 286 -19.77 37.52 -14.57
C GLU C 286 -21.02 37.03 -13.88
N LEU C 287 -21.83 37.97 -13.36
CA LEU C 287 -23.10 37.61 -12.75
C LEU C 287 -23.99 36.86 -13.71
N LYS C 288 -24.14 37.40 -14.92
CA LYS C 288 -24.96 36.76 -15.94
C LYS C 288 -24.55 35.30 -16.11
N CYS C 289 -23.24 35.05 -16.11
CA CYS C 289 -22.76 33.68 -16.22
C CYS C 289 -23.14 32.87 -14.98
N SER C 290 -22.90 33.42 -13.79
CA SER C 290 -23.14 32.66 -12.57
C SER C 290 -24.62 32.38 -12.36
N VAL C 291 -25.48 33.34 -12.69
CA VAL C 291 -26.92 33.09 -12.68
C VAL C 291 -27.32 32.23 -13.87
N LYS C 292 -26.47 32.12 -14.89
CA LYS C 292 -26.78 31.43 -16.13
C LYS C 292 -28.07 32.02 -16.71
N SER C 293 -28.21 33.32 -16.54
CA SER C 293 -29.37 34.05 -17.03
C SER C 293 -28.89 35.35 -17.67
N PHE C 294 -29.71 35.87 -18.58
CA PHE C 294 -29.34 37.04 -19.37
C PHE C 294 -29.80 38.34 -18.72
N GLU C 295 -30.74 38.27 -17.78
CA GLU C 295 -31.33 39.45 -17.15
C GLU C 295 -31.35 39.22 -15.66
N ILE C 296 -31.18 40.30 -14.89
CA ILE C 296 -30.98 40.20 -13.45
C ILE C 296 -31.84 41.24 -12.75
N ASP C 297 -32.19 40.97 -11.49
CA ASP C 297 -32.99 41.86 -10.67
C ASP C 297 -32.19 42.30 -9.45
N LYS C 298 -32.87 42.99 -8.53
CA LYS C 298 -32.21 43.53 -7.36
C LYS C 298 -31.65 42.42 -6.48
N GLY C 299 -30.48 42.66 -5.89
CA GLY C 299 -30.00 41.76 -4.85
C GLY C 299 -28.49 41.67 -4.84
N ILE C 300 -27.99 41.02 -3.78
CA ILE C 300 -26.58 40.67 -3.64
C ILE C 300 -26.45 39.19 -3.93
N TYR C 301 -25.56 38.85 -4.85
CA TYR C 301 -25.64 37.54 -5.46
C TYR C 301 -24.39 36.69 -5.32
N GLN C 302 -23.33 37.21 -4.69
CA GLN C 302 -22.16 36.40 -4.38
C GLN C 302 -21.60 35.78 -5.64
N THR C 303 -21.10 36.60 -6.56
CA THR C 303 -20.64 36.10 -7.85
C THR C 303 -19.44 35.17 -7.75
N SER C 304 -18.45 35.45 -6.92
CA SER C 304 -17.29 34.59 -6.84
C SER C 304 -16.49 34.93 -5.57
N ASN C 305 -15.27 34.42 -5.49
CA ASN C 305 -14.39 34.64 -4.36
C ASN C 305 -13.14 35.37 -4.82
N PHE C 306 -12.47 36.01 -3.88
CA PHE C 306 -11.26 36.78 -4.13
C PHE C 306 -10.14 36.32 -3.21
N ARG C 307 -8.90 36.44 -3.69
CA ARG C 307 -7.74 36.22 -2.85
C ARG C 307 -6.66 37.23 -3.15
N VAL C 308 -5.65 37.25 -2.29
CA VAL C 308 -4.44 38.04 -2.46
C VAL C 308 -3.30 37.10 -2.82
N ALA C 309 -2.49 37.49 -3.80
CA ALA C 309 -1.41 36.64 -4.25
C ALA C 309 -0.14 36.88 -3.44
N PRO C 310 0.66 35.83 -3.22
CA PRO C 310 1.96 36.02 -2.57
C PRO C 310 2.91 36.83 -3.44
N SER C 311 3.78 37.63 -2.82
CA SER C 311 4.69 38.44 -3.60
C SER C 311 6.04 37.75 -3.80
N LYS C 312 6.72 37.44 -2.70
CA LYS C 312 8.10 37.01 -2.75
C LYS C 312 8.32 35.84 -1.81
N GLU C 313 9.58 35.41 -1.73
CA GLU C 313 10.01 34.35 -0.81
C GLU C 313 11.26 34.82 -0.08
N VAL C 314 11.20 34.87 1.25
CA VAL C 314 12.28 35.39 2.08
C VAL C 314 13.00 34.22 2.75
N VAL C 315 14.31 34.16 2.59
CA VAL C 315 15.13 33.07 3.11
C VAL C 315 16.05 33.61 4.19
N ARG C 316 16.36 32.77 5.16
CA ARG C 316 17.21 33.14 6.29
C ARG C 316 17.53 31.91 7.15
N PHE C 317 18.76 31.87 7.61
CA PHE C 317 19.34 30.78 8.39
C PHE C 317 20.17 31.42 9.50
N PRO C 318 20.41 30.72 10.60
CA PRO C 318 21.07 31.36 11.74
C PRO C 318 22.48 31.79 11.41
N ASN C 319 23.01 32.71 12.21
CA ASN C 319 24.37 33.20 12.03
C ASN C 319 25.36 32.05 12.08
N ILE C 320 25.99 31.74 10.95
CA ILE C 320 27.03 30.73 10.88
C ILE C 320 28.32 31.43 10.45
N THR C 321 29.28 31.49 11.37
CA THR C 321 30.47 32.32 11.18
C THR C 321 31.77 31.54 11.15
N ASN C 322 31.72 30.21 11.31
CA ASN C 322 32.93 29.41 11.29
C ASN C 322 33.52 29.37 9.88
N LEU C 323 34.83 29.24 9.81
CA LEU C 323 35.56 29.14 8.55
C LEU C 323 36.33 27.83 8.51
N CYS C 324 36.30 27.18 7.35
CA CYS C 324 37.01 25.92 7.21
C CYS C 324 38.52 26.16 7.24
N PRO C 325 39.28 25.33 7.93
CA PRO C 325 40.75 25.51 7.93
C PRO C 325 41.36 25.11 6.60
N PHE C 326 41.31 26.03 5.63
CA PHE C 326 41.87 25.76 4.31
C PHE C 326 43.37 25.53 4.38
N GLY C 327 44.05 26.23 5.30
CA GLY C 327 45.50 26.11 5.39
C GLY C 327 45.96 24.71 5.72
N GLU C 328 45.29 24.07 6.68
CA GLU C 328 45.62 22.69 7.02
C GLU C 328 45.45 21.77 5.82
N VAL C 329 44.45 22.03 4.99
CA VAL C 329 44.23 21.22 3.81
C VAL C 329 45.33 21.45 2.78
N PHE C 330 45.70 22.71 2.56
CA PHE C 330 46.59 23.03 1.45
C PHE C 330 47.83 23.83 1.84
N ASN C 331 47.79 24.67 2.87
CA ASN C 331 48.91 25.57 3.17
C ASN C 331 49.86 25.02 4.22
N ALA C 332 49.70 23.76 4.63
CA ALA C 332 50.64 23.18 5.57
C ALA C 332 52.00 23.01 4.93
N THR C 333 53.05 23.12 5.76
CA THR C 333 54.41 23.16 5.24
C THR C 333 54.86 21.78 4.74
N THR C 334 54.39 20.72 5.38
CA THR C 334 54.78 19.36 5.03
C THR C 334 53.56 18.47 4.87
N PHE C 335 53.51 17.74 3.75
CA PHE C 335 52.50 16.72 3.51
C PHE C 335 53.14 15.34 3.51
N PRO C 336 52.37 14.31 3.80
CA PRO C 336 52.90 12.95 3.71
C PRO C 336 52.97 12.47 2.27
N SER C 337 53.44 11.24 2.10
CA SER C 337 53.50 10.65 0.79
C SER C 337 52.10 10.34 0.27
N VAL C 338 52.04 9.84 -0.97
CA VAL C 338 50.75 9.56 -1.60
C VAL C 338 50.08 8.36 -0.94
N TYR C 339 50.84 7.31 -0.63
CA TYR C 339 50.24 6.12 -0.04
C TYR C 339 49.74 6.38 1.37
N ALA C 340 50.44 7.24 2.12
CA ALA C 340 49.99 7.62 3.46
C ALA C 340 49.13 8.88 3.40
N TRP C 341 48.11 8.84 2.54
CA TRP C 341 47.20 9.98 2.43
C TRP C 341 46.26 10.02 3.62
N GLU C 342 45.98 11.23 4.11
CA GLU C 342 45.14 11.42 5.27
C GLU C 342 43.76 11.91 4.83
N ARG C 343 42.71 11.28 5.32
CA ARG C 343 41.37 11.84 5.12
C ARG C 343 41.15 12.92 6.17
N LYS C 344 40.65 14.08 5.72
CA LYS C 344 40.45 15.19 6.62
C LYS C 344 38.99 15.63 6.58
N ARG C 345 38.36 15.69 7.74
CA ARG C 345 36.98 16.12 7.87
C ARG C 345 36.93 17.51 8.49
N ILE C 346 36.14 18.39 7.88
CA ILE C 346 35.99 19.77 8.32
C ILE C 346 34.55 19.98 8.74
N SER C 347 34.29 20.97 9.58
CA SER C 347 33.02 21.07 10.28
C SER C 347 32.43 22.48 10.28
N ASN C 348 31.12 22.57 10.03
CA ASN C 348 30.27 23.72 10.37
C ASN C 348 30.79 25.02 9.79
N CYS C 349 31.22 25.00 8.53
CA CYS C 349 31.83 26.17 7.92
C CYS C 349 31.40 26.32 6.47
N VAL C 350 32.06 27.23 5.76
CA VAL C 350 31.59 27.65 4.44
C VAL C 350 32.40 27.00 3.33
N ALA C 351 33.73 27.02 3.44
CA ALA C 351 34.64 26.60 2.36
C ALA C 351 34.38 27.38 1.07
N ASP C 352 34.32 28.71 1.20
CA ASP C 352 34.18 29.56 0.02
C ASP C 352 35.47 29.59 -0.79
N TYR C 353 35.34 29.64 -2.12
CA TYR C 353 36.51 29.54 -2.98
C TYR C 353 37.33 30.83 -2.96
N SER C 354 36.68 31.97 -2.74
CA SER C 354 37.39 33.24 -2.73
C SER C 354 38.43 33.27 -1.61
N VAL C 355 38.05 32.82 -0.41
CA VAL C 355 39.01 32.78 0.69
C VAL C 355 40.03 31.66 0.46
N LEU C 356 39.61 30.57 -0.19
CA LEU C 356 40.55 29.52 -0.55
C LEU C 356 41.68 30.06 -1.41
N TYR C 357 41.36 30.92 -2.38
CA TYR C 357 42.37 31.38 -3.34
C TYR C 357 43.47 32.15 -2.65
N ASN C 358 43.12 33.02 -1.69
CA ASN C 358 44.12 33.88 -1.06
C ASN C 358 45.12 33.06 -0.25
N SER C 359 44.64 32.10 0.55
CA SER C 359 45.56 31.32 1.38
C SER C 359 46.47 30.45 0.52
N THR C 360 45.90 29.70 -0.42
CA THR C 360 46.65 28.81 -1.28
C THR C 360 46.20 28.99 -2.71
N SER C 361 47.15 28.97 -3.64
CA SER C 361 46.86 29.07 -5.06
C SER C 361 47.12 27.71 -5.71
N PHE C 362 46.11 27.18 -6.39
CA PHE C 362 46.19 25.86 -7.00
C PHE C 362 46.50 26.03 -8.49
N SER C 363 47.64 25.48 -8.91
CA SER C 363 47.89 25.38 -10.35
C SER C 363 46.85 24.49 -11.01
N THR C 364 46.50 23.39 -10.36
CA THR C 364 45.34 22.56 -10.70
C THR C 364 44.26 22.78 -9.66
N PHE C 365 43.09 23.26 -10.10
CA PHE C 365 41.93 23.44 -9.23
C PHE C 365 40.71 22.92 -9.98
N LYS C 366 40.46 21.61 -9.91
CA LYS C 366 39.34 21.03 -10.65
C LYS C 366 38.65 19.96 -9.83
N CYS C 367 37.34 20.09 -9.66
CA CYS C 367 36.49 19.08 -9.05
C CYS C 367 35.97 18.16 -10.17
N TYR C 368 36.44 16.92 -10.20
CA TYR C 368 35.90 15.95 -11.15
C TYR C 368 34.44 15.63 -10.88
N GLY C 369 34.12 15.18 -9.66
CA GLY C 369 32.80 14.65 -9.39
C GLY C 369 31.72 15.67 -9.06
N VAL C 370 32.10 16.91 -8.79
CA VAL C 370 31.17 17.96 -8.39
C VAL C 370 31.58 19.26 -9.07
N SER C 371 30.82 20.32 -8.78
CA SER C 371 31.15 21.63 -9.31
C SER C 371 32.44 22.15 -8.68
N ALA C 372 33.35 22.62 -9.54
CA ALA C 372 34.66 23.06 -9.06
C ALA C 372 34.56 24.36 -8.29
N THR C 373 33.88 25.36 -8.86
CA THR C 373 33.86 26.69 -8.25
C THR C 373 33.13 26.68 -6.92
N LYS C 374 31.99 26.02 -6.85
CA LYS C 374 31.13 26.08 -5.67
C LYS C 374 31.55 25.02 -4.66
N LEU C 375 32.76 25.20 -4.14
CA LEU C 375 33.21 24.39 -3.02
C LEU C 375 32.47 24.77 -1.74
N ASN C 376 31.82 25.94 -1.75
CA ASN C 376 31.01 26.34 -0.59
C ASN C 376 29.60 25.81 -0.69
N ASP C 377 29.03 25.78 -1.90
CA ASP C 377 27.65 25.33 -2.07
C ASP C 377 27.46 23.90 -1.59
N LEU C 378 28.42 23.03 -1.91
CA LEU C 378 28.26 21.61 -1.61
C LEU C 378 28.28 21.36 -0.10
N CYS C 379 27.34 20.53 0.36
CA CYS C 379 27.10 20.31 1.77
C CYS C 379 27.82 19.03 2.20
N PHE C 380 29.00 19.18 2.79
CA PHE C 380 29.92 18.07 3.03
C PHE C 380 29.61 17.39 4.35
N SER C 381 29.65 16.06 4.33
CA SER C 381 29.53 15.23 5.52
C SER C 381 30.59 14.14 5.46
N ASN C 382 31.41 14.04 6.50
CA ASN C 382 32.52 13.09 6.54
C ASN C 382 33.41 13.23 5.31
N VAL C 383 33.70 14.48 4.95
CA VAL C 383 34.53 14.75 3.78
C VAL C 383 35.93 14.19 4.02
N TYR C 384 36.57 13.73 2.94
CA TYR C 384 37.92 13.19 3.00
C TYR C 384 38.83 14.10 2.17
N ALA C 385 39.47 15.06 2.82
CA ALA C 385 40.44 15.94 2.18
C ALA C 385 41.80 15.27 2.28
N ASP C 386 42.29 14.73 1.16
CA ASP C 386 43.44 13.83 1.14
C ASP C 386 44.65 14.57 0.60
N SER C 387 45.60 14.87 1.49
CA SER C 387 46.79 15.65 1.14
C SER C 387 47.97 14.71 0.90
N PHE C 388 48.76 15.01 -0.14
CA PHE C 388 49.89 14.17 -0.48
C PHE C 388 50.82 14.94 -1.41
N VAL C 389 52.01 14.38 -1.63
CA VAL C 389 53.01 14.95 -2.53
C VAL C 389 53.33 13.92 -3.60
N VAL C 390 53.27 14.34 -4.86
CA VAL C 390 53.58 13.46 -5.98
C VAL C 390 54.38 14.21 -7.03
N LYS C 391 55.09 13.46 -7.86
CA LYS C 391 55.82 14.06 -8.95
C LYS C 391 54.86 14.61 -9.99
N GLY C 392 55.40 15.40 -10.91
CA GLY C 392 54.56 16.12 -11.87
C GLY C 392 53.71 15.18 -12.72
N ASP C 393 54.30 14.08 -13.19
CA ASP C 393 53.55 13.12 -13.98
C ASP C 393 52.50 12.41 -13.14
N ASP C 394 52.79 12.21 -11.84
CA ASP C 394 51.84 11.52 -10.97
C ASP C 394 50.67 12.41 -10.57
N VAL C 395 50.74 13.72 -10.84
CA VAL C 395 49.65 14.61 -10.48
C VAL C 395 48.40 14.26 -11.27
N ARG C 396 48.55 14.08 -12.59
CA ARG C 396 47.40 13.69 -13.40
C ARG C 396 47.02 12.24 -13.18
N GLN C 397 47.98 11.42 -12.72
CA GLN C 397 47.70 9.99 -12.52
C GLN C 397 46.66 9.80 -11.43
N ILE C 398 46.74 10.56 -10.34
CA ILE C 398 45.80 10.45 -9.24
C ILE C 398 44.59 11.32 -9.55
N ALA C 399 43.63 10.75 -10.27
CA ALA C 399 42.43 11.46 -10.71
C ALA C 399 41.40 10.43 -11.16
N PRO C 400 40.13 10.63 -10.84
CA PRO C 400 39.11 9.69 -11.30
C PRO C 400 39.00 9.70 -12.83
N GLY C 401 38.77 8.51 -13.38
CA GLY C 401 38.77 8.32 -14.81
C GLY C 401 40.12 7.96 -15.40
N GLN C 402 41.20 8.22 -14.67
CA GLN C 402 42.55 7.86 -15.10
C GLN C 402 43.19 7.00 -14.02
N THR C 403 43.59 5.79 -14.40
CA THR C 403 44.17 4.83 -13.47
C THR C 403 45.68 4.78 -13.68
N GLY C 404 46.42 4.97 -12.59
CA GLY C 404 47.86 4.90 -12.64
C GLY C 404 48.39 4.03 -11.51
N VAL C 405 49.56 3.43 -11.74
CA VAL C 405 50.14 2.54 -10.75
C VAL C 405 50.39 3.29 -9.44
N ILE C 406 50.93 4.50 -9.54
CA ILE C 406 51.06 5.33 -8.34
C ILE C 406 49.69 5.63 -7.75
N ALA C 407 48.72 5.95 -8.60
CA ALA C 407 47.36 6.18 -8.11
C ALA C 407 46.75 4.89 -7.56
N ASP C 408 46.88 3.79 -8.29
CA ASP C 408 46.19 2.56 -7.89
C ASP C 408 46.72 2.01 -6.58
N TYR C 409 48.04 2.00 -6.40
CA TYR C 409 48.64 1.30 -5.27
C TYR C 409 49.02 2.22 -4.11
N ASN C 410 48.78 3.53 -4.24
CA ASN C 410 49.06 4.45 -3.15
C ASN C 410 47.79 5.18 -2.71
N TYR C 411 47.05 5.79 -3.62
CA TYR C 411 45.83 6.53 -3.30
C TYR C 411 44.86 6.41 -4.47
N LYS C 412 43.99 5.41 -4.41
CA LYS C 412 43.14 5.04 -5.53
C LYS C 412 41.99 6.02 -5.68
N LEU C 413 41.71 6.42 -6.92
CA LEU C 413 40.59 7.30 -7.23
C LEU C 413 39.71 6.68 -8.30
N PRO C 414 38.77 5.81 -7.93
CA PRO C 414 37.78 5.33 -8.93
C PRO C 414 36.69 6.37 -9.13
N ASP C 415 35.79 6.13 -10.09
CA ASP C 415 34.79 7.16 -10.40
C ASP C 415 33.76 7.32 -9.30
N ASP C 416 33.68 6.37 -8.36
CA ASP C 416 32.54 6.33 -7.45
C ASP C 416 32.46 7.57 -6.56
N PHE C 417 33.60 8.06 -6.08
CA PHE C 417 33.55 9.23 -5.21
C PHE C 417 33.25 10.47 -6.03
N THR C 418 32.71 11.49 -5.37
CA THR C 418 32.68 12.84 -5.90
C THR C 418 33.74 13.65 -5.15
N GLY C 419 34.60 14.33 -5.90
CA GLY C 419 35.73 14.98 -5.26
C GLY C 419 36.43 15.93 -6.20
N CYS C 420 37.49 16.53 -5.66
CA CYS C 420 38.24 17.59 -6.29
C CYS C 420 39.74 17.32 -6.19
N VAL C 421 40.45 17.51 -7.30
CA VAL C 421 41.89 17.50 -7.34
C VAL C 421 42.38 18.94 -7.28
N LEU C 422 43.20 19.24 -6.27
CA LEU C 422 43.80 20.55 -6.07
C LEU C 422 45.31 20.34 -5.95
N ALA C 423 46.04 20.69 -7.00
CA ALA C 423 47.48 20.56 -7.02
C ALA C 423 48.10 21.95 -7.08
N TRP C 424 49.23 22.12 -6.41
CA TRP C 424 50.00 23.35 -6.51
C TRP C 424 51.49 23.02 -6.44
N ASN C 425 52.30 23.93 -6.98
CA ASN C 425 53.74 23.69 -7.10
C ASN C 425 54.42 23.92 -5.76
N THR C 426 55.02 22.85 -5.23
CA THR C 426 55.78 22.88 -3.99
C THR C 426 57.15 22.26 -4.22
N ARG C 427 57.81 22.65 -5.31
CA ARG C 427 59.09 22.04 -5.66
C ARG C 427 60.15 22.33 -4.60
N ASN C 428 60.19 23.57 -4.11
CA ASN C 428 61.25 23.97 -3.19
C ASN C 428 61.17 23.22 -1.87
N ILE C 429 59.95 23.03 -1.34
CA ILE C 429 59.80 22.45 -0.01
C ILE C 429 59.95 20.94 -0.05
N ASP C 430 59.49 20.30 -1.12
CA ASP C 430 59.49 18.85 -1.21
C ASP C 430 60.72 18.29 -1.92
N ALA C 431 61.65 19.14 -2.36
CA ALA C 431 62.82 18.69 -3.09
C ALA C 431 64.06 19.39 -2.54
N THR C 432 65.20 18.75 -2.76
CA THR C 432 66.49 19.29 -2.33
C THR C 432 67.55 18.86 -3.33
N GLN C 433 68.62 19.66 -3.43
CA GLN C 433 69.70 19.31 -4.35
C GLN C 433 70.31 17.95 -4.03
N THR C 434 70.37 17.61 -2.74
CA THR C 434 70.79 16.27 -2.36
C THR C 434 69.73 15.24 -2.72
N GLY C 435 68.46 15.65 -2.71
CA GLY C 435 67.37 14.77 -3.05
C GLY C 435 66.56 14.33 -1.83
N ASN C 436 65.28 14.64 -1.82
CA ASN C 436 64.38 14.26 -0.74
C ASN C 436 63.88 12.85 -1.00
N TYR C 437 64.38 11.90 -0.23
CA TYR C 437 63.94 10.51 -0.29
C TYR C 437 62.83 10.22 0.72
N ASN C 438 62.22 11.27 1.28
CA ASN C 438 61.12 11.09 2.22
C ASN C 438 59.95 10.38 1.56
N TYR C 439 59.60 10.77 0.34
CA TYR C 439 58.43 10.24 -0.32
C TYR C 439 58.79 9.01 -1.14
N LYS C 440 57.95 7.98 -1.03
CA LYS C 440 58.12 6.75 -1.80
C LYS C 440 56.83 6.45 -2.55
N TYR C 441 56.98 5.88 -3.74
CA TYR C 441 55.83 5.46 -4.54
C TYR C 441 55.79 3.95 -4.64
N ARG C 442 54.58 3.40 -4.52
CA ARG C 442 54.33 1.98 -4.74
C ARG C 442 54.12 1.79 -6.24
N SER C 443 55.23 1.72 -6.97
CA SER C 443 55.16 1.70 -8.44
C SER C 443 54.47 0.45 -8.95
N LEU C 444 54.45 -0.62 -8.16
CA LEU C 444 53.89 -1.89 -8.59
C LEU C 444 53.32 -2.64 -7.38
N ARG C 445 52.14 -3.21 -7.56
CA ARG C 445 51.46 -3.93 -6.50
C ARG C 445 50.47 -4.91 -7.13
N HIS C 446 50.05 -5.89 -6.33
CA HIS C 446 49.22 -6.98 -6.86
C HIS C 446 47.90 -6.45 -7.42
N GLY C 447 47.21 -5.62 -6.67
CA GLY C 447 45.90 -5.14 -7.09
C GLY C 447 45.67 -3.70 -6.66
N LYS C 448 44.79 -3.04 -7.38
CA LYS C 448 44.44 -1.66 -7.08
C LYS C 448 43.73 -1.57 -5.74
N LEU C 449 43.91 -0.44 -5.06
CA LEU C 449 43.26 -0.22 -3.78
C LEU C 449 41.75 -0.15 -3.94
N ARG C 450 41.04 -0.58 -2.89
CA ARG C 450 39.60 -0.39 -2.84
C ARG C 450 39.30 1.10 -2.67
N PRO C 451 38.09 1.53 -3.04
CA PRO C 451 37.71 2.92 -2.79
C PRO C 451 37.82 3.28 -1.31
N PHE C 452 38.47 4.41 -1.04
CA PHE C 452 38.72 4.87 0.32
C PHE C 452 39.46 3.81 1.14
N GLU C 453 40.48 3.20 0.53
CA GLU C 453 41.34 2.22 1.17
C GLU C 453 42.77 2.74 1.17
N ARG C 454 43.45 2.58 2.31
CA ARG C 454 44.81 3.07 2.49
C ARG C 454 45.77 1.90 2.66
N ASP C 455 46.99 2.07 2.16
CA ASP C 455 48.09 1.15 2.42
C ASP C 455 49.36 1.95 2.67
N ILE C 456 49.83 1.93 3.91
CA ILE C 456 51.12 2.54 4.26
C ILE C 456 52.21 1.50 4.36
N SER C 457 51.94 0.28 3.89
CA SER C 457 52.90 -0.81 4.02
C SER C 457 54.15 -0.56 3.19
N ASN C 458 55.30 -0.87 3.77
CA ASN C 458 56.57 -0.95 3.03
C ASN C 458 57.08 -2.38 3.17
N VAL C 459 56.57 -3.25 2.30
CA VAL C 459 56.96 -4.66 2.26
C VAL C 459 57.23 -5.02 0.80
N PRO C 460 58.30 -5.74 0.51
CA PRO C 460 58.68 -5.97 -0.89
C PRO C 460 57.56 -6.64 -1.68
N PHE C 461 57.33 -6.13 -2.89
CA PHE C 461 56.35 -6.73 -3.78
C PHE C 461 56.80 -8.10 -4.23
N SER C 462 55.87 -9.05 -4.26
CA SER C 462 56.17 -10.41 -4.66
C SER C 462 55.71 -10.62 -6.10
N PRO C 463 56.64 -10.73 -7.05
CA PRO C 463 56.22 -11.01 -8.44
C PRO C 463 55.49 -12.33 -8.59
N ASP C 464 55.86 -13.34 -7.81
CA ASP C 464 55.16 -14.62 -7.88
C ASP C 464 53.89 -14.62 -7.03
N GLY C 465 53.67 -13.58 -6.25
CA GLY C 465 52.50 -13.48 -5.41
C GLY C 465 52.67 -13.99 -4.00
N LYS C 466 53.87 -14.44 -3.64
CA LYS C 466 54.15 -14.94 -2.29
C LYS C 466 55.22 -14.06 -1.65
N PRO C 467 54.88 -13.23 -0.67
CA PRO C 467 55.88 -12.32 -0.09
C PRO C 467 57.01 -13.09 0.59
N CYS C 468 58.24 -12.67 0.31
CA CYS C 468 59.42 -13.23 0.95
C CYS C 468 60.22 -12.10 1.59
N THR C 469 61.32 -12.48 2.26
CA THR C 469 62.11 -11.50 2.99
C THR C 469 62.71 -10.48 2.03
N PRO C 470 62.90 -9.24 2.48
CA PRO C 470 63.49 -8.21 1.62
C PRO C 470 64.86 -8.59 1.08
N PRO C 471 65.72 -9.26 1.86
CA PRO C 471 67.01 -9.66 1.28
C PRO C 471 66.89 -10.65 0.13
N ALA C 472 65.77 -11.36 0.02
CA ALA C 472 65.61 -12.33 -1.06
C ALA C 472 65.62 -11.65 -2.41
N PHE C 473 66.20 -12.35 -3.40
CA PHE C 473 66.30 -11.79 -4.75
C PHE C 473 64.92 -11.72 -5.42
N ASN C 474 64.05 -12.70 -5.13
CA ASN C 474 62.78 -12.79 -5.84
C ASN C 474 61.85 -11.62 -5.48
N CYS C 475 61.76 -11.29 -4.20
CA CYS C 475 60.93 -10.17 -3.77
C CYS C 475 61.59 -8.85 -4.13
N TYR C 476 60.81 -7.95 -4.73
CA TYR C 476 61.30 -6.64 -5.15
C TYR C 476 60.46 -5.56 -4.47
N TRP C 477 61.12 -4.58 -3.88
CA TRP C 477 60.41 -3.60 -3.08
C TRP C 477 59.52 -2.73 -3.99
N PRO C 478 58.27 -2.48 -3.60
CA PRO C 478 57.43 -1.60 -4.42
C PRO C 478 57.68 -0.12 -4.15
N LEU C 479 57.96 0.24 -2.91
CA LEU C 479 58.18 1.64 -2.56
C LEU C 479 59.57 2.09 -3.00
N ASN C 480 59.61 2.85 -4.09
CA ASN C 480 60.85 3.45 -4.56
C ASN C 480 60.82 4.94 -4.24
N ASP C 481 61.97 5.45 -3.80
CA ASP C 481 62.05 6.83 -3.34
C ASP C 481 61.75 7.79 -4.47
N TYR C 482 61.06 8.89 -4.15
CA TYR C 482 60.80 9.91 -5.15
C TYR C 482 62.10 10.56 -5.60
N GLY C 483 62.18 10.87 -6.88
CA GLY C 483 63.23 11.75 -7.35
C GLY C 483 62.75 13.18 -7.24
N PHE C 484 63.07 13.82 -6.13
CA PHE C 484 62.66 15.20 -5.85
C PHE C 484 63.90 16.03 -5.61
N TYR C 485 64.31 16.79 -6.62
CA TYR C 485 65.50 17.62 -6.52
C TYR C 485 65.14 19.04 -6.95
N ILE C 486 65.86 20.00 -6.36
CA ILE C 486 65.79 21.37 -6.87
C ILE C 486 66.25 21.40 -8.32
N THR C 487 67.25 20.57 -8.64
CA THR C 487 67.77 20.51 -9.99
C THR C 487 66.85 19.71 -10.92
N ASN C 488 65.93 18.95 -10.36
CA ASN C 488 65.08 18.06 -11.17
C ASN C 488 64.21 18.86 -12.12
N GLY C 489 63.90 18.26 -13.26
CA GLY C 489 63.01 18.86 -14.24
C GLY C 489 61.56 18.53 -13.94
N ILE C 490 60.69 19.07 -14.81
CA ILE C 490 59.25 18.98 -14.59
C ILE C 490 58.78 17.52 -14.55
N GLY C 491 59.58 16.62 -15.14
CA GLY C 491 59.16 15.22 -15.21
C GLY C 491 58.88 14.63 -13.84
N TYR C 492 59.78 14.84 -12.88
CA TYR C 492 59.58 14.40 -11.51
C TYR C 492 59.52 15.55 -10.52
N GLN C 493 59.23 16.76 -10.97
CA GLN C 493 59.19 17.88 -10.04
C GLN C 493 58.08 17.69 -9.02
N PRO C 494 58.36 17.90 -7.74
CA PRO C 494 57.31 17.74 -6.72
C PRO C 494 56.15 18.70 -6.89
N TYR C 495 54.95 18.19 -6.60
CA TYR C 495 53.75 18.98 -6.54
C TYR C 495 52.91 18.44 -5.39
N ARG C 496 52.22 19.33 -4.70
CA ARG C 496 51.40 18.94 -3.57
C ARG C 496 49.93 18.94 -4.01
N VAL C 497 49.30 17.78 -3.88
CA VAL C 497 47.95 17.56 -4.39
C VAL C 497 47.07 17.08 -3.24
N VAL C 498 45.90 17.68 -3.11
CA VAL C 498 44.85 17.25 -2.20
C VAL C 498 43.63 16.89 -3.03
N VAL C 499 43.12 15.68 -2.82
CA VAL C 499 41.88 15.25 -3.43
C VAL C 499 40.83 15.18 -2.33
N LEU C 500 39.80 16.00 -2.45
CA LEU C 500 38.65 15.93 -1.57
C LEU C 500 37.65 14.96 -2.15
N SER C 501 37.60 13.75 -1.59
CA SER C 501 36.61 12.74 -1.96
C SER C 501 35.60 12.66 -0.83
N PHE C 502 34.31 12.75 -1.15
CA PHE C 502 33.30 12.85 -0.11
C PHE C 502 32.01 12.15 -0.54
N GLU C 503 31.32 11.56 0.43
CA GLU C 503 29.97 11.04 0.24
C GLU C 503 29.03 12.09 0.84
N LEU C 504 28.33 12.81 -0.04
CA LEU C 504 27.49 13.90 0.42
C LEU C 504 26.35 13.39 1.30
N LEU C 505 26.23 13.98 2.49
CA LEU C 505 25.18 13.64 3.45
C LEU C 505 25.17 12.17 3.81
N ASN C 506 26.35 11.55 3.91
CA ASN C 506 26.50 10.20 4.42
C ASN C 506 26.88 10.18 5.90
N ALA C 507 26.85 11.33 6.54
CA ALA C 507 27.21 11.54 7.93
C ALA C 507 26.56 12.86 8.36
N PRO C 508 26.70 13.28 9.61
CA PRO C 508 26.30 14.66 9.95
C PRO C 508 26.91 15.65 8.97
N ALA C 509 26.06 16.45 8.34
CA ALA C 509 26.55 17.46 7.41
C ALA C 509 27.41 18.47 8.16
N THR C 510 28.63 18.68 7.66
CA THR C 510 29.59 19.51 8.36
C THR C 510 30.11 20.70 7.57
N VAL C 511 30.44 20.53 6.28
CA VAL C 511 30.83 21.70 5.49
C VAL C 511 29.68 22.02 4.55
N CYS C 512 28.88 23.02 4.92
CA CYS C 512 27.61 23.29 4.27
C CYS C 512 27.40 24.79 4.22
N GLY C 513 27.60 25.38 3.04
CA GLY C 513 27.57 26.82 2.88
C GLY C 513 26.23 27.42 3.25
N PRO C 514 26.25 28.38 4.18
CA PRO C 514 25.02 29.12 4.51
C PRO C 514 24.66 30.10 3.41
N LYS C 515 23.48 29.92 2.84
CA LYS C 515 23.06 30.74 1.71
C LYS C 515 22.77 32.17 2.16
N LEU C 516 22.77 33.08 1.19
CA LEU C 516 22.45 34.47 1.48
C LEU C 516 20.97 34.60 1.84
N SER C 517 20.70 35.49 2.80
CA SER C 517 19.41 35.53 3.48
C SER C 517 18.63 36.77 3.05
N THR C 518 17.43 36.55 2.51
CA THR C 518 16.43 37.61 2.40
C THR C 518 15.75 37.66 3.74
N ASP C 519 16.32 38.46 4.64
CA ASP C 519 16.08 38.28 6.07
C ASP C 519 14.62 38.49 6.44
N LEU C 520 13.98 39.50 5.88
CA LEU C 520 12.68 39.91 6.41
C LEU C 520 11.82 40.49 5.32
N ILE C 521 10.51 40.55 5.62
CA ILE C 521 9.55 41.33 4.86
C ILE C 521 8.40 41.62 5.81
N LYS C 522 7.81 42.80 5.69
CA LYS C 522 6.87 43.30 6.67
C LYS C 522 5.49 43.51 6.05
N ASN C 523 4.46 42.97 6.69
CA ASN C 523 3.07 43.22 6.31
C ASN C 523 2.82 42.90 4.84
N GLN C 524 3.26 41.71 4.42
CA GLN C 524 3.11 41.29 3.03
C GLN C 524 2.74 39.82 2.97
N CYS C 525 1.70 39.51 2.20
CA CYS C 525 1.38 38.12 1.85
C CYS C 525 2.43 37.61 0.88
N VAL C 526 3.37 36.81 1.38
CA VAL C 526 4.47 36.30 0.57
C VAL C 526 4.75 34.88 1.01
N ASN C 527 5.73 34.26 0.38
CA ASN C 527 6.27 33.00 0.89
C ASN C 527 7.41 33.29 1.85
N PHE C 528 7.63 32.37 2.79
CA PHE C 528 8.64 32.53 3.81
C PHE C 528 9.30 31.19 4.08
N ASN C 529 10.56 31.26 4.50
CA ASN C 529 11.37 30.10 4.85
C ASN C 529 12.13 30.39 6.14
N PHE C 530 11.60 29.91 7.25
CA PHE C 530 12.27 29.94 8.55
C PHE C 530 13.21 28.74 8.62
N ASN C 531 14.41 28.90 8.07
CA ASN C 531 15.50 27.94 8.24
C ASN C 531 15.05 26.53 7.87
N GLY C 532 14.39 26.42 6.73
CA GLY C 532 13.82 25.16 6.31
C GLY C 532 12.35 24.98 6.65
N LEU C 533 11.67 26.04 7.08
CA LEU C 533 10.24 26.00 7.37
C LEU C 533 9.54 26.92 6.39
N THR C 534 9.00 26.36 5.31
CA THR C 534 8.48 27.14 4.20
C THR C 534 6.96 27.17 4.24
N GLY C 535 6.40 28.36 4.01
CA GLY C 535 4.96 28.54 3.97
C GLY C 535 4.60 29.82 3.28
N THR C 536 3.31 30.15 3.30
CA THR C 536 2.79 31.39 2.72
C THR C 536 1.94 32.13 3.74
N GLY C 537 2.05 33.45 3.76
CA GLY C 537 1.27 34.23 4.70
C GLY C 537 1.77 35.66 4.81
N VAL C 538 1.13 36.40 5.70
CA VAL C 538 1.59 37.75 6.00
C VAL C 538 2.44 37.72 7.25
N LEU C 539 3.54 38.47 7.23
CA LEU C 539 4.54 38.44 8.29
C LEU C 539 4.55 39.78 9.02
N THR C 540 4.61 39.73 10.34
CA THR C 540 4.71 40.91 11.18
C THR C 540 5.67 40.60 12.32
N PRO C 541 6.11 41.61 13.05
CA PRO C 541 6.86 41.33 14.29
C PRO C 541 5.95 40.67 15.31
N SER C 542 6.56 39.88 16.18
CA SER C 542 5.83 39.06 17.14
C SER C 542 6.11 39.51 18.56
N SER C 543 5.05 39.88 19.29
CA SER C 543 5.13 40.18 20.71
C SER C 543 4.70 38.98 21.56
N LYS C 544 5.34 37.85 21.35
CA LYS C 544 5.05 36.63 22.09
C LYS C 544 6.34 36.07 22.66
N ARG C 545 6.40 35.95 23.99
CA ARG C 545 7.64 35.53 24.65
C ARG C 545 7.70 34.01 24.63
N PHE C 546 8.27 33.50 23.55
CA PHE C 546 8.62 32.09 23.45
C PHE C 546 9.66 31.72 24.49
N GLN C 547 9.46 30.54 25.08
CA GLN C 547 10.47 29.97 25.94
C GLN C 547 11.76 29.84 25.14
N PRO C 548 12.92 30.15 25.73
CA PRO C 548 14.15 30.19 24.92
C PRO C 548 14.46 28.90 24.21
N PHE C 549 14.10 27.76 24.80
CA PHE C 549 14.45 26.48 24.20
C PHE C 549 13.58 26.17 22.98
N GLN C 550 12.35 26.64 22.97
CA GLN C 550 11.45 26.38 21.85
C GLN C 550 11.45 27.58 20.92
N GLN C 551 11.35 27.32 19.61
CA GLN C 551 11.46 28.37 18.61
C GLN C 551 10.27 28.46 17.67
N PHE C 552 9.42 27.45 17.62
CA PHE C 552 8.32 27.37 16.67
C PHE C 552 7.01 27.38 17.43
N GLY C 553 6.07 28.22 17.01
CA GLY C 553 4.83 28.39 17.75
C GLY C 553 3.64 27.68 17.14
N ARG C 554 2.56 27.64 17.90
CA ARG C 554 1.34 26.96 17.48
C ARG C 554 0.20 27.55 18.29
N ASP C 555 -1.04 27.25 17.88
CA ASP C 555 -2.21 27.92 18.43
C ASP C 555 -3.26 26.91 18.83
N VAL C 556 -4.32 27.43 19.46
CA VAL C 556 -5.52 26.64 19.68
C VAL C 556 -6.12 26.21 18.35
N SER C 557 -6.05 27.10 17.36
CA SER C 557 -6.42 26.74 16.00
C SER C 557 -5.43 25.78 15.37
N ASP C 558 -4.37 25.44 16.09
CA ASP C 558 -3.32 24.49 15.72
C ASP C 558 -2.39 25.07 14.67
N PHE C 559 -2.61 26.31 14.25
CA PHE C 559 -1.73 26.93 13.29
C PHE C 559 -0.61 27.70 13.98
N THR C 560 0.37 28.09 13.18
CA THR C 560 1.62 28.65 13.68
C THR C 560 1.45 30.15 13.87
N ASP C 561 1.23 30.58 15.11
CA ASP C 561 1.17 32.01 15.38
C ASP C 561 2.48 32.69 15.01
N SER C 562 3.59 32.19 15.54
CA SER C 562 4.84 32.91 15.47
C SER C 562 5.97 31.90 15.54
N VAL C 563 7.16 32.36 15.14
CA VAL C 563 8.34 31.51 15.13
C VAL C 563 9.58 32.39 15.11
N ARG C 564 10.66 31.90 15.72
CA ARG C 564 11.88 32.69 15.82
C ARG C 564 12.60 32.77 14.47
N ASP C 565 13.06 33.95 14.13
CA ASP C 565 13.93 34.10 12.97
C ASP C 565 15.27 33.46 13.27
N PRO C 566 15.76 32.56 12.41
CA PRO C 566 17.06 31.94 12.69
C PRO C 566 18.21 32.92 12.63
N LYS C 567 18.28 33.74 11.58
CA LYS C 567 19.43 34.63 11.40
C LYS C 567 19.56 35.59 12.56
N THR C 568 18.45 36.18 12.99
CA THR C 568 18.41 37.04 14.16
C THR C 568 17.28 36.54 15.05
N SER C 569 17.62 36.14 16.27
CA SER C 569 16.66 35.42 17.11
C SER C 569 15.60 36.42 17.59
N GLU C 570 14.76 36.83 16.64
CA GLU C 570 13.59 37.64 16.90
C GLU C 570 12.38 36.92 16.34
N ILE C 571 11.24 37.09 17.00
CA ILE C 571 10.09 36.28 16.64
C ILE C 571 9.27 36.98 15.57
N LEU C 572 8.68 36.19 14.67
CA LEU C 572 7.81 36.71 13.62
C LEU C 572 6.42 36.14 13.82
N ASP C 573 5.42 37.02 13.87
CA ASP C 573 4.02 36.63 13.77
C ASP C 573 3.67 36.31 12.33
N ILE C 574 2.89 35.25 12.15
CA ILE C 574 2.40 34.82 10.85
C ILE C 574 0.88 34.84 10.88
N SER C 575 0.28 35.42 9.85
CA SER C 575 -1.16 35.31 9.71
C SER C 575 -1.48 34.84 8.30
N PRO C 576 -2.61 34.14 8.10
CA PRO C 576 -2.95 33.71 6.75
C PRO C 576 -3.32 34.89 5.87
N CYS C 577 -3.15 34.70 4.56
CA CYS C 577 -3.43 35.75 3.60
C CYS C 577 -4.93 35.99 3.49
N SER C 578 -5.31 37.19 3.11
CA SER C 578 -6.70 37.62 3.04
C SER C 578 -7.41 36.90 1.91
N PHE C 579 -8.63 36.43 2.17
CA PHE C 579 -9.46 35.82 1.14
C PHE C 579 -10.90 36.28 1.41
N GLY C 580 -11.50 36.88 0.40
CA GLY C 580 -12.88 37.31 0.46
C GLY C 580 -13.70 36.78 -0.69
N GLY C 581 -15.00 36.98 -0.59
CA GLY C 581 -15.92 36.62 -1.64
C GLY C 581 -16.49 37.87 -2.29
N VAL C 582 -16.12 38.07 -3.55
CA VAL C 582 -16.63 39.22 -4.28
C VAL C 582 -18.12 39.04 -4.49
N SER C 583 -18.88 40.05 -4.11
CA SER C 583 -20.33 40.01 -4.29
C SER C 583 -20.77 41.27 -4.99
N VAL C 584 -21.56 41.12 -6.04
CA VAL C 584 -21.98 42.22 -6.88
C VAL C 584 -23.30 42.75 -6.36
N ILE C 585 -23.41 44.08 -6.29
CA ILE C 585 -24.67 44.76 -6.08
C ILE C 585 -25.09 45.39 -7.39
N THR C 586 -26.37 45.24 -7.74
CA THR C 586 -26.89 45.87 -8.91
C THR C 586 -28.35 46.25 -8.68
N PRO C 587 -28.80 47.35 -9.25
CA PRO C 587 -30.23 47.52 -9.49
C PRO C 587 -30.70 46.47 -10.47
N GLY C 588 -31.99 46.50 -10.77
CA GLY C 588 -32.51 45.63 -11.81
C GLY C 588 -31.88 45.91 -13.15
N THR C 589 -31.43 44.84 -13.83
CA THR C 589 -30.83 45.00 -15.14
C THR C 589 -31.73 45.79 -16.07
N ASN C 590 -33.03 45.65 -15.89
CA ASN C 590 -33.97 46.52 -16.58
C ASN C 590 -33.75 47.96 -16.21
N THR C 591 -33.53 48.24 -14.92
CA THR C 591 -33.40 49.62 -14.48
C THR C 591 -32.16 50.28 -15.07
N SER C 592 -31.04 49.56 -15.12
CA SER C 592 -29.80 50.09 -15.62
C SER C 592 -28.82 48.95 -15.84
N SER C 593 -27.58 49.32 -16.17
CA SER C 593 -26.52 48.34 -16.36
C SER C 593 -25.39 48.55 -15.37
N GLU C 594 -25.42 49.63 -14.61
CA GLU C 594 -24.33 49.90 -13.69
C GLU C 594 -24.37 48.94 -12.51
N VAL C 595 -23.20 48.74 -11.90
CA VAL C 595 -23.04 47.80 -10.81
C VAL C 595 -22.07 48.38 -9.81
N ALA C 596 -21.94 47.71 -8.68
CA ALA C 596 -20.85 47.98 -7.76
C ALA C 596 -20.42 46.67 -7.12
N VAL C 597 -19.20 46.63 -6.62
CA VAL C 597 -18.62 45.39 -6.10
C VAL C 597 -18.36 45.54 -4.61
N LEU C 598 -18.53 44.45 -3.89
CA LEU C 598 -18.24 44.38 -2.47
C LEU C 598 -17.20 43.30 -2.23
N TYR C 599 -16.15 43.65 -1.51
CA TYR C 599 -15.15 42.69 -1.06
C TYR C 599 -15.39 42.49 0.43
N GLN C 600 -15.79 41.27 0.80
CA GLN C 600 -16.59 41.07 1.99
C GLN C 600 -15.76 40.99 3.27
N ASP C 601 -14.44 40.84 3.16
CA ASP C 601 -13.66 40.77 4.39
C ASP C 601 -12.32 41.48 4.33
N VAL C 602 -12.13 42.43 3.43
CA VAL C 602 -10.84 43.09 3.32
C VAL C 602 -11.04 44.59 3.27
N ASN C 603 -10.09 45.32 3.86
CA ASN C 603 -10.13 46.77 3.79
C ASN C 603 -9.77 47.25 2.39
N CYS C 604 -10.06 48.51 2.12
CA CYS C 604 -9.87 49.06 0.78
C CYS C 604 -8.41 49.18 0.39
N THR C 605 -7.48 48.68 1.20
CA THR C 605 -6.07 48.75 0.86
C THR C 605 -5.69 47.67 -0.16
N ASP C 606 -5.93 46.41 0.17
CA ASP C 606 -5.33 45.32 -0.59
C ASP C 606 -6.09 45.04 -1.88
N VAL C 607 -7.23 45.69 -2.11
CA VAL C 607 -7.96 45.45 -3.36
C VAL C 607 -7.10 45.89 -4.54
N PRO C 608 -7.02 45.09 -5.62
CA PRO C 608 -6.15 45.47 -6.74
C PRO C 608 -6.53 46.79 -7.39
N VAL C 609 -7.84 47.09 -7.45
CA VAL C 609 -8.40 48.28 -8.11
C VAL C 609 -7.57 48.79 -9.29
N GLY C 626 -15.30 52.19 -10.24
CA GLY C 626 -14.16 51.96 -9.38
C GLY C 626 -13.44 53.24 -8.97
N ASN C 627 -14.01 54.38 -9.36
CA ASN C 627 -13.39 55.66 -9.06
C ASN C 627 -13.34 55.90 -7.54
N ASN C 628 -14.39 55.55 -6.83
CA ASN C 628 -14.53 55.84 -5.42
C ASN C 628 -14.52 54.54 -4.63
N VAL C 629 -13.93 54.57 -3.45
CA VAL C 629 -13.89 53.43 -2.55
C VAL C 629 -14.43 53.88 -1.20
N PHE C 630 -15.15 52.99 -0.53
CA PHE C 630 -15.73 53.31 0.76
C PHE C 630 -15.61 52.09 1.64
N GLN C 631 -14.98 52.23 2.80
CA GLN C 631 -14.72 51.07 3.63
C GLN C 631 -15.85 50.90 4.64
N THR C 632 -16.41 49.70 4.68
CA THR C 632 -17.51 49.38 5.58
C THR C 632 -17.08 48.29 6.56
N GLN C 633 -17.84 48.19 7.64
CA GLN C 633 -17.62 47.11 8.59
C GLN C 633 -17.72 45.76 7.90
N ALA C 634 -18.61 45.65 6.92
CA ALA C 634 -18.64 44.44 6.10
C ALA C 634 -17.32 44.26 5.37
N GLY C 635 -16.99 45.19 4.50
CA GLY C 635 -15.76 45.09 3.73
C GLY C 635 -15.51 46.38 2.99
N CYS C 636 -14.76 46.25 1.90
CA CYS C 636 -14.54 47.39 1.03
C CYS C 636 -15.56 47.42 -0.10
N LEU C 637 -16.13 48.58 -0.33
CA LEU C 637 -17.14 48.78 -1.36
C LEU C 637 -16.50 49.63 -2.46
N ILE C 638 -16.63 49.18 -3.70
CA ILE C 638 -16.02 49.86 -4.83
C ILE C 638 -17.07 50.08 -5.90
N GLY C 639 -17.02 51.23 -6.55
CA GLY C 639 -18.07 51.65 -7.45
C GLY C 639 -19.25 52.30 -6.76
N ALA C 640 -19.13 52.59 -5.47
CA ALA C 640 -20.21 53.22 -4.71
C ALA C 640 -19.66 54.41 -3.96
N GLU C 641 -20.55 55.35 -3.65
CA GLU C 641 -20.19 56.61 -2.99
C GLU C 641 -20.93 56.72 -1.66
N HIS C 642 -20.37 57.49 -0.74
CA HIS C 642 -20.95 57.65 0.58
C HIS C 642 -22.05 58.70 0.58
N VAL C 643 -23.16 58.37 1.25
CA VAL C 643 -24.24 59.32 1.49
C VAL C 643 -24.53 59.35 2.97
N ASP C 644 -24.97 60.50 3.44
CA ASP C 644 -25.28 60.68 4.84
C ASP C 644 -26.78 60.76 5.12
N THR C 645 -27.60 60.86 4.07
CA THR C 645 -29.03 60.79 4.28
C THR C 645 -29.43 59.38 4.70
N SER C 646 -30.64 59.27 5.22
CA SER C 646 -31.10 58.00 5.78
C SER C 646 -32.35 57.54 5.06
N TYR C 647 -32.37 56.26 4.71
CA TYR C 647 -33.55 55.63 4.15
C TYR C 647 -33.74 54.27 4.81
N GLU C 648 -34.88 53.65 4.51
CA GLU C 648 -35.07 52.25 4.80
C GLU C 648 -34.15 51.41 3.91
N CYS C 649 -33.93 50.17 4.31
CA CYS C 649 -33.03 49.32 3.52
C CYS C 649 -33.70 48.88 2.23
N ASP C 650 -32.98 49.03 1.13
CA ASP C 650 -33.39 48.46 -0.15
C ASP C 650 -32.62 47.17 -0.41
N ILE C 651 -31.29 47.24 -0.49
CA ILE C 651 -30.44 46.09 -0.75
C ILE C 651 -29.45 45.97 0.40
N PRO C 652 -29.50 44.92 1.20
CA PRO C 652 -28.64 44.84 2.37
C PRO C 652 -27.20 44.45 2.07
N ILE C 653 -26.24 45.26 2.49
CA ILE C 653 -24.85 44.79 2.50
C ILE C 653 -24.44 44.43 3.92
N GLY C 654 -25.09 45.02 4.92
CA GLY C 654 -24.89 44.56 6.28
C GLY C 654 -24.26 45.56 7.22
N ALA C 655 -24.18 45.20 8.50
CA ALA C 655 -23.46 46.00 9.50
C ALA C 655 -23.93 47.44 9.49
N GLY C 656 -25.22 47.65 9.31
CA GLY C 656 -25.80 48.97 9.36
C GLY C 656 -25.97 49.66 8.03
N ILE C 657 -25.50 49.07 6.94
CA ILE C 657 -25.48 49.75 5.65
C ILE C 657 -26.27 48.97 4.62
N CYS C 658 -27.04 49.71 3.81
CA CYS C 658 -27.65 49.20 2.61
C CYS C 658 -27.34 50.16 1.47
N ALA C 659 -27.70 49.75 0.25
CA ALA C 659 -27.42 50.54 -0.93
C ALA C 659 -28.61 50.49 -1.88
N SER C 660 -28.81 51.58 -2.61
CA SER C 660 -29.99 51.74 -3.44
C SER C 660 -29.67 52.59 -4.67
N TYR C 661 -30.56 52.51 -5.64
CA TYR C 661 -30.37 53.17 -6.93
C TYR C 661 -31.11 54.49 -6.92
N HIS C 662 -30.45 55.54 -6.44
CA HIS C 662 -31.06 56.83 -6.26
C HIS C 662 -30.16 57.89 -6.89
N THR C 663 -30.79 58.95 -7.39
CA THR C 663 -30.03 60.07 -7.92
C THR C 663 -29.06 60.59 -6.86
N VAL C 664 -27.80 60.77 -7.25
CA VAL C 664 -26.79 61.34 -6.37
C VAL C 664 -26.95 62.84 -6.20
N SER C 665 -27.61 63.50 -7.16
CA SER C 665 -27.78 64.96 -7.16
C SER C 665 -26.42 65.66 -7.07
N SER C 666 -25.46 65.12 -7.83
CA SER C 666 -24.11 65.71 -7.84
C SER C 666 -24.15 67.13 -8.38
N LEU C 667 -24.78 67.33 -9.53
CA LEU C 667 -24.99 68.66 -10.09
C LEU C 667 -26.48 68.78 -10.40
N ARG C 668 -27.16 69.63 -9.63
CA ARG C 668 -28.63 69.64 -9.58
C ARG C 668 -29.04 68.23 -9.20
N SER C 669 -29.78 67.51 -10.05
CA SER C 669 -29.88 66.06 -9.98
C SER C 669 -29.43 65.50 -11.31
N THR C 670 -28.14 65.23 -11.43
CA THR C 670 -27.49 64.89 -12.69
C THR C 670 -28.07 63.62 -13.30
N SER C 671 -28.98 62.94 -12.59
CA SER C 671 -29.55 61.67 -13.03
C SER C 671 -28.47 60.61 -13.18
N GLN C 672 -27.36 60.79 -12.48
CA GLN C 672 -26.36 59.73 -12.41
C GLN C 672 -26.96 58.49 -11.79
N LYS C 673 -27.76 58.66 -10.73
CA LYS C 673 -28.39 57.55 -10.03
C LYS C 673 -27.37 56.49 -9.65
N SER C 674 -26.15 56.94 -9.41
CA SER C 674 -25.09 56.05 -8.97
C SER C 674 -25.50 55.37 -7.68
N ILE C 675 -25.06 54.14 -7.51
CA ILE C 675 -25.45 53.36 -6.34
C ILE C 675 -25.06 54.14 -5.09
N VAL C 676 -26.01 54.30 -4.18
CA VAL C 676 -25.82 55.10 -2.98
C VAL C 676 -25.78 54.16 -1.79
N ALA C 677 -24.85 54.40 -0.87
CA ALA C 677 -24.69 53.60 0.34
C ALA C 677 -25.05 54.44 1.55
N TYR C 678 -25.95 53.94 2.38
CA TYR C 678 -26.43 54.67 3.54
C TYR C 678 -26.73 53.74 4.69
N THR C 679 -26.59 54.27 5.90
CA THR C 679 -27.07 53.59 7.10
C THR C 679 -28.60 53.57 7.09
N MET C 680 -29.17 52.46 7.54
CA MET C 680 -30.61 52.28 7.48
C MET C 680 -31.30 53.30 8.36
N SER C 681 -32.48 53.72 7.93
CA SER C 681 -33.42 54.40 8.80
C SER C 681 -34.13 53.33 9.61
N LEU C 682 -34.01 53.40 10.94
CA LEU C 682 -34.69 52.44 11.78
C LEU C 682 -36.20 52.58 11.65
N GLY C 683 -36.65 53.74 11.18
CA GLY C 683 -38.07 53.94 10.92
C GLY C 683 -38.40 55.41 10.94
N ALA C 684 -39.70 55.70 10.84
CA ALA C 684 -40.18 57.06 10.97
C ALA C 684 -40.01 57.51 12.42
N ASP C 685 -40.00 58.81 12.64
CA ASP C 685 -39.86 59.34 13.99
C ASP C 685 -41.11 60.11 14.37
N SER C 686 -41.78 59.65 15.41
CA SER C 686 -43.00 60.29 15.89
C SER C 686 -42.67 61.07 17.16
N SER C 687 -43.70 61.71 17.70
CA SER C 687 -43.56 62.47 18.94
C SER C 687 -44.85 62.31 19.74
N ILE C 688 -44.78 61.57 20.84
CA ILE C 688 -45.89 61.45 21.77
C ILE C 688 -45.39 61.81 23.16
N ALA C 689 -45.99 62.85 23.74
CA ALA C 689 -45.55 63.39 25.02
C ALA C 689 -46.45 62.86 26.11
N TYR C 690 -45.86 62.47 27.23
CA TYR C 690 -46.65 61.95 28.33
C TYR C 690 -47.36 63.07 29.07
N SER C 691 -48.65 62.87 29.29
CA SER C 691 -49.47 63.75 30.10
C SER C 691 -49.95 62.98 31.31
N ASN C 692 -50.34 63.70 32.36
CA ASN C 692 -50.90 62.98 33.49
C ASN C 692 -52.41 62.88 33.36
N ASN C 693 -53.04 63.81 32.64
CA ASN C 693 -54.48 63.92 32.62
C ASN C 693 -55.06 64.07 31.21
N THR C 694 -54.37 63.54 30.20
CA THR C 694 -54.85 63.63 28.83
C THR C 694 -54.97 62.25 28.23
N ILE C 695 -56.09 62.00 27.57
CA ILE C 695 -56.30 60.75 26.86
C ILE C 695 -56.60 61.05 25.41
N ALA C 696 -55.98 60.28 24.53
CA ALA C 696 -56.28 60.30 23.11
C ALA C 696 -57.41 59.31 22.84
N ILE C 697 -58.38 59.73 22.04
CA ILE C 697 -59.55 58.93 21.70
C ILE C 697 -59.77 59.03 20.20
N PRO C 698 -60.03 57.93 19.51
CA PRO C 698 -60.38 58.03 18.10
C PRO C 698 -61.76 58.66 17.92
N THR C 699 -61.92 59.38 16.81
CA THR C 699 -63.21 59.93 16.45
C THR C 699 -63.76 59.33 15.16
N ASN C 700 -62.93 58.60 14.41
CA ASN C 700 -63.39 57.96 13.19
C ASN C 700 -62.65 56.64 13.04
N PHE C 701 -63.07 55.82 12.10
CA PHE C 701 -62.45 54.52 11.94
C PHE C 701 -62.38 54.17 10.46
N SER C 702 -61.70 53.06 10.18
CA SER C 702 -61.55 52.58 8.83
C SER C 702 -61.62 51.06 8.83
N ILE C 703 -62.16 50.50 7.74
CA ILE C 703 -62.18 49.06 7.52
C ILE C 703 -61.07 48.74 6.54
N SER C 704 -59.95 48.24 7.05
CA SER C 704 -58.78 47.99 6.22
C SER C 704 -58.79 46.53 5.83
N ILE C 705 -58.52 46.27 4.56
CA ILE C 705 -58.36 44.90 4.08
C ILE C 705 -56.88 44.59 3.95
N THR C 706 -56.48 43.38 4.33
CA THR C 706 -55.07 43.04 4.25
C THR C 706 -54.90 41.60 3.79
N THR C 707 -53.82 41.34 3.08
CA THR C 707 -53.51 40.00 2.59
C THR C 707 -52.40 39.38 3.42
N GLU C 708 -52.69 38.22 3.99
CA GLU C 708 -51.67 37.30 4.45
C GLU C 708 -51.60 36.19 3.42
N VAL C 709 -50.41 35.62 3.20
CA VAL C 709 -50.24 34.56 2.23
C VAL C 709 -49.40 33.47 2.89
N MET C 710 -49.72 32.21 2.61
CA MET C 710 -49.12 31.10 3.34
C MET C 710 -49.10 29.83 2.51
N PRO C 711 -47.92 29.23 2.31
CA PRO C 711 -47.84 28.00 1.52
C PRO C 711 -48.47 26.83 2.25
N VAL C 712 -49.03 25.86 1.52
CA VAL C 712 -49.68 24.72 2.14
C VAL C 712 -49.13 23.41 1.62
N SER C 713 -48.58 23.39 0.41
CA SER C 713 -48.11 22.15 -0.18
C SER C 713 -46.98 22.43 -1.17
N MET C 714 -46.28 21.36 -1.54
CA MET C 714 -45.23 21.42 -2.53
C MET C 714 -45.48 20.34 -3.57
N ALA C 715 -44.66 20.34 -4.62
CA ALA C 715 -44.87 19.39 -5.70
C ALA C 715 -44.46 17.98 -5.27
N LYS C 716 -45.40 17.05 -5.34
CA LYS C 716 -45.16 15.66 -4.97
C LYS C 716 -44.27 15.05 -6.04
N THR C 717 -43.12 14.54 -5.64
CA THR C 717 -42.20 13.91 -6.57
C THR C 717 -41.74 12.56 -6.04
N SER C 718 -41.20 11.74 -6.93
CA SER C 718 -40.64 10.46 -6.57
C SER C 718 -39.44 10.16 -7.47
N VAL C 719 -38.49 9.41 -6.92
CA VAL C 719 -37.30 8.97 -7.65
C VAL C 719 -37.26 7.45 -7.60
N ASP C 720 -36.89 6.84 -8.70
CA ASP C 720 -36.69 5.40 -8.77
C ASP C 720 -35.28 5.05 -8.34
N CYS C 721 -35.13 3.91 -7.66
CA CYS C 721 -33.79 3.41 -7.38
C CYS C 721 -32.96 3.33 -8.64
N ASN C 722 -33.33 2.43 -9.54
CA ASN C 722 -32.37 1.92 -10.51
C ASN C 722 -32.22 2.88 -11.66
N MET C 723 -33.33 3.49 -12.08
CA MET C 723 -33.28 4.41 -13.20
C MET C 723 -32.28 5.52 -12.93
N TYR C 724 -32.34 6.12 -11.73
CA TYR C 724 -31.45 7.23 -11.45
C TYR C 724 -30.06 6.75 -11.06
N ILE C 725 -29.97 5.60 -10.40
CA ILE C 725 -28.62 5.10 -10.16
C ILE C 725 -27.97 4.68 -11.46
N CYS C 726 -28.47 3.62 -12.08
CA CYS C 726 -27.85 3.16 -13.31
C CYS C 726 -28.83 2.90 -14.44
N GLY C 727 -30.05 2.46 -14.17
CA GLY C 727 -31.03 2.60 -15.22
C GLY C 727 -30.93 1.67 -16.41
N ASP C 728 -31.40 0.43 -16.26
CA ASP C 728 -31.48 -0.53 -17.35
C ASP C 728 -30.12 -1.09 -17.70
N SER C 729 -29.26 -1.22 -16.70
CA SER C 729 -27.95 -1.82 -16.85
C SER C 729 -27.82 -2.94 -15.83
N THR C 730 -27.88 -4.18 -16.33
CA THR C 730 -27.99 -5.36 -15.49
C THR C 730 -26.64 -5.82 -14.92
N GLU C 731 -25.53 -5.48 -15.57
CA GLU C 731 -24.26 -5.60 -14.87
C GLU C 731 -24.26 -4.73 -13.63
N CYS C 732 -24.78 -3.52 -13.75
CA CYS C 732 -25.17 -2.71 -12.62
C CYS C 732 -26.42 -3.26 -11.96
N ALA C 733 -26.79 -2.62 -10.84
CA ALA C 733 -27.90 -3.00 -9.98
C ALA C 733 -27.54 -4.31 -9.29
N ASN C 734 -26.52 -4.99 -9.81
CA ASN C 734 -25.99 -6.15 -9.11
C ASN C 734 -24.91 -5.74 -8.15
N LEU C 735 -24.26 -4.60 -8.42
CA LEU C 735 -23.44 -3.98 -7.41
C LEU C 735 -24.30 -3.20 -6.43
N LEU C 736 -25.42 -2.64 -6.91
CA LEU C 736 -26.33 -1.94 -6.02
C LEU C 736 -26.97 -2.87 -5.02
N LEU C 737 -27.42 -4.05 -5.47
CA LEU C 737 -27.91 -5.06 -4.55
C LEU C 737 -26.82 -5.49 -3.57
N GLN C 738 -25.56 -5.50 -4.01
CA GLN C 738 -24.47 -5.83 -3.10
C GLN C 738 -24.41 -4.81 -1.97
N TYR C 739 -24.60 -3.53 -2.30
CA TYR C 739 -24.91 -2.52 -1.29
C TYR C 739 -26.23 -2.89 -0.64
N GLY C 740 -26.31 -2.76 0.68
CA GLY C 740 -27.38 -3.43 1.41
C GLY C 740 -28.78 -2.95 1.05
N SER C 741 -29.17 -1.79 1.58
CA SER C 741 -30.58 -1.41 1.51
C SER C 741 -30.82 0.08 1.28
N PHE C 742 -29.92 0.76 0.57
CA PHE C 742 -30.02 2.22 0.49
C PHE C 742 -31.31 2.67 -0.16
N CYS C 743 -31.49 2.35 -1.43
CA CYS C 743 -32.52 3.05 -2.18
C CYS C 743 -33.91 2.63 -1.71
N THR C 744 -34.01 1.46 -1.08
CA THR C 744 -35.30 1.05 -0.54
C THR C 744 -35.79 2.04 0.52
N GLN C 745 -34.96 2.28 1.54
CA GLN C 745 -35.35 3.25 2.56
C GLN C 745 -35.45 4.64 1.96
N LEU C 746 -34.61 4.94 0.97
CA LEU C 746 -34.68 6.25 0.33
C LEU C 746 -36.03 6.46 -0.32
N ASN C 747 -36.50 5.48 -1.07
CA ASN C 747 -37.77 5.58 -1.75
C ASN C 747 -38.90 5.62 -0.74
N ARG C 748 -38.78 4.87 0.35
CA ARG C 748 -39.82 4.92 1.37
C ARG C 748 -39.94 6.32 1.97
N ALA C 749 -38.79 6.96 2.24
CA ALA C 749 -38.83 8.32 2.77
C ALA C 749 -39.47 9.28 1.75
N LEU C 750 -39.10 9.12 0.48
CA LEU C 750 -39.69 9.93 -0.56
C LEU C 750 -41.18 9.71 -0.70
N SER C 751 -41.68 8.52 -0.39
CA SER C 751 -43.11 8.29 -0.33
C SER C 751 -43.77 8.87 0.91
N GLY C 752 -43.08 8.85 2.04
CA GLY C 752 -43.63 9.44 3.24
C GLY C 752 -43.83 10.93 3.12
N ILE C 753 -42.88 11.62 2.49
CA ILE C 753 -43.11 13.04 2.27
C ILE C 753 -44.33 13.23 1.39
N ALA C 754 -44.52 12.33 0.43
CA ALA C 754 -45.67 12.44 -0.46
C ALA C 754 -46.97 12.28 0.30
N VAL C 755 -47.05 11.31 1.21
CA VAL C 755 -48.32 11.12 1.91
C VAL C 755 -48.59 12.27 2.89
N GLU C 756 -47.57 12.72 3.62
CA GLU C 756 -47.79 13.88 4.48
C GLU C 756 -48.16 15.10 3.64
N GLN C 757 -47.69 15.13 2.40
CA GLN C 757 -47.88 16.28 1.54
C GLN C 757 -49.35 16.53 1.26
N ASP C 758 -50.11 15.51 0.90
CA ASP C 758 -51.54 15.72 0.72
C ASP C 758 -52.31 15.61 2.03
N ARG C 759 -51.71 15.05 3.08
CA ARG C 759 -52.35 15.20 4.38
C ARG C 759 -52.50 16.67 4.74
N ASN C 760 -51.50 17.48 4.41
CA ASN C 760 -51.58 18.91 4.70
C ASN C 760 -52.83 19.53 4.08
N THR C 761 -53.09 19.24 2.81
CA THR C 761 -54.20 19.90 2.14
C THR C 761 -55.51 19.57 2.80
N ARG C 762 -55.72 18.31 3.17
CA ARG C 762 -56.99 17.97 3.80
C ARG C 762 -57.08 18.53 5.21
N GLU C 763 -55.95 18.65 5.92
CA GLU C 763 -56.07 19.18 7.27
C GLU C 763 -56.17 20.70 7.26
N VAL C 764 -55.97 21.32 6.10
CA VAL C 764 -56.17 22.77 6.03
C VAL C 764 -57.55 23.10 5.46
N PHE C 765 -57.92 22.51 4.32
CA PHE C 765 -59.10 22.95 3.60
C PHE C 765 -60.36 22.15 3.92
N ALA C 766 -60.28 21.13 4.75
CA ALA C 766 -61.44 20.31 5.07
C ALA C 766 -61.95 20.55 6.48
N GLN C 767 -61.71 21.76 7.00
CA GLN C 767 -62.29 22.10 8.30
C GLN C 767 -63.81 22.07 8.22
N VAL C 768 -64.38 22.53 7.10
CA VAL C 768 -65.82 22.52 6.96
C VAL C 768 -66.30 21.08 6.88
N LYS C 769 -67.58 20.88 7.21
CA LYS C 769 -68.21 19.57 7.21
C LYS C 769 -69.20 19.39 6.07
N GLN C 770 -70.06 20.35 5.83
CA GLN C 770 -71.10 20.25 4.80
C GLN C 770 -70.95 21.38 3.80
N MET C 771 -71.04 21.04 2.52
CA MET C 771 -70.95 22.04 1.46
C MET C 771 -72.21 22.90 1.51
N TYR C 772 -72.06 24.07 2.11
CA TYR C 772 -73.13 25.06 2.02
C TYR C 772 -73.20 25.61 0.61
N LYS C 773 -74.41 25.64 0.05
CA LYS C 773 -74.60 26.08 -1.31
C LYS C 773 -74.33 27.57 -1.45
N THR C 774 -73.65 27.94 -2.51
CA THR C 774 -73.32 29.34 -2.71
C THR C 774 -74.60 30.15 -2.91
N PRO C 775 -74.73 31.31 -2.27
CA PRO C 775 -75.98 32.06 -2.35
C PRO C 775 -76.22 32.63 -3.73
N THR C 776 -77.52 32.79 -4.04
CA THR C 776 -77.89 33.32 -5.34
C THR C 776 -77.40 34.75 -5.52
N LEU C 777 -77.91 35.68 -4.72
CA LEU C 777 -77.48 37.06 -4.77
C LEU C 777 -76.02 37.13 -4.33
N LYS C 778 -75.27 38.07 -4.88
CA LYS C 778 -73.91 38.30 -4.46
C LYS C 778 -73.74 39.62 -3.74
N ASP C 779 -74.82 40.12 -3.13
CA ASP C 779 -74.75 41.30 -2.27
C ASP C 779 -75.57 41.01 -1.02
N PHE C 780 -75.04 41.39 0.14
CA PHE C 780 -75.71 41.22 1.43
C PHE C 780 -75.82 42.58 2.08
N GLY C 781 -77.03 43.04 2.33
CA GLY C 781 -77.25 44.26 3.08
C GLY C 781 -76.36 45.41 2.67
N GLY C 782 -76.14 45.61 1.38
CA GLY C 782 -75.24 46.64 0.89
C GLY C 782 -73.81 46.19 0.72
N PHE C 783 -73.43 45.08 1.33
CA PHE C 783 -72.07 44.57 1.27
C PHE C 783 -71.90 43.73 0.01
N ASN C 784 -70.76 43.89 -0.65
CA ASN C 784 -70.51 43.24 -1.93
C ASN C 784 -69.53 42.09 -1.70
N PHE C 785 -69.80 40.95 -2.33
CA PHE C 785 -68.93 39.79 -2.23
C PHE C 785 -68.50 39.25 -3.60
N SER C 786 -68.82 39.99 -4.66
CA SER C 786 -68.73 39.41 -6.01
C SER C 786 -67.33 38.93 -6.32
N GLN C 787 -66.32 39.60 -5.81
CA GLN C 787 -64.96 39.32 -6.22
C GLN C 787 -64.37 38.10 -5.55
N ILE C 788 -64.95 37.65 -4.44
CA ILE C 788 -64.43 36.50 -3.71
C ILE C 788 -65.31 35.28 -3.83
N LEU C 789 -66.54 35.42 -4.31
CA LEU C 789 -67.44 34.31 -4.50
C LEU C 789 -67.38 33.88 -5.96
N PRO C 790 -67.35 32.58 -6.23
CA PRO C 790 -67.32 32.14 -7.62
C PRO C 790 -68.56 32.59 -8.37
N ASP C 791 -68.35 32.96 -9.63
CA ASP C 791 -69.39 33.43 -10.52
C ASP C 791 -70.00 32.26 -11.26
N PRO C 792 -71.29 31.97 -11.06
CA PRO C 792 -71.90 30.85 -11.78
C PRO C 792 -71.83 31.01 -13.29
N LEU C 793 -71.88 32.25 -13.78
CA LEU C 793 -71.82 32.49 -15.22
C LEU C 793 -70.49 32.05 -15.80
N LYS C 794 -69.39 32.38 -15.12
CA LYS C 794 -68.07 32.08 -15.64
C LYS C 794 -67.79 30.58 -15.60
N PRO C 795 -66.97 30.08 -16.51
CA PRO C 795 -66.69 28.63 -16.55
C PRO C 795 -65.61 28.17 -15.57
N THR C 796 -64.93 29.10 -14.90
CA THR C 796 -63.83 28.70 -14.03
C THR C 796 -64.31 27.96 -12.81
N LYS C 797 -65.61 28.06 -12.50
CA LYS C 797 -66.19 27.52 -11.27
C LYS C 797 -65.43 28.03 -10.05
N ARG C 798 -65.07 29.31 -10.08
CA ARG C 798 -64.05 29.83 -9.20
C ARG C 798 -64.26 31.34 -9.04
N SER C 799 -63.61 31.91 -8.03
CA SER C 799 -63.75 33.33 -7.81
C SER C 799 -62.75 34.13 -8.65
N PHE C 800 -63.15 35.36 -8.99
CA PHE C 800 -62.37 36.19 -9.89
C PHE C 800 -60.98 36.47 -9.34
N ILE C 801 -60.88 36.85 -8.07
CA ILE C 801 -59.59 37.11 -7.48
C ILE C 801 -58.72 35.87 -7.52
N GLU C 802 -59.32 34.70 -7.27
CA GLU C 802 -58.59 33.45 -7.38
C GLU C 802 -58.09 33.22 -8.80
N ASP C 803 -58.89 33.60 -9.79
CA ASP C 803 -58.44 33.56 -11.18
C ASP C 803 -57.18 34.39 -11.34
N LEU C 804 -57.19 35.59 -10.79
CA LEU C 804 -56.00 36.44 -10.86
C LEU C 804 -54.82 35.75 -10.21
N LEU C 805 -55.06 35.04 -9.12
CA LEU C 805 -53.97 34.37 -8.41
C LEU C 805 -53.34 33.27 -9.26
N PHE C 806 -54.16 32.36 -9.80
CA PHE C 806 -53.63 31.41 -10.77
C PHE C 806 -52.84 32.10 -11.87
N ASN C 807 -53.40 33.17 -12.44
CA ASN C 807 -52.74 33.80 -13.57
C ASN C 807 -51.38 34.37 -13.18
N LYS C 808 -51.28 34.98 -12.00
CA LYS C 808 -50.02 35.58 -11.60
C LYS C 808 -48.97 34.53 -11.28
N VAL C 809 -49.32 33.52 -10.49
CA VAL C 809 -48.27 32.72 -9.86
C VAL C 809 -47.80 31.53 -10.70
N THR C 810 -48.59 31.10 -11.69
CA THR C 810 -48.19 29.92 -12.46
C THR C 810 -46.86 30.14 -13.15
N LEU C 811 -46.67 31.32 -13.74
CA LEU C 811 -45.38 31.73 -14.29
C LEU C 811 -44.89 30.77 -15.35
N LYS C 837 -39.13 12.93 -19.69
CA LYS C 837 -37.68 13.07 -19.52
C LYS C 837 -37.14 11.91 -18.70
N PHE C 838 -38.01 11.30 -17.90
CA PHE C 838 -37.65 10.15 -17.08
C PHE C 838 -36.44 10.42 -16.19
N ASN C 839 -35.50 9.47 -16.19
CA ASN C 839 -34.41 9.40 -15.24
C ASN C 839 -34.97 9.00 -13.88
N GLY C 840 -36.15 8.38 -13.90
CA GLY C 840 -36.78 7.89 -12.70
C GLY C 840 -37.53 8.93 -11.91
N LEU C 841 -37.55 10.19 -12.37
CA LEU C 841 -38.23 11.25 -11.66
C LEU C 841 -39.60 11.49 -12.29
N THR C 842 -40.63 11.57 -11.46
CA THR C 842 -41.98 11.79 -11.93
C THR C 842 -42.75 12.63 -10.91
N VAL C 843 -43.81 13.28 -11.38
CA VAL C 843 -44.68 14.07 -10.54
C VAL C 843 -45.98 13.31 -10.35
N LEU C 844 -46.16 12.74 -9.18
CA LEU C 844 -47.43 12.10 -8.87
C LEU C 844 -48.54 13.14 -8.81
N PRO C 845 -49.72 12.81 -9.32
CA PRO C 845 -50.81 13.76 -9.27
C PRO C 845 -51.13 14.11 -7.84
N PRO C 846 -51.41 15.37 -7.55
CA PRO C 846 -51.85 15.72 -6.21
C PRO C 846 -53.17 15.07 -5.90
N LEU C 847 -53.40 14.67 -4.65
CA LEU C 847 -54.68 14.06 -4.31
C LEU C 847 -55.82 15.02 -4.57
N LEU C 848 -55.73 16.23 -4.05
CA LEU C 848 -56.82 17.19 -4.13
C LEU C 848 -56.52 18.16 -5.27
N THR C 849 -57.21 17.99 -6.39
CA THR C 849 -57.03 18.88 -7.52
C THR C 849 -57.59 20.27 -7.20
N ASP C 850 -57.25 21.23 -8.07
CA ASP C 850 -57.56 22.63 -7.76
C ASP C 850 -59.06 22.88 -7.68
N ASP C 851 -59.83 22.26 -8.59
CA ASP C 851 -61.27 22.50 -8.58
C ASP C 851 -61.90 22.12 -7.25
N MET C 852 -61.54 20.96 -6.72
CA MET C 852 -62.11 20.56 -5.45
C MET C 852 -61.70 21.49 -4.33
N ILE C 853 -60.47 21.99 -4.35
CA ILE C 853 -60.08 23.00 -3.37
C ILE C 853 -60.96 24.22 -3.51
N ALA C 854 -61.18 24.66 -4.73
CA ALA C 854 -62.05 25.81 -4.96
C ALA C 854 -63.44 25.55 -4.40
N ALA C 855 -63.87 24.29 -4.43
CA ALA C 855 -65.17 23.96 -3.87
C ALA C 855 -65.21 24.24 -2.37
N TYR C 856 -64.16 23.82 -1.65
CA TYR C 856 -64.09 24.17 -0.24
C TYR C 856 -64.07 25.66 -0.04
N THR C 857 -63.30 26.37 -0.86
CA THR C 857 -63.25 27.81 -0.74
C THR C 857 -64.64 28.41 -0.87
N ALA C 858 -65.38 27.99 -1.90
CA ALA C 858 -66.71 28.53 -2.12
C ALA C 858 -67.63 28.22 -0.96
N ALA C 859 -67.61 26.98 -0.47
CA ALA C 859 -68.50 26.62 0.62
C ALA C 859 -68.19 27.43 1.87
N LEU C 860 -66.90 27.59 2.18
CA LEU C 860 -66.54 28.36 3.37
C LEU C 860 -66.96 29.82 3.22
N VAL C 861 -66.75 30.40 2.05
CA VAL C 861 -67.15 31.79 1.88
C VAL C 861 -68.65 31.93 2.06
N SER C 862 -69.42 31.02 1.46
CA SER C 862 -70.87 31.08 1.58
C SER C 862 -71.31 30.94 3.03
N GLY C 863 -70.75 29.97 3.74
CA GLY C 863 -71.13 29.78 5.14
C GLY C 863 -70.77 30.98 5.98
N THR C 864 -69.58 31.53 5.78
CA THR C 864 -69.20 32.74 6.51
C THR C 864 -70.17 33.85 6.23
N ALA C 865 -70.60 33.98 4.97
CA ALA C 865 -71.55 35.03 4.64
C ALA C 865 -72.87 34.82 5.36
N THR C 866 -73.35 33.58 5.41
CA THR C 866 -74.73 33.37 5.81
C THR C 866 -74.86 33.06 7.29
N ALA C 867 -74.22 31.98 7.75
CA ALA C 867 -74.53 31.42 9.05
C ALA C 867 -73.64 31.93 10.17
N GLY C 868 -72.77 32.90 9.88
CA GLY C 868 -71.96 33.44 10.95
C GLY C 868 -70.94 32.44 11.46
N TRP C 869 -70.48 32.70 12.68
CA TRP C 869 -69.33 31.98 13.22
C TRP C 869 -69.72 30.62 13.80
N THR C 870 -71.00 30.27 13.79
CA THR C 870 -71.46 29.08 14.47
C THR C 870 -71.13 27.80 13.73
N PHE C 871 -71.21 27.79 12.39
CA PHE C 871 -71.17 26.53 11.65
C PHE C 871 -69.86 25.79 11.89
N GLY C 872 -68.77 26.52 12.09
CA GLY C 872 -67.50 25.88 12.37
C GLY C 872 -67.58 25.04 13.64
N ALA C 873 -68.34 25.49 14.62
CA ALA C 873 -68.56 24.76 15.86
C ALA C 873 -69.98 24.22 15.86
N GLY C 874 -70.17 23.06 15.25
CA GLY C 874 -71.48 22.43 15.23
C GLY C 874 -72.24 22.67 13.94
N ALA C 875 -73.55 22.85 14.09
CA ALA C 875 -74.47 23.02 12.98
C ALA C 875 -74.65 24.50 12.67
N ALA C 876 -74.75 24.81 11.38
CA ALA C 876 -74.87 26.20 10.94
C ALA C 876 -76.14 26.83 11.46
N LEU C 877 -76.13 28.15 11.56
CA LEU C 877 -77.27 28.93 12.03
C LEU C 877 -77.36 30.18 11.17
N GLN C 878 -78.37 30.25 10.29
CA GLN C 878 -78.46 31.39 9.38
C GLN C 878 -78.67 32.66 10.19
N ILE C 879 -78.12 33.75 9.70
CA ILE C 879 -78.19 35.03 10.39
C ILE C 879 -77.95 36.14 9.37
N PRO C 880 -78.77 37.18 9.34
CA PRO C 880 -78.49 38.30 8.44
C PRO C 880 -77.14 38.90 8.77
N PHE C 881 -76.47 39.38 7.74
CA PHE C 881 -75.08 39.78 7.89
C PHE C 881 -74.94 40.98 8.82
N ALA C 882 -75.96 41.85 8.85
CA ALA C 882 -75.86 43.09 9.59
C ALA C 882 -75.62 42.84 11.08
N MET C 883 -76.57 42.21 11.76
CA MET C 883 -76.38 42.05 13.19
C MET C 883 -75.21 41.11 13.49
N GLN C 884 -74.78 40.31 12.52
CA GLN C 884 -73.56 39.55 12.76
C GLN C 884 -72.35 40.47 12.86
N MET C 885 -72.23 41.41 11.91
CA MET C 885 -71.16 42.40 12.04
C MET C 885 -71.32 43.20 13.32
N ALA C 886 -72.56 43.45 13.74
CA ALA C 886 -72.78 44.16 14.99
C ALA C 886 -72.22 43.38 16.16
N TYR C 887 -72.46 42.07 16.18
CA TYR C 887 -71.92 41.22 17.21
C TYR C 887 -70.39 41.25 17.18
N ARG C 888 -69.80 41.25 15.99
CA ARG C 888 -68.35 41.26 15.93
C ARG C 888 -67.77 42.56 16.46
N PHE C 889 -68.41 43.69 16.15
CA PHE C 889 -67.97 44.94 16.77
C PHE C 889 -68.10 44.90 18.28
N ASN C 890 -69.23 44.38 18.78
CA ASN C 890 -69.36 44.22 20.23
C ASN C 890 -68.24 43.37 20.77
N GLY C 891 -67.77 42.41 19.96
CA GLY C 891 -66.59 41.66 20.35
C GLY C 891 -65.35 42.53 20.43
N ILE C 892 -65.20 43.47 19.49
CA ILE C 892 -64.01 44.32 19.49
C ILE C 892 -64.03 45.39 20.56
N GLY C 893 -65.20 45.94 20.89
CA GLY C 893 -65.32 46.95 21.91
C GLY C 893 -66.23 48.10 21.55
N VAL C 894 -66.75 48.10 20.31
CA VAL C 894 -67.66 49.16 19.90
C VAL C 894 -69.08 48.64 19.96
N THR C 895 -69.97 49.46 20.54
CA THR C 895 -71.34 49.03 20.79
C THR C 895 -72.12 48.85 19.49
N GLN C 896 -73.20 48.08 19.59
CA GLN C 896 -73.97 47.72 18.41
C GLN C 896 -74.50 48.94 17.68
N ASN C 897 -74.71 50.04 18.38
CA ASN C 897 -75.32 51.20 17.75
C ASN C 897 -74.48 51.70 16.59
N VAL C 898 -73.16 51.59 16.68
CA VAL C 898 -72.28 52.23 15.71
C VAL C 898 -72.46 51.63 14.33
N LEU C 899 -72.50 50.30 14.24
CA LEU C 899 -72.66 49.66 12.93
C LEU C 899 -73.98 50.07 12.28
N TYR C 900 -75.07 50.06 13.04
CA TYR C 900 -76.36 50.42 12.47
C TYR C 900 -76.40 51.87 12.05
N GLU C 901 -75.84 52.77 12.86
CA GLU C 901 -75.87 54.18 12.52
C GLU C 901 -75.02 54.47 11.29
N ASN C 902 -73.95 53.71 11.08
CA ASN C 902 -73.00 54.01 10.02
C ASN C 902 -72.87 52.88 9.03
N GLN C 903 -73.94 52.12 8.80
CA GLN C 903 -73.86 50.92 7.98
C GLN C 903 -73.43 51.25 6.56
N LYS C 904 -74.04 52.29 5.98
CA LYS C 904 -73.78 52.63 4.58
C LYS C 904 -72.31 52.93 4.35
N GLN C 905 -71.71 53.73 5.22
CA GLN C 905 -70.31 54.10 5.04
C GLN C 905 -69.40 52.89 5.14
N ILE C 906 -69.66 52.01 6.11
CA ILE C 906 -68.82 50.83 6.25
C ILE C 906 -68.95 49.95 5.02
N ALA C 907 -70.16 49.84 4.49
CA ALA C 907 -70.33 49.08 3.26
C ALA C 907 -69.52 49.70 2.12
N ASN C 908 -69.57 51.02 2.02
CA ASN C 908 -68.81 51.70 0.97
C ASN C 908 -67.33 51.39 1.10
N GLN C 909 -66.80 51.48 2.32
CA GLN C 909 -65.39 51.25 2.51
C GLN C 909 -65.05 49.79 2.27
N PHE C 910 -65.97 48.88 2.59
CA PHE C 910 -65.75 47.48 2.31
C PHE C 910 -65.60 47.25 0.81
N ASN C 911 -66.53 47.79 0.03
CA ASN C 911 -66.47 47.65 -1.42
C ASN C 911 -65.19 48.24 -1.97
N LYS C 912 -64.85 49.44 -1.52
CA LYS C 912 -63.66 50.10 -2.01
C LYS C 912 -62.41 49.31 -1.66
N ALA C 913 -62.36 48.75 -0.46
CA ALA C 913 -61.21 47.96 -0.05
C ALA C 913 -61.07 46.73 -0.91
N ILE C 914 -62.18 46.06 -1.20
CA ILE C 914 -62.12 44.89 -2.07
C ILE C 914 -61.61 45.30 -3.45
N SER C 915 -62.08 46.45 -3.95
CA SER C 915 -61.59 46.93 -5.23
C SER C 915 -60.09 47.19 -5.18
N GLN C 916 -59.63 47.78 -4.08
CA GLN C 916 -58.21 48.06 -3.94
C GLN C 916 -57.39 46.78 -3.96
N ILE C 917 -57.86 45.75 -3.26
CA ILE C 917 -57.06 44.54 -3.21
C ILE C 917 -57.06 43.87 -4.57
N GLN C 918 -58.19 43.91 -5.29
CA GLN C 918 -58.22 43.27 -6.59
C GLN C 918 -57.30 44.00 -7.56
N GLU C 919 -57.27 45.32 -7.52
CA GLU C 919 -56.37 46.04 -8.42
C GLU C 919 -54.92 45.85 -8.01
N SER C 920 -54.66 45.72 -6.70
CA SER C 920 -53.30 45.49 -6.25
C SER C 920 -52.78 44.15 -6.75
N LEU C 921 -53.62 43.12 -6.66
CA LEU C 921 -53.21 41.83 -7.20
C LEU C 921 -53.17 41.86 -8.72
N THR C 922 -53.93 42.75 -9.34
CA THR C 922 -53.87 42.88 -10.79
C THR C 922 -52.47 43.26 -11.25
N THR C 923 -51.85 44.21 -10.57
CA THR C 923 -50.47 44.56 -10.89
C THR C 923 -49.54 43.42 -10.54
N THR C 924 -48.43 43.34 -11.28
CA THR C 924 -47.35 42.46 -10.88
C THR C 924 -46.87 42.85 -9.50
N SER C 925 -46.70 41.87 -8.62
CA SER C 925 -46.40 42.16 -7.22
C SER C 925 -45.48 41.10 -6.66
N THR C 926 -44.91 41.41 -5.51
CA THR C 926 -44.17 40.45 -4.71
C THR C 926 -45.07 39.73 -3.70
N ALA C 927 -46.38 40.01 -3.74
CA ALA C 927 -47.30 39.39 -2.78
C ALA C 927 -47.27 37.87 -2.88
N LEU C 928 -46.88 37.35 -4.04
CA LEU C 928 -46.84 35.90 -4.25
C LEU C 928 -45.41 35.38 -4.30
N GLY C 929 -44.46 36.11 -3.74
CA GLY C 929 -43.06 35.71 -3.85
C GLY C 929 -42.77 34.38 -3.20
N LYS C 930 -43.25 34.17 -1.97
CA LYS C 930 -42.88 32.96 -1.25
C LYS C 930 -43.60 31.74 -1.82
N LEU C 931 -44.77 31.91 -2.42
CA LEU C 931 -45.37 30.78 -3.12
C LEU C 931 -44.49 30.30 -4.26
N GLN C 932 -44.03 31.20 -5.12
CA GLN C 932 -43.17 30.77 -6.20
C GLN C 932 -41.80 30.35 -5.66
N ASP C 933 -41.47 30.75 -4.44
CA ASP C 933 -40.21 30.32 -3.87
C ASP C 933 -40.15 28.80 -3.72
N VAL C 934 -41.24 28.19 -3.25
CA VAL C 934 -41.22 26.74 -3.04
C VAL C 934 -40.99 26.01 -4.36
N VAL C 935 -41.73 26.39 -5.40
CA VAL C 935 -41.57 25.73 -6.69
C VAL C 935 -40.18 26.02 -7.25
N ASN C 936 -39.67 27.23 -7.02
CA ASN C 936 -38.33 27.52 -7.51
C ASN C 936 -37.30 26.65 -6.80
N GLN C 937 -37.45 26.47 -5.49
CA GLN C 937 -36.52 25.64 -4.75
C GLN C 937 -36.54 24.21 -5.27
N ASN C 938 -37.72 23.61 -5.40
CA ASN C 938 -37.73 22.24 -5.90
C ASN C 938 -37.22 22.21 -7.34
N ALA C 939 -37.36 23.33 -8.05
CA ALA C 939 -36.81 23.40 -9.39
C ALA C 939 -35.30 23.28 -9.36
N GLN C 940 -34.62 24.09 -8.54
CA GLN C 940 -33.17 23.92 -8.44
C GLN C 940 -32.84 22.52 -7.97
N ALA C 941 -33.64 21.96 -7.06
CA ALA C 941 -33.35 20.63 -6.55
C ALA C 941 -33.31 19.61 -7.67
N LEU C 942 -34.39 19.55 -8.46
CA LEU C 942 -34.44 18.61 -9.58
C LEU C 942 -33.35 18.91 -10.58
N ASN C 943 -33.12 20.19 -10.86
CA ASN C 943 -32.12 20.54 -11.87
C ASN C 943 -30.76 20.01 -11.48
N THR C 944 -30.36 20.24 -10.23
CA THR C 944 -29.08 19.73 -9.76
C THR C 944 -29.06 18.21 -9.78
N LEU C 945 -30.14 17.59 -9.32
CA LEU C 945 -30.17 16.14 -9.23
C LEU C 945 -29.97 15.50 -10.60
N VAL C 946 -30.65 16.00 -11.62
CA VAL C 946 -30.45 15.45 -12.95
C VAL C 946 -29.09 15.87 -13.50
N LYS C 947 -28.67 17.11 -13.23
CA LYS C 947 -27.49 17.64 -13.90
C LYS C 947 -26.24 16.91 -13.47
N GLN C 948 -26.12 16.58 -12.19
CA GLN C 948 -24.85 16.07 -11.73
C GLN C 948 -24.56 14.66 -12.20
N LEU C 949 -25.52 13.96 -12.81
CA LEU C 949 -25.19 12.66 -13.37
C LEU C 949 -24.20 12.82 -14.52
N SER C 950 -24.39 13.84 -15.34
CA SER C 950 -23.54 14.04 -16.51
C SER C 950 -22.16 14.53 -16.07
N SER C 951 -21.48 13.66 -15.33
CA SER C 951 -20.23 14.00 -14.70
C SER C 951 -19.52 12.72 -14.28
N ASN C 952 -18.32 12.52 -14.80
CA ASN C 952 -17.50 11.41 -14.33
C ASN C 952 -17.03 11.67 -12.92
N PHE C 953 -16.85 10.60 -12.14
CA PHE C 953 -16.42 10.75 -10.77
C PHE C 953 -15.03 10.17 -10.54
N GLY C 954 -14.11 10.46 -11.45
CA GLY C 954 -12.87 9.72 -11.47
C GLY C 954 -13.01 8.67 -12.54
N ALA C 955 -14.02 8.82 -13.38
CA ALA C 955 -14.32 7.86 -14.41
C ALA C 955 -13.82 8.35 -15.76
N ILE C 956 -13.51 7.39 -16.64
CA ILE C 956 -13.09 7.73 -18.00
C ILE C 956 -14.21 8.43 -18.74
N SER C 957 -15.45 8.14 -18.35
CA SER C 957 -16.62 8.77 -18.96
C SER C 957 -17.74 8.78 -17.95
N SER C 958 -18.67 9.71 -18.15
CA SER C 958 -19.78 9.92 -17.23
C SER C 958 -20.96 9.01 -17.54
N VAL C 959 -20.93 8.32 -18.67
CA VAL C 959 -22.08 7.58 -19.16
C VAL C 959 -21.80 6.10 -19.01
N LEU C 960 -22.68 5.41 -18.29
CA LEU C 960 -22.42 4.01 -17.93
C LEU C 960 -22.35 3.13 -19.17
N ASN C 961 -23.36 3.19 -20.02
CA ASN C 961 -23.51 2.18 -21.05
C ASN C 961 -22.29 2.09 -21.95
N ASP C 962 -21.57 3.20 -22.12
CA ASP C 962 -20.30 3.13 -22.81
C ASP C 962 -19.27 2.33 -21.99
N ILE C 963 -19.11 2.67 -20.72
CA ILE C 963 -18.12 1.96 -19.91
C ILE C 963 -18.41 0.47 -19.91
N LEU C 964 -19.68 0.11 -19.82
CA LEU C 964 -20.07 -1.29 -19.99
C LEU C 964 -19.68 -1.79 -21.37
N SER C 965 -19.91 -0.97 -22.40
CA SER C 965 -19.67 -1.42 -23.76
C SER C 965 -18.26 -1.11 -24.25
N ARG C 966 -17.46 -0.41 -23.45
CA ARG C 966 -16.10 -0.09 -23.86
C ARG C 966 -15.05 -0.78 -23.00
N LEU C 967 -15.47 -1.59 -22.02
CA LEU C 967 -14.55 -2.40 -21.25
C LEU C 967 -15.30 -3.61 -20.73
N ASP C 968 -14.53 -4.62 -20.31
CA ASP C 968 -15.09 -5.84 -19.75
C ASP C 968 -15.33 -5.70 -18.25
N PRO C 969 -16.19 -6.54 -17.68
CA PRO C 969 -16.57 -6.40 -16.26
C PRO C 969 -15.39 -6.34 -15.30
N PRO C 970 -14.31 -7.12 -15.50
CA PRO C 970 -13.26 -7.14 -14.46
C PRO C 970 -12.75 -5.77 -14.03
N GLU C 971 -12.60 -4.82 -14.94
CA GLU C 971 -12.27 -3.46 -14.54
C GLU C 971 -13.41 -2.48 -14.79
N ALA C 972 -14.41 -2.85 -15.58
CA ALA C 972 -15.59 -2.01 -15.69
C ALA C 972 -16.27 -1.85 -14.34
N GLU C 973 -16.26 -2.90 -13.52
CA GLU C 973 -16.73 -2.78 -12.15
C GLU C 973 -15.93 -1.74 -11.40
N VAL C 974 -14.62 -1.69 -11.63
CA VAL C 974 -13.75 -0.76 -10.91
C VAL C 974 -14.19 0.67 -11.15
N GLN C 975 -14.78 0.94 -12.32
CA GLN C 975 -15.21 2.29 -12.63
C GLN C 975 -16.65 2.52 -12.20
N ILE C 976 -17.52 1.55 -12.44
CA ILE C 976 -18.92 1.73 -12.13
C ILE C 976 -19.13 1.82 -10.64
N ASP C 977 -18.23 1.23 -9.84
CA ASP C 977 -18.37 1.37 -8.40
C ASP C 977 -18.21 2.81 -7.98
N ARG C 978 -17.19 3.48 -8.50
CA ARG C 978 -17.03 4.90 -8.27
C ARG C 978 -18.28 5.64 -8.71
N LEU C 979 -18.76 5.30 -9.91
CA LEU C 979 -19.93 6.00 -10.42
C LEU C 979 -21.12 5.85 -9.49
N ILE C 980 -21.37 4.63 -9.04
CA ILE C 980 -22.57 4.39 -8.24
C ILE C 980 -22.43 5.02 -6.86
N THR C 981 -21.24 4.96 -6.27
CA THR C 981 -21.11 5.57 -4.95
C THR C 981 -21.31 7.07 -5.03
N GLY C 982 -20.80 7.70 -6.08
CA GLY C 982 -21.06 9.12 -6.24
C GLY C 982 -22.53 9.42 -6.42
N ARG C 983 -23.20 8.65 -7.27
CA ARG C 983 -24.62 8.91 -7.49
C ARG C 983 -25.44 8.65 -6.24
N LEU C 984 -25.05 7.66 -5.43
CA LEU C 984 -25.70 7.43 -4.15
C LEU C 984 -25.54 8.64 -3.24
N GLN C 985 -24.33 9.20 -3.18
CA GLN C 985 -24.16 10.41 -2.40
C GLN C 985 -25.08 11.51 -2.90
N SER C 986 -25.21 11.63 -4.22
CA SER C 986 -26.07 12.64 -4.79
C SER C 986 -27.51 12.47 -4.34
N LEU C 987 -28.06 11.28 -4.55
CA LEU C 987 -29.45 11.05 -4.18
C LEU C 987 -29.63 11.23 -2.68
N GLN C 988 -28.62 10.86 -1.91
CA GLN C 988 -28.70 11.00 -0.46
C GLN C 988 -28.84 12.45 -0.03
N THR C 989 -27.93 13.32 -0.50
CA THR C 989 -28.05 14.72 -0.13
C THR C 989 -29.38 15.30 -0.63
N TYR C 990 -29.80 14.90 -1.82
CA TYR C 990 -31.09 15.35 -2.32
C TYR C 990 -32.21 15.03 -1.35
N VAL C 991 -32.30 13.77 -0.94
CA VAL C 991 -33.44 13.37 -0.14
C VAL C 991 -33.40 14.03 1.23
N THR C 992 -32.22 14.09 1.86
CA THR C 992 -32.19 14.74 3.17
C THR C 992 -32.59 16.21 3.08
N GLN C 993 -32.07 16.93 2.09
CA GLN C 993 -32.43 18.33 1.97
C GLN C 993 -33.91 18.49 1.74
N GLN C 994 -34.52 17.58 0.97
CA GLN C 994 -35.93 17.74 0.69
C GLN C 994 -36.79 17.35 1.88
N LEU C 995 -36.35 16.40 2.69
CA LEU C 995 -36.98 16.21 4.00
C LEU C 995 -36.92 17.48 4.83
N ILE C 996 -35.77 18.14 4.87
CA ILE C 996 -35.68 19.37 5.64
C ILE C 996 -36.74 20.35 5.19
N ARG C 997 -36.86 20.54 3.87
CA ARG C 997 -37.87 21.46 3.37
C ARG C 997 -39.27 21.00 3.74
N ALA C 998 -39.51 19.69 3.69
CA ALA C 998 -40.81 19.16 4.08
C ALA C 998 -41.15 19.57 5.50
N ALA C 999 -40.13 19.64 6.35
CA ALA C 999 -40.39 20.06 7.73
C ALA C 999 -40.93 21.48 7.79
N GLU C 1000 -40.24 22.42 7.13
CA GLU C 1000 -40.69 23.81 7.14
C GLU C 1000 -42.09 23.94 6.58
N ILE C 1001 -42.33 23.27 5.45
CA ILE C 1001 -43.63 23.42 4.82
C ILE C 1001 -44.72 22.79 5.70
N ARG C 1002 -44.40 21.69 6.38
CA ARG C 1002 -45.37 21.07 7.27
C ARG C 1002 -45.74 22.00 8.40
N ALA C 1003 -44.74 22.63 9.01
CA ALA C 1003 -45.03 23.59 10.08
C ALA C 1003 -45.89 24.73 9.55
N SER C 1004 -45.54 25.25 8.38
CA SER C 1004 -46.32 26.35 7.82
C SER C 1004 -47.76 25.94 7.60
N ALA C 1005 -47.98 24.74 7.07
CA ALA C 1005 -49.33 24.31 6.79
C ALA C 1005 -50.12 24.12 8.07
N ASN C 1006 -49.49 23.58 9.11
CA ASN C 1006 -50.20 23.43 10.37
C ASN C 1006 -50.62 24.78 10.92
N LEU C 1007 -49.70 25.74 10.92
CA LEU C 1007 -50.06 27.10 11.32
C LEU C 1007 -51.20 27.61 10.46
N ALA C 1008 -51.19 27.26 9.18
CA ALA C 1008 -52.26 27.69 8.29
C ALA C 1008 -53.60 27.14 8.74
N ALA C 1009 -53.65 25.86 9.08
CA ALA C 1009 -54.91 25.27 9.51
C ALA C 1009 -55.40 25.95 10.78
N THR C 1010 -54.48 26.25 11.69
CA THR C 1010 -54.89 26.97 12.89
C THR C 1010 -55.44 28.34 12.54
N LYS C 1011 -54.82 29.02 11.57
CA LYS C 1011 -55.36 30.30 11.13
C LYS C 1011 -56.77 30.14 10.63
N MET C 1012 -56.99 29.14 9.78
CA MET C 1012 -58.33 28.85 9.27
C MET C 1012 -59.32 28.75 10.42
N SER C 1013 -59.04 27.86 11.37
CA SER C 1013 -59.98 27.61 12.45
C SER C 1013 -60.23 28.85 13.29
N GLU C 1014 -59.15 29.57 13.64
CA GLU C 1014 -59.27 30.60 14.66
C GLU C 1014 -59.73 31.93 14.08
N CYS C 1015 -59.63 32.12 12.77
CA CYS C 1015 -59.91 33.45 12.25
C CYS C 1015 -60.84 33.45 11.05
N VAL C 1016 -61.25 32.27 10.56
CA VAL C 1016 -62.31 32.26 9.57
C VAL C 1016 -63.62 31.88 10.23
N LEU C 1017 -63.59 30.93 11.14
CA LEU C 1017 -64.80 30.44 11.78
C LEU C 1017 -65.22 31.27 12.98
N GLY C 1018 -64.48 32.30 13.35
CA GLY C 1018 -64.91 33.14 14.45
C GLY C 1018 -63.90 34.21 14.77
N GLN C 1019 -64.33 35.18 15.57
CA GLN C 1019 -63.49 36.29 15.96
C GLN C 1019 -62.34 35.81 16.83
N SER C 1020 -61.20 36.48 16.70
CA SER C 1020 -60.00 36.15 17.45
C SER C 1020 -59.58 37.32 18.31
N LYS C 1021 -59.45 37.09 19.60
CA LYS C 1021 -59.08 38.13 20.54
C LYS C 1021 -57.57 38.23 20.71
N ARG C 1022 -56.80 37.86 19.71
CA ARG C 1022 -55.35 37.96 19.78
C ARG C 1022 -54.86 39.11 18.92
N VAL C 1023 -54.12 40.03 19.54
CA VAL C 1023 -53.68 41.22 18.82
C VAL C 1023 -52.63 40.82 17.78
N ASP C 1024 -52.88 41.22 16.54
CA ASP C 1024 -51.92 41.05 15.45
C ASP C 1024 -51.55 39.58 15.24
N PHE C 1025 -52.53 38.69 15.43
CA PHE C 1025 -52.33 37.31 15.03
C PHE C 1025 -52.86 37.07 13.63
N CYS C 1026 -54.15 37.32 13.42
CA CYS C 1026 -54.73 37.35 12.09
C CYS C 1026 -55.14 38.77 11.79
N GLY C 1027 -54.39 39.44 10.94
CA GLY C 1027 -54.67 40.81 10.58
C GLY C 1027 -53.81 41.80 11.33
N LYS C 1028 -53.92 43.06 10.90
CA LYS C 1028 -53.17 44.16 11.48
C LYS C 1028 -54.16 45.08 12.16
N GLY C 1029 -54.31 44.91 13.47
CA GLY C 1029 -55.29 45.60 14.27
C GLY C 1029 -56.29 44.61 14.80
N TYR C 1030 -57.30 45.11 15.49
CA TYR C 1030 -58.38 44.28 15.97
C TYR C 1030 -58.97 43.53 14.78
N HIS C 1031 -59.16 42.22 14.95
CA HIS C 1031 -59.62 41.41 13.83
C HIS C 1031 -61.14 41.27 13.84
N LEU C 1032 -61.73 41.27 12.65
CA LEU C 1032 -63.16 41.04 12.51
C LEU C 1032 -63.46 39.74 11.80
N MET C 1033 -62.97 39.54 10.57
CA MET C 1033 -63.29 38.38 9.78
C MET C 1033 -62.13 38.08 8.84
N SER C 1034 -62.10 36.85 8.35
CA SER C 1034 -61.08 36.45 7.41
C SER C 1034 -61.69 35.55 6.34
N PHE C 1035 -61.49 35.92 5.09
CA PHE C 1035 -61.92 35.07 4.00
C PHE C 1035 -60.75 34.30 3.45
N PRO C 1036 -60.95 33.06 3.11
CA PRO C 1036 -59.89 32.29 2.46
C PRO C 1036 -60.02 32.32 0.95
N GLN C 1037 -58.88 32.26 0.26
CA GLN C 1037 -58.84 31.96 -1.16
C GLN C 1037 -57.73 30.96 -1.41
N ALA C 1038 -57.99 30.02 -2.32
CA ALA C 1038 -57.03 29.00 -2.67
C ALA C 1038 -55.85 29.64 -3.39
N ALA C 1039 -54.87 28.84 -3.73
CA ALA C 1039 -53.78 29.23 -4.61
C ALA C 1039 -52.91 28.01 -4.84
N PRO C 1040 -52.18 27.96 -5.95
CA PRO C 1040 -51.29 26.82 -6.19
C PRO C 1040 -50.33 26.64 -5.03
N HIS C 1041 -50.47 25.51 -4.34
CA HIS C 1041 -49.58 25.12 -3.27
C HIS C 1041 -49.75 26.02 -2.04
N GLY C 1042 -50.81 26.81 -2.02
CA GLY C 1042 -50.90 27.77 -0.92
C GLY C 1042 -52.29 28.35 -0.75
N VAL C 1043 -52.40 29.21 0.24
CA VAL C 1043 -53.64 29.89 0.57
C VAL C 1043 -53.34 31.38 0.74
N VAL C 1044 -54.36 32.20 0.48
CA VAL C 1044 -54.30 33.63 0.69
C VAL C 1044 -55.46 34.03 1.57
N PHE C 1045 -55.17 34.63 2.72
CA PHE C 1045 -56.18 35.05 3.66
C PHE C 1045 -56.41 36.54 3.53
N LEU C 1046 -57.65 36.91 3.25
CA LEU C 1046 -58.09 38.30 3.29
C LEU C 1046 -58.55 38.57 4.71
N HIS C 1047 -58.07 39.67 5.29
CA HIS C 1047 -58.35 39.96 6.68
C HIS C 1047 -59.01 41.33 6.77
N VAL C 1048 -60.20 41.36 7.35
CA VAL C 1048 -60.99 42.57 7.48
C VAL C 1048 -60.78 43.11 8.88
N THR C 1049 -60.11 44.26 9.00
CA THR C 1049 -59.67 44.75 10.28
C THR C 1049 -60.25 46.14 10.52
N TYR C 1050 -60.40 46.47 11.80
CA TYR C 1050 -60.97 47.73 12.25
C TYR C 1050 -59.88 48.61 12.82
N VAL C 1051 -59.63 49.74 12.17
CA VAL C 1051 -58.50 50.59 12.55
C VAL C 1051 -58.97 51.99 12.93
N PRO C 1052 -58.61 52.48 14.11
CA PRO C 1052 -59.03 53.83 14.50
C PRO C 1052 -58.37 54.89 13.64
N SER C 1053 -58.89 56.11 13.73
CA SER C 1053 -58.41 57.21 12.91
C SER C 1053 -58.98 58.52 13.45
N GLN C 1054 -58.32 59.61 13.10
CA GLN C 1054 -58.72 60.96 13.50
C GLN C 1054 -58.79 61.08 15.01
N GLU C 1055 -57.63 60.93 15.64
CA GLU C 1055 -57.56 60.96 17.09
C GLU C 1055 -57.62 62.39 17.62
N ARG C 1056 -58.34 62.54 18.73
CA ARG C 1056 -58.53 63.83 19.38
C ARG C 1056 -58.28 63.63 20.87
N ASN C 1057 -57.78 64.67 21.54
CA ASN C 1057 -57.45 64.51 22.94
C ASN C 1057 -58.52 65.11 23.83
N PHE C 1058 -58.58 64.61 25.05
CA PHE C 1058 -59.41 65.23 26.08
C PHE C 1058 -58.65 65.19 27.39
N THR C 1059 -59.01 66.10 28.29
CA THR C 1059 -58.50 66.01 29.64
C THR C 1059 -59.36 65.02 30.44
N THR C 1060 -58.67 64.21 31.24
CA THR C 1060 -59.29 63.06 31.87
C THR C 1060 -59.11 63.10 33.38
N ALA C 1061 -59.63 62.07 34.04
CA ALA C 1061 -59.56 61.96 35.48
C ALA C 1061 -59.91 60.54 35.90
N PRO C 1062 -59.27 60.03 36.96
CA PRO C 1062 -59.60 58.66 37.40
C PRO C 1062 -61.03 58.48 37.81
N ALA C 1063 -61.53 59.27 38.76
CA ALA C 1063 -62.88 59.03 39.26
C ALA C 1063 -63.47 60.34 39.74
N ILE C 1064 -64.79 60.33 39.88
CA ILE C 1064 -65.57 61.52 40.18
C ILE C 1064 -66.05 61.45 41.61
N CYS C 1065 -65.94 62.57 42.32
CA CYS C 1065 -66.48 62.69 43.68
C CYS C 1065 -67.70 63.60 43.61
N HIS C 1066 -68.85 63.07 44.01
CA HIS C 1066 -70.11 63.79 43.83
C HIS C 1066 -70.76 64.16 45.16
N GLU C 1067 -70.87 63.22 46.09
CA GLU C 1067 -71.46 63.51 47.39
C GLU C 1067 -70.57 62.93 48.48
N GLY C 1068 -69.28 63.20 48.39
CA GLY C 1068 -68.32 62.63 49.32
C GLY C 1068 -68.02 61.18 49.05
N LYS C 1069 -68.46 60.65 47.93
CA LYS C 1069 -68.24 59.25 47.58
C LYS C 1069 -67.70 59.16 46.17
N ALA C 1070 -66.79 58.22 45.96
CA ALA C 1070 -66.21 58.03 44.64
C ALA C 1070 -67.24 57.39 43.71
N TYR C 1071 -66.98 57.50 42.42
CA TYR C 1071 -67.77 56.83 41.39
C TYR C 1071 -66.83 56.45 40.25
N PHE C 1072 -66.35 55.21 40.30
CA PHE C 1072 -65.54 54.73 39.20
C PHE C 1072 -66.42 54.40 38.01
N PRO C 1073 -66.05 54.85 36.82
CA PRO C 1073 -66.83 54.53 35.63
C PRO C 1073 -66.75 53.04 35.35
N ARG C 1074 -67.83 52.53 34.76
CA ARG C 1074 -67.87 51.12 34.37
C ARG C 1074 -68.00 51.06 32.86
N GLU C 1075 -67.17 50.21 32.24
CA GLU C 1075 -67.14 50.05 30.80
C GLU C 1075 -66.98 51.39 30.08
N GLY C 1076 -65.84 52.03 30.32
CA GLY C 1076 -65.57 53.28 29.64
C GLY C 1076 -64.56 54.11 30.40
N VAL C 1077 -64.46 55.37 29.97
CA VAL C 1077 -63.50 56.32 30.51
C VAL C 1077 -64.13 57.72 30.46
N PHE C 1078 -63.77 58.55 31.44
CA PHE C 1078 -64.22 59.93 31.48
C PHE C 1078 -63.38 60.82 30.57
N VAL C 1079 -64.02 61.84 30.02
CA VAL C 1079 -63.36 62.90 29.27
C VAL C 1079 -64.03 64.22 29.60
N PHE C 1080 -63.36 65.32 29.29
CA PHE C 1080 -63.97 66.64 29.42
C PHE C 1080 -63.82 67.42 28.11
N ASN C 1081 -64.94 67.64 27.40
CA ASN C 1081 -64.84 68.21 26.06
C ASN C 1081 -64.56 69.70 26.11
N GLY C 1082 -64.91 70.34 27.22
CA GLY C 1082 -64.85 71.78 27.30
C GLY C 1082 -66.00 72.38 28.07
N THR C 1083 -67.12 71.65 28.15
CA THR C 1083 -68.29 72.12 28.88
C THR C 1083 -68.53 71.30 30.15
N SER C 1084 -68.64 69.98 30.02
CA SER C 1084 -68.84 69.12 31.17
C SER C 1084 -68.24 67.76 30.85
N TRP C 1085 -68.05 66.96 31.89
CA TRP C 1085 -67.43 65.66 31.72
C TRP C 1085 -68.45 64.67 31.15
N PHE C 1086 -67.97 63.76 30.31
CA PHE C 1086 -68.80 62.73 29.72
C PHE C 1086 -68.09 61.38 29.83
N ILE C 1087 -68.88 60.32 29.79
CA ILE C 1087 -68.38 58.95 29.77
C ILE C 1087 -68.44 58.46 28.34
N THR C 1088 -67.43 57.70 27.94
CA THR C 1088 -67.44 57.15 26.59
C THR C 1088 -66.60 55.89 26.53
N GLN C 1089 -66.78 55.15 25.43
CA GLN C 1089 -65.97 53.98 25.19
C GLN C 1089 -64.55 54.38 24.85
N ARG C 1090 -63.67 53.39 24.78
CA ARG C 1090 -62.25 53.66 24.64
C ARG C 1090 -61.79 53.73 23.19
N ASN C 1091 -62.62 53.34 22.22
CA ASN C 1091 -62.17 53.30 20.85
C ASN C 1091 -63.07 54.05 19.88
N PHE C 1092 -64.10 54.73 20.37
CA PHE C 1092 -64.90 55.61 19.54
C PHE C 1092 -65.60 56.62 20.41
N PHE C 1093 -65.31 57.89 20.16
CA PHE C 1093 -65.69 58.99 21.05
C PHE C 1093 -67.19 59.18 21.02
N SER C 1094 -67.88 58.59 22.00
CA SER C 1094 -69.33 58.74 22.13
C SER C 1094 -69.61 59.32 23.50
N PRO C 1095 -69.64 60.64 23.65
CA PRO C 1095 -69.89 61.23 24.97
C PRO C 1095 -71.24 60.86 25.50
N GLN C 1096 -71.33 60.64 26.81
CA GLN C 1096 -72.58 60.25 27.44
C GLN C 1096 -72.73 60.97 28.77
N ILE C 1097 -73.97 61.34 29.09
CA ILE C 1097 -74.25 61.90 30.39
C ILE C 1097 -73.99 60.84 31.46
N ILE C 1098 -73.23 61.24 32.47
CA ILE C 1098 -72.74 60.31 33.49
C ILE C 1098 -73.85 60.08 34.51
N THR C 1099 -74.34 58.85 34.56
CA THR C 1099 -75.49 58.51 35.38
C THR C 1099 -75.11 57.47 36.41
N THR C 1100 -75.96 57.35 37.43
CA THR C 1100 -75.79 56.31 38.42
C THR C 1100 -75.68 54.94 37.77
N ASP C 1101 -76.46 54.71 36.70
CA ASP C 1101 -76.36 53.46 35.97
C ASP C 1101 -74.96 53.29 35.40
N ASN C 1102 -74.34 54.38 34.98
CA ASN C 1102 -73.06 54.27 34.29
C ASN C 1102 -71.93 53.87 35.22
N THR C 1103 -72.16 53.94 36.52
CA THR C 1103 -71.08 53.81 37.50
C THR C 1103 -71.53 53.02 38.72
N PHE C 1104 -70.57 52.77 39.60
CA PHE C 1104 -70.79 52.23 40.93
C PHE C 1104 -69.89 52.96 41.91
N VAL C 1105 -70.38 53.16 43.14
CA VAL C 1105 -69.75 54.12 44.05
C VAL C 1105 -68.39 53.62 44.51
N SER C 1106 -68.35 52.52 45.25
CA SER C 1106 -67.13 51.85 45.69
C SER C 1106 -66.13 52.81 46.36
N GLY C 1107 -66.54 53.36 47.49
CA GLY C 1107 -65.61 54.00 48.40
C GLY C 1107 -65.75 55.51 48.42
N SER C 1108 -64.87 56.13 49.20
CA SER C 1108 -64.86 57.57 49.42
C SER C 1108 -63.95 58.25 48.43
N CYS C 1109 -63.70 59.55 48.68
CA CYS C 1109 -63.04 60.37 47.67
C CYS C 1109 -61.57 60.62 48.00
N ASP C 1110 -61.17 60.42 49.25
CA ASP C 1110 -59.86 60.89 49.68
C ASP C 1110 -58.72 60.02 49.15
N VAL C 1111 -58.95 58.72 49.06
CA VAL C 1111 -57.85 57.79 48.81
C VAL C 1111 -57.32 57.93 47.39
N VAL C 1112 -58.22 58.10 46.42
CA VAL C 1112 -57.84 57.98 45.02
C VAL C 1112 -57.17 59.25 44.54
N ILE C 1113 -56.09 59.10 43.78
CA ILE C 1113 -55.18 60.21 43.52
C ILE C 1113 -55.85 61.30 42.69
N GLY C 1114 -56.46 60.93 41.58
CA GLY C 1114 -56.88 61.94 40.62
C GLY C 1114 -58.33 62.32 40.71
N ILE C 1115 -58.87 62.35 41.92
CA ILE C 1115 -60.30 62.62 42.08
C ILE C 1115 -60.63 64.03 41.66
N ILE C 1116 -61.62 64.15 40.78
CA ILE C 1116 -62.12 65.43 40.30
C ILE C 1116 -63.60 65.51 40.64
N ASN C 1117 -64.08 66.73 40.86
CA ASN C 1117 -65.43 66.98 41.34
C ASN C 1117 -66.41 67.12 40.19
N ASN C 1118 -67.54 66.43 40.30
CA ASN C 1118 -68.66 66.61 39.39
C ASN C 1118 -69.88 65.95 40.01
N THR C 1119 -71.01 66.13 39.35
CA THR C 1119 -72.27 65.56 39.81
C THR C 1119 -72.69 64.43 38.88
N VAL C 1120 -72.85 63.24 39.44
CA VAL C 1120 -73.38 62.10 38.70
C VAL C 1120 -74.89 62.26 38.64
N TYR C 1121 -75.45 62.13 37.43
CA TYR C 1121 -76.88 62.31 37.28
C TYR C 1121 -77.63 61.08 37.77
N ASP C 1122 -78.73 61.31 38.50
CA ASP C 1122 -79.60 60.23 38.92
C ASP C 1122 -80.87 60.26 38.10
N PRO C 1123 -81.17 59.23 37.30
CA PRO C 1123 -82.42 59.22 36.54
C PRO C 1123 -83.66 59.26 37.42
N LEU C 1124 -83.59 58.67 38.61
CA LEU C 1124 -84.79 58.47 39.41
C LEU C 1124 -85.31 59.77 40.01
N GLN C 1125 -84.42 60.58 40.57
CA GLN C 1125 -84.81 61.74 41.39
C GLN C 1125 -85.72 62.74 40.66
N PRO C 1126 -85.61 62.89 39.34
CA PRO C 1126 -86.63 63.68 38.62
C PRO C 1126 -88.06 63.40 39.07
N GLU C 1127 -88.37 62.16 39.42
CA GLU C 1127 -89.66 61.86 40.01
C GLU C 1127 -89.48 61.39 41.45
N SER D 1 17.25 -53.02 -24.01
CA SER D 1 17.83 -52.45 -25.21
C SER D 1 19.27 -52.89 -25.39
N THR D 2 20.16 -52.37 -24.54
CA THR D 2 21.58 -52.66 -24.66
C THR D 2 21.88 -54.08 -24.17
N ILE D 3 23.09 -54.55 -24.50
CA ILE D 3 23.52 -55.86 -24.03
C ILE D 3 23.76 -55.85 -22.52
N GLU D 4 24.28 -54.76 -21.98
CA GLU D 4 24.58 -54.71 -20.56
C GLU D 4 23.32 -54.67 -19.70
N GLU D 5 22.27 -53.99 -20.16
CA GLU D 5 21.04 -53.94 -19.38
C GLU D 5 20.40 -55.32 -19.28
N GLN D 6 20.38 -56.08 -20.38
CA GLN D 6 19.84 -57.43 -20.32
C GLN D 6 20.78 -58.38 -19.57
N ALA D 7 22.09 -58.15 -19.63
CA ALA D 7 23.00 -58.91 -18.79
C ALA D 7 22.69 -58.69 -17.32
N LYS D 8 22.50 -57.45 -16.91
CA LYS D 8 22.15 -57.16 -15.52
C LYS D 8 20.79 -57.76 -15.17
N THR D 9 19.83 -57.69 -16.11
CA THR D 9 18.52 -58.28 -15.88
C THR D 9 18.61 -59.78 -15.63
N PHE D 10 19.31 -60.50 -16.50
CA PHE D 10 19.42 -61.95 -16.34
C PHE D 10 20.23 -62.31 -15.10
N LEU D 11 21.27 -61.53 -14.78
CA LEU D 11 22.06 -61.83 -13.59
C LEU D 11 21.28 -61.54 -12.31
N ASP D 12 20.42 -60.52 -12.30
CA ASP D 12 19.56 -60.32 -11.14
C ASP D 12 18.51 -61.41 -11.03
N LYS D 13 17.95 -61.86 -12.16
CA LYS D 13 17.05 -63.01 -12.13
C LYS D 13 17.75 -64.23 -11.56
N PHE D 14 18.98 -64.48 -12.01
CA PHE D 14 19.78 -65.58 -11.49
C PHE D 14 20.04 -65.44 -9.99
N ASN D 15 20.42 -64.25 -9.54
CA ASN D 15 20.63 -64.05 -8.11
C ASN D 15 19.36 -64.34 -7.32
N HIS D 16 18.24 -63.77 -7.74
CA HIS D 16 16.99 -63.86 -6.99
C HIS D 16 16.34 -65.24 -7.07
N GLU D 17 16.68 -66.06 -8.06
CA GLU D 17 16.17 -67.43 -8.10
C GLU D 17 17.14 -68.43 -7.48
N ALA D 18 18.43 -68.35 -7.84
CA ALA D 18 19.46 -69.16 -7.21
C ALA D 18 19.52 -68.91 -5.71
N GLU D 19 19.05 -67.76 -5.24
CA GLU D 19 18.88 -67.55 -3.80
C GLU D 19 18.06 -68.68 -3.20
N ASP D 20 16.82 -68.83 -3.64
CA ASP D 20 15.95 -69.88 -3.12
C ASP D 20 16.48 -71.26 -3.46
N LEU D 21 17.01 -71.45 -4.67
CA LEU D 21 17.45 -72.78 -5.07
C LEU D 21 18.64 -73.27 -4.24
N PHE D 22 19.69 -72.45 -4.11
CA PHE D 22 20.82 -72.83 -3.28
C PHE D 22 20.46 -72.83 -1.80
N TYR D 23 19.48 -72.03 -1.39
CA TYR D 23 19.01 -72.12 -0.01
C TYR D 23 18.38 -73.49 0.25
N GLN D 24 17.60 -74.00 -0.71
CA GLN D 24 17.05 -75.35 -0.58
C GLN D 24 18.16 -76.40 -0.61
N SER D 25 19.14 -76.22 -1.50
CA SER D 25 20.24 -77.17 -1.57
C SER D 25 21.00 -77.25 -0.26
N SER D 26 21.33 -76.09 0.31
CA SER D 26 22.02 -76.05 1.59
C SER D 26 21.12 -76.44 2.76
N LEU D 27 19.81 -76.25 2.64
CA LEU D 27 18.88 -76.79 3.64
C LEU D 27 18.91 -78.29 3.66
N ALA D 28 18.90 -78.92 2.49
CA ALA D 28 19.02 -80.37 2.42
C ALA D 28 20.38 -80.82 2.95
N SER D 29 21.44 -80.09 2.60
CA SER D 29 22.76 -80.40 3.13
C SER D 29 22.80 -80.29 4.64
N TRP D 30 22.16 -79.26 5.20
CA TRP D 30 22.18 -79.05 6.64
C TRP D 30 21.30 -80.06 7.37
N ASN D 31 20.21 -80.51 6.74
CA ASN D 31 19.41 -81.57 7.34
C ASN D 31 20.15 -82.89 7.33
N TYR D 32 20.88 -83.19 6.26
CA TYR D 32 21.77 -84.34 6.28
C TYR D 32 22.87 -84.19 7.32
N ASN D 33 23.40 -82.97 7.46
CA ASN D 33 24.50 -82.69 8.36
C ASN D 33 24.09 -82.76 9.82
N THR D 34 22.86 -82.36 10.15
CA THR D 34 22.34 -82.41 11.50
C THR D 34 21.58 -83.71 11.79
N ASN D 35 21.39 -84.55 10.79
CA ASN D 35 20.70 -85.83 10.97
C ASN D 35 21.17 -86.75 9.85
N ILE D 36 21.96 -87.76 10.18
CA ILE D 36 22.45 -88.72 9.20
C ILE D 36 21.38 -89.81 9.08
N THR D 37 20.56 -89.70 8.05
CA THR D 37 19.56 -90.70 7.72
C THR D 37 19.41 -90.73 6.21
N GLU D 38 19.01 -91.89 5.69
CA GLU D 38 18.86 -92.03 4.24
C GLU D 38 17.85 -91.06 3.66
N GLU D 39 16.82 -90.69 4.41
CA GLU D 39 15.91 -89.63 3.96
C GLU D 39 16.65 -88.31 3.82
N ASN D 40 17.56 -88.00 4.76
CA ASN D 40 18.31 -86.76 4.68
C ASN D 40 19.27 -86.73 3.50
N VAL D 41 19.96 -87.83 3.22
CA VAL D 41 20.84 -87.86 2.05
C VAL D 41 20.05 -87.88 0.75
N GLN D 42 18.86 -88.49 0.73
CA GLN D 42 17.98 -88.38 -0.42
C GLN D 42 17.44 -86.98 -0.62
N ASN D 43 17.30 -86.21 0.47
CA ASN D 43 17.01 -84.79 0.33
C ASN D 43 18.21 -84.03 -0.23
N MET D 44 19.42 -84.41 0.21
CA MET D 44 20.63 -83.68 -0.15
C MET D 44 20.90 -83.69 -1.65
N ASN D 45 20.81 -84.85 -2.30
CA ASN D 45 21.17 -84.96 -3.71
C ASN D 45 20.10 -84.45 -4.66
N ASN D 46 18.86 -84.28 -4.20
CA ASN D 46 17.82 -83.73 -5.06
C ASN D 46 18.07 -82.26 -5.36
N ALA D 47 18.07 -81.43 -4.31
CA ALA D 47 18.28 -80.00 -4.48
C ALA D 47 19.69 -79.67 -4.93
N GLY D 48 20.70 -80.44 -4.50
CA GLY D 48 22.06 -80.21 -4.97
C GLY D 48 22.20 -80.46 -6.46
N ASP D 49 21.61 -81.56 -6.95
CA ASP D 49 21.63 -81.83 -8.38
C ASP D 49 20.82 -80.78 -9.14
N LYS D 50 19.69 -80.36 -8.60
CA LYS D 50 18.91 -79.29 -9.22
C LYS D 50 19.69 -77.98 -9.28
N TRP D 51 20.53 -77.71 -8.28
CA TRP D 51 21.42 -76.55 -8.24
C TRP D 51 22.52 -76.62 -9.26
N SER D 52 23.22 -77.75 -9.36
CA SER D 52 24.24 -77.90 -10.39
C SER D 52 23.62 -77.83 -11.79
N ALA D 53 22.48 -78.50 -11.98
CA ALA D 53 21.79 -78.44 -13.26
C ALA D 53 21.24 -77.05 -13.53
N PHE D 54 20.79 -76.34 -12.50
CA PHE D 54 20.37 -74.95 -12.69
C PHE D 54 21.53 -74.10 -13.18
N LEU D 55 22.69 -74.25 -12.56
CA LEU D 55 23.86 -73.48 -13.01
C LEU D 55 24.24 -73.83 -14.45
N LYS D 56 24.21 -75.12 -14.80
CA LYS D 56 24.55 -75.50 -16.17
C LYS D 56 23.55 -74.96 -17.18
N GLU D 57 22.26 -75.11 -16.89
CA GLU D 57 21.23 -74.70 -17.83
C GLU D 57 21.15 -73.18 -17.96
N GLN D 58 21.43 -72.44 -16.89
CA GLN D 58 21.52 -70.99 -16.98
C GLN D 58 22.86 -70.51 -17.51
N SER D 59 23.88 -71.37 -17.52
CA SER D 59 25.08 -71.07 -18.28
C SER D 59 24.82 -71.20 -19.78
N THR D 60 24.05 -72.21 -20.18
CA THR D 60 23.60 -72.28 -21.56
C THR D 60 22.78 -71.06 -21.95
N LEU D 61 22.17 -70.38 -20.98
CA LEU D 61 21.45 -69.14 -21.21
C LEU D 61 22.35 -67.91 -21.06
N ALA D 62 23.50 -68.07 -20.40
CA ALA D 62 24.41 -66.94 -20.18
C ALA D 62 25.59 -66.96 -21.12
N GLN D 63 26.02 -68.14 -21.57
CA GLN D 63 27.16 -68.23 -22.46
C GLN D 63 26.92 -67.57 -23.81
N MET D 64 25.66 -67.37 -24.21
CA MET D 64 25.41 -66.62 -25.44
C MET D 64 25.82 -65.16 -25.27
N TYR D 65 25.77 -64.64 -24.05
CA TYR D 65 26.19 -63.27 -23.79
C TYR D 65 27.67 -63.14 -24.12
N PRO D 66 28.05 -62.21 -24.99
CA PRO D 66 29.48 -62.05 -25.32
C PRO D 66 30.23 -61.43 -24.15
N LEU D 67 31.13 -62.22 -23.55
CA LEU D 67 31.84 -61.78 -22.36
C LEU D 67 32.78 -60.62 -22.64
N GLN D 68 33.50 -60.64 -23.76
CA GLN D 68 34.42 -59.56 -24.11
C GLN D 68 33.66 -58.41 -24.77
N GLU D 69 32.59 -58.00 -24.09
CA GLU D 69 31.79 -56.86 -24.50
C GLU D 69 31.41 -55.94 -23.36
N ILE D 70 31.71 -56.31 -22.12
CA ILE D 70 31.33 -55.50 -20.96
C ILE D 70 32.58 -54.83 -20.41
N GLN D 71 32.56 -53.50 -20.33
CA GLN D 71 33.68 -52.76 -19.77
C GLN D 71 33.74 -52.92 -18.26
N ASN D 72 32.60 -53.09 -17.60
CA ASN D 72 32.55 -53.20 -16.15
C ASN D 72 33.18 -54.50 -15.68
N LEU D 73 33.65 -54.49 -14.43
CA LEU D 73 34.18 -55.68 -13.78
C LEU D 73 33.21 -56.30 -12.79
N THR D 74 32.28 -55.52 -12.24
CA THR D 74 31.33 -56.06 -11.27
C THR D 74 30.44 -57.12 -11.90
N VAL D 75 30.01 -56.90 -13.14
CA VAL D 75 29.15 -57.88 -13.82
C VAL D 75 29.94 -58.83 -14.71
N LYS D 76 31.14 -58.45 -15.16
CA LYS D 76 31.96 -59.38 -15.94
C LYS D 76 32.35 -60.60 -15.12
N LEU D 77 32.68 -60.39 -13.83
CA LEU D 77 32.98 -61.52 -12.97
C LEU D 77 31.76 -62.39 -12.71
N GLN D 78 30.57 -61.78 -12.65
CA GLN D 78 29.35 -62.57 -12.54
C GLN D 78 29.13 -63.43 -13.80
N LEU D 79 29.35 -62.82 -14.97
CA LEU D 79 29.25 -63.59 -16.21
C LEU D 79 30.27 -64.71 -16.27
N GLN D 80 31.47 -64.50 -15.75
CA GLN D 80 32.46 -65.57 -15.70
C GLN D 80 32.04 -66.66 -14.72
N ALA D 81 31.47 -66.27 -13.57
CA ALA D 81 31.03 -67.23 -12.57
C ALA D 81 29.86 -68.08 -13.04
N LEU D 82 28.98 -67.53 -13.88
CA LEU D 82 27.90 -68.34 -14.44
C LEU D 82 28.33 -69.11 -15.68
N GLN D 83 29.08 -68.49 -16.59
CA GLN D 83 29.44 -69.12 -17.84
C GLN D 83 30.38 -70.31 -17.66
N GLN D 84 31.02 -70.44 -16.50
CA GLN D 84 31.78 -71.65 -16.22
C GLN D 84 30.82 -72.80 -16.05
N ASN D 85 31.10 -73.92 -16.73
CA ASN D 85 30.19 -75.06 -16.67
C ASN D 85 30.32 -75.83 -15.36
N GLY D 86 31.43 -75.67 -14.65
CA GLY D 86 31.64 -76.40 -13.41
C GLY D 86 32.42 -77.68 -13.63
N SER D 87 31.74 -78.82 -13.54
CA SER D 87 32.36 -80.12 -13.76
C SER D 87 31.53 -81.00 -14.69
N SER D 88 30.80 -80.40 -15.63
CA SER D 88 29.89 -81.11 -16.50
C SER D 88 30.17 -80.92 -17.99
N VAL D 89 31.36 -80.40 -18.33
CA VAL D 89 31.68 -80.17 -19.74
C VAL D 89 32.75 -81.15 -20.22
N LEU D 90 32.30 -82.27 -20.77
CA LEU D 90 33.16 -83.29 -21.38
C LEU D 90 32.27 -84.16 -22.26
N SER D 91 32.81 -85.29 -22.72
CA SER D 91 31.98 -86.28 -23.37
C SER D 91 31.01 -86.88 -22.35
N GLU D 92 29.85 -87.30 -22.86
CA GLU D 92 28.79 -87.76 -21.96
C GLU D 92 29.19 -89.00 -21.17
N ASP D 93 30.08 -89.83 -21.72
CA ASP D 93 30.53 -91.00 -21.00
C ASP D 93 31.58 -90.65 -19.95
N LYS D 94 32.62 -89.91 -20.35
CA LYS D 94 33.76 -89.70 -19.48
C LYS D 94 33.46 -88.73 -18.33
N SER D 95 32.59 -87.74 -18.55
CA SER D 95 32.23 -86.83 -17.46
C SER D 95 31.53 -87.58 -16.33
N LYS D 96 30.52 -88.37 -16.68
CA LYS D 96 29.82 -89.15 -15.66
C LYS D 96 30.72 -90.22 -15.07
N ARG D 97 31.64 -90.78 -15.87
CA ARG D 97 32.60 -91.74 -15.32
C ARG D 97 33.50 -91.09 -14.27
N LEU D 98 34.00 -89.89 -14.57
CA LEU D 98 34.87 -89.20 -13.62
C LEU D 98 34.11 -88.82 -12.36
N ASN D 99 32.88 -88.32 -12.49
CA ASN D 99 32.09 -87.99 -11.31
C ASN D 99 31.76 -89.23 -10.49
N THR D 100 31.44 -90.35 -11.15
CA THR D 100 31.16 -91.59 -10.46
C THR D 100 32.39 -92.12 -9.72
N ILE D 101 33.57 -92.01 -10.34
CA ILE D 101 34.79 -92.44 -9.68
C ILE D 101 35.10 -91.52 -8.49
N LEU D 102 34.86 -90.21 -8.63
CA LEU D 102 35.02 -89.31 -7.50
C LEU D 102 34.09 -89.69 -6.35
N ASN D 103 32.83 -89.98 -6.65
CA ASN D 103 31.90 -90.42 -5.63
C ASN D 103 32.33 -91.74 -4.99
N THR D 104 32.82 -92.68 -5.81
CA THR D 104 33.25 -93.97 -5.29
C THR D 104 34.44 -93.82 -4.34
N MET D 105 35.43 -92.99 -4.74
CA MET D 105 36.58 -92.79 -3.86
C MET D 105 36.18 -92.04 -2.60
N SER D 106 35.24 -91.09 -2.71
CA SER D 106 34.75 -90.40 -1.53
C SER D 106 34.06 -91.35 -0.57
N THR D 107 33.30 -92.32 -1.10
CA THR D 107 32.64 -93.30 -0.25
C THR D 107 33.65 -94.24 0.40
N ILE D 108 34.57 -94.79 -0.40
CA ILE D 108 35.49 -95.80 0.13
C ILE D 108 36.49 -95.21 1.12
N TYR D 109 36.98 -93.99 0.87
CA TYR D 109 37.91 -93.37 1.81
C TYR D 109 37.23 -93.02 3.13
N SER D 110 36.00 -92.50 3.08
CA SER D 110 35.31 -92.09 4.29
C SER D 110 34.63 -93.24 5.03
N THR D 111 34.48 -94.40 4.38
CA THR D 111 33.84 -95.55 5.02
C THR D 111 34.77 -96.76 5.14
N GLY D 112 36.00 -96.68 4.64
CA GLY D 112 36.92 -97.79 4.79
C GLY D 112 37.41 -97.95 6.21
N LYS D 113 37.82 -99.17 6.53
CA LYS D 113 38.27 -99.49 7.88
C LYS D 113 39.40 -100.50 7.81
N VAL D 114 40.16 -100.60 8.90
CA VAL D 114 41.26 -101.52 9.02
C VAL D 114 40.94 -102.52 10.13
N CYS D 115 41.56 -103.69 10.04
CA CYS D 115 41.26 -104.79 10.96
C CYS D 115 42.55 -105.36 11.54
N ASN D 116 42.44 -105.88 12.76
CA ASN D 116 43.58 -106.47 13.43
C ASN D 116 44.03 -107.72 12.68
N PRO D 117 45.32 -107.84 12.34
CA PRO D 117 45.76 -109.02 11.58
C PRO D 117 45.48 -110.35 12.26
N ASP D 118 45.61 -110.42 13.59
CA ASP D 118 45.36 -111.66 14.31
C ASP D 118 43.92 -111.78 14.80
N ASN D 119 43.08 -110.78 14.56
CA ASN D 119 41.69 -110.81 14.96
C ASN D 119 40.87 -110.05 13.91
N PRO D 120 40.25 -110.76 12.97
CA PRO D 120 39.43 -110.08 11.96
C PRO D 120 38.06 -109.67 12.51
N GLN D 121 38.05 -109.16 13.74
CA GLN D 121 36.83 -108.64 14.36
C GLN D 121 37.10 -107.23 14.86
N GLU D 122 38.32 -106.99 15.32
CA GLU D 122 38.74 -105.68 15.77
C GLU D 122 39.00 -104.77 14.57
N CYS D 123 37.95 -104.13 14.07
CA CYS D 123 38.02 -103.28 12.89
C CYS D 123 37.52 -101.88 13.23
N LEU D 124 38.23 -100.87 12.75
CA LEU D 124 37.89 -99.48 13.03
C LEU D 124 38.27 -98.60 11.85
N LEU D 125 37.63 -97.44 11.78
CA LEU D 125 37.85 -96.47 10.72
C LEU D 125 39.05 -95.59 11.07
N LEU D 126 39.24 -94.51 10.31
CA LEU D 126 40.36 -93.61 10.53
C LEU D 126 40.10 -92.66 11.69
N GLU D 127 38.96 -91.99 11.70
CA GLU D 127 38.63 -90.98 12.70
C GLU D 127 37.30 -91.32 13.35
N PRO D 128 37.25 -91.51 14.68
CA PRO D 128 38.38 -91.62 15.61
C PRO D 128 38.96 -93.03 15.65
N GLY D 129 39.68 -93.38 16.71
CA GLY D 129 40.27 -94.70 16.83
C GLY D 129 41.72 -94.76 16.39
N LEU D 130 42.00 -94.34 15.16
CA LEU D 130 43.37 -94.28 14.66
C LEU D 130 44.03 -92.94 14.96
N ASN D 131 43.38 -91.84 14.56
CA ASN D 131 44.02 -90.54 14.60
C ASN D 131 44.38 -90.11 16.03
N GLU D 132 43.61 -90.54 17.02
CA GLU D 132 43.97 -90.23 18.40
C GLU D 132 45.16 -91.08 18.86
N ILE D 133 45.18 -92.36 18.46
CA ILE D 133 46.37 -93.16 18.69
C ILE D 133 47.53 -92.65 17.86
N MET D 134 47.27 -92.19 16.64
CA MET D 134 48.24 -91.51 15.81
C MET D 134 48.72 -90.18 16.40
N ALA D 135 48.23 -89.79 17.57
CA ALA D 135 48.66 -88.53 18.17
C ALA D 135 49.33 -88.70 19.53
N ASN D 136 49.07 -89.81 20.24
CA ASN D 136 49.49 -89.94 21.63
C ASN D 136 50.14 -91.26 21.99
N SER D 137 50.10 -92.27 21.11
CA SER D 137 50.64 -93.58 21.47
C SER D 137 52.16 -93.54 21.54
N LEU D 138 52.71 -94.20 22.56
CA LEU D 138 54.15 -94.35 22.71
C LEU D 138 54.66 -95.67 22.14
N ASP D 139 53.77 -96.49 21.59
CA ASP D 139 54.14 -97.80 21.05
C ASP D 139 54.52 -97.66 19.58
N TYR D 140 55.70 -98.19 19.23
CA TYR D 140 56.13 -98.13 17.83
C TYR D 140 55.30 -99.06 16.96
N ASN D 141 55.04 -100.28 17.43
CA ASN D 141 54.39 -101.28 16.58
C ASN D 141 52.92 -100.94 16.33
N GLU D 142 52.18 -100.56 17.37
CA GLU D 142 50.76 -100.22 17.19
C GLU D 142 50.60 -99.03 16.26
N ARG D 143 51.39 -97.98 16.50
CA ARG D 143 51.35 -96.77 15.67
C ARG D 143 51.71 -97.09 14.22
N LEU D 144 52.78 -97.86 14.03
CA LEU D 144 53.20 -98.24 12.68
C LEU D 144 52.16 -99.09 11.98
N TRP D 145 51.53 -100.02 12.71
CA TRP D 145 50.52 -100.88 12.12
C TRP D 145 49.30 -100.07 11.70
N ALA D 146 48.88 -99.11 12.52
CA ALA D 146 47.77 -98.25 12.12
C ALA D 146 48.14 -97.45 10.86
N TRP D 147 49.35 -96.87 10.86
CA TRP D 147 49.80 -96.09 9.72
C TRP D 147 49.81 -96.92 8.44
N GLU D 148 50.32 -98.15 8.51
CA GLU D 148 50.42 -99.02 7.36
C GLU D 148 49.08 -99.58 6.92
N SER D 149 48.24 -100.00 7.87
CA SER D 149 46.95 -100.59 7.53
C SER D 149 46.00 -99.57 6.92
N TRP D 150 46.03 -98.31 7.38
CA TRP D 150 45.11 -97.33 6.80
C TRP D 150 45.43 -97.07 5.33
N ARG D 151 46.71 -97.07 4.96
CA ARG D 151 47.08 -96.90 3.56
C ARG D 151 47.05 -98.20 2.77
N SER D 152 47.01 -99.35 3.45
CA SER D 152 46.87 -100.62 2.77
C SER D 152 45.44 -100.97 2.41
N GLU D 153 44.49 -100.71 3.31
CA GLU D 153 43.12 -101.15 3.12
C GLU D 153 42.40 -100.33 2.05
N VAL D 154 42.59 -99.00 2.06
CA VAL D 154 41.86 -98.13 1.15
C VAL D 154 42.77 -97.45 0.13
N GLY D 155 44.02 -97.14 0.47
CA GLY D 155 44.92 -96.54 -0.50
C GLY D 155 45.19 -97.44 -1.70
N LYS D 156 45.37 -98.74 -1.45
CA LYS D 156 45.48 -99.68 -2.55
C LYS D 156 44.23 -99.66 -3.43
N GLN D 157 43.05 -99.64 -2.81
CA GLN D 157 41.82 -99.44 -3.55
C GLN D 157 41.76 -98.07 -4.21
N LEU D 158 42.56 -97.12 -3.73
CA LEU D 158 42.62 -95.78 -4.28
C LEU D 158 43.63 -95.61 -5.42
N ARG D 159 44.47 -96.62 -5.71
CA ARG D 159 45.32 -96.51 -6.90
C ARG D 159 44.58 -96.48 -8.24
N PRO D 160 43.76 -97.48 -8.61
CA PRO D 160 43.09 -97.37 -9.92
C PRO D 160 42.19 -96.15 -10.02
N LEU D 161 41.46 -95.82 -8.96
CA LEU D 161 40.55 -94.68 -9.02
C LEU D 161 41.31 -93.38 -9.24
N TYR D 162 42.43 -93.17 -8.54
CA TYR D 162 43.22 -91.97 -8.79
C TYR D 162 43.87 -92.02 -10.17
N GLU D 163 44.16 -93.23 -10.66
CA GLU D 163 44.83 -93.37 -11.96
C GLU D 163 43.92 -92.89 -13.09
N GLU D 164 42.65 -93.31 -13.08
CA GLU D 164 41.72 -92.69 -14.03
C GLU D 164 41.33 -91.27 -13.63
N TYR D 165 41.42 -90.93 -12.34
CA TYR D 165 41.03 -89.59 -11.91
C TYR D 165 41.95 -88.54 -12.49
N VAL D 166 43.26 -88.77 -12.44
CA VAL D 166 44.20 -87.79 -12.98
C VAL D 166 44.00 -87.62 -14.48
N VAL D 167 43.80 -88.73 -15.19
CA VAL D 167 43.64 -88.68 -16.64
C VAL D 167 42.35 -87.97 -17.02
N LEU D 168 41.24 -88.30 -16.37
CA LEU D 168 39.96 -87.69 -16.69
C LEU D 168 39.90 -86.22 -16.26
N LYS D 169 40.51 -85.88 -15.12
CA LYS D 169 40.54 -84.50 -14.68
C LYS D 169 41.42 -83.65 -15.58
N ASN D 170 42.56 -84.19 -16.04
CA ASN D 170 43.37 -83.49 -17.02
C ASN D 170 42.67 -83.38 -18.37
N GLU D 171 41.87 -84.39 -18.75
CA GLU D 171 41.06 -84.28 -19.96
C GLU D 171 40.02 -83.18 -19.82
N MET D 172 39.40 -83.05 -18.65
CA MET D 172 38.49 -81.95 -18.40
C MET D 172 39.21 -80.61 -18.47
N ALA D 173 40.42 -80.54 -17.91
CA ALA D 173 41.20 -79.32 -17.99
C ALA D 173 41.53 -78.97 -19.43
N ARG D 174 41.80 -79.98 -20.26
CA ARG D 174 42.06 -79.74 -21.67
C ARG D 174 40.78 -79.33 -22.41
N ALA D 175 39.63 -79.84 -21.97
CA ALA D 175 38.36 -79.45 -22.55
C ALA D 175 37.98 -78.01 -22.19
N ASN D 176 38.39 -77.54 -21.03
CA ASN D 176 38.17 -76.16 -20.61
C ASN D 176 39.36 -75.26 -20.95
N HIS D 177 40.30 -75.77 -21.74
CA HIS D 177 41.52 -75.05 -22.12
C HIS D 177 42.32 -74.61 -20.89
N TYR D 178 42.78 -75.59 -20.13
CA TYR D 178 43.73 -75.39 -19.04
C TYR D 178 44.95 -76.26 -19.30
N GLU D 179 46.09 -75.82 -18.74
CA GLU D 179 47.33 -76.59 -18.87
C GLU D 179 47.16 -77.96 -18.22
N ASP D 180 46.62 -77.98 -17.00
CA ASP D 180 46.30 -79.21 -16.29
C ASP D 180 45.31 -78.91 -15.18
N TYR D 181 44.95 -79.90 -14.37
CA TYR D 181 44.22 -79.62 -13.16
C TYR D 181 45.05 -78.79 -12.18
N GLY D 182 46.38 -78.91 -12.27
CA GLY D 182 47.23 -77.97 -11.56
C GLY D 182 47.01 -76.54 -12.03
N ASP D 183 46.79 -76.37 -13.34
CA ASP D 183 46.41 -75.06 -13.85
C ASP D 183 45.02 -74.64 -13.38
N TYR D 184 44.10 -75.60 -13.21
CA TYR D 184 42.81 -75.30 -12.63
C TYR D 184 42.95 -74.76 -11.21
N TRP D 185 43.86 -75.34 -10.42
CA TRP D 185 44.16 -74.77 -9.11
C TRP D 185 44.85 -73.43 -9.22
N ARG D 186 45.72 -73.25 -10.21
CA ARG D 186 46.36 -71.97 -10.45
C ARG D 186 45.40 -70.93 -11.00
N GLY D 187 44.26 -71.37 -11.54
CA GLY D 187 43.23 -70.49 -12.08
C GLY D 187 42.21 -69.99 -11.09
N ASP D 188 42.32 -70.39 -9.81
CA ASP D 188 41.45 -69.83 -8.80
C ASP D 188 41.81 -68.39 -8.46
N TYR D 189 43.10 -68.04 -8.56
CA TYR D 189 43.57 -66.68 -8.37
C TYR D 189 43.68 -65.92 -9.68
N GLU D 190 42.89 -66.30 -10.69
CA GLU D 190 42.99 -65.74 -12.04
C GLU D 190 42.07 -64.54 -12.14
N VAL D 191 42.61 -63.36 -11.85
CA VAL D 191 41.93 -62.09 -12.10
C VAL D 191 42.58 -61.43 -13.31
N ASN D 192 41.76 -61.00 -14.27
CA ASN D 192 42.25 -60.65 -15.59
C ASN D 192 41.75 -59.27 -16.00
N GLY D 193 42.53 -58.57 -16.82
CA GLY D 193 42.06 -57.39 -17.51
C GLY D 193 42.05 -56.11 -16.71
N VAL D 194 42.65 -56.09 -15.52
CA VAL D 194 42.67 -54.87 -14.72
C VAL D 194 43.96 -54.08 -14.89
N ASP D 195 45.07 -54.74 -15.23
CA ASP D 195 46.34 -54.11 -15.54
C ASP D 195 46.87 -53.30 -14.35
N GLY D 196 47.23 -54.05 -13.31
CA GLY D 196 47.76 -53.47 -12.09
C GLY D 196 47.30 -54.24 -10.87
N TYR D 197 46.21 -55.00 -11.04
CA TYR D 197 45.67 -55.86 -9.99
C TYR D 197 45.53 -57.30 -10.47
N ASP D 198 46.19 -57.66 -11.57
CA ASP D 198 46.01 -58.97 -12.18
C ASP D 198 47.01 -59.98 -11.59
N TYR D 199 46.92 -61.22 -12.07
CA TYR D 199 47.74 -62.31 -11.56
C TYR D 199 47.75 -63.43 -12.57
N SER D 200 48.91 -64.03 -12.78
CA SER D 200 49.07 -65.14 -13.72
C SER D 200 49.00 -66.47 -12.99
N ARG D 201 48.95 -67.55 -13.79
CA ARG D 201 48.83 -68.90 -13.23
C ARG D 201 50.18 -69.45 -12.78
N GLY D 202 51.20 -69.39 -13.65
CA GLY D 202 52.53 -69.82 -13.24
C GLY D 202 53.14 -68.96 -12.16
N GLN D 203 52.65 -67.73 -12.01
CA GLN D 203 53.07 -66.88 -10.89
C GLN D 203 52.67 -67.48 -9.56
N LEU D 204 51.64 -68.34 -9.51
CA LEU D 204 51.36 -69.06 -8.27
C LEU D 204 52.53 -69.95 -7.87
N ILE D 205 53.04 -70.75 -8.80
CA ILE D 205 54.21 -71.60 -8.52
C ILE D 205 55.42 -70.72 -8.19
N GLU D 206 55.61 -69.66 -8.97
CA GLU D 206 56.72 -68.73 -8.72
C GLU D 206 56.69 -68.20 -7.29
N ASP D 207 55.55 -67.65 -6.88
CA ASP D 207 55.41 -67.08 -5.55
C ASP D 207 55.56 -68.15 -4.48
N VAL D 208 54.97 -69.34 -4.70
CA VAL D 208 55.05 -70.40 -3.70
C VAL D 208 56.49 -70.80 -3.45
N GLU D 209 57.27 -71.00 -4.52
CA GLU D 209 58.64 -71.43 -4.32
C GLU D 209 59.51 -70.31 -3.77
N HIS D 210 59.29 -69.06 -4.24
CA HIS D 210 60.05 -67.93 -3.70
C HIS D 210 59.79 -67.71 -2.22
N THR D 211 58.54 -67.82 -1.77
CA THR D 211 58.18 -67.61 -0.37
C THR D 211 58.37 -68.86 0.48
N PHE D 212 58.60 -70.02 -0.14
CA PHE D 212 58.99 -71.21 0.59
C PHE D 212 60.50 -71.34 0.76
N GLU D 213 61.28 -70.68 -0.10
CA GLU D 213 62.71 -70.59 0.15
C GLU D 213 63.02 -69.91 1.47
N GLU D 214 62.13 -69.04 1.96
CA GLU D 214 62.29 -68.45 3.28
C GLU D 214 61.78 -69.34 4.40
N ILE D 215 60.79 -70.20 4.13
CA ILE D 215 60.35 -71.19 5.10
C ILE D 215 61.41 -72.26 5.32
N LYS D 216 62.14 -72.63 4.27
CA LYS D 216 63.07 -73.75 4.36
C LYS D 216 64.06 -73.67 5.52
N PRO D 217 64.70 -72.54 5.83
CA PRO D 217 65.61 -72.54 6.98
C PRO D 217 64.91 -72.64 8.33
N LEU D 218 63.83 -71.88 8.52
CA LEU D 218 63.08 -71.97 9.77
C LEU D 218 62.52 -73.37 9.97
N TYR D 219 61.96 -73.95 8.90
CA TYR D 219 61.48 -75.32 9.01
C TYR D 219 62.62 -76.30 9.23
N GLU D 220 63.80 -76.03 8.68
CA GLU D 220 64.95 -76.90 8.94
C GLU D 220 65.30 -76.92 10.42
N HIS D 221 65.36 -75.74 11.04
CA HIS D 221 65.67 -75.68 12.47
C HIS D 221 64.56 -76.33 13.30
N LEU D 222 63.30 -76.06 12.97
CA LEU D 222 62.19 -76.66 13.71
C LEU D 222 62.20 -78.18 13.55
N HIS D 223 62.49 -78.68 12.35
CA HIS D 223 62.55 -80.11 12.11
C HIS D 223 63.70 -80.74 12.86
N ALA D 224 64.84 -80.05 12.94
CA ALA D 224 65.95 -80.57 13.75
C ALA D 224 65.54 -80.70 15.21
N TYR D 225 64.86 -79.68 15.74
CA TYR D 225 64.47 -79.74 17.15
C TYR D 225 63.45 -80.84 17.38
N VAL D 226 62.48 -81.00 16.47
CA VAL D 226 61.51 -82.06 16.66
C VAL D 226 62.12 -83.44 16.45
N ARG D 227 63.15 -83.57 15.61
CA ARG D 227 63.90 -84.83 15.55
C ARG D 227 64.55 -85.13 16.89
N ALA D 228 65.17 -84.12 17.49
CA ALA D 228 65.80 -84.34 18.80
C ALA D 228 64.76 -84.75 19.84
N LYS D 229 63.61 -84.07 19.86
CA LYS D 229 62.58 -84.39 20.84
C LYS D 229 61.93 -85.75 20.59
N LEU D 230 61.76 -86.15 19.33
CA LEU D 230 61.26 -87.48 19.03
C LEU D 230 62.28 -88.57 19.37
N MET D 231 63.57 -88.27 19.23
CA MET D 231 64.59 -89.17 19.73
C MET D 231 64.51 -89.31 21.25
N ASN D 232 64.26 -88.20 21.95
CA ASN D 232 64.09 -88.27 23.40
C ASN D 232 62.87 -89.11 23.77
N ALA D 233 61.74 -88.86 23.12
CA ALA D 233 60.50 -89.57 23.44
C ALA D 233 60.48 -90.99 22.88
N TYR D 234 61.15 -91.22 21.75
CA TYR D 234 61.18 -92.52 21.08
C TYR D 234 62.63 -92.91 20.85
N PRO D 235 63.32 -93.37 21.89
CA PRO D 235 64.76 -93.63 21.77
C PRO D 235 65.07 -94.80 20.85
N SER D 236 66.29 -94.75 20.29
CA SER D 236 66.83 -95.80 19.43
C SER D 236 65.93 -96.07 18.22
N TYR D 237 65.33 -95.02 17.66
CA TYR D 237 64.47 -95.15 16.50
C TYR D 237 64.88 -94.29 15.32
N ILE D 238 65.36 -93.07 15.56
CA ILE D 238 65.63 -92.10 14.49
C ILE D 238 67.11 -91.77 14.48
N SER D 239 67.69 -91.77 13.28
CA SER D 239 69.08 -91.36 13.15
C SER D 239 69.21 -89.87 13.46
N PRO D 240 70.32 -89.45 14.10
CA PRO D 240 70.46 -88.04 14.47
C PRO D 240 70.51 -87.08 13.29
N ILE D 241 70.85 -87.56 12.09
CA ILE D 241 70.99 -86.70 10.91
C ILE D 241 70.01 -87.08 9.81
N GLY D 242 69.08 -88.00 10.08
CA GLY D 242 68.12 -88.43 9.10
C GLY D 242 66.86 -87.59 9.11
N CYS D 243 65.80 -88.16 8.55
CA CYS D 243 64.48 -87.54 8.53
C CYS D 243 63.64 -88.10 9.67
N LEU D 244 62.33 -87.80 9.66
CA LEU D 244 61.43 -88.35 10.66
C LEU D 244 60.58 -89.46 10.08
N PRO D 245 60.35 -90.54 10.84
CA PRO D 245 59.44 -91.59 10.38
C PRO D 245 58.03 -91.04 10.19
N ALA D 246 57.33 -91.59 9.19
CA ALA D 246 56.05 -91.03 8.76
C ALA D 246 54.94 -91.23 9.78
N HIS D 247 55.15 -92.05 10.80
CA HIS D 247 54.14 -92.28 11.84
C HIS D 247 54.53 -91.68 13.18
N LEU D 248 55.34 -90.62 13.17
CA LEU D 248 55.73 -89.93 14.39
C LEU D 248 55.42 -88.44 14.35
N LEU D 249 54.42 -88.02 13.59
CA LEU D 249 54.22 -86.60 13.29
C LEU D 249 52.91 -86.05 13.83
N GLY D 250 52.34 -86.68 14.85
CA GLY D 250 51.11 -86.20 15.46
C GLY D 250 49.86 -86.59 14.72
N ASP D 251 49.89 -86.61 13.39
CA ASP D 251 48.74 -87.04 12.60
C ASP D 251 49.17 -88.06 11.56
N MET D 252 48.22 -88.55 10.76
CA MET D 252 48.50 -89.69 9.90
C MET D 252 49.47 -89.37 8.78
N TRP D 253 49.43 -88.15 8.24
CA TRP D 253 50.29 -87.82 7.10
C TRP D 253 51.31 -86.72 7.38
N GLY D 254 51.45 -86.29 8.64
CA GLY D 254 52.40 -85.25 8.95
C GLY D 254 51.96 -83.85 8.59
N ARG D 255 50.65 -83.60 8.56
CA ARG D 255 50.12 -82.27 8.25
C ARG D 255 50.12 -81.37 9.48
N PHE D 256 49.51 -81.85 10.57
CA PHE D 256 49.43 -81.11 11.81
C PHE D 256 50.42 -81.68 12.82
N TRP D 257 51.24 -80.80 13.40
CA TRP D 257 52.28 -81.21 14.34
C TRP D 257 52.01 -80.74 15.77
N THR D 258 50.79 -80.28 16.06
CA THR D 258 50.49 -79.79 17.41
C THR D 258 50.42 -80.90 18.44
N ASN D 259 50.30 -82.16 18.02
CA ASN D 259 50.28 -83.27 18.96
C ASN D 259 51.66 -83.67 19.43
N LEU D 260 52.71 -83.11 18.85
CA LEU D 260 54.07 -83.35 19.32
C LEU D 260 54.41 -82.57 20.57
N TYR D 261 53.59 -81.58 20.95
CA TYR D 261 53.93 -80.70 22.06
C TYR D 261 54.06 -81.47 23.36
N SER D 262 53.23 -82.50 23.55
CA SER D 262 53.38 -83.36 24.72
C SER D 262 54.74 -84.06 24.73
N LEU D 263 55.34 -84.28 23.57
CA LEU D 263 56.67 -84.87 23.48
C LEU D 263 57.73 -83.91 22.95
N THR D 264 57.35 -82.68 22.60
CA THR D 264 58.29 -81.64 22.22
C THR D 264 58.20 -80.44 23.16
N VAL D 265 57.97 -80.70 24.45
CA VAL D 265 57.93 -79.63 25.44
C VAL D 265 59.32 -79.44 26.03
N PRO D 266 59.96 -78.30 25.77
CA PRO D 266 61.32 -78.07 26.29
C PRO D 266 61.33 -77.87 27.80
N PHE D 267 60.48 -76.96 28.27
CA PHE D 267 60.47 -76.50 29.65
C PHE D 267 59.17 -76.97 30.29
N GLY D 268 59.18 -78.19 30.84
CA GLY D 268 58.00 -78.74 31.47
C GLY D 268 57.74 -78.29 32.89
N GLN D 269 58.66 -77.52 33.47
CA GLN D 269 58.51 -77.03 34.83
C GLN D 269 57.88 -75.65 34.89
N LYS D 270 57.30 -75.18 33.78
CA LYS D 270 56.67 -73.89 33.63
C LYS D 270 55.18 -74.07 33.36
N PRO D 271 54.34 -73.10 33.71
CA PRO D 271 52.89 -73.33 33.63
C PRO D 271 52.43 -73.52 32.19
N ASN D 272 51.41 -74.34 32.02
CA ASN D 272 50.99 -74.77 30.70
C ASN D 272 50.13 -73.69 30.03
N ILE D 273 50.47 -73.38 28.78
CA ILE D 273 49.64 -72.50 27.97
C ILE D 273 48.28 -73.14 27.65
N ASP D 274 48.21 -74.46 27.66
CA ASP D 274 46.96 -75.18 27.44
C ASP D 274 45.98 -74.84 28.56
N VAL D 275 44.82 -74.30 28.20
CA VAL D 275 43.82 -73.87 29.16
C VAL D 275 42.60 -74.80 29.16
N THR D 276 42.76 -76.02 28.65
CA THR D 276 41.65 -76.97 28.65
C THR D 276 41.24 -77.32 30.08
N ASP D 277 42.22 -77.54 30.96
CA ASP D 277 41.91 -77.78 32.36
C ASP D 277 41.28 -76.55 33.02
N ALA D 278 41.75 -75.36 32.66
CA ALA D 278 41.14 -74.14 33.20
C ALA D 278 39.69 -74.00 32.77
N MET D 279 39.39 -74.31 31.50
CA MET D 279 38.00 -74.33 31.04
C MET D 279 37.18 -75.40 31.75
N VAL D 280 37.78 -76.56 32.02
CA VAL D 280 37.07 -77.62 32.76
C VAL D 280 36.75 -77.14 34.18
N ASP D 281 37.66 -76.36 34.78
CA ASP D 281 37.48 -75.96 36.17
C ASP D 281 36.17 -75.21 36.38
N GLN D 282 35.75 -74.39 35.42
CA GLN D 282 34.49 -73.67 35.50
C GLN D 282 33.35 -74.43 34.87
N ALA D 283 33.59 -75.65 34.38
CA ALA D 283 32.58 -76.52 33.80
C ALA D 283 31.85 -75.83 32.66
N TRP D 284 32.62 -75.22 31.76
CA TRP D 284 32.03 -74.55 30.61
C TRP D 284 31.46 -75.56 29.62
N ASP D 285 30.47 -75.12 28.88
CA ASP D 285 29.83 -75.91 27.83
C ASP D 285 30.16 -75.29 26.48
N ALA D 286 29.56 -75.85 25.43
CA ALA D 286 29.68 -75.25 24.10
C ALA D 286 29.04 -73.87 24.06
N GLN D 287 27.91 -73.71 24.75
CA GLN D 287 27.18 -72.45 24.70
C GLN D 287 28.02 -71.31 25.25
N ARG D 288 28.67 -71.51 26.39
CA ARG D 288 29.51 -70.46 26.95
C ARG D 288 30.73 -70.18 26.09
N ILE D 289 31.31 -71.22 25.48
CA ILE D 289 32.44 -71.02 24.57
C ILE D 289 32.03 -70.09 23.42
N PHE D 290 30.92 -70.40 22.77
CA PHE D 290 30.50 -69.60 21.63
C PHE D 290 30.04 -68.21 22.06
N LYS D 291 29.41 -68.08 23.23
CA LYS D 291 29.00 -66.75 23.68
C LYS D 291 30.21 -65.89 24.04
N GLU D 292 31.23 -66.47 24.66
CA GLU D 292 32.44 -65.71 24.96
C GLU D 292 33.19 -65.33 23.69
N ALA D 293 33.24 -66.23 22.70
CA ALA D 293 33.84 -65.87 21.42
C ALA D 293 33.05 -64.76 20.73
N GLU D 294 31.73 -64.81 20.82
CA GLU D 294 30.90 -63.73 20.28
C GLU D 294 31.18 -62.41 20.99
N LYS D 295 31.37 -62.46 22.31
CA LYS D 295 31.76 -61.25 23.04
C LYS D 295 33.11 -60.72 22.59
N PHE D 296 34.06 -61.61 22.32
CA PHE D 296 35.33 -61.19 21.75
C PHE D 296 35.14 -60.51 20.39
N PHE D 297 34.29 -61.10 19.54
CA PHE D 297 34.03 -60.52 18.23
C PHE D 297 33.38 -59.15 18.35
N VAL D 298 32.51 -58.97 19.36
CA VAL D 298 31.97 -57.64 19.64
C VAL D 298 33.10 -56.70 20.07
N SER D 299 34.01 -57.18 20.91
CA SER D 299 35.11 -56.35 21.38
C SER D 299 36.02 -55.91 20.24
N VAL D 300 36.10 -56.70 19.16
CA VAL D 300 36.90 -56.32 18.01
C VAL D 300 36.09 -55.59 16.95
N GLY D 301 34.85 -55.21 17.25
CA GLY D 301 34.04 -54.45 16.32
C GLY D 301 33.19 -55.27 15.38
N LEU D 302 32.95 -56.54 15.68
CA LEU D 302 32.11 -57.29 14.75
C LEU D 302 30.75 -57.59 15.39
N PRO D 303 29.68 -57.57 14.60
CA PRO D 303 28.34 -57.64 15.18
C PRO D 303 28.03 -59.00 15.77
N ASN D 304 26.94 -59.04 16.55
CA ASN D 304 26.47 -60.26 17.16
C ASN D 304 25.89 -61.21 16.11
N MET D 305 25.66 -62.45 16.53
CA MET D 305 24.99 -63.42 15.69
C MET D 305 23.49 -63.18 15.71
N THR D 306 22.83 -63.56 14.62
CA THR D 306 21.40 -63.30 14.45
C THR D 306 20.60 -64.34 15.23
N GLN D 307 19.27 -64.20 15.20
CA GLN D 307 18.39 -65.15 15.88
C GLN D 307 18.48 -66.54 15.27
N GLY D 308 18.53 -66.63 13.94
CA GLY D 308 18.60 -67.93 13.28
C GLY D 308 19.86 -68.70 13.61
N PHE D 309 20.95 -67.99 13.92
CA PHE D 309 22.20 -68.66 14.26
C PHE D 309 22.04 -69.54 15.51
N TRP D 310 21.38 -69.01 16.54
CA TRP D 310 21.14 -69.76 17.76
C TRP D 310 19.83 -70.54 17.73
N GLU D 311 19.00 -70.31 16.71
CA GLU D 311 17.71 -70.99 16.60
C GLU D 311 17.76 -72.19 15.66
N ASN D 312 18.80 -72.33 14.84
CA ASN D 312 18.80 -73.35 13.80
C ASN D 312 20.04 -74.23 13.86
N SER D 313 21.19 -73.64 14.19
CA SER D 313 22.45 -74.36 14.15
C SER D 313 22.57 -75.35 15.30
N MET D 314 23.30 -76.43 15.06
CA MET D 314 23.59 -77.43 16.08
C MET D 314 24.95 -77.15 16.70
N LEU D 315 24.98 -77.10 18.03
CA LEU D 315 26.19 -76.72 18.75
C LEU D 315 26.78 -77.85 19.59
N THR D 316 26.07 -78.96 19.76
CA THR D 316 26.51 -80.06 20.61
C THR D 316 26.55 -81.35 19.80
N ASP D 317 27.22 -82.35 20.38
CA ASP D 317 27.30 -83.68 19.77
C ASP D 317 26.12 -84.50 20.25
N PRO D 318 25.18 -84.87 19.39
CA PRO D 318 23.95 -85.54 19.85
C PRO D 318 24.21 -86.89 20.51
N GLY D 319 24.83 -87.81 19.78
CA GLY D 319 25.06 -89.14 20.30
C GLY D 319 23.84 -90.03 20.27
N ASN D 320 22.65 -89.42 20.29
CA ASN D 320 21.39 -90.15 20.34
C ASN D 320 21.00 -90.66 18.95
N VAL D 321 19.74 -91.07 18.79
CA VAL D 321 19.27 -91.63 17.53
C VAL D 321 19.52 -90.67 16.38
N GLN D 322 19.27 -89.39 16.61
CA GLN D 322 19.57 -88.37 15.60
C GLN D 322 21.07 -88.08 15.64
N LYS D 323 21.83 -89.03 15.11
CA LYS D 323 23.28 -88.93 15.02
C LYS D 323 23.67 -88.24 13.72
N ALA D 324 24.79 -87.52 13.75
CA ALA D 324 25.12 -86.63 12.65
C ALA D 324 26.63 -86.41 12.60
N VAL D 325 27.08 -85.84 11.48
CA VAL D 325 28.48 -85.47 11.33
C VAL D 325 28.80 -84.28 12.23
N CYS D 326 30.07 -84.17 12.63
CA CYS D 326 30.48 -83.16 13.59
C CYS D 326 31.77 -82.46 13.17
N HIS D 327 31.94 -82.23 11.87
CA HIS D 327 33.10 -81.49 11.39
C HIS D 327 32.78 -80.00 11.35
N PRO D 328 33.61 -79.15 11.98
CA PRO D 328 33.30 -77.71 12.02
C PRO D 328 33.29 -77.09 10.64
N THR D 329 32.12 -76.66 10.16
CA THR D 329 32.00 -76.09 8.84
C THR D 329 31.10 -74.87 8.86
N ALA D 330 31.50 -73.83 8.14
CA ALA D 330 30.67 -72.66 7.92
C ALA D 330 29.79 -72.90 6.70
N TRP D 331 28.50 -72.61 6.84
CA TRP D 331 27.51 -72.91 5.82
C TRP D 331 26.83 -71.62 5.38
N ASP D 332 27.05 -71.26 4.11
CA ASP D 332 26.39 -70.12 3.48
C ASP D 332 25.08 -70.58 2.86
N LEU D 333 23.99 -69.91 3.18
CA LEU D 333 22.68 -70.26 2.65
C LEU D 333 21.93 -69.08 2.04
N GLY D 334 22.23 -67.86 2.47
CA GLY D 334 21.40 -66.73 2.12
C GLY D 334 20.19 -66.64 3.04
N LYS D 335 19.34 -65.65 2.74
CA LYS D 335 18.09 -65.44 3.46
C LYS D 335 18.31 -65.23 4.95
N GLY D 336 19.45 -64.62 5.30
CA GLY D 336 19.79 -64.43 6.70
C GLY D 336 20.03 -65.71 7.47
N ASP D 337 20.64 -66.70 6.83
CA ASP D 337 20.84 -68.01 7.43
C ASP D 337 22.27 -68.48 7.13
N PHE D 338 23.21 -68.13 8.00
CA PHE D 338 24.59 -68.60 7.90
C PHE D 338 24.90 -69.39 9.17
N ARG D 339 25.27 -70.66 8.99
CA ARG D 339 25.27 -71.62 10.09
C ARG D 339 26.67 -72.15 10.36
N ILE D 340 26.84 -72.72 11.55
CA ILE D 340 28.06 -73.39 11.96
C ILE D 340 27.73 -74.82 12.33
N LEU D 341 28.40 -75.78 11.70
CA LEU D 341 28.36 -77.16 12.11
C LEU D 341 29.53 -77.38 13.07
N MET D 342 29.22 -77.66 14.33
CA MET D 342 30.25 -77.77 15.36
C MET D 342 29.70 -78.58 16.52
N CYS D 343 30.27 -79.76 16.73
CA CYS D 343 30.04 -80.53 17.95
C CYS D 343 31.19 -80.24 18.90
N THR D 344 30.98 -79.31 19.82
CA THR D 344 32.05 -78.75 20.63
C THR D 344 32.29 -79.59 21.88
N LYS D 345 33.55 -79.81 22.20
CA LYS D 345 33.95 -80.38 23.48
C LYS D 345 34.61 -79.30 24.33
N VAL D 346 34.93 -79.66 25.57
CA VAL D 346 35.53 -78.71 26.51
C VAL D 346 37.03 -78.74 26.22
N THR D 347 37.44 -77.89 25.28
CA THR D 347 38.82 -77.89 24.80
C THR D 347 39.21 -76.47 24.38
N MET D 348 40.48 -76.14 24.60
CA MET D 348 41.01 -74.89 24.08
C MET D 348 41.10 -74.92 22.56
N ASP D 349 41.44 -76.08 22.00
CA ASP D 349 41.41 -76.24 20.55
C ASP D 349 40.00 -76.04 20.01
N ASP D 350 39.00 -76.57 20.71
CA ASP D 350 37.62 -76.32 20.32
C ASP D 350 37.25 -74.85 20.49
N PHE D 351 37.81 -74.17 21.49
CA PHE D 351 37.58 -72.75 21.67
C PHE D 351 38.10 -71.96 20.47
N LEU D 352 39.33 -72.24 20.06
CA LEU D 352 39.92 -71.54 18.92
C LEU D 352 39.22 -71.91 17.62
N THR D 353 38.80 -73.16 17.45
CA THR D 353 38.09 -73.55 16.25
C THR D 353 36.68 -72.95 16.21
N ALA D 354 36.07 -72.73 17.37
CA ALA D 354 34.82 -71.99 17.43
C ALA D 354 35.04 -70.54 17.00
N HIS D 355 36.11 -69.92 17.50
CA HIS D 355 36.50 -68.60 17.00
C HIS D 355 36.65 -68.62 15.48
N HIS D 356 37.28 -69.67 14.97
CA HIS D 356 37.51 -69.85 13.53
C HIS D 356 36.20 -69.87 12.76
N GLU D 357 35.25 -70.71 13.21
CA GLU D 357 34.00 -70.88 12.47
C GLU D 357 33.10 -69.66 12.58
N MET D 358 33.01 -69.04 13.76
CA MET D 358 32.25 -67.80 13.85
C MET D 358 32.94 -66.65 13.12
N GLY D 359 34.25 -66.68 12.94
CA GLY D 359 34.89 -65.73 12.05
C GLY D 359 34.49 -65.94 10.61
N HIS D 360 34.41 -67.21 10.19
CA HIS D 360 33.89 -67.50 8.86
C HIS D 360 32.47 -66.98 8.68
N ILE D 361 31.61 -67.19 9.70
CA ILE D 361 30.24 -66.73 9.61
C ILE D 361 30.16 -65.20 9.64
N GLN D 362 31.05 -64.54 10.38
CA GLN D 362 31.11 -63.08 10.35
C GLN D 362 31.50 -62.58 8.96
N TYR D 363 32.47 -63.27 8.33
CA TYR D 363 32.83 -62.95 6.95
C TYR D 363 31.64 -63.11 6.01
N ASP D 364 30.89 -64.20 6.18
CA ASP D 364 29.72 -64.45 5.35
C ASP D 364 28.66 -63.37 5.56
N MET D 365 28.38 -63.00 6.81
CA MET D 365 27.45 -61.91 7.09
C MET D 365 27.90 -60.60 6.48
N ALA D 366 29.21 -60.32 6.53
CA ALA D 366 29.72 -59.10 5.93
C ALA D 366 29.49 -59.07 4.44
N TYR D 367 29.78 -60.18 3.74
CA TYR D 367 29.61 -60.16 2.29
C TYR D 367 28.23 -60.62 1.82
N ALA D 368 27.28 -60.83 2.73
CA ALA D 368 25.93 -61.23 2.33
C ALA D 368 25.25 -60.20 1.43
N ALA D 369 25.67 -58.94 1.44
CA ALA D 369 25.10 -57.92 0.58
C ALA D 369 25.60 -58.03 -0.86
N GLN D 370 26.57 -58.90 -1.12
CA GLN D 370 27.08 -59.10 -2.47
C GLN D 370 26.06 -59.88 -3.30
N PRO D 371 26.18 -59.84 -4.63
CA PRO D 371 25.36 -60.73 -5.47
C PRO D 371 25.63 -62.19 -5.14
N PHE D 372 24.64 -63.03 -5.43
CA PHE D 372 24.57 -64.37 -4.85
C PHE D 372 25.80 -65.22 -5.15
N LEU D 373 26.26 -65.23 -6.40
CA LEU D 373 27.46 -65.97 -6.74
C LEU D 373 28.73 -65.19 -6.44
N LEU D 374 28.61 -63.92 -6.07
CA LEU D 374 29.72 -63.18 -5.46
C LEU D 374 29.66 -63.22 -3.95
N ARG D 375 28.68 -63.91 -3.37
CA ARG D 375 28.60 -64.11 -1.92
C ARG D 375 29.60 -65.20 -1.53
N ASN D 376 30.87 -64.87 -1.74
CA ASN D 376 31.98 -65.78 -1.52
C ASN D 376 33.24 -64.94 -1.39
N GLY D 377 34.34 -65.60 -1.04
CA GLY D 377 35.60 -64.90 -0.89
C GLY D 377 36.10 -64.35 -2.22
N ALA D 378 36.92 -63.29 -2.11
CA ALA D 378 37.63 -62.79 -3.28
C ALA D 378 38.51 -63.88 -3.88
N ASN D 379 39.09 -64.71 -3.02
CA ASN D 379 39.80 -65.91 -3.45
C ASN D 379 39.53 -66.99 -2.41
N GLU D 380 40.13 -68.17 -2.62
CA GLU D 380 39.93 -69.27 -1.69
C GLU D 380 40.64 -69.06 -0.36
N GLY D 381 41.69 -68.25 -0.33
CA GLY D 381 42.49 -68.09 0.87
C GLY D 381 41.95 -67.13 1.90
N PHE D 382 41.18 -66.12 1.45
CA PHE D 382 40.71 -65.10 2.39
C PHE D 382 39.76 -65.67 3.44
N HIS D 383 38.87 -66.58 3.04
CA HIS D 383 37.94 -67.19 3.99
C HIS D 383 38.69 -67.84 5.15
N GLU D 384 39.54 -68.81 4.84
CA GLU D 384 40.26 -69.55 5.88
C GLU D 384 41.20 -68.64 6.64
N ALA D 385 41.86 -67.71 5.96
CA ALA D 385 42.78 -66.79 6.64
C ALA D 385 42.06 -65.91 7.64
N VAL D 386 40.93 -65.33 7.24
CA VAL D 386 40.15 -64.51 8.16
C VAL D 386 39.67 -65.35 9.34
N GLY D 387 39.20 -66.56 9.06
CA GLY D 387 38.80 -67.45 10.15
C GLY D 387 39.91 -67.71 11.13
N GLU D 388 41.14 -67.89 10.63
CA GLU D 388 42.27 -68.13 11.51
C GLU D 388 42.80 -66.88 12.20
N ILE D 389 42.45 -65.68 11.70
CA ILE D 389 42.95 -64.45 12.31
C ILE D 389 42.55 -64.37 13.77
N MET D 390 41.26 -64.54 14.07
CA MET D 390 40.81 -64.43 15.45
C MET D 390 41.18 -65.65 16.28
N SER D 391 41.34 -66.81 15.65
CA SER D 391 41.85 -67.97 16.39
C SER D 391 43.28 -67.72 16.86
N LEU D 392 44.09 -67.09 16.02
CA LEU D 392 45.47 -66.79 16.40
C LEU D 392 45.53 -65.63 17.40
N SER D 393 44.73 -64.59 17.19
CA SER D 393 44.74 -63.45 18.08
C SER D 393 44.19 -63.80 19.45
N ALA D 394 43.21 -64.70 19.51
CA ALA D 394 42.65 -65.14 20.78
C ALA D 394 43.52 -66.16 21.49
N ALA D 395 44.53 -66.72 20.82
CA ALA D 395 45.41 -67.69 21.43
C ALA D 395 46.54 -67.05 22.23
N THR D 396 46.76 -65.75 22.09
CA THR D 396 47.82 -65.08 22.83
C THR D 396 47.47 -65.00 24.31
N PRO D 397 48.47 -64.98 25.20
CA PRO D 397 48.18 -64.82 26.63
C PRO D 397 47.45 -63.53 26.97
N LYS D 398 47.63 -62.47 26.16
CA LYS D 398 46.92 -61.23 26.40
C LYS D 398 45.41 -61.41 26.33
N HIS D 399 44.92 -62.36 25.52
CA HIS D 399 43.49 -62.63 25.44
C HIS D 399 43.02 -63.66 26.45
N LEU D 400 43.85 -64.64 26.78
CA LEU D 400 43.48 -65.58 27.84
C LEU D 400 43.37 -64.88 29.18
N LYS D 401 44.22 -63.88 29.42
CA LYS D 401 44.12 -63.08 30.64
C LYS D 401 42.80 -62.34 30.72
N SER D 402 42.25 -61.94 29.57
CA SER D 402 40.99 -61.19 29.54
C SER D 402 39.76 -62.08 29.41
N ILE D 403 39.94 -63.35 29.05
CA ILE D 403 38.80 -64.27 28.94
C ILE D 403 38.12 -64.44 30.29
N GLY D 404 38.90 -64.68 31.33
CA GLY D 404 38.39 -65.04 32.64
C GLY D 404 39.17 -66.15 33.32
N LEU D 405 39.73 -67.07 32.56
CA LEU D 405 40.66 -68.04 33.11
C LEU D 405 42.05 -67.41 33.25
N LEU D 406 42.98 -68.17 33.83
CA LEU D 406 44.37 -67.72 33.95
C LEU D 406 44.45 -66.39 34.70
N SER D 407 44.19 -66.44 36.02
CA SER D 407 44.02 -65.29 36.91
C SER D 407 44.94 -64.14 36.54
N PRO D 408 44.43 -62.88 36.58
CA PRO D 408 45.06 -61.79 35.82
C PRO D 408 46.43 -61.36 36.30
N ASP D 409 47.03 -62.10 37.24
CA ASP D 409 48.43 -61.89 37.61
C ASP D 409 49.26 -62.95 36.87
N PHE D 410 49.55 -62.67 35.61
CA PHE D 410 50.30 -63.58 34.75
C PHE D 410 51.64 -62.95 34.40
N GLN D 411 52.71 -63.72 34.58
CA GLN D 411 54.06 -63.21 34.38
C GLN D 411 54.39 -63.10 32.89
N GLU D 412 55.47 -62.38 32.59
CA GLU D 412 55.93 -62.19 31.22
C GLU D 412 57.41 -62.58 31.11
N ASP D 413 57.75 -63.73 31.68
CA ASP D 413 59.08 -64.28 31.46
C ASP D 413 59.18 -64.89 30.06
N ASN D 414 60.41 -64.99 29.57
CA ASN D 414 60.65 -65.50 28.23
C ASN D 414 60.30 -66.99 28.08
N GLU D 415 60.24 -67.73 29.19
CA GLU D 415 60.00 -69.17 29.12
C GLU D 415 58.64 -69.47 28.51
N THR D 416 57.59 -68.86 29.07
CA THR D 416 56.23 -69.15 28.62
C THR D 416 55.99 -68.65 27.20
N GLU D 417 56.51 -67.47 26.86
CA GLU D 417 56.33 -66.94 25.51
C GLU D 417 57.07 -67.80 24.50
N ILE D 418 58.26 -68.29 24.85
CA ILE D 418 58.97 -69.22 23.97
C ILE D 418 58.16 -70.49 23.79
N ASN D 419 57.59 -71.03 24.88
CA ASN D 419 56.80 -72.25 24.77
C ASN D 419 55.58 -72.05 23.87
N PHE D 420 54.89 -70.93 24.02
CA PHE D 420 53.72 -70.67 23.18
C PHE D 420 54.12 -70.47 21.73
N LEU D 421 55.20 -69.74 21.49
CA LEU D 421 55.69 -69.55 20.13
C LEU D 421 56.00 -70.88 19.47
N LEU D 422 56.68 -71.77 20.19
CA LEU D 422 57.05 -73.05 19.58
C LEU D 422 55.85 -73.97 19.42
N LYS D 423 54.91 -73.96 20.38
CA LYS D 423 53.75 -74.84 20.26
C LYS D 423 52.86 -74.41 19.10
N GLN D 424 52.79 -73.12 18.82
CA GLN D 424 52.11 -72.69 17.60
C GLN D 424 52.96 -72.96 16.37
N ALA D 425 54.28 -72.87 16.50
CA ALA D 425 55.17 -73.03 15.36
C ALA D 425 55.14 -74.44 14.82
N LEU D 426 55.00 -75.45 15.69
CA LEU D 426 54.82 -76.82 15.19
C LEU D 426 53.81 -76.86 14.04
N THR D 427 52.55 -76.49 14.32
CA THR D 427 51.53 -76.50 13.28
C THR D 427 51.86 -75.52 12.17
N ILE D 428 52.11 -74.25 12.54
CA ILE D 428 52.19 -73.18 11.55
C ILE D 428 53.30 -73.45 10.54
N VAL D 429 54.47 -73.87 11.01
CA VAL D 429 55.56 -74.19 10.11
C VAL D 429 55.31 -75.52 9.43
N GLY D 430 55.19 -76.61 10.21
CA GLY D 430 55.16 -77.94 9.63
C GLY D 430 54.05 -78.18 8.63
N THR D 431 52.99 -77.36 8.64
CA THR D 431 51.98 -77.49 7.59
C THR D 431 52.45 -76.91 6.27
N LEU D 432 53.50 -76.09 6.26
CA LEU D 432 53.91 -75.39 5.05
C LEU D 432 54.76 -76.27 4.12
N PRO D 433 55.78 -76.98 4.61
CA PRO D 433 56.48 -77.93 3.72
C PRO D 433 55.57 -79.03 3.22
N PHE D 434 54.66 -79.52 4.05
CA PHE D 434 53.66 -80.47 3.56
C PHE D 434 52.84 -79.87 2.42
N THR D 435 52.47 -78.58 2.51
CA THR D 435 51.68 -77.97 1.45
C THR D 435 52.51 -77.80 0.17
N TYR D 436 53.75 -77.34 0.30
CA TYR D 436 54.61 -77.22 -0.87
C TYR D 436 54.76 -78.58 -1.54
N MET D 437 55.10 -79.60 -0.74
CA MET D 437 55.23 -80.96 -1.23
C MET D 437 53.99 -81.42 -1.98
N LEU D 438 52.83 -81.38 -1.33
CA LEU D 438 51.64 -82.00 -1.91
C LEU D 438 51.15 -81.23 -3.13
N GLU D 439 51.11 -79.90 -3.04
CA GLU D 439 50.64 -79.10 -4.16
C GLU D 439 51.58 -79.23 -5.36
N LYS D 440 52.89 -79.21 -5.11
CA LYS D 440 53.83 -79.41 -6.20
C LYS D 440 53.74 -80.82 -6.78
N TRP D 441 53.52 -81.83 -5.93
CA TRP D 441 53.38 -83.19 -6.44
C TRP D 441 52.17 -83.33 -7.34
N ARG D 442 51.03 -82.80 -6.92
CA ARG D 442 49.85 -82.91 -7.77
C ARG D 442 49.99 -82.06 -9.03
N TRP D 443 50.66 -80.90 -8.93
CA TRP D 443 50.93 -80.11 -10.13
C TRP D 443 51.78 -80.89 -11.13
N MET D 444 52.83 -81.56 -10.65
CA MET D 444 53.66 -82.37 -11.55
C MET D 444 52.88 -83.55 -12.10
N VAL D 445 52.09 -84.22 -11.26
CA VAL D 445 51.36 -85.40 -11.71
C VAL D 445 50.35 -85.03 -12.79
N PHE D 446 49.59 -83.96 -12.60
CA PHE D 446 48.65 -83.52 -13.61
C PHE D 446 49.37 -82.97 -14.83
N LYS D 447 50.51 -82.32 -14.62
CA LYS D 447 51.25 -81.69 -15.72
C LYS D 447 51.99 -82.72 -16.56
N GLY D 448 52.60 -83.71 -15.92
CA GLY D 448 53.31 -84.76 -16.62
C GLY D 448 54.78 -84.90 -16.30
N GLU D 449 55.28 -84.18 -15.28
CA GLU D 449 56.68 -84.32 -14.88
C GLU D 449 56.96 -85.68 -14.24
N ILE D 450 55.98 -86.27 -13.59
CA ILE D 450 56.11 -87.57 -12.94
C ILE D 450 55.35 -88.59 -13.78
N PRO D 451 56.00 -89.67 -14.24
CA PRO D 451 55.27 -90.72 -14.96
C PRO D 451 54.23 -91.37 -14.06
N LYS D 452 53.23 -91.98 -14.71
CA LYS D 452 52.07 -92.51 -13.98
C LYS D 452 52.42 -93.69 -13.09
N ASP D 453 53.61 -94.27 -13.22
CA ASP D 453 54.05 -95.34 -12.33
C ASP D 453 55.30 -94.98 -11.53
N GLN D 454 55.48 -93.69 -11.21
CA GLN D 454 56.49 -93.25 -10.25
C GLN D 454 55.90 -92.27 -9.23
N TRP D 455 54.60 -92.36 -8.97
CA TRP D 455 53.94 -91.35 -8.14
C TRP D 455 54.41 -91.43 -6.69
N MET D 456 54.38 -92.62 -6.09
CA MET D 456 54.74 -92.76 -4.68
C MET D 456 56.24 -92.59 -4.45
N LYS D 457 57.08 -93.11 -5.35
CA LYS D 457 58.52 -92.98 -5.16
C LYS D 457 58.92 -91.51 -5.07
N LYS D 458 58.47 -90.71 -6.03
CA LYS D 458 58.73 -89.27 -6.00
C LYS D 458 58.06 -88.60 -4.81
N TRP D 459 56.82 -88.98 -4.52
CA TRP D 459 56.08 -88.40 -3.39
C TRP D 459 56.87 -88.52 -2.09
N TRP D 460 57.30 -89.74 -1.77
CA TRP D 460 58.06 -89.99 -0.55
C TRP D 460 59.50 -89.48 -0.63
N GLU D 461 60.15 -89.54 -1.80
CA GLU D 461 61.51 -89.05 -1.89
C GLU D 461 61.56 -87.56 -1.61
N MET D 462 60.55 -86.81 -2.05
CA MET D 462 60.57 -85.39 -1.76
C MET D 462 59.93 -85.07 -0.41
N LYS D 463 59.04 -85.94 0.10
CA LYS D 463 58.68 -85.89 1.51
C LYS D 463 59.92 -85.94 2.38
N ARG D 464 60.90 -86.75 1.95
CA ARG D 464 62.23 -86.70 2.52
C ARG D 464 62.91 -85.37 2.20
N GLU D 465 62.80 -84.93 0.94
CA GLU D 465 63.54 -83.76 0.48
C GLU D 465 62.93 -82.45 0.97
N ILE D 466 61.61 -82.32 0.91
CA ILE D 466 60.94 -81.09 1.29
C ILE D 466 60.48 -81.11 2.74
N VAL D 467 59.66 -82.10 3.10
CA VAL D 467 59.11 -82.16 4.45
C VAL D 467 60.07 -82.84 5.43
N GLY D 468 61.08 -83.55 4.94
CA GLY D 468 62.01 -84.26 5.79
C GLY D 468 61.37 -85.41 6.54
N VAL D 469 60.56 -86.20 5.85
CA VAL D 469 59.83 -87.32 6.45
C VAL D 469 60.07 -88.57 5.62
N VAL D 470 60.34 -89.68 6.30
CA VAL D 470 60.60 -90.97 5.66
C VAL D 470 59.49 -91.93 6.02
N GLU D 471 59.02 -92.68 5.03
CA GLU D 471 58.10 -93.76 5.32
C GLU D 471 58.84 -94.90 6.04
N PRO D 472 58.22 -95.53 7.03
CA PRO D 472 58.92 -96.60 7.77
C PRO D 472 59.09 -97.87 6.97
N VAL D 473 58.20 -98.17 6.04
CA VAL D 473 58.29 -99.37 5.21
C VAL D 473 58.10 -98.96 3.75
N PRO D 474 58.73 -99.66 2.80
CA PRO D 474 58.62 -99.25 1.41
C PRO D 474 57.21 -99.45 0.87
N HIS D 475 56.85 -98.64 -0.11
CA HIS D 475 55.56 -98.71 -0.78
C HIS D 475 55.78 -99.06 -2.24
N ASP D 476 54.99 -100.02 -2.73
CA ASP D 476 55.00 -100.36 -4.15
C ASP D 476 54.08 -99.39 -4.89
N GLU D 477 53.81 -99.67 -6.16
CA GLU D 477 52.90 -98.85 -6.96
C GLU D 477 51.45 -99.09 -6.60
N THR D 478 51.18 -100.08 -5.74
CA THR D 478 49.84 -100.36 -5.28
C THR D 478 49.42 -99.47 -4.11
N TYR D 479 50.37 -98.80 -3.44
CA TYR D 479 50.01 -97.87 -2.38
C TYR D 479 49.73 -96.50 -2.95
N CYS D 480 48.88 -95.77 -2.24
CA CYS D 480 48.64 -94.35 -2.54
C CYS D 480 48.38 -93.63 -1.22
N ASP D 481 49.36 -92.92 -0.77
CA ASP D 481 49.34 -92.12 0.44
C ASP D 481 48.75 -90.73 0.23
N PRO D 482 48.98 -90.08 -0.93
CA PRO D 482 48.25 -88.84 -1.22
C PRO D 482 46.76 -89.01 -1.34
N ALA D 483 46.29 -89.83 -2.29
CA ALA D 483 44.85 -89.95 -2.48
C ALA D 483 44.20 -90.68 -1.30
N SER D 484 44.98 -91.27 -0.41
CA SER D 484 44.42 -91.75 0.84
C SER D 484 44.17 -90.63 1.82
N LEU D 485 44.35 -89.38 1.42
CA LEU D 485 44.17 -88.23 2.28
C LEU D 485 42.84 -87.56 1.96
N PHE D 486 42.36 -86.77 2.93
CA PHE D 486 41.01 -86.24 2.86
C PHE D 486 40.81 -85.34 1.64
N HIS D 487 41.68 -84.35 1.46
CA HIS D 487 41.49 -83.37 0.40
C HIS D 487 41.75 -83.93 -0.99
N VAL D 488 42.77 -84.77 -1.15
CA VAL D 488 43.06 -85.34 -2.46
C VAL D 488 41.92 -86.23 -2.93
N SER D 489 41.28 -86.95 -2.01
CA SER D 489 40.20 -87.86 -2.36
C SER D 489 38.82 -87.24 -2.32
N ASN D 490 38.72 -85.93 -2.04
CA ASN D 490 37.42 -85.30 -1.89
C ASN D 490 37.34 -83.94 -2.60
N ASP D 491 38.10 -83.78 -3.69
CA ASP D 491 38.00 -82.63 -4.57
C ASP D 491 38.25 -81.32 -3.83
N TYR D 492 39.48 -81.15 -3.35
CA TYR D 492 39.89 -79.91 -2.72
C TYR D 492 41.37 -79.66 -2.96
N SER D 493 41.70 -78.42 -3.32
CA SER D 493 43.09 -78.01 -3.41
C SER D 493 43.63 -77.70 -2.02
N PHE D 494 44.95 -77.72 -1.90
CA PHE D 494 45.56 -77.69 -0.57
C PHE D 494 46.54 -76.53 -0.43
N ILE D 495 46.79 -75.77 -1.50
CA ILE D 495 47.56 -74.52 -1.44
C ILE D 495 46.81 -73.39 -0.74
N ARG D 496 45.48 -73.50 -0.65
CA ARG D 496 44.73 -72.47 0.05
C ARG D 496 45.14 -72.38 1.51
N TYR D 497 45.63 -73.48 2.09
CA TYR D 497 46.14 -73.43 3.45
C TYR D 497 47.47 -72.69 3.52
N TYR D 498 48.29 -72.80 2.48
CA TYR D 498 49.52 -72.00 2.41
C TYR D 498 49.18 -70.51 2.34
N THR D 499 48.22 -70.15 1.49
CA THR D 499 47.78 -68.77 1.43
C THR D 499 47.16 -68.32 2.76
N ARG D 500 46.44 -69.22 3.44
CA ARG D 500 45.92 -68.94 4.77
C ARG D 500 47.06 -68.59 5.73
N THR D 501 48.12 -69.40 5.72
CA THR D 501 49.23 -69.17 6.63
C THR D 501 49.91 -67.83 6.36
N LEU D 502 50.13 -67.49 5.09
CA LEU D 502 50.76 -66.21 4.78
C LEU D 502 49.85 -65.03 5.14
N TYR D 503 48.59 -65.06 4.68
CA TYR D 503 47.66 -64.00 4.99
C TYR D 503 47.37 -63.88 6.48
N GLN D 504 47.54 -64.95 7.24
CA GLN D 504 47.30 -64.89 8.67
C GLN D 504 48.23 -63.90 9.35
N PHE D 505 49.53 -64.03 9.11
CA PHE D 505 50.48 -63.09 9.69
C PHE D 505 50.47 -61.74 8.98
N GLN D 506 50.17 -61.71 7.68
CA GLN D 506 50.00 -60.41 7.01
C GLN D 506 48.90 -59.61 7.68
N PHE D 507 47.72 -60.20 7.86
CA PHE D 507 46.61 -59.51 8.49
C PHE D 507 46.83 -59.31 9.99
N GLN D 508 47.61 -60.18 10.64
CA GLN D 508 47.97 -59.94 12.03
C GLN D 508 48.76 -58.64 12.16
N GLU D 509 49.78 -58.47 11.31
CA GLU D 509 50.51 -57.21 11.31
C GLU D 509 49.60 -56.04 10.96
N ALA D 510 48.72 -56.23 9.98
CA ALA D 510 47.83 -55.14 9.58
C ALA D 510 46.92 -54.70 10.73
N LEU D 511 46.32 -55.66 11.44
CA LEU D 511 45.40 -55.34 12.52
C LEU D 511 46.11 -54.87 13.78
N CYS D 512 47.36 -55.25 13.98
CA CYS D 512 48.15 -54.72 15.09
C CYS D 512 48.75 -53.36 14.78
N GLN D 513 48.81 -52.97 13.50
CA GLN D 513 49.31 -51.65 13.14
C GLN D 513 48.44 -50.53 13.71
N ALA D 514 47.11 -50.66 13.59
CA ALA D 514 46.19 -49.61 13.98
C ALA D 514 45.68 -49.76 15.41
N ALA D 515 45.92 -50.90 16.05
CA ALA D 515 45.48 -51.13 17.41
C ALA D 515 46.48 -50.61 18.45
N LYS D 516 47.53 -49.93 18.00
CA LYS D 516 48.57 -49.38 18.87
C LYS D 516 49.23 -50.49 19.70
N HIS D 517 49.61 -51.55 19.00
CA HIS D 517 50.36 -52.63 19.64
C HIS D 517 51.80 -52.18 19.90
N GLU D 518 52.33 -52.58 21.05
CA GLU D 518 53.63 -52.10 21.52
C GLU D 518 54.75 -53.10 21.34
N GLY D 519 54.58 -54.32 21.84
CA GLY D 519 55.61 -55.33 21.76
C GLY D 519 55.66 -55.99 20.40
N PRO D 520 56.33 -57.13 20.31
CA PRO D 520 56.37 -57.87 19.05
C PRO D 520 55.01 -58.46 18.68
N LEU D 521 54.92 -59.09 17.52
CA LEU D 521 53.64 -59.57 16.98
C LEU D 521 53.07 -60.73 17.78
N HIS D 522 53.86 -61.38 18.63
CA HIS D 522 53.40 -62.61 19.26
C HIS D 522 52.42 -62.34 20.41
N LYS D 523 52.61 -61.26 21.15
CA LYS D 523 51.74 -60.91 22.27
C LYS D 523 50.52 -60.11 21.84
N CYS D 524 50.39 -59.81 20.55
CA CYS D 524 49.38 -58.88 20.07
C CYS D 524 47.98 -59.50 20.22
N ASP D 525 47.05 -58.73 20.76
CA ASP D 525 45.65 -59.09 20.82
C ASP D 525 44.82 -58.03 20.11
N ILE D 526 43.97 -58.45 19.18
CA ILE D 526 43.17 -57.53 18.39
C ILE D 526 41.89 -57.21 19.13
N SER D 527 41.77 -57.69 20.37
CA SER D 527 40.57 -57.47 21.16
C SER D 527 40.51 -56.03 21.66
N ASN D 528 39.29 -55.57 21.92
CA ASN D 528 38.97 -54.29 22.54
C ASN D 528 39.36 -53.09 21.68
N SER D 529 39.71 -53.29 20.41
CA SER D 529 40.06 -52.22 19.50
C SER D 529 39.28 -52.40 18.21
N THR D 530 38.35 -51.49 17.96
CA THR D 530 37.47 -51.56 16.79
C THR D 530 38.13 -51.02 15.52
N GLU D 531 39.25 -50.29 15.65
CA GLU D 531 39.94 -49.82 14.45
C GLU D 531 40.47 -50.98 13.61
N ALA D 532 41.09 -51.97 14.26
CA ALA D 532 41.48 -53.17 13.53
C ALA D 532 40.26 -53.89 12.97
N GLY D 533 39.14 -53.83 13.69
CA GLY D 533 37.92 -54.43 13.18
C GLY D 533 37.42 -53.78 11.91
N GLN D 534 37.39 -52.45 11.86
CA GLN D 534 36.97 -51.77 10.64
C GLN D 534 37.98 -51.96 9.52
N LYS D 535 39.27 -51.99 9.86
CA LYS D 535 40.29 -52.23 8.85
C LYS D 535 40.15 -53.62 8.24
N LEU D 536 39.79 -54.62 9.05
CA LEU D 536 39.45 -55.94 8.54
C LEU D 536 38.15 -55.93 7.75
N PHE D 537 37.16 -55.15 8.19
CA PHE D 537 35.85 -55.14 7.57
C PHE D 537 35.87 -54.48 6.20
N ASN D 538 36.82 -53.57 5.97
CA ASN D 538 37.05 -53.00 4.64
C ASN D 538 37.54 -54.02 3.63
N MET D 539 37.73 -55.27 4.07
CA MET D 539 37.99 -56.41 3.20
C MET D 539 37.01 -57.54 3.44
N LEU D 540 36.36 -57.58 4.61
CA LEU D 540 35.52 -58.68 5.02
C LEU D 540 34.24 -58.78 4.19
N ARG D 541 33.93 -57.74 3.40
CA ARG D 541 32.67 -57.69 2.66
C ARG D 541 32.83 -57.47 1.17
N LEU D 542 34.04 -57.26 0.67
CA LEU D 542 34.22 -57.04 -0.77
C LEU D 542 33.83 -58.27 -1.58
N GLY D 543 34.26 -59.46 -1.14
CA GLY D 543 33.96 -60.65 -1.90
C GLY D 543 34.69 -60.63 -3.24
N LYS D 544 34.10 -61.31 -4.22
CA LYS D 544 34.67 -61.39 -5.56
C LYS D 544 34.25 -60.22 -6.44
N SER D 545 33.81 -59.11 -5.85
CA SER D 545 33.56 -57.90 -6.63
C SER D 545 34.86 -57.20 -6.99
N GLU D 546 35.87 -57.31 -6.14
CA GLU D 546 37.19 -56.75 -6.36
C GLU D 546 38.27 -57.81 -6.15
N PRO D 547 39.39 -57.72 -6.88
CA PRO D 547 40.42 -58.76 -6.78
C PRO D 547 41.08 -58.81 -5.42
N TRP D 548 41.72 -59.94 -5.11
CA TRP D 548 42.44 -60.10 -3.86
C TRP D 548 43.60 -59.13 -3.72
N THR D 549 44.18 -58.68 -4.83
CA THR D 549 45.28 -57.73 -4.76
C THR D 549 44.82 -56.38 -4.20
N LEU D 550 43.66 -55.90 -4.64
CA LEU D 550 43.14 -54.62 -4.15
C LEU D 550 42.84 -54.69 -2.66
N ALA D 551 42.19 -55.77 -2.22
CA ALA D 551 41.90 -55.94 -0.80
C ALA D 551 43.17 -56.08 0.02
N LEU D 552 44.16 -56.81 -0.50
CA LEU D 552 45.42 -56.96 0.21
C LEU D 552 46.16 -55.63 0.30
N GLU D 553 46.05 -54.78 -0.72
CA GLU D 553 46.57 -53.42 -0.61
C GLU D 553 45.85 -52.64 0.48
N ASN D 554 44.52 -52.72 0.49
CA ASN D 554 43.75 -51.98 1.49
C ASN D 554 44.02 -52.47 2.91
N VAL D 555 44.48 -53.72 3.06
CA VAL D 555 44.72 -54.27 4.39
C VAL D 555 46.16 -54.03 4.83
N VAL D 556 47.14 -54.49 4.04
CA VAL D 556 48.53 -54.38 4.43
C VAL D 556 49.35 -53.45 3.53
N GLY D 557 48.84 -53.09 2.35
CA GLY D 557 49.56 -52.19 1.47
C GLY D 557 50.59 -52.83 0.57
N ALA D 558 50.41 -54.11 0.23
CA ALA D 558 51.32 -54.82 -0.65
C ALA D 558 50.54 -55.38 -1.83
N LYS D 559 51.24 -56.07 -2.73
CA LYS D 559 50.62 -56.66 -3.91
C LYS D 559 50.86 -58.16 -4.04
N ASN D 560 51.89 -58.71 -3.42
CA ASN D 560 52.22 -60.13 -3.54
C ASN D 560 52.31 -60.74 -2.15
N MET D 561 52.01 -62.04 -2.08
CA MET D 561 52.06 -62.75 -0.81
C MET D 561 53.46 -62.71 -0.23
N ASN D 562 53.55 -62.42 1.07
CA ASN D 562 54.80 -62.31 1.78
C ASN D 562 54.74 -63.14 3.06
N VAL D 563 55.81 -63.87 3.35
CA VAL D 563 55.92 -64.66 4.57
C VAL D 563 56.81 -63.98 5.60
N ARG D 564 57.44 -62.86 5.24
CA ARG D 564 58.27 -62.10 6.16
C ARG D 564 57.53 -61.72 7.45
N PRO D 565 56.21 -61.46 7.42
CA PRO D 565 55.49 -61.38 8.70
C PRO D 565 55.63 -62.62 9.56
N LEU D 566 55.55 -63.82 8.96
CA LEU D 566 55.78 -65.05 9.71
C LEU D 566 57.22 -65.15 10.20
N LEU D 567 58.19 -64.77 9.36
CA LEU D 567 59.59 -64.83 9.76
C LEU D 567 59.87 -63.90 10.93
N ASN D 568 59.32 -62.69 10.92
CA ASN D 568 59.48 -61.78 12.04
C ASN D 568 58.69 -62.23 13.26
N TYR D 569 57.58 -62.93 13.07
CA TYR D 569 56.86 -63.53 14.18
C TYR D 569 57.71 -64.58 14.88
N PHE D 570 58.42 -65.40 14.11
CA PHE D 570 59.20 -66.50 14.65
C PHE D 570 60.67 -66.18 14.86
N GLU D 571 61.10 -64.95 14.58
CA GLU D 571 62.51 -64.58 14.68
C GLU D 571 63.10 -64.77 16.07
N PRO D 572 62.47 -64.30 17.16
CA PRO D 572 62.97 -64.68 18.49
C PRO D 572 62.96 -66.18 18.69
N LEU D 573 61.92 -66.85 18.21
CA LEU D 573 61.87 -68.31 18.26
C LEU D 573 62.92 -68.91 17.34
N PHE D 574 63.21 -68.26 16.21
CA PHE D 574 64.28 -68.74 15.33
C PHE D 574 65.62 -68.71 16.04
N THR D 575 65.91 -67.63 16.77
CA THR D 575 67.14 -67.55 17.53
C THR D 575 67.17 -68.59 18.64
N TRP D 576 66.01 -68.82 19.29
CA TRP D 576 65.95 -69.87 20.32
C TRP D 576 66.23 -71.24 19.73
N LEU D 577 65.67 -71.53 18.54
CA LEU D 577 65.96 -72.77 17.84
C LEU D 577 67.44 -72.91 17.52
N LYS D 578 68.06 -71.84 17.03
CA LYS D 578 69.49 -71.88 16.74
C LYS D 578 70.31 -72.14 18.00
N ASP D 579 69.94 -71.49 19.11
CA ASP D 579 70.66 -71.68 20.37
C ASP D 579 70.52 -73.09 20.92
N GLN D 580 69.31 -73.66 20.87
CA GLN D 580 69.07 -74.93 21.55
C GLN D 580 69.72 -76.11 20.86
N ASN D 581 69.67 -76.16 19.52
CA ASN D 581 70.14 -77.33 18.77
C ASN D 581 71.59 -77.21 18.34
N LYS D 582 72.43 -76.51 19.10
CA LYS D 582 73.85 -76.46 18.78
C LYS D 582 74.55 -77.79 19.02
N ASN D 583 73.93 -78.69 19.79
CA ASN D 583 74.48 -80.02 20.05
C ASN D 583 73.85 -81.09 19.17
N SER D 584 73.04 -80.70 18.18
CA SER D 584 72.43 -81.63 17.25
C SER D 584 72.75 -81.19 15.84
N PHE D 585 72.18 -81.91 14.86
CA PHE D 585 72.43 -81.63 13.45
C PHE D 585 71.24 -80.87 12.87
N VAL D 586 71.55 -79.83 12.09
CA VAL D 586 70.54 -79.03 11.42
C VAL D 586 70.48 -79.52 9.98
N GLY D 587 69.31 -80.02 9.58
CA GLY D 587 69.11 -80.58 8.26
C GLY D 587 68.72 -82.04 8.37
N TRP D 588 68.30 -82.61 7.25
CA TRP D 588 67.81 -83.98 7.24
C TRP D 588 68.39 -84.70 6.02
N SER D 589 68.70 -85.97 6.22
CA SER D 589 69.24 -86.83 5.17
C SER D 589 68.11 -87.63 4.55
N THR D 590 67.91 -87.47 3.25
CA THR D 590 66.87 -88.18 2.53
C THR D 590 67.18 -89.64 2.30
N ASP D 591 68.44 -90.05 2.48
CA ASP D 591 68.84 -91.43 2.24
C ASP D 591 68.57 -92.36 3.41
N TRP D 592 68.36 -91.82 4.61
CA TRP D 592 68.00 -92.64 5.76
C TRP D 592 66.54 -93.04 5.69
N SER D 593 66.23 -94.20 6.25
CA SER D 593 64.86 -94.69 6.34
C SER D 593 64.82 -95.81 7.37
N PRO D 594 63.70 -95.97 8.10
CA PRO D 594 63.58 -97.09 9.03
C PRO D 594 63.69 -98.45 8.37
N TYR D 595 63.31 -98.57 7.10
CA TYR D 595 63.45 -99.81 6.36
C TYR D 595 64.75 -99.89 5.58
N ALA D 596 65.55 -98.82 5.56
CA ALA D 596 66.82 -98.81 4.85
C ALA D 596 68.00 -99.25 5.71
N ASP D 597 67.79 -99.49 7.00
CA ASP D 597 68.86 -99.92 7.88
C ASP D 597 68.53 -101.26 8.53
N SER E 1 53.71 -13.55 -11.60
CA SER E 1 53.38 -14.96 -11.45
C SER E 1 54.20 -15.81 -12.41
N THR E 2 54.12 -15.50 -13.69
CA THR E 2 54.85 -16.25 -14.70
C THR E 2 56.27 -15.70 -14.85
N ILE E 3 57.01 -16.27 -15.79
CA ILE E 3 58.38 -15.84 -16.05
C ILE E 3 58.43 -14.40 -16.53
N GLU E 4 57.57 -14.01 -17.48
CA GLU E 4 57.61 -12.65 -18.00
C GLU E 4 57.06 -11.65 -16.99
N GLU E 5 56.09 -12.04 -16.15
CA GLU E 5 55.59 -11.13 -15.14
C GLU E 5 56.65 -10.77 -14.12
N GLN E 6 57.39 -11.77 -13.62
CA GLN E 6 58.46 -11.46 -12.69
C GLN E 6 59.64 -10.78 -13.37
N ALA E 7 59.88 -11.07 -14.66
CA ALA E 7 60.88 -10.31 -15.40
C ALA E 7 60.49 -8.83 -15.48
N LYS E 8 59.22 -8.55 -15.78
CA LYS E 8 58.75 -7.17 -15.81
C LYS E 8 58.85 -6.53 -14.43
N THR E 9 58.54 -7.28 -13.39
CA THR E 9 58.67 -6.78 -12.03
C THR E 9 60.10 -6.36 -11.73
N PHE E 10 61.07 -7.23 -12.02
CA PHE E 10 62.47 -6.90 -11.79
C PHE E 10 62.93 -5.74 -12.64
N LEU E 11 62.52 -5.70 -13.91
CA LEU E 11 62.93 -4.60 -14.78
C LEU E 11 62.31 -3.27 -14.39
N ASP E 12 61.08 -3.28 -13.86
CA ASP E 12 60.48 -2.03 -13.41
C ASP E 12 61.08 -1.56 -12.09
N LYS E 13 61.42 -2.48 -11.18
CA LYS E 13 62.20 -2.07 -10.01
C LYS E 13 63.56 -1.53 -10.43
N PHE E 14 64.17 -2.15 -11.45
CA PHE E 14 65.41 -1.64 -12.00
C PHE E 14 65.23 -0.24 -12.56
N ASN E 15 64.13 0.02 -13.27
CA ASN E 15 63.85 1.38 -13.74
C ASN E 15 63.77 2.35 -12.57
N HIS E 16 62.93 2.02 -11.58
CA HIS E 16 62.62 2.94 -10.49
C HIS E 16 63.78 3.12 -9.50
N GLU E 17 64.76 2.24 -9.51
CA GLU E 17 65.96 2.42 -8.69
C GLU E 17 67.14 2.98 -9.48
N ALA E 18 67.42 2.41 -10.65
CA ALA E 18 68.43 2.94 -11.55
C ALA E 18 68.17 4.39 -11.92
N GLU E 19 66.90 4.82 -11.96
CA GLU E 19 66.61 6.23 -12.16
C GLU E 19 67.38 7.08 -11.17
N ASP E 20 67.13 6.85 -9.87
CA ASP E 20 67.81 7.62 -8.84
C ASP E 20 69.31 7.36 -8.83
N LEU E 21 69.74 6.11 -9.05
CA LEU E 21 71.16 5.81 -8.96
C LEU E 21 71.96 6.49 -10.08
N PHE E 22 71.53 6.33 -11.33
CA PHE E 22 72.20 7.00 -12.43
C PHE E 22 72.00 8.51 -12.38
N TYR E 23 70.89 8.98 -11.79
CA TYR E 23 70.74 10.42 -11.60
C TYR E 23 71.75 10.96 -10.60
N GLN E 24 72.02 10.21 -9.53
CA GLN E 24 73.08 10.60 -8.60
C GLN E 24 74.44 10.55 -9.27
N SER E 25 74.69 9.52 -10.07
CA SER E 25 75.95 9.41 -10.79
C SER E 25 76.15 10.60 -11.73
N SER E 26 75.12 10.94 -12.49
CA SER E 26 75.19 12.08 -13.40
C SER E 26 75.17 13.42 -12.68
N LEU E 27 74.61 13.49 -11.47
CA LEU E 27 74.75 14.69 -10.65
C LEU E 27 76.19 14.90 -10.22
N ALA E 28 76.85 13.84 -9.77
CA ALA E 28 78.27 13.94 -9.45
C ALA E 28 79.08 14.30 -10.68
N SER E 29 78.75 13.68 -11.82
CA SER E 29 79.41 14.03 -13.07
C SER E 29 79.22 15.51 -13.40
N TRP E 30 77.98 16.01 -13.28
CA TRP E 30 77.69 17.40 -13.61
C TRP E 30 78.37 18.36 -12.65
N ASN E 31 78.47 17.99 -11.37
CA ASN E 31 79.22 18.82 -10.43
C ASN E 31 80.69 18.87 -10.81
N TYR E 32 81.25 17.76 -11.28
CA TYR E 32 82.62 17.78 -11.79
C TYR E 32 82.72 18.61 -13.06
N ASN E 33 81.70 18.55 -13.92
CA ASN E 33 81.74 19.25 -15.19
C ASN E 33 81.55 20.75 -15.07
N THR E 34 80.79 21.22 -14.08
CA THR E 34 80.63 22.65 -13.83
C THR E 34 81.60 23.17 -12.76
N ASN E 35 82.38 22.29 -12.16
CA ASN E 35 83.37 22.68 -11.16
C ASN E 35 84.43 21.60 -11.11
N ILE E 36 85.62 21.89 -11.64
CA ILE E 36 86.71 20.93 -11.65
C ILE E 36 87.48 21.11 -10.34
N THR E 37 87.26 20.19 -9.40
CA THR E 37 87.93 20.20 -8.12
C THR E 37 87.97 18.77 -7.59
N GLU E 38 88.98 18.48 -6.78
CA GLU E 38 89.17 17.12 -6.27
C GLU E 38 87.96 16.61 -5.50
N GLU E 39 87.24 17.48 -4.78
CA GLU E 39 85.99 17.06 -4.16
C GLU E 39 84.96 16.64 -5.19
N ASN E 40 84.88 17.36 -6.32
CA ASN E 40 83.93 17.00 -7.36
C ASN E 40 84.27 15.66 -8.01
N VAL E 41 85.53 15.40 -8.31
CA VAL E 41 85.90 14.11 -8.89
C VAL E 41 85.78 12.99 -7.87
N GLN E 42 85.98 13.27 -6.59
CA GLN E 42 85.70 12.27 -5.55
C GLN E 42 84.22 11.97 -5.42
N ASN E 43 83.36 12.97 -5.68
CA ASN E 43 81.94 12.67 -5.80
C ASN E 43 81.64 11.85 -7.05
N MET E 44 82.39 12.11 -8.13
CA MET E 44 82.12 11.48 -9.42
C MET E 44 82.31 9.97 -9.38
N ASN E 45 83.36 9.46 -8.72
CA ASN E 45 83.63 8.03 -8.72
C ASN E 45 82.89 7.27 -7.62
N ASN E 46 82.15 7.97 -6.76
CA ASN E 46 81.33 7.27 -5.76
C ASN E 46 80.07 6.71 -6.40
N ALA E 47 79.21 7.59 -6.92
CA ALA E 47 77.96 7.16 -7.52
C ALA E 47 78.17 6.51 -8.87
N GLY E 48 79.21 6.88 -9.62
CA GLY E 48 79.51 6.19 -10.87
C GLY E 48 79.91 4.73 -10.65
N ASP E 49 80.79 4.49 -9.67
CA ASP E 49 81.10 3.12 -9.30
C ASP E 49 79.91 2.41 -8.70
N LYS E 50 79.07 3.12 -7.93
CA LYS E 50 77.85 2.53 -7.40
C LYS E 50 76.89 2.11 -8.51
N TRP E 51 76.86 2.85 -9.61
CA TRP E 51 76.07 2.56 -10.80
C TRP E 51 76.63 1.38 -11.59
N SER E 52 77.93 1.34 -11.81
CA SER E 52 78.53 0.19 -12.48
C SER E 52 78.36 -1.08 -11.66
N ALA E 53 78.61 -1.00 -10.35
CA ALA E 53 78.42 -2.16 -9.49
C ALA E 53 76.95 -2.54 -9.37
N PHE E 54 76.05 -1.54 -9.40
CA PHE E 54 74.63 -1.85 -9.44
C PHE E 54 74.27 -2.64 -10.69
N LEU E 55 74.80 -2.21 -11.84
CA LEU E 55 74.55 -2.94 -13.09
C LEU E 55 75.07 -4.37 -13.00
N LYS E 56 76.29 -4.55 -12.49
CA LYS E 56 76.85 -5.90 -12.39
C LYS E 56 76.06 -6.77 -11.42
N GLU E 57 75.71 -6.21 -10.26
CA GLU E 57 75.04 -6.98 -9.22
C GLU E 57 73.61 -7.33 -9.60
N GLN E 58 72.92 -6.46 -10.33
CA GLN E 58 71.60 -6.78 -10.83
C GLN E 58 71.65 -7.58 -12.13
N SER E 59 72.80 -7.62 -12.81
CA SER E 59 72.98 -8.56 -13.91
C SER E 59 73.15 -9.97 -13.38
N THR E 60 73.80 -10.12 -12.22
CA THR E 60 73.87 -11.41 -11.57
C THR E 60 72.49 -11.97 -11.23
N LEU E 61 71.49 -11.10 -11.09
CA LEU E 61 70.10 -11.53 -10.89
C LEU E 61 69.33 -11.64 -12.20
N ALA E 62 69.58 -10.76 -13.16
CA ALA E 62 68.92 -10.84 -14.45
C ALA E 62 69.38 -12.05 -15.26
N GLN E 63 70.65 -12.44 -15.12
CA GLN E 63 71.13 -13.66 -15.77
C GLN E 63 70.42 -14.90 -15.26
N MET E 64 69.91 -14.87 -14.02
CA MET E 64 69.11 -16.00 -13.54
C MET E 64 67.84 -16.17 -14.35
N TYR E 65 67.20 -15.07 -14.74
CA TYR E 65 66.12 -15.15 -15.72
C TYR E 65 66.69 -15.60 -17.05
N PRO E 66 66.23 -16.72 -17.61
CA PRO E 66 66.70 -17.11 -18.95
C PRO E 66 66.28 -16.08 -19.99
N LEU E 67 67.11 -15.92 -21.02
CA LEU E 67 66.82 -14.91 -22.03
C LEU E 67 65.91 -15.44 -23.13
N GLN E 68 66.05 -16.72 -23.48
CA GLN E 68 65.27 -17.31 -24.57
C GLN E 68 63.95 -17.90 -24.05
N GLU E 69 63.18 -17.04 -23.37
CA GLU E 69 61.83 -17.39 -22.95
C GLU E 69 60.79 -16.32 -23.24
N ILE E 70 61.20 -15.07 -23.46
CA ILE E 70 60.26 -13.98 -23.68
C ILE E 70 59.99 -13.87 -25.18
N GLN E 71 58.70 -13.98 -25.55
CA GLN E 71 58.33 -13.82 -26.95
C GLN E 71 58.33 -12.36 -27.38
N ASN E 72 58.08 -11.45 -26.46
CA ASN E 72 58.05 -10.03 -26.77
C ASN E 72 59.46 -9.51 -27.07
N LEU E 73 59.51 -8.35 -27.71
CA LEU E 73 60.77 -7.68 -28.03
C LEU E 73 61.05 -6.46 -27.17
N THR E 74 60.03 -5.88 -26.54
CA THR E 74 60.22 -4.68 -25.74
C THR E 74 61.02 -4.98 -24.47
N VAL E 75 60.62 -6.02 -23.75
CA VAL E 75 61.33 -6.38 -22.52
C VAL E 75 62.49 -7.32 -22.77
N LYS E 76 62.50 -8.04 -23.89
CA LYS E 76 63.64 -8.89 -24.21
C LYS E 76 64.90 -8.07 -24.43
N LEU E 77 64.78 -6.90 -25.07
CA LEU E 77 65.92 -6.01 -25.22
C LEU E 77 66.37 -5.45 -23.87
N GLN E 78 65.44 -5.19 -22.96
CA GLN E 78 65.82 -4.77 -21.61
C GLN E 78 66.61 -5.86 -20.90
N LEU E 79 66.15 -7.11 -20.99
CA LEU E 79 66.88 -8.22 -20.40
C LEU E 79 68.24 -8.38 -21.06
N GLN E 80 68.33 -8.18 -22.37
CA GLN E 80 69.62 -8.23 -23.05
C GLN E 80 70.56 -7.16 -22.52
N ALA E 81 70.05 -5.93 -22.36
CA ALA E 81 70.87 -4.84 -21.85
C ALA E 81 71.35 -5.08 -20.44
N LEU E 82 70.50 -5.59 -19.56
CA LEU E 82 70.92 -5.88 -18.19
C LEU E 82 71.83 -7.11 -18.10
N GLN E 83 71.63 -8.10 -18.96
CA GLN E 83 72.46 -9.30 -18.93
C GLN E 83 73.85 -9.08 -19.54
N GLN E 84 74.04 -8.00 -20.30
CA GLN E 84 75.37 -7.67 -20.79
C GLN E 84 76.24 -7.18 -19.63
N ASN E 85 77.23 -7.98 -19.26
CA ASN E 85 78.04 -7.67 -18.08
C ASN E 85 78.84 -6.38 -18.23
N GLY E 86 79.08 -5.94 -19.47
CA GLY E 86 79.85 -4.73 -19.69
C GLY E 86 81.33 -5.01 -19.85
N SER E 87 82.14 -4.49 -18.94
CA SER E 87 83.60 -4.67 -18.97
C SER E 87 84.12 -5.26 -17.66
N SER E 88 83.29 -5.96 -16.90
CA SER E 88 83.67 -6.50 -15.61
C SER E 88 83.73 -8.03 -15.61
N VAL E 89 83.55 -8.68 -16.76
CA VAL E 89 83.59 -10.13 -16.82
C VAL E 89 84.89 -10.61 -17.47
N LEU E 90 85.89 -10.88 -16.64
CA LEU E 90 87.19 -11.38 -17.07
C LEU E 90 87.84 -12.07 -15.87
N SER E 91 89.12 -12.39 -16.00
CA SER E 91 89.89 -12.78 -14.83
C SER E 91 90.08 -11.56 -13.93
N GLU E 92 90.25 -11.84 -12.62
CA GLU E 92 90.30 -10.76 -11.64
C GLU E 92 91.46 -9.81 -11.89
N ASP E 93 92.63 -10.34 -12.23
CA ASP E 93 93.78 -9.48 -12.48
C ASP E 93 93.64 -8.70 -13.78
N LYS E 94 93.25 -9.37 -14.87
CA LYS E 94 93.30 -8.76 -16.19
C LYS E 94 92.21 -7.72 -16.40
N SER E 95 91.01 -7.92 -15.83
CA SER E 95 89.96 -6.93 -15.96
C SER E 95 90.37 -5.59 -15.35
N LYS E 96 90.85 -5.63 -14.10
CA LYS E 96 91.31 -4.40 -13.46
C LYS E 96 92.58 -3.87 -14.12
N ARG E 97 93.41 -4.74 -14.69
CA ARG E 97 94.59 -4.27 -15.40
C ARG E 97 94.21 -3.48 -16.64
N LEU E 98 93.25 -4.00 -17.43
CA LEU E 98 92.78 -3.25 -18.60
C LEU E 98 92.10 -1.95 -18.17
N ASN E 99 91.32 -1.99 -17.09
CA ASN E 99 90.68 -0.78 -16.61
C ASN E 99 91.69 0.28 -16.19
N THR E 100 92.74 -0.11 -15.45
CA THR E 100 93.71 0.87 -15.01
C THR E 100 94.60 1.35 -16.15
N ILE E 101 94.82 0.50 -17.17
CA ILE E 101 95.55 0.96 -18.35
C ILE E 101 94.72 1.97 -19.13
N LEU E 102 93.41 1.74 -19.25
CA LEU E 102 92.54 2.71 -19.90
C LEU E 102 92.50 4.01 -19.11
N ASN E 103 92.46 3.92 -17.77
CA ASN E 103 92.48 5.12 -16.94
C ASN E 103 93.81 5.87 -17.11
N THR E 104 94.92 5.14 -17.19
CA THR E 104 96.21 5.75 -17.43
C THR E 104 96.24 6.46 -18.77
N MET E 105 95.66 5.85 -19.80
CA MET E 105 95.51 6.54 -21.09
C MET E 105 94.74 7.84 -20.92
N SER E 106 93.55 7.76 -20.30
CA SER E 106 92.70 8.93 -20.18
C SER E 106 93.38 10.04 -19.40
N THR E 107 94.28 9.68 -18.48
CA THR E 107 95.03 10.69 -17.75
C THR E 107 96.14 11.28 -18.62
N ILE E 108 97.06 10.42 -19.10
CA ILE E 108 98.28 10.90 -19.72
C ILE E 108 98.01 11.60 -21.06
N TYR E 109 97.09 11.09 -21.89
CA TYR E 109 96.82 11.75 -23.15
C TYR E 109 96.17 13.12 -22.95
N SER E 110 95.27 13.23 -21.97
CA SER E 110 94.56 14.48 -21.74
C SER E 110 95.41 15.53 -21.04
N THR E 111 96.31 15.13 -20.13
CA THR E 111 97.13 16.09 -19.41
C THR E 111 98.53 16.23 -20.00
N GLY E 112 98.83 15.56 -21.10
CA GLY E 112 100.16 15.66 -21.69
C GLY E 112 100.41 17.01 -22.32
N LYS E 113 101.68 17.32 -22.52
CA LYS E 113 102.08 18.61 -23.07
C LYS E 113 103.39 18.44 -23.84
N VAL E 114 103.69 19.45 -24.65
CA VAL E 114 104.91 19.48 -25.47
C VAL E 114 105.69 20.72 -25.11
N CYS E 115 107.01 20.65 -25.31
CA CYS E 115 107.92 21.69 -24.86
C CYS E 115 108.83 22.14 -25.99
N ASN E 116 109.24 23.41 -25.92
CA ASN E 116 110.11 24.00 -26.92
C ASN E 116 111.48 23.31 -26.90
N PRO E 117 112.00 22.88 -28.04
CA PRO E 117 113.33 22.22 -28.03
C PRO E 117 114.44 23.07 -27.45
N ASP E 118 114.45 24.36 -27.72
CA ASP E 118 115.52 25.23 -27.22
C ASP E 118 115.17 25.93 -25.91
N ASN E 119 114.01 25.63 -25.33
CA ASN E 119 113.57 26.27 -24.10
C ASN E 119 112.66 25.31 -23.34
N PRO E 120 113.18 24.59 -22.35
CA PRO E 120 112.33 23.67 -21.58
C PRO E 120 111.46 24.40 -20.56
N GLN E 121 110.89 25.53 -20.95
CA GLN E 121 109.94 26.27 -20.12
C GLN E 121 108.66 26.50 -20.89
N GLU E 122 108.78 26.70 -22.21
CA GLU E 122 107.61 26.85 -23.08
C GLU E 122 106.96 25.50 -23.32
N CYS E 123 106.03 25.11 -22.44
CA CYS E 123 105.33 23.84 -22.56
C CYS E 123 103.83 24.08 -22.53
N LEU E 124 103.13 23.48 -23.48
CA LEU E 124 101.68 23.66 -23.61
C LEU E 124 101.02 22.34 -23.98
N LEU E 125 99.76 22.21 -23.60
CA LEU E 125 98.99 20.99 -23.82
C LEU E 125 98.36 21.01 -25.22
N LEU E 126 97.49 20.04 -25.49
CA LEU E 126 96.91 19.89 -26.83
C LEU E 126 95.86 20.97 -27.10
N GLU E 127 94.81 21.02 -26.29
CA GLU E 127 93.70 21.95 -26.49
C GLU E 127 93.65 22.92 -25.33
N PRO E 128 93.81 24.23 -25.56
CA PRO E 128 94.13 24.91 -26.83
C PRO E 128 95.64 24.98 -27.08
N GLY E 129 96.06 25.91 -27.93
CA GLY E 129 97.48 26.12 -28.19
C GLY E 129 98.01 25.42 -29.43
N LEU E 130 97.80 24.11 -29.53
CA LEU E 130 98.31 23.33 -30.66
C LEU E 130 97.30 23.27 -31.80
N ASN E 131 96.01 23.13 -31.49
CA ASN E 131 95.00 23.05 -32.52
C ASN E 131 94.72 24.40 -33.19
N GLU E 132 94.94 25.50 -32.48
CA GLU E 132 94.67 26.81 -33.07
C GLU E 132 95.76 27.21 -34.06
N ILE E 133 97.03 26.87 -33.78
CA ILE E 133 98.09 27.19 -34.72
C ILE E 133 98.02 26.31 -35.95
N MET E 134 97.90 24.99 -35.78
CA MET E 134 97.80 24.09 -36.92
C MET E 134 96.47 24.21 -37.67
N ALA E 135 95.62 25.17 -37.31
CA ALA E 135 94.45 25.51 -38.10
C ALA E 135 94.58 26.81 -38.86
N ASN E 136 95.50 27.70 -38.46
CA ASN E 136 95.63 29.01 -39.09
C ASN E 136 97.06 29.43 -39.38
N SER E 137 98.07 28.79 -38.79
CA SER E 137 99.44 29.21 -39.00
C SER E 137 99.90 28.86 -40.42
N LEU E 138 100.67 29.76 -41.02
CA LEU E 138 101.25 29.54 -42.33
C LEU E 138 102.69 29.04 -42.26
N ASP E 139 103.21 28.81 -41.07
CA ASP E 139 104.58 28.36 -40.89
C ASP E 139 104.65 26.83 -40.98
N TYR E 140 105.49 26.32 -41.89
CA TYR E 140 105.67 24.89 -42.00
C TYR E 140 106.34 24.32 -40.76
N ASN E 141 107.40 24.97 -40.28
CA ASN E 141 108.16 24.44 -39.15
C ASN E 141 107.34 24.40 -37.87
N GLU E 142 106.55 25.44 -37.59
CA GLU E 142 105.76 25.47 -36.36
C GLU E 142 104.74 24.33 -36.34
N ARG E 143 103.96 24.20 -37.41
CA ARG E 143 102.95 23.14 -37.47
C ARG E 143 103.60 21.76 -37.45
N LEU E 144 104.71 21.59 -38.19
CA LEU E 144 105.38 20.30 -38.21
C LEU E 144 105.92 19.94 -36.82
N TRP E 145 106.52 20.91 -36.12
CA TRP E 145 107.03 20.64 -34.79
C TRP E 145 105.91 20.29 -33.81
N ALA E 146 104.81 21.04 -33.85
CA ALA E 146 103.70 20.71 -32.95
C ALA E 146 103.15 19.33 -33.25
N TRP E 147 102.99 19.01 -34.54
CA TRP E 147 102.45 17.72 -34.95
C TRP E 147 103.36 16.58 -34.51
N GLU E 148 104.67 16.75 -34.65
CA GLU E 148 105.62 15.74 -34.19
C GLU E 148 105.68 15.62 -32.69
N SER E 149 105.69 16.75 -31.97
CA SER E 149 105.87 16.71 -30.52
C SER E 149 104.65 16.15 -29.81
N TRP E 150 103.43 16.43 -30.29
CA TRP E 150 102.27 15.86 -29.61
C TRP E 150 102.26 14.35 -29.70
N ARG E 151 102.70 13.78 -30.83
CA ARG E 151 102.78 12.33 -30.96
C ARG E 151 104.06 11.76 -30.37
N SER E 152 105.05 12.60 -30.08
CA SER E 152 106.29 12.15 -29.47
C SER E 152 106.22 12.08 -27.96
N GLU E 153 105.65 13.09 -27.32
CA GLU E 153 105.67 13.17 -25.85
C GLU E 153 104.71 12.16 -25.24
N VAL E 154 103.50 12.02 -25.78
CA VAL E 154 102.51 11.13 -25.23
C VAL E 154 102.20 9.94 -26.12
N GLY E 155 102.45 10.04 -27.43
CA GLY E 155 102.27 8.88 -28.30
C GLY E 155 103.16 7.72 -27.93
N LYS E 156 104.43 8.01 -27.61
CA LYS E 156 105.30 6.99 -27.04
C LYS E 156 104.75 6.46 -25.73
N GLN E 157 104.30 7.33 -24.83
CA GLN E 157 103.74 6.90 -23.56
C GLN E 157 102.46 6.10 -23.74
N LEU E 158 101.81 6.20 -24.90
CA LEU E 158 100.60 5.46 -25.19
C LEU E 158 100.85 4.18 -25.98
N ARG E 159 102.02 4.05 -26.63
CA ARG E 159 102.24 2.89 -27.50
C ARG E 159 102.27 1.57 -26.73
N PRO E 160 103.09 1.39 -25.69
CA PRO E 160 103.02 0.11 -24.95
C PRO E 160 101.71 -0.09 -24.23
N LEU E 161 101.08 0.99 -23.76
CA LEU E 161 99.75 0.87 -23.19
C LEU E 161 98.75 0.40 -24.24
N TYR E 162 98.86 0.90 -25.47
CA TYR E 162 98.00 0.40 -26.55
C TYR E 162 98.33 -1.05 -26.89
N GLU E 163 99.61 -1.44 -26.78
CA GLU E 163 100.01 -2.82 -27.03
C GLU E 163 99.34 -3.77 -26.04
N GLU E 164 99.31 -3.39 -24.76
CA GLU E 164 98.58 -4.18 -23.78
C GLU E 164 97.07 -4.05 -23.96
N TYR E 165 96.61 -2.88 -24.41
CA TYR E 165 95.19 -2.60 -24.56
C TYR E 165 94.55 -3.50 -25.60
N VAL E 166 95.21 -3.66 -26.75
CA VAL E 166 94.62 -4.50 -27.79
C VAL E 166 94.46 -5.94 -27.31
N VAL E 167 95.48 -6.46 -26.63
CA VAL E 167 95.43 -7.84 -26.15
C VAL E 167 94.34 -8.01 -25.09
N LEU E 168 94.31 -7.11 -24.11
CA LEU E 168 93.33 -7.26 -23.03
C LEU E 168 91.90 -7.02 -23.51
N LYS E 169 91.70 -6.06 -24.40
CA LYS E 169 90.38 -5.80 -24.96
C LYS E 169 89.91 -6.96 -25.83
N ASN E 170 90.81 -7.54 -26.64
CA ASN E 170 90.45 -8.74 -27.40
C ASN E 170 90.14 -9.91 -26.49
N GLU E 171 90.87 -10.06 -25.38
CA GLU E 171 90.54 -11.10 -24.42
C GLU E 171 89.17 -10.88 -23.80
N MET E 172 88.83 -9.63 -23.48
CA MET E 172 87.49 -9.33 -22.96
C MET E 172 86.43 -9.65 -24.00
N ALA E 173 86.67 -9.31 -25.26
CA ALA E 173 85.72 -9.63 -26.33
C ALA E 173 85.55 -11.13 -26.49
N ARG E 174 86.65 -11.89 -26.41
CA ARG E 174 86.58 -13.34 -26.50
C ARG E 174 85.82 -13.91 -25.31
N ALA E 175 86.02 -13.35 -24.12
CA ALA E 175 85.26 -13.79 -22.95
C ALA E 175 83.78 -13.50 -23.08
N ASN E 176 83.39 -12.56 -23.93
CA ASN E 176 82.00 -12.25 -24.21
C ASN E 176 81.54 -12.81 -25.56
N HIS E 177 82.19 -13.89 -26.02
CA HIS E 177 81.87 -14.58 -27.28
C HIS E 177 81.68 -13.60 -28.44
N TYR E 178 82.67 -12.75 -28.64
CA TYR E 178 82.78 -11.90 -29.82
C TYR E 178 84.04 -12.27 -30.59
N GLU E 179 84.07 -11.89 -31.87
CA GLU E 179 85.27 -12.13 -32.68
C GLU E 179 86.43 -11.28 -32.18
N ASP E 180 86.24 -9.96 -32.17
CA ASP E 180 87.23 -9.04 -31.63
C ASP E 180 86.55 -7.81 -31.05
N TYR E 181 87.33 -6.83 -30.59
CA TYR E 181 86.75 -5.54 -30.23
C TYR E 181 86.16 -4.82 -31.43
N GLY E 182 86.68 -5.10 -32.63
CA GLY E 182 86.01 -4.66 -33.83
C GLY E 182 84.63 -5.27 -33.96
N ASP E 183 84.48 -6.54 -33.56
CA ASP E 183 83.17 -7.17 -33.50
C ASP E 183 82.32 -6.60 -32.38
N TYR E 184 82.93 -6.18 -31.27
CA TYR E 184 82.20 -5.45 -30.24
C TYR E 184 81.60 -4.16 -30.80
N TRP E 185 82.39 -3.40 -31.56
CA TRP E 185 81.85 -2.24 -32.24
C TRP E 185 80.76 -2.60 -33.24
N ARG E 186 80.98 -3.67 -34.02
CA ARG E 186 79.96 -4.16 -34.93
C ARG E 186 78.75 -4.71 -34.20
N GLY E 187 78.88 -5.03 -32.91
CA GLY E 187 77.79 -5.49 -32.09
C GLY E 187 76.95 -4.41 -31.46
N ASP E 188 77.25 -3.14 -31.74
CA ASP E 188 76.41 -2.06 -31.24
C ASP E 188 75.10 -1.95 -32.01
N TYR E 189 75.11 -2.27 -33.30
CA TYR E 189 73.92 -2.30 -34.12
C TYR E 189 73.29 -3.69 -34.18
N GLU E 190 73.53 -4.52 -33.17
CA GLU E 190 73.18 -5.94 -33.19
C GLU E 190 71.75 -6.12 -32.69
N VAL E 191 70.81 -6.15 -33.63
CA VAL E 191 69.44 -6.59 -33.36
C VAL E 191 69.33 -8.03 -33.82
N ASN E 192 68.42 -8.78 -33.22
CA ASN E 192 68.34 -10.22 -33.46
C ASN E 192 66.89 -10.69 -33.46
N GLY E 193 66.64 -11.81 -34.15
CA GLY E 193 65.40 -12.52 -34.01
C GLY E 193 64.17 -11.85 -34.56
N VAL E 194 64.33 -10.85 -35.43
CA VAL E 194 63.16 -10.15 -35.97
C VAL E 194 62.75 -10.68 -37.34
N ASP E 195 63.69 -11.24 -38.10
CA ASP E 195 63.42 -11.84 -39.41
C ASP E 195 62.85 -10.81 -40.39
N GLY E 196 63.68 -9.82 -40.72
CA GLY E 196 63.31 -8.80 -41.69
C GLY E 196 63.77 -7.42 -41.29
N TYR E 197 63.81 -7.16 -39.98
CA TYR E 197 64.38 -5.93 -39.43
C TYR E 197 65.72 -6.21 -38.78
N ASP E 198 66.37 -7.32 -39.15
CA ASP E 198 67.58 -7.80 -38.52
C ASP E 198 68.81 -7.17 -39.19
N TYR E 199 69.95 -7.24 -38.50
CA TYR E 199 71.20 -6.69 -39.01
C TYR E 199 72.35 -7.46 -38.38
N SER E 200 73.26 -7.95 -39.22
CA SER E 200 74.40 -8.72 -38.77
C SER E 200 75.55 -7.80 -38.38
N ARG E 201 76.69 -8.41 -38.04
CA ARG E 201 77.87 -7.67 -37.62
C ARG E 201 78.83 -7.40 -38.78
N GLY E 202 79.16 -8.43 -39.55
CA GLY E 202 79.98 -8.22 -40.74
C GLY E 202 79.30 -7.40 -41.81
N GLN E 203 77.96 -7.38 -41.81
CA GLN E 203 77.23 -6.50 -42.72
C GLN E 203 77.53 -5.03 -42.46
N LEU E 204 77.98 -4.68 -41.25
CA LEU E 204 78.44 -3.32 -41.01
C LEU E 204 79.65 -3.00 -41.88
N ILE E 205 80.64 -3.89 -41.91
CA ILE E 205 81.79 -3.71 -42.79
C ILE E 205 81.34 -3.70 -44.24
N GLU E 206 80.44 -4.61 -44.61
CA GLU E 206 79.93 -4.66 -45.97
C GLU E 206 79.34 -3.32 -46.39
N ASP E 207 78.42 -2.79 -45.58
CA ASP E 207 77.75 -1.53 -45.91
C ASP E 207 78.74 -0.38 -45.92
N VAL E 208 79.66 -0.33 -44.97
CA VAL E 208 80.61 0.78 -44.92
C VAL E 208 81.46 0.79 -46.18
N GLU E 209 82.00 -0.36 -46.57
CA GLU E 209 82.80 -0.43 -47.79
C GLU E 209 81.99 -0.09 -49.01
N HIS E 210 80.77 -0.63 -49.12
CA HIS E 210 79.95 -0.43 -50.31
C HIS E 210 79.48 1.01 -50.45
N THR E 211 79.22 1.71 -49.35
CA THR E 211 78.78 3.08 -49.38
C THR E 211 79.92 4.08 -49.34
N PHE E 212 81.15 3.62 -49.06
CA PHE E 212 82.33 4.46 -49.24
C PHE E 212 82.93 4.33 -50.63
N GLU E 213 82.61 3.25 -51.35
CA GLU E 213 83.00 3.16 -52.75
C GLU E 213 82.43 4.31 -53.57
N GLU E 214 81.24 4.81 -53.23
CA GLU E 214 80.68 5.98 -53.88
C GLU E 214 81.31 7.29 -53.40
N ILE E 215 81.74 7.34 -52.14
CA ILE E 215 82.45 8.52 -51.64
C ILE E 215 83.80 8.68 -52.32
N LYS E 216 84.46 7.57 -52.63
CA LYS E 216 85.85 7.64 -53.11
C LYS E 216 86.06 8.59 -54.29
N PRO E 217 85.22 8.62 -55.33
CA PRO E 217 85.45 9.61 -56.40
C PRO E 217 85.22 11.05 -55.96
N LEU E 218 84.14 11.30 -55.20
CA LEU E 218 83.89 12.65 -54.70
C LEU E 218 85.02 13.12 -53.78
N TYR E 219 85.45 12.25 -52.87
CA TYR E 219 86.58 12.60 -52.02
C TYR E 219 87.86 12.76 -52.81
N GLU E 220 88.03 12.00 -53.90
CA GLU E 220 89.21 12.15 -54.74
C GLU E 220 89.25 13.54 -55.37
N HIS E 221 88.11 13.99 -55.90
CA HIS E 221 88.06 15.32 -56.48
C HIS E 221 88.27 16.40 -55.43
N LEU E 222 87.66 16.24 -54.25
CA LEU E 222 87.85 17.23 -53.19
C LEU E 222 89.30 17.26 -52.72
N HIS E 223 89.94 16.09 -52.65
CA HIS E 223 91.35 16.02 -52.28
C HIS E 223 92.23 16.69 -53.33
N ALA E 224 91.91 16.51 -54.60
CA ALA E 224 92.65 17.21 -55.65
C ALA E 224 92.51 18.72 -55.50
N TYR E 225 91.29 19.20 -55.24
CA TYR E 225 91.10 20.65 -55.11
C TYR E 225 91.79 21.20 -53.87
N VAL E 226 91.74 20.49 -52.75
CA VAL E 226 92.42 20.97 -51.55
C VAL E 226 93.93 20.89 -51.69
N ARG E 227 94.46 19.93 -52.47
CA ARG E 227 95.89 19.94 -52.76
C ARG E 227 96.27 21.12 -53.62
N ALA E 228 95.42 21.47 -54.60
CA ALA E 228 95.68 22.67 -55.39
C ALA E 228 95.65 23.93 -54.52
N LYS E 229 94.69 24.02 -53.62
CA LYS E 229 94.63 25.19 -52.74
C LYS E 229 95.75 25.20 -51.71
N LEU E 230 96.30 24.03 -51.35
CA LEU E 230 97.48 23.99 -50.50
C LEU E 230 98.73 24.39 -51.25
N MET E 231 98.81 24.05 -52.55
CA MET E 231 99.76 24.70 -53.44
C MET E 231 99.64 26.21 -53.37
N ASN E 232 98.41 26.71 -53.44
CA ASN E 232 98.19 28.16 -53.38
C ASN E 232 98.65 28.74 -52.04
N ALA E 233 98.39 28.02 -50.95
CA ALA E 233 98.68 28.55 -49.62
C ALA E 233 100.07 28.18 -49.12
N TYR E 234 100.56 26.97 -49.43
CA TYR E 234 101.86 26.49 -48.97
C TYR E 234 102.65 26.03 -50.19
N PRO E 235 103.21 26.95 -50.95
CA PRO E 235 103.94 26.59 -52.18
C PRO E 235 105.24 25.88 -51.87
N SER E 236 105.68 25.09 -52.86
CA SER E 236 106.97 24.38 -52.83
C SER E 236 107.09 23.46 -51.63
N TYR E 237 105.99 22.81 -51.25
CA TYR E 237 105.98 21.87 -50.13
C TYR E 237 105.44 20.49 -50.47
N ILE E 238 104.50 20.40 -51.41
CA ILE E 238 103.78 19.15 -51.68
C ILE E 238 103.92 18.82 -53.15
N SER E 239 103.82 17.53 -53.47
CA SER E 239 103.82 17.12 -54.87
C SER E 239 102.47 17.41 -55.51
N PRO E 240 102.43 17.84 -56.77
CA PRO E 240 101.14 18.10 -57.42
C PRO E 240 100.26 16.86 -57.57
N ILE E 241 100.84 15.66 -57.53
CA ILE E 241 100.09 14.43 -57.70
C ILE E 241 100.10 13.56 -56.45
N GLY E 242 100.78 14.01 -55.39
CA GLY E 242 100.93 13.24 -54.19
C GLY E 242 99.79 13.46 -53.21
N CYS E 243 100.02 13.06 -51.97
CA CYS E 243 99.06 13.17 -50.89
C CYS E 243 99.32 14.46 -50.11
N LEU E 244 98.65 14.61 -48.97
CA LEU E 244 98.76 15.84 -48.21
C LEU E 244 99.54 15.63 -46.92
N PRO E 245 100.34 16.62 -46.50
CA PRO E 245 100.97 16.54 -45.18
C PRO E 245 99.92 16.53 -44.08
N ALA E 246 100.23 15.85 -42.97
CA ALA E 246 99.27 15.65 -41.91
C ALA E 246 99.06 16.88 -41.03
N HIS E 247 99.92 17.90 -41.13
CA HIS E 247 99.78 19.10 -40.32
C HIS E 247 99.26 20.30 -41.11
N LEU E 248 98.67 20.06 -42.29
CA LEU E 248 98.07 21.11 -43.07
C LEU E 248 96.56 20.92 -43.24
N LEU E 249 95.93 20.08 -42.43
CA LEU E 249 94.53 19.74 -42.58
C LEU E 249 93.64 20.41 -41.53
N GLY E 250 94.13 21.44 -40.85
CA GLY E 250 93.35 22.18 -39.88
C GLY E 250 93.36 21.61 -38.48
N ASP E 251 93.47 20.28 -38.33
CA ASP E 251 93.47 19.67 -37.01
C ASP E 251 94.68 18.76 -36.82
N MET E 252 94.72 18.05 -35.70
CA MET E 252 95.89 17.21 -35.41
C MET E 252 96.00 16.04 -36.37
N TRP E 253 94.91 15.32 -36.63
CA TRP E 253 94.97 14.06 -37.35
C TRP E 253 94.31 14.10 -38.71
N GLY E 254 93.86 15.27 -39.18
CA GLY E 254 93.16 15.36 -40.44
C GLY E 254 91.73 14.91 -40.40
N ARG E 255 91.12 14.87 -39.21
CA ARG E 255 89.73 14.45 -39.05
C ARG E 255 88.78 15.49 -39.63
N PHE E 256 88.78 16.69 -39.07
CA PHE E 256 87.91 17.78 -39.52
C PHE E 256 88.66 18.66 -40.51
N TRP E 257 88.00 18.98 -41.62
CA TRP E 257 88.61 19.77 -42.68
C TRP E 257 87.96 21.13 -42.86
N THR E 258 87.18 21.61 -41.88
CA THR E 258 86.55 22.91 -42.02
C THR E 258 87.56 24.05 -41.99
N ASN E 259 88.63 23.94 -41.20
CA ASN E 259 89.56 25.05 -41.00
C ASN E 259 90.32 25.42 -42.27
N LEU E 260 90.26 24.61 -43.31
CA LEU E 260 90.93 24.91 -44.57
C LEU E 260 90.23 26.02 -45.36
N TYR E 261 89.07 26.52 -44.89
CA TYR E 261 88.29 27.43 -45.71
C TYR E 261 89.05 28.71 -46.02
N SER E 262 89.80 29.22 -45.04
CA SER E 262 90.58 30.43 -45.25
C SER E 262 91.67 30.24 -46.32
N LEU E 263 92.10 29.01 -46.55
CA LEU E 263 93.08 28.71 -47.58
C LEU E 263 92.55 27.84 -48.71
N THR E 264 91.27 27.46 -48.67
CA THR E 264 90.60 26.74 -49.74
C THR E 264 89.32 27.44 -50.16
N VAL E 265 89.27 28.77 -50.04
CA VAL E 265 88.09 29.52 -50.43
C VAL E 265 88.04 29.62 -51.94
N PRO E 266 86.95 29.17 -52.58
CA PRO E 266 86.88 29.22 -54.05
C PRO E 266 86.89 30.65 -54.58
N PHE E 267 85.93 31.45 -54.14
CA PHE E 267 85.74 32.83 -54.61
C PHE E 267 85.69 33.73 -53.39
N GLY E 268 86.84 34.30 -53.02
CA GLY E 268 86.91 35.19 -51.88
C GLY E 268 86.36 36.57 -52.11
N GLN E 269 86.11 36.95 -53.37
CA GLN E 269 85.56 38.25 -53.71
C GLN E 269 84.04 38.31 -53.59
N LYS E 270 83.44 37.39 -52.85
CA LYS E 270 82.00 37.27 -52.69
C LYS E 270 81.65 37.31 -51.21
N PRO E 271 80.40 37.66 -50.86
CA PRO E 271 80.05 37.77 -49.45
C PRO E 271 80.26 36.47 -48.68
N ASN E 272 80.73 36.61 -47.44
CA ASN E 272 81.07 35.46 -46.63
C ASN E 272 79.82 34.73 -46.15
N ILE E 273 79.92 33.40 -46.07
CA ILE E 273 78.86 32.60 -45.48
C ILE E 273 78.98 32.52 -43.97
N ASP E 274 80.20 32.62 -43.43
CA ASP E 274 80.41 32.66 -41.99
C ASP E 274 79.81 33.94 -41.43
N VAL E 275 78.88 33.81 -40.48
CA VAL E 275 78.16 34.95 -39.94
C VAL E 275 78.64 35.31 -38.54
N THR E 276 79.85 34.91 -38.17
CA THR E 276 80.40 35.25 -36.86
C THR E 276 80.51 36.77 -36.70
N ASP E 277 80.96 37.45 -37.76
CA ASP E 277 81.03 38.90 -37.73
C ASP E 277 79.66 39.53 -37.55
N ALA E 278 78.64 38.98 -38.23
CA ALA E 278 77.28 39.48 -38.04
C ALA E 278 76.79 39.29 -36.62
N MET E 279 77.08 38.14 -36.01
CA MET E 279 76.73 37.91 -34.61
C MET E 279 77.45 38.86 -33.67
N VAL E 280 78.71 39.18 -33.96
CA VAL E 280 79.43 40.19 -33.17
C VAL E 280 78.79 41.56 -33.34
N ASP E 281 78.27 41.84 -34.55
CA ASP E 281 77.72 43.16 -34.84
C ASP E 281 76.55 43.52 -33.92
N GLN E 282 75.67 42.56 -33.64
CA GLN E 282 74.52 42.79 -32.79
C GLN E 282 74.82 42.58 -31.30
N ALA E 283 76.07 42.31 -30.96
CA ALA E 283 76.50 42.15 -29.57
C ALA E 283 75.68 41.08 -28.85
N TRP E 284 75.54 39.93 -29.50
CA TRP E 284 74.83 38.80 -28.91
C TRP E 284 75.68 38.16 -27.82
N ASP E 285 75.00 37.54 -26.87
CA ASP E 285 75.63 36.71 -25.85
C ASP E 285 75.23 35.26 -26.09
N ALA E 286 75.65 34.37 -25.20
CA ALA E 286 75.23 32.97 -25.29
C ALA E 286 73.73 32.82 -25.16
N GLN E 287 73.12 33.56 -24.23
CA GLN E 287 71.70 33.39 -23.93
C GLN E 287 70.84 33.68 -25.15
N ARG E 288 71.15 34.75 -25.88
CA ARG E 288 70.38 35.06 -27.09
C ARG E 288 70.54 33.98 -28.15
N ILE E 289 71.75 33.45 -28.32
CA ILE E 289 71.98 32.37 -29.29
C ILE E 289 71.13 31.16 -28.93
N PHE E 290 71.15 30.76 -27.66
CA PHE E 290 70.39 29.58 -27.24
C PHE E 290 68.89 29.81 -27.33
N LYS E 291 68.42 31.01 -26.98
CA LYS E 291 67.01 31.30 -27.11
C LYS E 291 66.56 31.30 -28.55
N GLU E 292 67.39 31.82 -29.47
CA GLU E 292 67.06 31.75 -30.89
C GLU E 292 67.06 30.31 -31.38
N ALA E 293 67.98 29.48 -30.88
CA ALA E 293 67.94 28.07 -31.23
C ALA E 293 66.65 27.41 -30.76
N GLU E 294 66.22 27.72 -29.53
CA GLU E 294 64.96 27.18 -29.03
C GLU E 294 63.77 27.69 -29.85
N LYS E 295 63.82 28.95 -30.28
CA LYS E 295 62.77 29.48 -31.13
C LYS E 295 62.72 28.76 -32.48
N PHE E 296 63.88 28.47 -33.06
CA PHE E 296 63.91 27.68 -34.30
C PHE E 296 63.36 26.27 -34.06
N PHE E 297 63.63 25.71 -32.88
CA PHE E 297 63.05 24.42 -32.51
C PHE E 297 61.53 24.51 -32.43
N VAL E 298 61.00 25.60 -31.88
CA VAL E 298 59.56 25.80 -31.85
C VAL E 298 59.01 25.92 -33.27
N SER E 299 59.75 26.60 -34.16
CA SER E 299 59.29 26.82 -35.53
C SER E 299 59.13 25.50 -36.28
N VAL E 300 60.08 24.56 -36.11
CA VAL E 300 59.97 23.26 -36.78
C VAL E 300 59.02 22.34 -36.06
N GLY E 301 58.48 22.74 -34.90
CA GLY E 301 57.55 21.91 -34.16
C GLY E 301 58.12 21.26 -32.92
N LEU E 302 59.33 21.60 -32.51
CA LEU E 302 59.75 20.94 -31.28
C LEU E 302 59.52 21.84 -30.07
N PRO E 303 59.17 21.25 -28.92
CA PRO E 303 58.68 22.07 -27.81
C PRO E 303 59.77 22.92 -27.18
N ASN E 304 59.34 23.82 -26.31
CA ASN E 304 60.24 24.67 -25.55
C ASN E 304 61.02 23.83 -24.53
N MET E 305 61.91 24.51 -23.80
CA MET E 305 62.76 23.81 -22.84
C MET E 305 62.27 24.08 -21.42
N THR E 306 62.54 23.12 -20.53
CA THR E 306 61.98 23.12 -19.19
C THR E 306 62.72 24.10 -18.29
N GLN E 307 62.21 24.26 -17.06
CA GLN E 307 62.83 25.15 -16.10
C GLN E 307 64.20 24.65 -15.67
N GLY E 308 64.38 23.33 -15.57
CA GLY E 308 65.64 22.79 -15.08
C GLY E 308 66.82 23.13 -15.96
N PHE E 309 66.63 23.16 -17.28
CA PHE E 309 67.73 23.46 -18.18
C PHE E 309 68.29 24.85 -17.96
N TRP E 310 67.42 25.85 -17.91
CA TRP E 310 67.84 27.23 -17.71
C TRP E 310 68.12 27.57 -16.25
N GLU E 311 67.75 26.69 -15.32
CA GLU E 311 68.01 26.92 -13.91
C GLU E 311 69.25 26.18 -13.40
N ASN E 312 69.74 25.18 -14.14
CA ASN E 312 70.80 24.33 -13.63
C ASN E 312 72.05 24.37 -14.52
N SER E 313 71.85 24.38 -15.83
CA SER E 313 72.94 24.20 -16.76
C SER E 313 73.90 25.39 -16.76
N MET E 314 75.14 25.11 -17.14
CA MET E 314 76.17 26.13 -17.30
C MET E 314 76.27 26.51 -18.77
N LEU E 315 76.19 27.81 -19.06
CA LEU E 315 76.08 28.29 -20.43
C LEU E 315 77.23 29.16 -20.90
N THR E 316 78.01 29.74 -19.98
CA THR E 316 79.12 30.61 -20.34
C THR E 316 80.38 30.17 -19.61
N ASP E 317 81.53 30.48 -20.20
CA ASP E 317 82.82 30.11 -19.62
C ASP E 317 83.02 30.85 -18.32
N PRO E 318 83.19 30.18 -17.18
CA PRO E 318 83.39 30.88 -15.92
C PRO E 318 84.68 31.69 -15.88
N GLY E 319 85.81 31.04 -16.14
CA GLY E 319 87.09 31.71 -16.13
C GLY E 319 87.65 31.88 -14.73
N ASN E 320 86.76 32.08 -13.75
CA ASN E 320 87.16 32.32 -12.37
C ASN E 320 87.53 31.04 -11.64
N VAL E 321 87.59 31.11 -10.30
CA VAL E 321 88.11 30.00 -9.51
C VAL E 321 87.31 28.71 -9.78
N GLN E 322 86.02 28.86 -10.06
CA GLN E 322 85.17 27.70 -10.38
C GLN E 322 85.41 27.36 -11.85
N LYS E 323 86.62 26.89 -12.14
CA LYS E 323 87.04 26.52 -13.47
C LYS E 323 86.48 25.15 -13.83
N ALA E 324 86.12 24.97 -15.10
CA ALA E 324 85.45 23.76 -15.52
C ALA E 324 85.74 23.50 -17.00
N VAL E 325 85.58 22.24 -17.39
CA VAL E 325 85.75 21.87 -18.80
C VAL E 325 84.64 22.50 -19.63
N CYS E 326 84.91 22.66 -20.92
CA CYS E 326 84.00 23.40 -21.80
C CYS E 326 83.71 22.63 -23.09
N HIS E 327 83.80 21.31 -23.04
CA HIS E 327 83.47 20.50 -24.22
C HIS E 327 81.96 20.42 -24.38
N PRO E 328 81.42 20.60 -25.60
CA PRO E 328 79.97 20.52 -25.79
C PRO E 328 79.43 19.12 -25.59
N THR E 329 78.71 18.88 -24.49
CA THR E 329 78.17 17.56 -24.19
C THR E 329 76.73 17.67 -23.72
N ALA E 330 75.86 16.85 -24.31
CA ALA E 330 74.51 16.67 -23.83
C ALA E 330 74.50 15.63 -22.72
N TRP E 331 73.68 15.86 -21.71
CA TRP E 331 73.67 15.04 -20.50
C TRP E 331 72.26 14.57 -20.22
N ASP E 332 72.03 13.27 -20.39
CA ASP E 332 70.79 12.63 -19.97
C ASP E 332 70.93 12.20 -18.52
N LEU E 333 70.02 12.67 -17.67
CA LEU E 333 70.09 12.37 -16.24
C LEU E 333 68.82 11.73 -15.70
N GLY E 334 67.73 11.76 -16.45
CA GLY E 334 66.45 11.33 -15.93
C GLY E 334 65.84 12.38 -15.03
N LYS E 335 64.66 12.04 -14.49
CA LYS E 335 63.93 12.92 -13.59
C LYS E 335 63.65 14.29 -14.22
N GLY E 336 63.49 14.32 -15.54
CA GLY E 336 63.29 15.56 -16.24
C GLY E 336 64.51 16.45 -16.32
N ASP E 337 65.67 15.94 -15.88
CA ASP E 337 66.91 16.72 -15.83
C ASP E 337 67.74 16.35 -17.06
N PHE E 338 67.63 17.15 -18.11
CA PHE E 338 68.41 16.97 -19.33
C PHE E 338 69.22 18.24 -19.57
N ARG E 339 70.53 18.13 -19.46
CA ARG E 339 71.40 19.30 -19.38
C ARG E 339 72.35 19.35 -20.58
N ILE E 340 73.05 20.47 -20.69
CA ILE E 340 74.06 20.68 -21.72
C ILE E 340 75.23 21.44 -21.12
N LEU E 341 76.44 21.00 -21.44
CA LEU E 341 77.64 21.76 -21.13
C LEU E 341 78.22 22.32 -22.43
N MET E 342 78.17 23.65 -22.56
CA MET E 342 78.93 24.37 -23.58
C MET E 342 79.34 25.71 -23.01
N CYS E 343 80.64 26.01 -23.06
CA CYS E 343 81.14 27.36 -22.85
C CYS E 343 81.09 28.07 -24.19
N THR E 344 80.01 28.81 -24.44
CA THR E 344 79.68 29.29 -25.77
C THR E 344 80.21 30.69 -26.00
N LYS E 345 80.92 30.86 -27.12
CA LYS E 345 81.34 32.16 -27.60
C LYS E 345 80.37 32.65 -28.67
N VAL E 346 80.65 33.84 -29.19
CA VAL E 346 79.83 34.44 -30.24
C VAL E 346 80.46 34.00 -31.56
N THR E 347 80.08 32.81 -32.02
CA THR E 347 80.63 32.23 -33.25
C THR E 347 79.53 31.47 -33.98
N MET E 348 79.62 31.48 -35.32
CA MET E 348 78.69 30.70 -36.12
C MET E 348 78.86 29.20 -35.85
N ASP E 349 80.12 28.76 -35.71
CA ASP E 349 80.36 27.38 -35.29
C ASP E 349 79.72 27.10 -33.94
N ASP E 350 79.83 28.04 -33.00
CA ASP E 350 79.16 27.88 -31.72
C ASP E 350 77.64 27.91 -31.86
N PHE E 351 77.12 28.67 -32.82
CA PHE E 351 75.68 28.67 -33.07
C PHE E 351 75.21 27.29 -33.52
N LEU E 352 75.94 26.69 -34.47
CA LEU E 352 75.55 25.36 -34.94
C LEU E 352 75.80 24.29 -33.89
N THR E 353 76.81 24.46 -33.05
CA THR E 353 77.01 23.53 -31.94
C THR E 353 75.89 23.65 -30.90
N ALA E 354 75.40 24.88 -30.67
CA ALA E 354 74.25 25.07 -29.80
C ALA E 354 73.04 24.35 -30.37
N HIS E 355 72.79 24.50 -31.67
CA HIS E 355 71.70 23.75 -32.30
C HIS E 355 71.92 22.25 -32.18
N HIS E 356 73.17 21.81 -32.33
CA HIS E 356 73.53 20.40 -32.22
C HIS E 356 73.14 19.83 -30.86
N GLU E 357 73.53 20.52 -29.79
CA GLU E 357 73.25 20.01 -28.45
C GLU E 357 71.78 20.21 -28.05
N MET E 358 71.15 21.31 -28.50
CA MET E 358 69.70 21.42 -28.38
C MET E 358 68.98 20.24 -29.03
N GLY E 359 69.41 19.83 -30.22
CA GLY E 359 68.79 18.67 -30.85
C GLY E 359 69.02 17.40 -30.06
N HIS E 360 70.22 17.23 -29.51
CA HIS E 360 70.48 16.07 -28.65
C HIS E 360 69.53 16.04 -27.46
N ILE E 361 69.38 17.16 -26.77
CA ILE E 361 68.52 17.18 -25.58
C ILE E 361 67.05 17.10 -25.95
N GLN E 362 66.66 17.63 -27.10
CA GLN E 362 65.28 17.44 -27.56
C GLN E 362 65.02 15.97 -27.84
N TYR E 363 65.99 15.27 -28.43
CA TYR E 363 65.89 13.83 -28.63
C TYR E 363 65.76 13.10 -27.29
N ASP E 364 66.59 13.50 -26.31
CA ASP E 364 66.52 12.89 -24.98
C ASP E 364 65.16 13.12 -24.34
N MET E 365 64.64 14.35 -24.42
CA MET E 365 63.33 14.64 -23.85
C MET E 365 62.23 13.88 -24.55
N ALA E 366 62.34 13.68 -25.86
CA ALA E 366 61.34 12.91 -26.58
C ALA E 366 61.34 11.46 -26.11
N TYR E 367 62.52 10.85 -25.97
CA TYR E 367 62.54 9.46 -25.52
C TYR E 367 62.58 9.30 -24.00
N ALA E 368 62.42 10.39 -23.24
CA ALA E 368 62.38 10.31 -21.79
C ALA E 368 61.29 9.38 -21.27
N ALA E 369 60.21 9.16 -22.04
CA ALA E 369 59.14 8.26 -21.64
C ALA E 369 59.54 6.80 -21.75
N GLN E 370 60.69 6.49 -22.34
CA GLN E 370 61.13 5.13 -22.48
C GLN E 370 61.59 4.57 -21.13
N PRO E 371 61.68 3.24 -21.01
CA PRO E 371 62.30 2.66 -19.81
C PRO E 371 63.76 3.11 -19.69
N PHE E 372 64.26 3.04 -18.45
CA PHE E 372 65.47 3.78 -18.10
C PHE E 372 66.69 3.39 -18.93
N LEU E 373 66.92 2.10 -19.13
CA LEU E 373 68.04 1.67 -19.97
C LEU E 373 67.69 1.67 -21.45
N LEU E 374 66.42 1.89 -21.80
CA LEU E 374 66.03 2.20 -23.17
C LEU E 374 65.94 3.70 -23.40
N ARG E 375 66.19 4.51 -22.37
CA ARG E 375 66.29 5.96 -22.51
C ARG E 375 67.64 6.30 -23.15
N ASN E 376 67.73 5.96 -24.43
CA ASN E 376 68.94 6.16 -25.22
C ASN E 376 68.54 5.96 -26.68
N GLY E 377 69.46 6.30 -27.58
CA GLY E 377 69.21 6.12 -28.98
C GLY E 377 69.03 4.66 -29.34
N ALA E 378 68.24 4.43 -30.41
CA ALA E 378 68.07 3.07 -30.91
C ALA E 378 69.42 2.46 -31.27
N ASN E 379 70.33 3.28 -31.80
CA ASN E 379 71.72 2.89 -31.98
C ASN E 379 72.58 4.09 -31.60
N GLU E 380 73.89 3.96 -31.80
CA GLU E 380 74.81 5.01 -31.39
C GLU E 380 74.79 6.22 -32.33
N GLY E 381 74.54 6.00 -33.61
CA GLY E 381 74.69 7.06 -34.59
C GLY E 381 73.51 8.00 -34.74
N PHE E 382 72.32 7.53 -34.32
CA PHE E 382 71.11 8.33 -34.48
C PHE E 382 71.09 9.55 -33.57
N HIS E 383 71.63 9.45 -32.35
CA HIS E 383 71.73 10.62 -31.48
C HIS E 383 72.54 11.72 -32.16
N GLU E 384 73.72 11.37 -32.64
CA GLU E 384 74.59 12.36 -33.31
C GLU E 384 73.96 12.86 -34.59
N ALA E 385 73.31 11.97 -35.35
CA ALA E 385 72.66 12.37 -36.59
C ALA E 385 71.54 13.37 -36.35
N VAL E 386 70.69 13.11 -35.36
CA VAL E 386 69.60 14.02 -35.04
C VAL E 386 70.16 15.35 -34.55
N GLY E 387 71.23 15.31 -33.75
CA GLY E 387 71.87 16.54 -33.33
C GLY E 387 72.38 17.35 -34.50
N GLU E 388 73.01 16.70 -35.47
CA GLU E 388 73.58 17.41 -36.62
C GLU E 388 72.53 17.84 -37.63
N ILE E 389 71.33 17.26 -37.59
CA ILE E 389 70.28 17.68 -38.52
C ILE E 389 69.97 19.16 -38.31
N MET E 390 69.86 19.59 -37.06
CA MET E 390 69.54 20.99 -36.79
C MET E 390 70.66 21.91 -37.22
N SER E 391 71.92 21.50 -37.02
CA SER E 391 73.04 22.31 -37.49
C SER E 391 73.03 22.42 -39.01
N LEU E 392 72.78 21.33 -39.71
CA LEU E 392 72.79 21.35 -41.17
C LEU E 392 71.64 22.18 -41.72
N SER E 393 70.45 22.04 -41.13
CA SER E 393 69.31 22.85 -41.56
C SER E 393 69.50 24.32 -41.24
N ALA E 394 70.07 24.64 -40.07
CA ALA E 394 70.29 26.01 -39.67
C ALA E 394 71.40 26.69 -40.47
N ALA E 395 72.36 25.92 -40.97
CA ALA E 395 73.48 26.49 -41.72
C ALA E 395 73.08 26.99 -43.10
N THR E 396 71.92 26.58 -43.62
CA THR E 396 71.49 27.01 -44.93
C THR E 396 71.14 28.50 -44.92
N PRO E 397 71.34 29.19 -46.04
CA PRO E 397 70.97 30.62 -46.10
C PRO E 397 69.50 30.86 -45.85
N LYS E 398 68.65 29.88 -46.15
CA LYS E 398 67.21 30.00 -45.90
C LYS E 398 66.92 30.20 -44.42
N HIS E 399 67.81 29.77 -43.53
CA HIS E 399 67.67 29.99 -42.09
C HIS E 399 68.36 31.27 -41.63
N LEU E 400 69.52 31.59 -42.18
CA LEU E 400 70.20 32.83 -41.80
C LEU E 400 69.39 34.06 -42.20
N LYS E 401 68.71 34.01 -43.35
CA LYS E 401 67.85 35.10 -43.75
C LYS E 401 66.74 35.35 -42.74
N SER E 402 66.22 34.29 -42.11
CA SER E 402 65.17 34.41 -41.11
C SER E 402 65.71 34.65 -39.70
N ILE E 403 67.01 34.44 -39.47
CA ILE E 403 67.57 34.65 -38.15
C ILE E 403 67.45 36.10 -37.73
N GLY E 404 67.77 37.02 -38.62
CA GLY E 404 67.88 38.44 -38.31
C GLY E 404 69.16 39.07 -38.79
N LEU E 405 70.26 38.30 -38.81
CA LEU E 405 71.48 38.73 -39.50
C LEU E 405 71.27 38.63 -41.01
N LEU E 406 72.27 39.11 -41.75
CA LEU E 406 72.27 38.94 -43.20
C LEU E 406 71.02 39.53 -43.83
N SER E 407 70.90 40.87 -43.83
CA SER E 407 69.72 41.63 -44.21
C SER E 407 68.96 40.95 -45.35
N PRO E 408 67.61 40.87 -45.26
CA PRO E 408 66.87 39.85 -46.01
C PRO E 408 66.94 39.96 -47.53
N ASP E 409 67.72 40.90 -48.05
CA ASP E 409 67.96 40.97 -49.49
C ASP E 409 69.28 40.24 -49.79
N PHE E 410 69.22 38.92 -49.74
CA PHE E 410 70.36 38.07 -50.02
C PHE E 410 70.21 37.47 -51.42
N GLN E 411 71.23 37.66 -52.25
CA GLN E 411 71.18 37.20 -53.63
C GLN E 411 71.25 35.67 -53.68
N GLU E 412 70.84 35.12 -54.82
CA GLU E 412 70.83 33.68 -55.04
C GLU E 412 71.65 33.32 -56.27
N ASP E 413 72.83 33.93 -56.39
CA ASP E 413 73.77 33.55 -57.42
C ASP E 413 74.47 32.24 -57.04
N ASN E 414 75.05 31.59 -58.05
CA ASN E 414 75.74 30.32 -57.83
C ASN E 414 77.08 30.49 -57.13
N GLU E 415 77.58 31.72 -57.00
CA GLU E 415 78.90 31.93 -56.42
C GLU E 415 78.92 31.59 -54.93
N THR E 416 78.13 32.30 -54.14
CA THR E 416 78.05 32.02 -52.70
C THR E 416 77.44 30.65 -52.44
N GLU E 417 76.55 30.19 -53.32
CA GLU E 417 76.00 28.85 -53.21
C GLU E 417 77.11 27.81 -53.27
N ILE E 418 77.96 27.89 -54.30
CA ILE E 418 79.07 26.95 -54.43
C ILE E 418 80.05 27.13 -53.27
N ASN E 419 80.25 28.36 -52.81
CA ASN E 419 81.13 28.58 -51.66
C ASN E 419 80.63 27.84 -50.44
N PHE E 420 79.33 27.96 -50.14
CA PHE E 420 78.76 27.28 -48.98
C PHE E 420 78.80 25.76 -49.15
N LEU E 421 78.50 25.27 -50.36
CA LEU E 421 78.58 23.84 -50.61
C LEU E 421 79.99 23.30 -50.36
N LEU E 422 81.00 24.00 -50.86
CA LEU E 422 82.37 23.56 -50.63
C LEU E 422 82.77 23.67 -49.17
N LYS E 423 82.33 24.74 -48.50
CA LYS E 423 82.66 24.91 -47.08
C LYS E 423 82.10 23.77 -46.24
N GLN E 424 80.85 23.38 -46.49
CA GLN E 424 80.30 22.22 -45.80
C GLN E 424 80.97 20.92 -46.25
N ALA E 425 81.31 20.83 -47.55
CA ALA E 425 81.85 19.61 -48.11
C ALA E 425 83.21 19.27 -47.53
N LEU E 426 84.05 20.28 -47.28
CA LEU E 426 85.33 20.01 -46.62
C LEU E 426 85.14 19.07 -45.42
N THR E 427 84.37 19.52 -44.43
CA THR E 427 84.12 18.68 -43.26
C THR E 427 83.42 17.39 -43.64
N ILE E 428 82.29 17.51 -44.34
CA ILE E 428 81.39 16.36 -44.53
C ILE E 428 82.10 15.25 -45.27
N VAL E 429 82.83 15.57 -46.34
CA VAL E 429 83.56 14.57 -47.08
C VAL E 429 84.82 14.13 -46.33
N GLY E 430 85.71 15.08 -46.03
CA GLY E 430 87.00 14.72 -45.46
C GLY E 430 86.94 14.01 -44.12
N THR E 431 85.79 14.04 -43.43
CA THR E 431 85.66 13.22 -42.24
C THR E 431 85.34 11.76 -42.55
N LEU E 432 84.93 11.45 -43.80
CA LEU E 432 84.51 10.10 -44.13
C LEU E 432 85.67 9.15 -44.40
N PRO E 433 86.65 9.50 -45.25
CA PRO E 433 87.81 8.60 -45.40
C PRO E 433 88.58 8.40 -44.11
N PHE E 434 88.72 9.44 -43.28
CA PHE E 434 89.40 9.26 -42.01
C PHE E 434 88.63 8.29 -41.11
N THR E 435 87.31 8.42 -41.07
CA THR E 435 86.48 7.48 -40.32
C THR E 435 86.66 6.07 -40.86
N TYR E 436 86.63 5.91 -42.18
CA TYR E 436 86.78 4.60 -42.80
C TYR E 436 88.12 3.97 -42.43
N MET E 437 89.21 4.71 -42.62
CA MET E 437 90.52 4.14 -42.36
C MET E 437 90.73 3.84 -40.89
N LEU E 438 90.30 4.75 -40.01
CA LEU E 438 90.47 4.51 -38.57
C LEU E 438 89.67 3.29 -38.13
N GLU E 439 88.40 3.21 -38.55
CA GLU E 439 87.56 2.11 -38.12
C GLU E 439 88.08 0.78 -38.66
N LYS E 440 88.42 0.73 -39.95
CA LYS E 440 88.93 -0.51 -40.53
C LYS E 440 90.29 -0.90 -39.94
N TRP E 441 91.18 0.08 -39.73
CA TRP E 441 92.48 -0.20 -39.16
C TRP E 441 92.35 -0.77 -37.75
N ARG E 442 91.51 -0.15 -36.91
CA ARG E 442 91.30 -0.71 -35.57
C ARG E 442 90.59 -2.06 -35.62
N TRP E 443 89.63 -2.22 -36.54
CA TRP E 443 88.94 -3.50 -36.68
C TRP E 443 89.92 -4.63 -36.98
N MET E 444 90.87 -4.38 -37.87
CA MET E 444 91.80 -5.44 -38.27
C MET E 444 92.99 -5.54 -37.33
N VAL E 445 93.28 -4.49 -36.56
CA VAL E 445 94.23 -4.63 -35.46
C VAL E 445 93.67 -5.55 -34.40
N PHE E 446 92.41 -5.34 -34.02
CA PHE E 446 91.77 -6.20 -33.04
C PHE E 446 91.50 -7.59 -33.61
N LYS E 447 91.24 -7.66 -34.92
CA LYS E 447 91.00 -8.94 -35.58
C LYS E 447 92.29 -9.73 -35.75
N GLY E 448 93.36 -9.06 -36.16
CA GLY E 448 94.64 -9.70 -36.37
C GLY E 448 95.17 -9.67 -37.79
N GLU E 449 94.64 -8.79 -38.65
CA GLU E 449 95.16 -8.66 -40.01
C GLU E 449 96.43 -7.84 -40.05
N ILE E 450 96.79 -7.17 -38.97
CA ILE E 450 98.06 -6.46 -38.84
C ILE E 450 98.87 -7.14 -37.74
N PRO E 451 100.10 -7.56 -38.01
CA PRO E 451 100.98 -7.99 -36.92
C PRO E 451 101.21 -6.83 -35.96
N LYS E 452 101.38 -7.18 -34.68
CA LYS E 452 101.43 -6.16 -33.63
C LYS E 452 102.61 -5.23 -33.77
N ASP E 453 103.59 -5.55 -34.61
CA ASP E 453 104.71 -4.66 -34.92
C ASP E 453 104.57 -4.01 -36.28
N GLN E 454 103.34 -3.88 -36.80
CA GLN E 454 103.10 -3.27 -38.10
C GLN E 454 101.99 -2.23 -38.03
N TRP E 455 101.61 -1.80 -36.82
CA TRP E 455 100.46 -0.91 -36.67
C TRP E 455 100.68 0.41 -37.42
N MET E 456 101.83 1.05 -37.21
CA MET E 456 102.03 2.39 -37.74
C MET E 456 102.26 2.42 -39.23
N LYS E 457 103.04 1.47 -39.76
CA LYS E 457 103.32 1.47 -41.19
C LYS E 457 102.03 1.33 -41.97
N LYS E 458 101.17 0.39 -41.57
CA LYS E 458 99.88 0.23 -42.25
C LYS E 458 98.95 1.40 -41.97
N TRP E 459 98.96 1.93 -40.74
CA TRP E 459 98.12 3.08 -40.41
C TRP E 459 98.40 4.26 -41.33
N TRP E 460 99.69 4.61 -41.48
CA TRP E 460 100.03 5.73 -42.34
C TRP E 460 99.93 5.39 -43.82
N GLU E 461 100.19 4.13 -44.20
CA GLU E 461 100.02 3.73 -45.59
C GLU E 461 98.57 3.81 -46.03
N MET E 462 97.62 3.56 -45.11
CA MET E 462 96.21 3.72 -45.46
C MET E 462 95.69 5.13 -45.17
N LYS E 463 96.40 5.92 -44.38
CA LYS E 463 96.18 7.37 -44.42
C LYS E 463 96.50 7.90 -45.80
N ARG E 464 97.57 7.38 -46.41
CA ARG E 464 97.90 7.72 -47.78
C ARG E 464 96.88 7.14 -48.76
N GLU E 465 96.53 5.86 -48.58
CA GLU E 465 95.73 5.16 -49.59
C GLU E 465 94.28 5.63 -49.57
N ILE E 466 93.69 5.75 -48.40
CA ILE E 466 92.27 6.07 -48.26
C ILE E 466 92.05 7.57 -48.13
N VAL E 467 92.77 8.22 -47.22
CA VAL E 467 92.55 9.64 -46.95
C VAL E 467 93.47 10.52 -47.79
N GLY E 468 94.52 9.98 -48.38
CA GLY E 468 95.46 10.78 -49.14
C GLY E 468 96.23 11.74 -48.27
N VAL E 469 96.71 11.26 -47.13
CA VAL E 469 97.50 12.06 -46.20
C VAL E 469 98.80 11.34 -45.88
N VAL E 470 99.91 12.06 -45.98
CA VAL E 470 101.23 11.53 -45.70
C VAL E 470 101.78 12.18 -44.43
N GLU E 471 102.39 11.35 -43.59
CA GLU E 471 103.17 11.89 -42.48
C GLU E 471 104.42 12.57 -43.01
N PRO E 472 104.72 13.79 -42.56
CA PRO E 472 105.90 14.50 -43.07
C PRO E 472 107.21 13.90 -42.62
N VAL E 473 107.22 13.10 -41.56
CA VAL E 473 108.45 12.52 -41.04
C VAL E 473 108.23 11.03 -40.79
N PRO E 474 109.27 10.20 -40.91
CA PRO E 474 109.09 8.76 -40.68
C PRO E 474 108.77 8.46 -39.23
N HIS E 475 108.00 7.39 -39.02
CA HIS E 475 107.63 6.93 -37.69
C HIS E 475 108.11 5.50 -37.48
N ASP E 476 108.80 5.28 -36.36
CA ASP E 476 109.21 3.95 -35.98
C ASP E 476 108.09 3.28 -35.20
N GLU E 477 108.36 2.09 -34.65
CA GLU E 477 107.40 1.37 -33.84
C GLU E 477 107.30 1.94 -32.43
N THR E 478 108.09 2.97 -32.12
CA THR E 478 108.09 3.59 -30.80
C THR E 478 106.85 4.43 -30.53
N TYR E 479 106.35 5.16 -31.53
CA TYR E 479 105.26 6.09 -31.33
C TYR E 479 103.92 5.34 -31.31
N CYS E 480 102.83 6.08 -31.11
CA CYS E 480 101.49 5.55 -31.41
C CYS E 480 100.59 6.74 -31.76
N ASP E 481 100.42 6.99 -33.05
CA ASP E 481 99.64 8.12 -33.52
C ASP E 481 98.13 7.90 -33.40
N PRO E 482 97.58 6.74 -33.79
CA PRO E 482 96.15 6.54 -33.56
C PRO E 482 95.76 6.65 -32.10
N ALA E 483 96.58 6.12 -31.19
CA ALA E 483 96.31 6.27 -29.76
C ALA E 483 96.45 7.71 -29.31
N SER E 484 97.11 8.56 -30.09
CA SER E 484 97.20 9.99 -29.81
C SER E 484 95.96 10.75 -30.25
N LEU E 485 94.86 10.04 -30.49
CA LEU E 485 93.59 10.65 -30.85
C LEU E 485 92.58 10.41 -29.72
N PHE E 486 91.64 11.35 -29.60
CA PHE E 486 90.74 11.36 -28.45
C PHE E 486 89.93 10.08 -28.34
N HIS E 487 89.35 9.62 -29.45
CA HIS E 487 88.43 8.49 -29.41
C HIS E 487 89.12 7.15 -29.27
N VAL E 488 90.39 7.03 -29.66
CA VAL E 488 91.08 5.76 -29.53
C VAL E 488 91.49 5.51 -28.08
N SER E 489 91.95 6.53 -27.37
CA SER E 489 92.44 6.37 -26.01
C SER E 489 91.37 6.59 -24.94
N ASN E 490 90.12 6.81 -25.34
CA ASN E 490 89.06 7.10 -24.38
C ASN E 490 87.84 6.22 -24.60
N ASP E 491 88.02 5.07 -25.27
CA ASP E 491 86.98 4.07 -25.45
C ASP E 491 85.75 4.65 -26.14
N TYR E 492 85.95 5.08 -27.38
CA TYR E 492 84.86 5.56 -28.22
C TYR E 492 85.07 5.08 -29.64
N SER E 493 84.06 4.41 -30.20
CA SER E 493 84.11 3.99 -31.59
C SER E 493 83.94 5.22 -32.49
N PHE E 494 84.33 5.05 -33.76
CA PHE E 494 84.34 6.16 -34.69
C PHE E 494 83.36 6.00 -35.84
N ILE E 495 82.84 4.79 -36.08
CA ILE E 495 81.87 4.58 -37.15
C ILE E 495 80.54 5.25 -36.87
N ARG E 496 80.28 5.62 -35.61
CA ARG E 496 79.07 6.37 -35.29
C ARG E 496 79.05 7.71 -36.02
N TYR E 497 80.21 8.31 -36.28
CA TYR E 497 80.24 9.56 -37.03
C TYR E 497 79.96 9.34 -38.50
N TYR E 498 80.39 8.20 -39.06
CA TYR E 498 80.02 7.84 -40.42
C TYR E 498 78.52 7.65 -40.55
N THR E 499 77.93 6.94 -39.59
CA THR E 499 76.48 6.79 -39.57
C THR E 499 75.78 8.13 -39.41
N ARG E 500 76.32 9.00 -38.54
CA ARG E 500 75.80 10.35 -38.43
C ARG E 500 75.80 11.04 -39.78
N THR E 501 76.92 10.98 -40.49
CA THR E 501 77.02 11.68 -41.77
C THR E 501 76.03 11.15 -42.79
N LEU E 502 75.87 9.83 -42.89
CA LEU E 502 74.96 9.31 -43.92
C LEU E 502 73.50 9.50 -43.53
N TYR E 503 73.13 9.12 -42.31
CA TYR E 503 71.78 9.39 -41.83
C TYR E 503 71.46 10.87 -41.78
N GLN E 504 72.48 11.73 -41.75
CA GLN E 504 72.24 13.17 -41.75
C GLN E 504 71.58 13.62 -43.05
N PHE E 505 72.14 13.22 -44.19
CA PHE E 505 71.51 13.55 -45.46
C PHE E 505 70.27 12.70 -45.72
N GLN E 506 70.21 11.47 -45.20
CA GLN E 506 68.96 10.71 -45.29
C GLN E 506 67.82 11.46 -44.60
N PHE E 507 68.06 11.93 -43.38
CA PHE E 507 67.05 12.70 -42.64
C PHE E 507 66.84 14.07 -43.26
N GLN E 508 67.85 14.66 -43.88
CA GLN E 508 67.65 15.89 -44.64
C GLN E 508 66.63 15.68 -45.74
N GLU E 509 66.81 14.63 -46.55
CA GLU E 509 65.84 14.34 -47.60
C GLU E 509 64.47 14.01 -47.02
N ALA E 510 64.43 13.25 -45.93
CA ALA E 510 63.16 12.92 -45.31
C ALA E 510 62.42 14.16 -44.83
N LEU E 511 63.12 15.07 -44.15
CA LEU E 511 62.50 16.27 -43.61
C LEU E 511 62.21 17.31 -44.67
N CYS E 512 62.86 17.24 -45.82
CA CYS E 512 62.51 18.07 -46.96
C CYS E 512 61.39 17.46 -47.81
N GLN E 513 61.13 16.16 -47.66
CA GLN E 513 60.03 15.53 -48.37
C GLN E 513 58.69 16.15 -48.01
N ALA E 514 58.45 16.37 -46.72
CA ALA E 514 57.17 16.92 -46.25
C ALA E 514 57.18 18.43 -46.12
N ALA E 515 58.35 19.07 -46.17
CA ALA E 515 58.47 20.51 -45.98
C ALA E 515 58.33 21.29 -47.29
N LYS E 516 57.70 20.71 -48.30
CA LYS E 516 57.41 21.36 -49.59
C LYS E 516 58.65 22.04 -50.16
N HIS E 517 59.77 21.32 -50.07
CA HIS E 517 61.04 21.80 -50.57
C HIS E 517 61.03 21.92 -52.09
N GLU E 518 61.56 23.05 -52.58
CA GLU E 518 61.49 23.39 -54.00
C GLU E 518 62.82 23.27 -54.72
N GLY E 519 63.92 23.75 -54.14
CA GLY E 519 65.21 23.69 -54.78
C GLY E 519 65.95 22.40 -54.53
N PRO E 520 67.24 22.36 -54.86
CA PRO E 520 68.05 21.19 -54.52
C PRO E 520 68.26 21.07 -53.02
N LEU E 521 68.93 20.00 -52.59
CA LEU E 521 68.99 19.66 -51.17
C LEU E 521 69.82 20.64 -50.35
N HIS E 522 70.64 21.48 -50.97
CA HIS E 522 71.54 22.34 -50.20
C HIS E 522 70.83 23.55 -49.61
N LYS E 523 69.82 24.08 -50.30
CA LYS E 523 69.09 25.25 -49.83
C LYS E 523 67.94 24.89 -48.90
N CYS E 524 67.75 23.62 -48.59
CA CYS E 524 66.58 23.18 -47.86
C CYS E 524 66.69 23.57 -46.39
N ASP E 525 65.66 24.25 -45.90
CA ASP E 525 65.53 24.58 -44.48
C ASP E 525 64.25 23.93 -43.95
N ILE E 526 64.34 23.36 -42.76
CA ILE E 526 63.19 22.68 -42.16
C ILE E 526 62.41 23.64 -41.29
N SER E 527 62.74 24.93 -41.38
CA SER E 527 62.11 25.93 -40.52
C SER E 527 60.66 26.20 -40.94
N ASN E 528 59.89 26.68 -39.97
CA ASN E 528 58.54 27.23 -40.14
C ASN E 528 57.51 26.18 -40.51
N SER E 529 57.91 24.93 -40.75
CA SER E 529 57.00 23.86 -41.11
C SER E 529 57.11 22.76 -40.06
N THR E 530 55.97 22.40 -39.46
CA THR E 530 55.95 21.44 -38.37
C THR E 530 55.81 20.00 -38.85
N GLU E 531 55.48 19.77 -40.12
CA GLU E 531 55.34 18.39 -40.61
C GLU E 531 56.65 17.63 -40.51
N ALA E 532 57.76 18.26 -40.88
CA ALA E 532 59.07 17.67 -40.60
C ALA E 532 59.24 17.43 -39.11
N GLY E 533 58.58 18.24 -38.28
CA GLY E 533 58.64 18.05 -36.85
C GLY E 533 58.13 16.70 -36.39
N GLN E 534 56.91 16.31 -36.78
CA GLN E 534 56.41 15.01 -36.36
C GLN E 534 57.04 13.89 -37.18
N LYS E 535 57.49 14.20 -38.40
CA LYS E 535 58.17 13.17 -39.19
C LYS E 535 59.50 12.78 -38.54
N LEU E 536 60.18 13.74 -37.90
CA LEU E 536 61.37 13.44 -37.11
C LEU E 536 61.01 12.99 -35.70
N PHE E 537 59.84 13.38 -35.18
CA PHE E 537 59.46 12.96 -33.84
C PHE E 537 59.06 11.49 -33.78
N ASN E 538 58.39 10.97 -34.82
CA ASN E 538 58.15 9.52 -34.94
C ASN E 538 59.44 8.73 -35.01
N MET E 539 60.55 9.46 -35.08
CA MET E 539 61.88 8.96 -34.75
C MET E 539 62.35 9.32 -33.35
N LEU E 540 61.99 10.51 -32.87
CA LEU E 540 62.76 11.19 -31.84
C LEU E 540 62.57 10.54 -30.47
N ARG E 541 61.64 9.58 -30.36
CA ARG E 541 61.24 9.05 -29.07
C ARG E 541 61.19 7.53 -28.96
N LEU E 542 61.41 6.78 -30.06
CA LEU E 542 61.30 5.33 -29.97
C LEU E 542 62.35 4.73 -29.04
N GLY E 543 63.58 5.26 -29.07
CA GLY E 543 64.62 4.67 -28.24
C GLY E 543 64.99 3.28 -28.70
N LYS E 544 65.49 2.47 -27.75
CA LYS E 544 65.86 1.09 -28.04
C LYS E 544 64.71 0.12 -27.84
N SER E 545 63.47 0.60 -27.86
CA SER E 545 62.32 -0.31 -27.86
C SER E 545 62.15 -0.99 -29.20
N GLU E 546 62.42 -0.26 -30.29
CA GLU E 546 62.40 -0.79 -31.64
C GLU E 546 63.76 -0.66 -32.29
N PRO E 547 64.10 -1.53 -33.23
CA PRO E 547 65.41 -1.44 -33.90
C PRO E 547 65.55 -0.19 -34.76
N TRP E 548 66.78 0.15 -35.12
CA TRP E 548 67.01 1.27 -36.04
C TRP E 548 66.48 1.00 -37.43
N THR E 549 66.24 -0.28 -37.76
CA THR E 549 65.73 -0.63 -39.07
C THR E 549 64.27 -0.23 -39.23
N LEU E 550 63.42 -0.56 -38.26
CA LEU E 550 62.03 -0.15 -38.31
C LEU E 550 61.89 1.37 -38.26
N ALA E 551 62.70 2.01 -37.41
CA ALA E 551 62.71 3.45 -37.32
C ALA E 551 63.19 4.11 -38.60
N LEU E 552 64.23 3.57 -39.24
CA LEU E 552 64.74 4.13 -40.47
C LEU E 552 63.77 3.94 -41.64
N GLU E 553 63.09 2.79 -41.70
CA GLU E 553 62.09 2.60 -42.74
C GLU E 553 60.86 3.47 -42.50
N ASN E 554 60.60 3.85 -41.24
CA ASN E 554 59.56 4.84 -41.01
C ASN E 554 59.99 6.26 -41.35
N VAL E 555 61.28 6.56 -41.23
CA VAL E 555 61.77 7.92 -41.45
C VAL E 555 61.95 8.18 -42.94
N VAL E 556 62.81 7.40 -43.60
CA VAL E 556 63.11 7.62 -45.01
C VAL E 556 62.50 6.57 -45.92
N GLY E 557 61.96 5.49 -45.38
CA GLY E 557 61.45 4.42 -46.21
C GLY E 557 62.52 3.54 -46.84
N ALA E 558 63.71 3.52 -46.26
CA ALA E 558 64.80 2.70 -46.76
C ALA E 558 65.19 1.68 -45.70
N LYS E 559 65.78 0.57 -46.16
CA LYS E 559 66.18 -0.50 -45.26
C LYS E 559 67.67 -0.55 -44.97
N ASN E 560 68.53 -0.07 -45.87
CA ASN E 560 69.97 -0.20 -45.71
C ASN E 560 70.63 1.16 -45.74
N MET E 561 71.86 1.21 -45.21
CA MET E 561 72.68 2.40 -45.22
C MET E 561 72.92 2.88 -46.65
N ASN E 562 72.73 4.18 -46.88
CA ASN E 562 72.90 4.75 -48.20
C ASN E 562 73.51 6.15 -48.08
N VAL E 563 74.38 6.48 -49.03
CA VAL E 563 75.01 7.79 -49.10
C VAL E 563 74.54 8.59 -50.30
N ARG E 564 73.69 8.02 -51.15
CA ARG E 564 73.16 8.66 -52.34
C ARG E 564 72.54 10.02 -52.04
N PRO E 565 71.86 10.21 -50.90
CA PRO E 565 71.46 11.59 -50.54
C PRO E 565 72.64 12.56 -50.49
N LEU E 566 73.78 12.13 -49.94
CA LEU E 566 74.96 12.98 -49.94
C LEU E 566 75.48 13.23 -51.36
N LEU E 567 75.47 12.19 -52.20
CA LEU E 567 75.94 12.34 -53.57
C LEU E 567 75.07 13.35 -54.33
N ASN E 568 73.75 13.26 -54.17
CA ASN E 568 72.87 14.24 -54.81
C ASN E 568 72.98 15.62 -54.18
N TYR E 569 73.29 15.69 -52.88
CA TYR E 569 73.53 16.97 -52.25
C TYR E 569 74.75 17.67 -52.84
N PHE E 570 75.80 16.92 -53.11
CA PHE E 570 77.05 17.49 -53.60
C PHE E 570 77.22 17.42 -55.12
N GLU E 571 76.24 16.87 -55.84
CA GLU E 571 76.38 16.67 -57.29
C GLU E 571 76.61 17.96 -58.07
N PRO E 572 75.87 19.05 -57.84
CA PRO E 572 76.29 20.31 -58.47
C PRO E 572 77.68 20.73 -58.06
N LEU E 573 78.01 20.54 -56.78
CA LEU E 573 79.37 20.81 -56.34
C LEU E 573 80.35 19.78 -56.90
N PHE E 574 79.90 18.56 -57.14
CA PHE E 574 80.75 17.57 -57.80
C PHE E 574 81.11 18.01 -59.22
N THR E 575 80.13 18.54 -59.95
CA THR E 575 80.40 19.09 -61.28
C THR E 575 81.32 20.30 -61.19
N TRP E 576 81.14 21.14 -60.17
CA TRP E 576 82.02 22.28 -59.98
C TRP E 576 83.46 21.83 -59.71
N LEU E 577 83.63 20.80 -58.90
CA LEU E 577 84.94 20.22 -58.64
C LEU E 577 85.58 19.68 -59.91
N LYS E 578 84.79 18.95 -60.73
CA LYS E 578 85.32 18.44 -61.98
C LYS E 578 85.72 19.57 -62.93
N ASP E 579 84.94 20.64 -62.97
CA ASP E 579 85.24 21.78 -63.83
C ASP E 579 86.49 22.52 -63.38
N GLN E 580 86.67 22.69 -62.07
CA GLN E 580 87.76 23.52 -61.56
C GLN E 580 89.12 22.83 -61.68
N ASN E 581 89.17 21.52 -61.41
CA ASN E 581 90.45 20.80 -61.31
C ASN E 581 90.92 20.24 -62.65
N LYS E 582 90.48 20.83 -63.77
CA LYS E 582 90.91 20.33 -65.07
C LYS E 582 92.37 20.64 -65.37
N ASN E 583 92.97 21.61 -64.67
CA ASN E 583 94.39 21.92 -64.81
C ASN E 583 95.24 21.25 -63.75
N SER E 584 94.65 20.36 -62.94
CA SER E 584 95.38 19.65 -61.90
C SER E 584 95.11 18.16 -62.05
N PHE E 585 95.69 17.37 -61.16
CA PHE E 585 95.58 15.92 -61.18
C PHE E 585 94.57 15.48 -60.12
N VAL E 586 93.64 14.62 -60.52
CA VAL E 586 92.61 14.11 -59.62
C VAL E 586 93.10 12.78 -59.08
N GLY E 587 93.44 12.76 -57.80
CA GLY E 587 93.94 11.57 -57.14
C GLY E 587 95.07 11.91 -56.21
N TRP E 588 95.74 10.87 -55.73
CA TRP E 588 96.87 11.04 -54.83
C TRP E 588 97.79 9.84 -54.96
N SER E 589 99.07 10.06 -54.70
CA SER E 589 100.08 9.01 -54.78
C SER E 589 100.57 8.66 -53.38
N THR E 590 100.53 7.37 -53.05
CA THR E 590 100.93 6.90 -51.73
C THR E 590 102.44 6.78 -51.58
N ASP E 591 103.19 6.81 -52.68
CA ASP E 591 104.65 6.72 -52.62
C ASP E 591 105.33 8.03 -52.27
N TRP E 592 104.71 9.17 -52.59
CA TRP E 592 105.28 10.45 -52.24
C TRP E 592 105.17 10.71 -50.74
N SER E 593 106.16 11.40 -50.20
CA SER E 593 106.16 11.81 -48.80
C SER E 593 107.14 12.95 -48.63
N PRO E 594 106.88 13.87 -47.70
CA PRO E 594 107.85 14.94 -47.43
C PRO E 594 109.19 14.43 -46.93
N TYR E 595 109.24 13.25 -46.31
CA TYR E 595 110.49 12.65 -45.88
C TYR E 595 111.06 11.67 -46.89
N ALA E 596 110.34 11.39 -47.98
CA ALA E 596 110.82 10.49 -49.02
C ALA E 596 111.53 11.22 -50.15
N ASP E 597 111.64 12.54 -50.08
CA ASP E 597 112.30 13.32 -51.13
C ASP E 597 113.31 14.28 -50.52
#